data_5LID
#
_entry.id   5LID
#
_cell.length_a   105.720
_cell.length_b   267.910
_cell.length_c   111.330
_cell.angle_alpha   90.00
_cell.angle_beta   106.70
_cell.angle_gamma   90.00
#
_symmetry.space_group_name_H-M   'P 1 21 1'
#
loop_
_entity.id
_entity.type
_entity.pdbx_description
1 polymer 'Cys-loop ligand-gated ion channel'
2 non-polymer bromopromazine
#
_entity_poly.entity_id   1
_entity_poly.type   'polypeptide(L)'
_entity_poly.pdbx_seq_one_letter_code
;PVDVSVSIFINKIYGVNTLEQTYKVDGYIVAQWTGKPRKTPGDKPLIVENTQIERWINNGLWVPALEFINVVGSPDTGNK
RLMLFPDGRVIYNARFLGSFSNDMDFRLFPFDRQQFVLELEPFSYNNQQLRFSDIQVYTENIDNEEIDEWWIRGKASTHI
SDIRYDHLSSVQPNQNEFSRITVRIDAVRNPSYYLWSFILPLGLIIAASWSVFWLESFSERLQTSFTLMLTVVAYAFYTS
NILPRLPYTTVIDQMIIAGYGSIFAAILLIIFAHHRQANGVEDDLLIQRCRLAFPLGFLAIGCVLVI
;
_entity_poly.pdbx_strand_id   A,B,C,D,E,F,G,H,I,J
#
loop_
_chem_comp.id
_chem_comp.type
_chem_comp.name
_chem_comp.formula
6XY non-polymer bromopromazine 'C17 H19 Br N2 S'
#
# COMPACT_ATOMS: atom_id res chain seq x y z
N PRO A 1 -59.46 1.93 10.20
CA PRO A 1 -58.54 2.98 10.62
C PRO A 1 -57.15 2.46 10.97
N VAL A 2 -56.41 2.01 9.96
CA VAL A 2 -55.19 1.25 10.18
C VAL A 2 -54.12 2.14 10.80
N ASP A 3 -53.44 1.62 11.82
CA ASP A 3 -52.32 2.31 12.43
C ASP A 3 -51.04 1.97 11.70
N VAL A 4 -50.19 2.98 11.46
CA VAL A 4 -48.95 2.80 10.71
C VAL A 4 -47.79 3.45 11.45
N SER A 5 -46.83 2.63 11.88
CA SER A 5 -45.58 3.14 12.41
C SER A 5 -44.63 3.50 11.27
N VAL A 6 -43.85 4.56 11.47
CA VAL A 6 -42.91 5.03 10.46
C VAL A 6 -41.59 5.37 11.13
N SER A 7 -40.49 4.92 10.54
CA SER A 7 -39.15 5.31 10.96
C SER A 7 -38.36 5.68 9.72
N ILE A 8 -37.67 6.82 9.76
CA ILE A 8 -36.98 7.39 8.62
C ILE A 8 -35.50 7.53 8.98
N PHE A 9 -34.65 6.76 8.32
CA PHE A 9 -33.20 6.87 8.49
C PHE A 9 -32.67 7.86 7.46
N ILE A 10 -32.01 8.92 7.93
CA ILE A 10 -31.42 9.92 7.05
C ILE A 10 -29.92 9.67 6.97
N ASN A 11 -29.43 9.44 5.75
CA ASN A 11 -28.02 9.15 5.51
C ASN A 11 -27.23 10.35 5.03
N LYS A 12 -27.80 11.20 4.18
CA LYS A 12 -27.01 12.23 3.54
C LYS A 12 -27.90 13.31 2.96
N ILE A 13 -27.50 14.57 3.18
CA ILE A 13 -28.07 15.70 2.50
C ILE A 13 -26.97 16.25 1.61
N TYR A 14 -27.27 16.49 0.34
CA TYR A 14 -26.20 16.95 -0.53
C TYR A 14 -26.78 17.58 -1.79
N GLY A 15 -26.02 18.52 -2.33
CA GLY A 15 -26.34 19.14 -3.60
C GLY A 15 -27.63 19.92 -3.60
N VAL A 16 -27.60 21.07 -2.93
CA VAL A 16 -28.72 21.99 -2.99
C VAL A 16 -28.68 22.71 -4.33
N ASN A 17 -29.83 22.86 -4.97
CA ASN A 17 -29.92 23.56 -6.25
C ASN A 17 -30.59 24.89 -5.93
N THR A 18 -29.76 25.90 -5.71
CA THR A 18 -30.23 27.19 -5.19
C THR A 18 -31.29 27.82 -6.10
N LEU A 19 -31.13 27.65 -7.42
CA LEU A 19 -32.07 28.27 -8.35
C LEU A 19 -33.43 27.58 -8.27
N GLU A 20 -33.47 26.28 -8.50
CA GLU A 20 -34.74 25.54 -8.51
C GLU A 20 -35.28 25.28 -7.11
N GLN A 21 -34.56 25.65 -6.06
CA GLN A 21 -34.94 25.34 -4.68
C GLN A 21 -35.13 23.84 -4.52
N THR A 22 -34.04 23.11 -4.34
CA THR A 22 -34.05 21.66 -4.44
C THR A 22 -32.84 21.12 -3.68
N TYR A 23 -33.04 20.02 -2.95
CA TYR A 23 -31.95 19.34 -2.27
C TYR A 23 -32.22 17.84 -2.34
N LYS A 24 -31.14 17.06 -2.27
CA LYS A 24 -31.23 15.61 -2.40
C LYS A 24 -31.09 14.96 -1.01
N VAL A 25 -31.88 13.92 -0.78
CA VAL A 25 -31.88 13.20 0.49
C VAL A 25 -31.80 11.71 0.19
N ASP A 26 -30.77 11.07 0.72
CA ASP A 26 -30.59 9.62 0.62
C ASP A 26 -30.81 9.01 2.00
N GLY A 27 -31.50 7.88 2.04
CA GLY A 27 -31.77 7.23 3.31
C GLY A 27 -32.72 6.06 3.13
N TYR A 28 -33.15 5.53 4.29
CA TYR A 28 -34.07 4.40 4.35
C TYR A 28 -35.38 4.84 4.97
N ILE A 29 -36.41 4.01 4.82
CA ILE A 29 -37.72 4.32 5.42
C ILE A 29 -38.41 3.00 5.81
N VAL A 30 -39.14 3.03 6.93
CA VAL A 30 -39.73 1.83 7.54
C VAL A 30 -41.20 2.10 7.84
N ALA A 31 -42.06 1.12 7.53
CA ALA A 31 -43.48 1.18 7.86
C ALA A 31 -43.91 -0.10 8.56
N GLN A 32 -44.61 0.03 9.68
CA GLN A 32 -45.09 -1.14 10.44
C GLN A 32 -46.57 -0.99 10.78
N TRP A 33 -47.33 -2.05 10.54
CA TRP A 33 -48.77 -2.08 10.76
C TRP A 33 -49.22 -3.54 10.85
N THR A 34 -50.17 -3.80 11.74
CA THR A 34 -50.58 -5.17 12.05
C THR A 34 -51.88 -5.51 11.31
N GLY A 35 -51.88 -6.68 10.65
CA GLY A 35 -53.03 -7.16 9.91
C GLY A 35 -53.45 -8.54 10.38
N LYS A 36 -54.31 -9.22 9.62
CA LYS A 36 -54.75 -10.54 10.03
C LYS A 36 -53.57 -11.51 10.06
N PRO A 37 -53.39 -12.26 11.15
CA PRO A 37 -52.26 -13.19 11.22
C PRO A 37 -52.34 -14.28 10.17
N ARG A 38 -51.18 -14.74 9.74
CA ARG A 38 -51.08 -15.74 8.69
C ARG A 38 -49.95 -16.71 9.02
N LYS A 39 -49.97 -17.87 8.36
CA LYS A 39 -48.93 -18.87 8.52
C LYS A 39 -47.71 -18.51 7.70
N THR A 40 -46.56 -18.46 8.35
CA THR A 40 -45.27 -18.26 7.72
C THR A 40 -44.51 -19.58 7.69
N PRO A 41 -43.54 -19.71 6.79
CA PRO A 41 -42.65 -20.89 6.84
C PRO A 41 -42.02 -21.06 8.21
N GLY A 42 -42.11 -22.28 8.73
CA GLY A 42 -41.80 -22.49 10.14
C GLY A 42 -42.77 -21.67 10.99
N ASP A 43 -42.23 -20.94 11.95
CA ASP A 43 -42.95 -19.84 12.57
C ASP A 43 -42.10 -18.58 12.63
N LYS A 44 -40.87 -18.62 12.10
CA LYS A 44 -40.06 -17.43 11.97
C LYS A 44 -40.76 -16.43 11.04
N PRO A 45 -40.52 -15.14 11.24
CA PRO A 45 -41.03 -14.14 10.29
C PRO A 45 -40.46 -14.39 8.91
N LEU A 46 -41.26 -14.06 7.90
CA LEU A 46 -40.89 -14.28 6.50
C LEU A 46 -40.30 -13.02 5.91
N ILE A 47 -39.23 -13.19 5.13
CA ILE A 47 -38.51 -12.08 4.50
C ILE A 47 -38.77 -12.15 3.00
N VAL A 48 -39.15 -11.02 2.43
CA VAL A 48 -39.51 -10.91 1.01
C VAL A 48 -38.65 -9.80 0.42
N GLU A 49 -37.81 -10.13 -0.55
CA GLU A 49 -36.85 -9.18 -1.09
C GLU A 49 -37.23 -8.76 -2.50
N ASN A 50 -37.34 -7.44 -2.70
CA ASN A 50 -37.39 -6.78 -4.00
C ASN A 50 -38.52 -7.33 -4.88
N THR A 51 -38.21 -7.93 -6.03
CA THR A 51 -39.20 -8.32 -7.03
C THR A 51 -40.33 -9.17 -6.45
N GLN A 52 -40.05 -10.00 -5.45
CA GLN A 52 -41.08 -10.89 -4.92
C GLN A 52 -42.21 -10.11 -4.28
N ILE A 53 -41.93 -8.89 -3.81
CA ILE A 53 -42.94 -8.10 -3.10
C ILE A 53 -44.13 -7.81 -4.01
N GLU A 54 -43.86 -7.34 -5.23
CA GLU A 54 -44.95 -7.03 -6.15
C GLU A 54 -45.79 -8.27 -6.45
N ARG A 55 -45.18 -9.46 -6.38
CA ARG A 55 -45.94 -10.70 -6.55
C ARG A 55 -46.88 -10.94 -5.38
N TRP A 56 -46.42 -10.69 -4.15
CA TRP A 56 -47.25 -10.96 -2.97
C TRP A 56 -48.53 -10.13 -3.00
N ILE A 57 -48.48 -8.97 -3.66
CA ILE A 57 -49.65 -8.11 -3.74
C ILE A 57 -50.73 -8.75 -4.61
N ASN A 58 -50.33 -9.42 -5.69
CA ASN A 58 -51.28 -10.06 -6.60
C ASN A 58 -52.06 -11.19 -5.95
N ASN A 59 -51.68 -11.64 -4.76
CA ASN A 59 -52.45 -12.62 -4.01
C ASN A 59 -53.29 -11.98 -2.92
N GLY A 60 -53.47 -10.66 -2.99
CA GLY A 60 -54.34 -9.95 -2.07
C GLY A 60 -53.65 -9.25 -0.92
N LEU A 61 -52.32 -9.19 -0.89
CA LEU A 61 -51.65 -8.44 0.16
C LEU A 61 -51.79 -6.96 -0.10
N TRP A 62 -52.46 -6.26 0.81
CA TRP A 62 -52.61 -4.82 0.72
C TRP A 62 -51.35 -4.17 1.30
N VAL A 63 -50.68 -3.35 0.50
CA VAL A 63 -49.50 -2.60 0.95
C VAL A 63 -49.68 -1.15 0.54
N PRO A 64 -49.85 -0.23 1.49
CA PRO A 64 -50.21 1.14 1.13
C PRO A 64 -49.07 1.85 0.42
N ALA A 65 -49.41 2.57 -0.64
CA ALA A 65 -48.45 3.43 -1.31
C ALA A 65 -48.29 4.71 -0.49
N LEU A 66 -47.10 4.94 0.02
CA LEU A 66 -46.80 6.14 0.78
C LEU A 66 -46.05 7.10 -0.13
N GLU A 67 -46.68 8.22 -0.46
CA GLU A 67 -46.10 9.21 -1.36
C GLU A 67 -45.44 10.33 -0.56
N PHE A 68 -44.29 10.76 -1.03
CA PHE A 68 -43.62 11.96 -0.51
C PHE A 68 -44.29 13.20 -1.10
N ILE A 69 -44.96 13.97 -0.25
CA ILE A 69 -45.72 15.12 -0.73
C ILE A 69 -44.81 16.16 -1.38
N ASN A 70 -43.66 16.42 -0.77
CA ASN A 70 -42.78 17.50 -1.19
C ASN A 70 -41.58 17.01 -2.00
N VAL A 71 -41.66 15.82 -2.61
CA VAL A 71 -40.63 15.34 -3.51
C VAL A 71 -40.95 15.81 -4.93
N VAL A 72 -39.90 16.14 -5.67
CA VAL A 72 -40.02 16.60 -7.06
C VAL A 72 -39.66 15.41 -7.95
N GLY A 73 -40.68 14.74 -8.49
CA GLY A 73 -40.45 13.56 -9.30
C GLY A 73 -40.27 12.28 -8.50
N SER A 74 -40.64 11.15 -9.09
CA SER A 74 -40.52 9.87 -8.41
C SER A 74 -39.07 9.60 -8.03
N PRO A 75 -38.79 9.19 -6.79
CA PRO A 75 -37.42 9.00 -6.36
C PRO A 75 -36.84 7.67 -6.83
N ASP A 76 -35.52 7.55 -6.68
CA ASP A 76 -34.83 6.31 -7.01
C ASP A 76 -34.96 5.35 -5.83
N THR A 77 -35.76 4.30 -6.01
CA THR A 77 -35.97 3.31 -4.97
C THR A 77 -34.95 2.18 -5.12
N GLY A 78 -34.09 2.03 -4.13
CA GLY A 78 -33.09 0.97 -4.14
C GLY A 78 -33.67 -0.39 -3.79
N ASN A 79 -33.11 -1.04 -2.78
CA ASN A 79 -33.62 -2.33 -2.33
C ASN A 79 -34.83 -2.14 -1.41
N LYS A 80 -35.74 -3.11 -1.45
CA LYS A 80 -36.94 -3.07 -0.64
C LYS A 80 -37.26 -4.47 -0.12
N ARG A 81 -37.77 -4.54 1.10
CA ARG A 81 -38.05 -5.82 1.73
C ARG A 81 -39.33 -5.74 2.56
N LEU A 82 -40.02 -6.89 2.65
CA LEU A 82 -41.15 -7.08 3.54
C LEU A 82 -40.80 -8.05 4.65
N MET A 83 -41.32 -7.79 5.84
CA MET A 83 -41.22 -8.71 6.97
C MET A 83 -42.64 -9.04 7.43
N LEU A 84 -43.11 -10.22 7.06
CA LEU A 84 -44.45 -10.67 7.44
C LEU A 84 -44.35 -11.43 8.75
N PHE A 85 -45.04 -10.98 9.71
CA PHE A 85 -44.92 -11.68 10.96
C PHE A 85 -46.08 -12.66 11.11
N PRO A 86 -45.87 -13.80 11.76
CA PRO A 86 -46.98 -14.76 11.90
C PRO A 86 -48.15 -14.19 12.68
N ASP A 87 -47.90 -13.25 13.58
CA ASP A 87 -48.95 -12.58 14.34
C ASP A 87 -49.64 -11.47 13.56
N GLY A 88 -49.31 -11.28 12.29
CA GLY A 88 -50.03 -10.32 11.48
C GLY A 88 -49.24 -9.10 11.05
N ARG A 89 -48.52 -8.48 11.97
CA ARG A 89 -47.87 -7.21 11.68
C ARG A 89 -46.86 -7.35 10.55
N VAL A 90 -46.69 -6.27 9.79
CA VAL A 90 -45.90 -6.27 8.58
C VAL A 90 -44.97 -5.06 8.61
N ILE A 91 -43.71 -5.29 8.27
CA ILE A 91 -42.70 -4.23 8.25
C ILE A 91 -42.23 -4.06 6.82
N TYR A 92 -42.48 -2.89 6.25
CA TYR A 92 -42.04 -2.54 4.93
C TYR A 92 -40.79 -1.66 5.01
N ASN A 93 -39.73 -2.07 4.31
CA ASN A 93 -38.46 -1.38 4.36
C ASN A 93 -37.96 -1.14 2.94
N ALA A 94 -37.45 0.06 2.69
CA ALA A 94 -36.92 0.40 1.37
C ALA A 94 -35.91 1.52 1.52
N ARG A 95 -34.88 1.48 0.67
CA ARG A 95 -33.92 2.58 0.57
C ARG A 95 -34.33 3.51 -0.56
N PHE A 96 -34.23 4.81 -0.31
CA PHE A 96 -34.73 5.81 -1.25
C PHE A 96 -33.73 6.95 -1.40
N LEU A 97 -33.62 7.43 -2.63
CA LEU A 97 -32.89 8.67 -2.95
C LEU A 97 -33.79 9.52 -3.83
N GLY A 98 -34.11 10.73 -3.36
CA GLY A 98 -35.04 11.58 -4.08
C GLY A 98 -34.67 13.04 -3.91
N SER A 99 -35.17 13.85 -4.85
CA SER A 99 -34.95 15.29 -4.85
C SER A 99 -36.17 15.98 -4.27
N PHE A 100 -36.00 16.64 -3.12
CA PHE A 100 -37.09 17.25 -2.38
C PHE A 100 -37.05 18.77 -2.51
N SER A 101 -38.21 19.39 -2.30
CA SER A 101 -38.38 20.83 -2.42
C SER A 101 -38.84 21.43 -1.10
N ASN A 102 -38.40 22.67 -0.86
CA ASN A 102 -38.78 23.44 0.31
C ASN A 102 -38.49 24.91 0.03
N ASP A 103 -39.14 25.78 0.79
CA ASP A 103 -38.87 27.21 0.70
C ASP A 103 -37.48 27.51 1.25
N MET A 104 -36.70 28.30 0.52
CA MET A 104 -35.33 28.62 0.92
C MET A 104 -35.02 30.05 0.55
N ASP A 105 -34.68 30.86 1.56
CA ASP A 105 -34.26 32.24 1.37
C ASP A 105 -32.74 32.27 1.34
N PHE A 106 -32.17 32.80 0.25
CA PHE A 106 -30.73 32.90 0.09
C PHE A 106 -30.23 34.34 0.05
N ARG A 107 -31.05 35.30 0.51
CA ARG A 107 -30.68 36.71 0.41
C ARG A 107 -29.49 37.07 1.29
N LEU A 108 -29.26 36.31 2.36
CA LEU A 108 -28.16 36.56 3.29
C LEU A 108 -27.02 35.60 3.03
N PHE A 109 -26.71 35.41 1.74
CA PHE A 109 -26.08 34.21 1.17
C PHE A 109 -24.99 33.59 2.03
N PRO A 110 -23.88 34.28 2.36
CA PRO A 110 -22.81 33.61 3.10
C PRO A 110 -23.20 33.23 4.53
N PHE A 111 -24.38 33.65 5.01
CA PHE A 111 -24.81 33.41 6.38
C PHE A 111 -26.27 32.97 6.34
N ASP A 112 -26.51 31.79 5.78
CA ASP A 112 -27.86 31.28 5.64
C ASP A 112 -28.34 30.68 6.95
N ARG A 113 -29.66 30.55 7.05
CA ARG A 113 -30.21 29.56 7.96
C ARG A 113 -30.57 28.41 7.04
N GLN A 114 -31.87 28.15 6.88
CA GLN A 114 -32.50 27.13 6.02
C GLN A 114 -33.11 26.01 6.85
N GLN A 115 -34.03 25.28 6.23
CA GLN A 115 -34.74 24.18 6.87
C GLN A 115 -35.01 23.10 5.83
N PHE A 116 -34.33 21.97 5.93
CA PHE A 116 -34.62 20.85 5.03
C PHE A 116 -35.76 20.03 5.63
N VAL A 117 -36.76 19.74 4.80
CA VAL A 117 -38.06 19.25 5.24
C VAL A 117 -38.49 18.06 4.40
N LEU A 118 -39.07 17.05 5.05
CA LEU A 118 -39.76 15.93 4.42
C LEU A 118 -41.23 15.96 4.80
N GLU A 119 -42.09 15.59 3.85
CA GLU A 119 -43.54 15.48 4.09
C GLU A 119 -44.04 14.17 3.50
N LEU A 120 -44.41 13.24 4.37
CA LEU A 120 -44.90 11.92 4.00
C LEU A 120 -46.40 11.83 4.27
N GLU A 121 -47.13 11.15 3.38
CA GLU A 121 -48.58 11.04 3.46
C GLU A 121 -49.03 9.88 2.58
N PRO A 122 -49.93 9.01 3.06
CA PRO A 122 -50.38 7.90 2.22
C PRO A 122 -51.06 8.42 0.97
N PHE A 123 -50.95 7.66 -0.11
CA PHE A 123 -51.39 8.16 -1.40
C PHE A 123 -52.89 8.08 -1.59
N SER A 124 -53.58 7.19 -0.88
CA SER A 124 -55.00 6.96 -1.14
C SER A 124 -55.70 6.44 0.10
N TYR A 125 -55.34 6.97 1.28
CA TYR A 125 -55.89 6.43 2.51
C TYR A 125 -56.00 7.51 3.57
N ASN A 126 -57.19 7.65 4.13
CA ASN A 126 -57.51 8.65 5.14
C ASN A 126 -57.77 8.04 6.50
N ASN A 127 -58.26 6.81 6.54
CA ASN A 127 -58.39 6.08 7.80
C ASN A 127 -57.05 5.52 8.26
N GLN A 128 -56.25 5.02 7.32
CA GLN A 128 -54.89 4.62 7.61
C GLN A 128 -54.05 5.79 8.09
N GLN A 129 -53.65 5.77 9.36
CA GLN A 129 -53.07 6.92 10.02
C GLN A 129 -51.61 6.62 10.36
N LEU A 130 -50.80 7.68 10.38
CA LEU A 130 -49.38 7.54 10.71
C LEU A 130 -49.24 7.58 12.22
N ARG A 131 -48.81 6.45 12.80
CA ARG A 131 -48.78 6.27 14.25
C ARG A 131 -47.76 7.21 14.90
N PHE A 132 -46.48 6.97 14.64
CA PHE A 132 -45.40 7.79 15.17
C PHE A 132 -44.24 7.80 14.19
N SER A 133 -43.45 8.88 14.23
CA SER A 133 -42.36 9.07 13.28
C SER A 133 -41.05 9.29 14.03
N ASP A 134 -39.97 8.73 13.48
CA ASP A 134 -38.65 8.80 14.09
C ASP A 134 -37.61 9.09 13.02
N ILE A 135 -36.50 9.71 13.43
CA ILE A 135 -35.44 10.12 12.52
C ILE A 135 -34.09 9.80 13.14
N GLN A 136 -33.14 9.39 12.30
CA GLN A 136 -31.83 8.94 12.77
C GLN A 136 -30.75 9.56 11.89
N VAL A 137 -29.86 10.36 12.49
CA VAL A 137 -28.75 11.00 11.79
C VAL A 137 -27.48 10.74 12.59
N TYR A 138 -26.38 10.44 11.89
CA TYR A 138 -25.12 10.12 12.53
C TYR A 138 -24.03 11.07 12.02
N THR A 139 -24.12 12.33 12.47
CA THR A 139 -23.18 13.39 12.09
C THR A 139 -22.87 14.23 13.34
N GLU A 140 -21.94 15.16 13.22
CA GLU A 140 -21.46 15.95 14.35
C GLU A 140 -21.20 17.40 13.95
N ASN A 141 -21.84 18.34 14.64
CA ASN A 141 -21.68 19.78 14.41
C ASN A 141 -21.43 20.53 15.73
N ILE A 142 -20.54 21.53 15.75
CA ILE A 142 -19.61 21.86 14.68
C ILE A 142 -18.35 21.00 14.82
N ASP A 143 -17.89 20.37 13.73
CA ASP A 143 -16.69 19.54 13.84
C ASP A 143 -15.91 19.43 12.53
N ASN A 144 -16.35 18.58 11.62
CA ASN A 144 -15.62 18.32 10.38
C ASN A 144 -16.10 19.18 9.21
N GLU A 145 -16.86 20.23 9.48
CA GLU A 145 -17.48 21.03 8.42
C GLU A 145 -16.49 21.91 7.69
N GLU A 146 -15.26 22.03 8.21
CA GLU A 146 -14.18 22.63 7.45
C GLU A 146 -13.82 21.80 6.23
N ILE A 147 -14.33 20.57 6.15
CA ILE A 147 -14.24 19.76 4.95
C ILE A 147 -15.60 19.62 4.26
N ASP A 148 -16.70 19.88 4.96
CA ASP A 148 -18.03 19.89 4.37
C ASP A 148 -18.43 21.31 4.00
N GLU A 149 -19.71 21.50 3.68
CA GLU A 149 -20.23 22.79 3.25
C GLU A 149 -21.16 23.46 4.25
N TRP A 150 -21.87 22.70 5.07
CA TRP A 150 -22.94 23.22 5.89
C TRP A 150 -22.70 22.94 7.37
N TRP A 151 -23.12 23.88 8.21
CA TRP A 151 -23.30 23.65 9.64
C TRP A 151 -24.76 23.32 9.92
N ILE A 152 -25.00 22.28 10.71
CA ILE A 152 -26.35 21.90 11.08
C ILE A 152 -26.56 22.31 12.53
N ARG A 153 -27.75 22.85 12.83
CA ARG A 153 -28.07 23.32 14.17
C ARG A 153 -29.16 22.45 14.77
N GLY A 154 -30.39 22.51 14.25
CA GLY A 154 -31.45 21.64 14.72
C GLY A 154 -31.19 20.18 14.37
N LYS A 155 -31.81 19.29 15.15
CA LYS A 155 -31.55 17.86 15.00
C LYS A 155 -32.68 16.94 15.49
N ALA A 156 -33.93 17.03 14.95
CA ALA A 156 -34.99 16.00 15.01
C ALA A 156 -36.47 16.44 14.97
N SER A 157 -36.78 17.70 14.73
CA SER A 157 -38.16 18.20 14.63
C SER A 157 -39.14 17.34 13.82
N THR A 158 -40.10 16.74 14.52
CA THR A 158 -41.14 15.85 13.99
C THR A 158 -42.54 16.38 14.31
N HIS A 159 -43.50 16.22 13.37
CA HIS A 159 -44.86 16.73 13.54
C HIS A 159 -45.94 15.64 13.52
N ILE A 160 -46.31 15.08 12.35
CA ILE A 160 -47.41 14.11 12.15
C ILE A 160 -48.79 14.79 12.27
N SER A 161 -49.09 15.75 11.37
CA SER A 161 -50.35 16.46 11.45
C SER A 161 -51.41 15.87 10.50
N ASP A 162 -52.52 16.60 10.33
CA ASP A 162 -53.66 16.21 9.49
C ASP A 162 -53.98 17.32 8.48
N ILE A 163 -54.34 16.93 7.26
CA ILE A 163 -54.60 17.87 6.16
C ILE A 163 -56.06 17.76 5.75
N ARG A 164 -56.65 18.89 5.36
CA ARG A 164 -58.08 18.93 5.05
C ARG A 164 -58.38 18.48 3.61
N TYR A 165 -57.79 19.15 2.62
CA TYR A 165 -58.06 18.91 1.19
C TYR A 165 -59.57 19.04 0.89
N ASP A 166 -60.04 20.29 0.89
CA ASP A 166 -61.48 20.60 0.83
C ASP A 166 -62.09 20.50 -0.58
N HIS A 167 -61.40 20.00 -1.59
CA HIS A 167 -61.93 20.02 -2.95
C HIS A 167 -62.61 18.70 -3.32
N LEU A 168 -63.74 18.81 -4.03
CA LEU A 168 -64.63 17.71 -4.38
C LEU A 168 -64.86 16.78 -3.20
N SER A 169 -65.57 17.30 -2.18
CA SER A 169 -65.93 16.50 -1.02
C SER A 169 -67.25 15.77 -1.19
N SER A 170 -68.08 16.18 -2.15
CA SER A 170 -69.33 15.48 -2.41
C SER A 170 -69.13 14.14 -3.10
N VAL A 171 -67.94 13.87 -3.66
CA VAL A 171 -67.63 12.53 -4.13
C VAL A 171 -67.76 11.53 -2.99
N GLN A 172 -67.24 11.88 -1.82
CA GLN A 172 -67.41 11.08 -0.60
C GLN A 172 -67.69 12.04 0.54
N PRO A 173 -68.96 12.25 0.90
CA PRO A 173 -69.27 13.21 1.96
C PRO A 173 -68.81 12.73 3.32
N ASN A 174 -68.18 13.64 4.07
CA ASN A 174 -67.80 13.54 5.48
C ASN A 174 -66.39 13.03 5.76
N GLN A 175 -65.66 12.53 4.76
CA GLN A 175 -64.36 11.89 5.04
C GLN A 175 -63.33 12.27 3.98
N ASN A 176 -62.36 13.12 4.35
CA ASN A 176 -61.24 13.41 3.43
C ASN A 176 -59.99 13.92 4.14
N GLU A 177 -59.76 13.50 5.39
CA GLU A 177 -58.61 13.94 6.17
C GLU A 177 -57.49 12.90 6.13
N PHE A 178 -56.32 13.30 5.65
CA PHE A 178 -55.16 12.44 5.51
C PHE A 178 -54.14 12.70 6.61
N SER A 179 -53.38 11.66 6.96
CA SER A 179 -52.36 11.72 7.99
C SER A 179 -51.02 12.06 7.33
N ARG A 180 -50.38 13.14 7.79
CA ARG A 180 -49.14 13.60 7.18
C ARG A 180 -48.03 13.76 8.21
N ILE A 181 -46.97 12.96 8.06
CA ILE A 181 -45.72 13.20 8.77
C ILE A 181 -45.03 14.43 8.22
N THR A 182 -44.50 15.26 9.12
CA THR A 182 -43.67 16.39 8.72
C THR A 182 -42.36 16.31 9.49
N VAL A 183 -41.26 16.26 8.75
CA VAL A 183 -39.91 16.25 9.30
C VAL A 183 -39.23 17.55 8.88
N ARG A 184 -38.54 18.19 9.81
CA ARG A 184 -37.86 19.44 9.52
C ARG A 184 -36.52 19.45 10.22
N ILE A 185 -35.50 19.91 9.48
CA ILE A 185 -34.13 19.95 9.97
C ILE A 185 -33.58 21.33 9.71
N ASP A 186 -33.12 21.99 10.76
CA ASP A 186 -32.55 23.32 10.63
C ASP A 186 -31.07 23.18 10.32
N ALA A 187 -30.54 24.16 9.60
CA ALA A 187 -29.15 24.12 9.17
C ALA A 187 -28.69 25.53 8.88
N VAL A 188 -27.39 25.74 8.95
CA VAL A 188 -26.77 27.04 8.71
C VAL A 188 -25.61 26.83 7.74
N ARG A 189 -25.36 27.83 6.90
CA ARG A 189 -24.28 27.72 5.94
C ARG A 189 -22.95 28.04 6.63
N ASN A 190 -21.93 27.24 6.33
CA ASN A 190 -20.57 27.53 6.76
C ASN A 190 -20.04 28.76 6.02
N PRO A 191 -19.96 29.93 6.67
CA PRO A 191 -19.56 31.14 5.95
C PRO A 191 -18.09 31.18 5.58
N SER A 192 -17.30 30.23 6.09
CA SER A 192 -15.85 30.26 6.01
C SER A 192 -15.30 30.61 4.62
N TYR A 193 -15.71 29.88 3.59
CA TYR A 193 -15.07 30.03 2.28
C TYR A 193 -15.42 31.36 1.63
N TYR A 194 -16.68 31.77 1.71
CA TYR A 194 -17.11 32.99 1.04
C TYR A 194 -16.56 34.23 1.75
N LEU A 195 -16.23 34.14 3.04
CA LEU A 195 -15.59 35.26 3.71
C LEU A 195 -14.13 35.37 3.30
N TRP A 196 -13.33 34.34 3.61
CA TRP A 196 -11.89 34.39 3.37
C TRP A 196 -11.54 34.62 1.91
N SER A 197 -12.39 34.21 0.98
CA SER A 197 -12.05 34.25 -0.45
C SER A 197 -12.96 35.12 -1.31
N PHE A 198 -14.07 35.64 -0.79
CA PHE A 198 -14.96 36.47 -1.59
C PHE A 198 -15.25 37.79 -0.88
N ILE A 199 -15.69 37.72 0.37
CA ILE A 199 -15.91 38.94 1.14
C ILE A 199 -14.59 39.69 1.29
N LEU A 200 -13.52 38.96 1.62
CA LEU A 200 -12.22 39.59 1.87
C LEU A 200 -11.65 40.30 0.65
N PRO A 201 -11.41 39.65 -0.49
CA PRO A 201 -10.82 40.38 -1.63
C PRO A 201 -11.68 41.55 -2.10
N LEU A 202 -12.99 41.40 -2.06
CA LEU A 202 -13.89 42.46 -2.51
C LEU A 202 -13.70 43.72 -1.68
N GLY A 203 -13.64 43.58 -0.35
CA GLY A 203 -13.41 44.74 0.49
C GLY A 203 -12.08 45.43 0.22
N LEU A 204 -11.00 44.64 0.11
CA LEU A 204 -9.69 45.21 -0.21
C LEU A 204 -9.72 45.95 -1.55
N ILE A 205 -10.39 45.38 -2.55
CA ILE A 205 -10.51 46.05 -3.84
C ILE A 205 -11.30 47.34 -3.68
N ILE A 206 -12.43 47.28 -2.97
CA ILE A 206 -13.20 48.48 -2.70
C ILE A 206 -12.39 49.48 -1.89
N ALA A 207 -11.63 49.00 -0.90
CA ALA A 207 -10.80 49.88 -0.10
C ALA A 207 -9.73 50.57 -0.96
N ALA A 208 -8.97 49.79 -1.72
CA ALA A 208 -7.93 50.36 -2.59
C ALA A 208 -8.49 51.39 -3.56
N SER A 209 -9.78 51.27 -3.92
CA SER A 209 -10.41 52.26 -4.78
C SER A 209 -10.29 53.67 -4.20
N TRP A 210 -10.38 53.79 -2.86
CA TRP A 210 -10.35 55.09 -2.21
C TRP A 210 -8.99 55.76 -2.29
N SER A 211 -7.91 55.01 -2.46
CA SER A 211 -6.58 55.61 -2.52
C SER A 211 -6.38 56.52 -3.74
N VAL A 212 -7.37 56.61 -4.64
CA VAL A 212 -7.26 57.50 -5.79
C VAL A 212 -7.16 58.96 -5.37
N PHE A 213 -7.71 59.30 -4.19
CA PHE A 213 -7.68 60.67 -3.73
C PHE A 213 -6.28 61.11 -3.31
N TRP A 214 -5.34 60.16 -3.16
CA TRP A 214 -3.95 60.43 -2.85
C TRP A 214 -3.09 60.59 -4.10
N LEU A 215 -3.68 60.51 -5.28
CA LEU A 215 -2.96 60.84 -6.49
C LEU A 215 -2.85 62.35 -6.60
N GLU A 216 -1.67 62.83 -7.00
CA GLU A 216 -1.41 64.27 -6.94
C GLU A 216 -2.20 65.01 -8.00
N SER A 217 -2.02 64.64 -9.27
CA SER A 217 -2.67 65.35 -10.36
C SER A 217 -4.16 65.02 -10.41
N PHE A 218 -4.85 65.73 -11.30
CA PHE A 218 -6.26 65.47 -11.59
C PHE A 218 -6.42 64.50 -12.75
N SER A 219 -5.60 64.67 -13.80
CA SER A 219 -5.58 63.68 -14.87
C SER A 219 -5.27 62.29 -14.34
N GLU A 220 -4.31 62.20 -13.40
CA GLU A 220 -4.06 60.94 -12.73
C GLU A 220 -5.31 60.45 -12.00
N ARG A 221 -5.97 61.35 -11.26
CA ARG A 221 -7.16 60.96 -10.50
C ARG A 221 -8.25 60.41 -11.42
N LEU A 222 -8.63 61.18 -12.44
CA LEU A 222 -9.74 60.77 -13.28
C LEU A 222 -9.39 59.55 -14.13
N GLN A 223 -8.18 59.53 -14.71
CA GLN A 223 -7.77 58.38 -15.52
C GLN A 223 -7.72 57.11 -14.68
N THR A 224 -7.13 57.20 -13.49
CA THR A 224 -7.01 56.03 -12.62
C THR A 224 -8.38 55.45 -12.26
N SER A 225 -9.39 56.32 -12.12
CA SER A 225 -10.73 55.85 -11.76
C SER A 225 -11.23 54.79 -12.74
N PHE A 226 -11.02 54.99 -14.04
CA PHE A 226 -11.50 54.05 -15.03
C PHE A 226 -10.84 52.69 -14.89
N THR A 227 -9.58 52.64 -14.45
CA THR A 227 -8.93 51.37 -14.16
C THR A 227 -9.58 50.67 -12.97
N LEU A 228 -9.91 51.44 -11.93
CA LEU A 228 -10.64 50.86 -10.79
C LEU A 228 -12.00 50.34 -11.21
N MET A 229 -12.69 51.07 -12.09
CA MET A 229 -13.97 50.62 -12.63
C MET A 229 -13.87 49.22 -13.22
N LEU A 230 -12.88 49.02 -14.11
CA LEU A 230 -12.66 47.70 -14.71
C LEU A 230 -12.42 46.64 -13.65
N THR A 231 -11.70 47.00 -12.57
CA THR A 231 -11.39 46.02 -11.52
C THR A 231 -12.66 45.50 -10.86
N VAL A 232 -13.64 46.36 -10.63
CA VAL A 232 -14.89 45.93 -10.00
C VAL A 232 -15.68 45.03 -10.93
N VAL A 233 -15.82 45.43 -12.20
CA VAL A 233 -16.55 44.62 -13.17
C VAL A 233 -15.94 43.22 -13.28
N ALA A 234 -14.60 43.16 -13.35
CA ALA A 234 -13.93 41.86 -13.37
C ALA A 234 -14.28 41.04 -12.14
N TYR A 235 -14.19 41.65 -10.96
CA TYR A 235 -14.49 40.91 -9.74
C TYR A 235 -15.97 40.55 -9.66
N ALA A 236 -16.85 41.39 -10.21
CA ALA A 236 -18.27 41.02 -10.30
C ALA A 236 -18.44 39.76 -11.12
N PHE A 237 -17.69 39.63 -12.22
CA PHE A 237 -17.74 38.42 -13.04
C PHE A 237 -17.26 37.21 -12.26
N TYR A 238 -16.05 37.31 -11.69
CA TYR A 238 -15.51 36.22 -10.88
C TYR A 238 -16.45 35.85 -9.75
N THR A 239 -17.11 36.86 -9.14
CA THR A 239 -18.18 36.57 -8.19
C THR A 239 -19.30 35.78 -8.86
N SER A 240 -19.78 36.27 -10.00
CA SER A 240 -20.99 35.71 -10.61
C SER A 240 -20.77 34.28 -11.11
N ASN A 241 -19.58 34.00 -11.64
CA ASN A 241 -19.33 32.67 -12.21
C ASN A 241 -19.29 31.59 -11.12
N ILE A 242 -18.60 31.86 -10.02
CA ILE A 242 -18.37 30.82 -9.02
C ILE A 242 -19.52 30.73 -8.02
N LEU A 243 -20.12 31.86 -7.67
CA LEU A 243 -21.19 31.85 -6.68
C LEU A 243 -22.47 31.28 -7.29
N PRO A 244 -23.35 30.70 -6.46
CA PRO A 244 -24.57 30.09 -7.00
C PRO A 244 -25.50 31.15 -7.54
N ARG A 245 -25.97 30.93 -8.78
CA ARG A 245 -26.83 31.90 -9.44
C ARG A 245 -28.20 31.95 -8.76
N LEU A 246 -28.70 33.17 -8.58
CA LEU A 246 -29.95 33.42 -7.88
C LEU A 246 -30.69 34.56 -8.56
N PRO A 247 -31.99 34.67 -8.33
CA PRO A 247 -32.74 35.79 -8.92
C PRO A 247 -32.94 36.95 -7.95
N TYR A 248 -32.10 37.07 -6.92
CA TYR A 248 -32.17 38.20 -6.02
C TYR A 248 -30.75 38.57 -5.57
N THR A 249 -30.65 39.75 -4.96
CA THR A 249 -29.36 40.30 -4.56
C THR A 249 -28.89 39.70 -3.24
N THR A 250 -27.77 39.01 -3.27
CA THR A 250 -27.15 38.49 -2.05
C THR A 250 -26.43 39.63 -1.32
N VAL A 251 -25.85 39.30 -0.17
CA VAL A 251 -25.05 40.29 0.56
C VAL A 251 -23.85 40.73 -0.28
N ILE A 252 -23.13 39.76 -0.85
CA ILE A 252 -22.02 40.05 -1.75
C ILE A 252 -22.49 40.95 -2.89
N ASP A 253 -23.61 40.57 -3.51
CA ASP A 253 -24.13 41.35 -4.64
C ASP A 253 -24.41 42.79 -4.26
N GLN A 254 -24.88 43.03 -3.03
CA GLN A 254 -25.06 44.41 -2.59
C GLN A 254 -23.70 45.08 -2.41
N MET A 255 -22.75 44.39 -1.79
CA MET A 255 -21.39 44.90 -1.71
C MET A 255 -20.81 45.17 -3.10
N ILE A 256 -21.20 44.36 -4.09
CA ILE A 256 -20.72 44.57 -5.45
C ILE A 256 -21.23 45.89 -6.01
N ILE A 257 -22.51 46.20 -5.79
CA ILE A 257 -23.04 47.49 -6.22
C ILE A 257 -22.40 48.61 -5.42
N ALA A 258 -22.06 48.35 -4.16
CA ALA A 258 -21.42 49.36 -3.33
C ALA A 258 -20.11 49.84 -3.95
N GLY A 259 -19.34 48.92 -4.53
CA GLY A 259 -18.16 49.33 -5.27
C GLY A 259 -18.49 50.20 -6.47
N TYR A 260 -19.40 49.71 -7.32
CA TYR A 260 -19.87 50.48 -8.49
C TYR A 260 -20.26 51.90 -8.12
N GLY A 261 -20.91 52.08 -6.97
CA GLY A 261 -21.31 53.41 -6.56
C GLY A 261 -20.15 54.27 -6.13
N SER A 262 -19.30 53.73 -5.24
CA SER A 262 -18.14 54.46 -4.74
C SER A 262 -17.28 54.99 -5.88
N ILE A 263 -17.09 54.20 -6.93
CA ILE A 263 -16.25 54.63 -8.05
C ILE A 263 -16.95 55.72 -8.86
N PHE A 264 -18.25 55.56 -9.14
CA PHE A 264 -18.97 56.60 -9.87
C PHE A 264 -19.09 57.87 -9.06
N ALA A 265 -19.26 57.75 -7.74
CA ALA A 265 -19.27 58.92 -6.88
C ALA A 265 -17.90 59.59 -6.85
N ALA A 266 -16.84 58.78 -6.70
CA ALA A 266 -15.48 59.32 -6.80
C ALA A 266 -15.27 60.06 -8.12
N ILE A 267 -15.69 59.43 -9.22
CA ILE A 267 -15.65 60.09 -10.53
C ILE A 267 -16.29 61.47 -10.46
N LEU A 268 -17.45 61.57 -9.79
CA LEU A 268 -18.16 62.84 -9.73
C LEU A 268 -17.36 63.86 -8.93
N LEU A 269 -16.90 63.49 -7.74
CA LEU A 269 -16.07 64.39 -6.93
C LEU A 269 -14.82 64.82 -7.68
N ILE A 270 -14.05 63.86 -8.19
CA ILE A 270 -12.80 64.15 -8.90
C ILE A 270 -13.00 65.21 -9.97
N ILE A 271 -14.12 65.12 -10.70
CA ILE A 271 -14.42 66.12 -11.71
C ILE A 271 -14.99 67.38 -11.08
N PHE A 272 -15.88 67.21 -10.09
CA PHE A 272 -16.42 68.36 -9.38
C PHE A 272 -15.32 69.08 -8.61
N ALA A 273 -14.32 68.35 -8.11
CA ALA A 273 -13.17 68.97 -7.48
C ALA A 273 -12.45 69.92 -8.42
N HIS A 274 -12.37 69.57 -9.71
CA HIS A 274 -11.57 70.36 -10.64
C HIS A 274 -12.23 71.68 -11.01
N HIS A 275 -13.56 71.70 -11.10
CA HIS A 275 -14.27 72.87 -11.62
C HIS A 275 -15.16 73.52 -10.57
N ARG A 276 -14.94 73.23 -9.29
CA ARG A 276 -15.52 73.99 -8.20
C ARG A 276 -14.34 74.75 -7.58
N GLN A 277 -13.98 75.86 -8.23
CA GLN A 277 -12.69 76.50 -8.01
C GLN A 277 -12.89 78.01 -7.89
N ALA A 278 -11.80 78.71 -7.58
CA ALA A 278 -11.81 80.16 -7.52
C ALA A 278 -11.55 80.80 -8.88
N ASN A 279 -10.47 80.39 -9.56
CA ASN A 279 -10.12 81.01 -10.84
C ASN A 279 -9.57 79.95 -11.80
N GLY A 280 -8.51 80.24 -12.54
CA GLY A 280 -7.85 79.19 -13.29
C GLY A 280 -7.07 78.29 -12.35
N VAL A 281 -7.39 76.99 -12.35
CA VAL A 281 -6.51 75.84 -12.11
C VAL A 281 -6.83 75.12 -10.80
N GLU A 282 -7.52 75.77 -9.86
CA GLU A 282 -7.48 75.31 -8.47
C GLU A 282 -8.39 74.08 -8.25
N ASP A 283 -7.77 72.97 -7.86
CA ASP A 283 -8.49 71.81 -7.35
C ASP A 283 -8.82 72.08 -5.89
N ASP A 284 -10.12 72.21 -5.57
CA ASP A 284 -10.60 72.63 -4.25
C ASP A 284 -9.82 72.02 -3.08
N LEU A 285 -9.13 72.89 -2.33
CA LEU A 285 -8.01 72.47 -1.49
C LEU A 285 -8.40 71.39 -0.48
N LEU A 286 -9.60 71.48 0.07
CA LEU A 286 -10.03 70.54 1.09
C LEU A 286 -10.75 69.33 0.50
N ILE A 287 -11.37 69.48 -0.67
CA ILE A 287 -12.23 68.43 -1.18
C ILE A 287 -11.39 67.24 -1.63
N GLN A 288 -10.19 67.49 -2.16
CA GLN A 288 -9.31 66.37 -2.45
C GLN A 288 -8.77 65.73 -1.19
N ARG A 289 -9.00 66.34 -0.04
CA ARG A 289 -8.70 65.76 1.28
C ARG A 289 -9.89 65.05 1.89
N CYS A 290 -10.75 64.41 1.09
CA CYS A 290 -11.64 63.37 1.61
C CYS A 290 -10.95 62.00 1.61
N ARG A 291 -9.62 62.00 1.79
CA ARG A 291 -8.84 60.78 1.74
C ARG A 291 -9.32 59.77 2.77
N LEU A 292 -9.53 60.21 4.01
CA LEU A 292 -10.23 59.41 5.00
C LEU A 292 -11.56 60.05 5.38
N ALA A 293 -12.35 60.42 4.38
CA ALA A 293 -13.72 60.87 4.61
C ALA A 293 -14.65 60.07 3.70
N PHE A 294 -14.12 59.59 2.58
CA PHE A 294 -14.76 58.59 1.74
C PHE A 294 -14.76 57.23 2.43
N PRO A 295 -13.63 56.78 3.02
CA PRO A 295 -13.68 55.55 3.82
C PRO A 295 -14.68 55.58 4.95
N LEU A 296 -14.82 56.70 5.65
CA LEU A 296 -15.79 56.79 6.73
C LEU A 296 -17.21 56.74 6.20
N GLY A 297 -17.47 57.41 5.07
CA GLY A 297 -18.80 57.39 4.50
C GLY A 297 -19.25 56.01 4.05
N PHE A 298 -18.32 55.22 3.50
CA PHE A 298 -18.68 53.88 3.05
C PHE A 298 -19.02 52.96 4.21
N LEU A 299 -18.21 52.99 5.28
CA LEU A 299 -18.49 52.11 6.42
C LEU A 299 -19.81 52.49 7.08
N ALA A 300 -20.21 53.76 6.96
CA ALA A 300 -21.51 54.16 7.48
C ALA A 300 -22.63 53.53 6.64
N ILE A 301 -22.45 53.48 5.33
CA ILE A 301 -23.45 52.84 4.46
C ILE A 301 -23.35 51.32 4.60
N GLY A 302 -22.18 50.81 4.95
CA GLY A 302 -22.01 49.39 5.16
C GLY A 302 -22.44 48.90 6.53
N CYS A 303 -22.88 49.80 7.40
CA CYS A 303 -23.46 49.43 8.67
C CYS A 303 -24.99 49.56 8.69
N VAL A 304 -25.57 50.24 7.69
CA VAL A 304 -27.01 50.24 7.52
C VAL A 304 -27.47 49.14 6.59
N LEU A 305 -26.57 48.55 5.80
CA LEU A 305 -26.87 47.35 5.04
C LEU A 305 -27.10 46.15 5.95
N VAL A 306 -26.54 46.18 7.16
CA VAL A 306 -26.68 45.05 8.07
C VAL A 306 -28.07 45.00 8.69
N ILE A 307 -28.56 46.14 9.18
CA ILE A 307 -29.86 46.19 9.83
C ILE A 307 -30.80 47.11 9.06
N PRO B 1 -26.58 -20.55 9.83
CA PRO B 1 -25.62 -19.44 9.95
C PRO B 1 -24.86 -19.27 8.64
N VAL B 2 -25.55 -18.76 7.61
CA VAL B 2 -25.09 -18.93 6.24
C VAL B 2 -23.75 -18.24 6.01
N ASP B 3 -22.84 -18.97 5.35
CA ASP B 3 -21.53 -18.47 4.96
C ASP B 3 -21.60 -17.88 3.55
N VAL B 4 -20.95 -16.74 3.34
CA VAL B 4 -20.93 -16.08 2.04
C VAL B 4 -19.51 -15.60 1.73
N SER B 5 -18.92 -16.17 0.68
CA SER B 5 -17.68 -15.65 0.15
C SER B 5 -17.96 -14.49 -0.80
N VAL B 6 -17.07 -13.51 -0.81
CA VAL B 6 -17.24 -12.34 -1.66
C VAL B 6 -15.90 -11.98 -2.29
N SER B 7 -15.90 -11.75 -3.60
CA SER B 7 -14.75 -11.24 -4.32
C SER B 7 -15.21 -10.12 -5.23
N ILE B 8 -14.48 -8.99 -5.20
CA ILE B 8 -14.87 -7.78 -5.92
C ILE B 8 -13.76 -7.44 -6.89
N PHE B 9 -14.07 -7.52 -8.18
CA PHE B 9 -13.13 -7.14 -9.24
C PHE B 9 -13.30 -5.66 -9.54
N ILE B 10 -12.22 -4.90 -9.43
CA ILE B 10 -12.26 -3.47 -9.72
C ILE B 10 -11.66 -3.23 -11.10
N ASN B 11 -12.48 -2.66 -11.98
CA ASN B 11 -12.10 -2.32 -13.34
C ASN B 11 -11.68 -0.87 -13.49
N LYS B 12 -12.38 0.04 -12.81
CA LYS B 12 -12.15 1.45 -13.03
C LYS B 12 -12.77 2.26 -11.91
N ILE B 13 -12.02 3.25 -11.44
CA ILE B 13 -12.57 4.33 -10.62
C ILE B 13 -12.47 5.57 -11.49
N TYR B 14 -13.49 6.42 -11.47
CA TYR B 14 -13.43 7.60 -12.30
C TYR B 14 -14.46 8.60 -11.80
N GLY B 15 -14.15 9.88 -11.96
CA GLY B 15 -15.07 10.94 -11.64
C GLY B 15 -15.22 11.29 -10.18
N VAL B 16 -14.23 11.99 -9.63
CA VAL B 16 -14.36 12.55 -8.30
C VAL B 16 -15.27 13.76 -8.40
N ASN B 17 -16.25 13.86 -7.51
CA ASN B 17 -17.16 15.00 -7.46
C ASN B 17 -16.80 15.76 -6.20
N THR B 18 -15.94 16.76 -6.34
CA THR B 18 -15.35 17.43 -5.18
C THR B 18 -16.41 18.05 -4.29
N LEU B 19 -17.45 18.64 -4.89
CA LEU B 19 -18.49 19.28 -4.09
C LEU B 19 -19.36 18.23 -3.39
N GLU B 20 -19.98 17.34 -4.17
CA GLU B 20 -20.89 16.36 -3.58
C GLU B 20 -20.16 15.25 -2.84
N GLN B 21 -18.84 15.17 -2.94
CA GLN B 21 -18.06 14.07 -2.38
C GLN B 21 -18.60 12.73 -2.89
N THR B 22 -18.21 12.36 -4.11
CA THR B 22 -18.83 11.29 -4.85
C THR B 22 -17.85 10.81 -5.91
N TYR B 23 -17.77 9.49 -6.10
CA TYR B 23 -16.93 8.92 -7.15
C TYR B 23 -17.62 7.68 -7.74
N LYS B 24 -17.29 7.39 -8.98
CA LYS B 24 -17.90 6.29 -9.71
C LYS B 24 -16.94 5.11 -9.78
N VAL B 25 -17.48 3.90 -9.61
CA VAL B 25 -16.69 2.66 -9.65
C VAL B 25 -17.41 1.67 -10.55
N ASP B 26 -16.72 1.19 -11.58
CA ASP B 26 -17.22 0.13 -12.44
C ASP B 26 -16.45 -1.14 -12.15
N GLY B 27 -17.16 -2.26 -12.10
CA GLY B 27 -16.51 -3.53 -11.84
C GLY B 27 -17.52 -4.63 -11.63
N TYR B 28 -17.02 -5.79 -11.23
CA TYR B 28 -17.82 -6.97 -11.02
C TYR B 28 -17.84 -7.31 -9.53
N ILE B 29 -18.77 -8.20 -9.16
CA ILE B 29 -18.90 -8.64 -7.77
C ILE B 29 -19.33 -10.09 -7.76
N VAL B 30 -18.81 -10.85 -6.81
CA VAL B 30 -18.99 -12.31 -6.76
C VAL B 30 -19.42 -12.70 -5.35
N ALA B 31 -20.45 -13.55 -5.25
CA ALA B 31 -20.90 -14.12 -4.00
C ALA B 31 -21.02 -15.62 -4.16
N GLN B 32 -20.44 -16.39 -3.23
CA GLN B 32 -20.48 -17.84 -3.28
C GLN B 32 -20.93 -18.39 -1.93
N TRP B 33 -21.90 -19.32 -1.98
CA TRP B 33 -22.52 -19.87 -0.79
C TRP B 33 -23.19 -21.18 -1.19
N THR B 34 -23.15 -22.16 -0.29
CA THR B 34 -23.59 -23.52 -0.59
C THR B 34 -25.01 -23.77 -0.08
N GLY B 35 -25.85 -24.34 -0.95
CA GLY B 35 -27.22 -24.65 -0.60
C GLY B 35 -27.60 -26.09 -0.87
N LYS B 36 -28.90 -26.38 -0.83
CA LYS B 36 -29.36 -27.76 -1.06
C LYS B 36 -29.04 -28.21 -2.47
N PRO B 37 -28.44 -29.39 -2.65
CA PRO B 37 -28.14 -29.87 -4.00
C PRO B 37 -29.41 -30.11 -4.80
N ARG B 38 -29.27 -30.01 -6.12
CA ARG B 38 -30.39 -30.20 -7.04
C ARG B 38 -29.88 -30.92 -8.29
N LYS B 39 -30.81 -31.53 -9.02
CA LYS B 39 -30.45 -32.14 -10.29
C LYS B 39 -30.28 -31.06 -11.34
N THR B 40 -29.12 -31.03 -11.98
CA THR B 40 -28.82 -30.14 -13.08
C THR B 40 -28.84 -30.91 -14.39
N PRO B 41 -29.02 -30.21 -15.51
CA PRO B 41 -28.85 -30.86 -16.81
C PRO B 41 -27.47 -31.51 -16.93
N GLY B 42 -27.46 -32.77 -17.36
CA GLY B 42 -26.25 -33.57 -17.24
C GLY B 42 -25.86 -33.69 -15.77
N ASP B 43 -24.58 -33.48 -15.49
CA ASP B 43 -24.13 -33.18 -14.14
C ASP B 43 -23.17 -32.01 -14.11
N LYS B 44 -22.85 -31.43 -15.27
CA LYS B 44 -22.12 -30.18 -15.32
C LYS B 44 -22.93 -29.07 -14.66
N PRO B 45 -22.27 -28.05 -14.12
CA PRO B 45 -23.01 -26.93 -13.53
C PRO B 45 -23.90 -26.23 -14.56
N LEU B 46 -25.02 -25.70 -14.07
CA LEU B 46 -25.99 -25.02 -14.91
C LEU B 46 -25.75 -23.52 -14.83
N ILE B 47 -25.83 -22.86 -15.98
CA ILE B 47 -25.53 -21.43 -16.11
C ILE B 47 -26.81 -20.66 -16.44
N VAL B 48 -27.03 -19.55 -15.72
CA VAL B 48 -28.22 -18.72 -15.86
C VAL B 48 -27.78 -17.28 -16.10
N GLU B 49 -28.18 -16.71 -17.23
CA GLU B 49 -27.75 -15.38 -17.66
C GLU B 49 -28.89 -14.37 -17.56
N ASN B 50 -28.65 -13.28 -16.83
CA ASN B 50 -29.50 -12.09 -16.84
C ASN B 50 -30.99 -12.37 -16.56
N THR B 51 -31.82 -12.09 -17.56
CA THR B 51 -33.27 -12.14 -17.44
C THR B 51 -33.77 -13.43 -16.80
N GLN B 52 -33.08 -14.54 -17.02
CA GLN B 52 -33.53 -15.84 -16.50
C GLN B 52 -33.45 -15.93 -14.97
N ILE B 53 -32.55 -15.16 -14.35
CA ILE B 53 -32.29 -15.32 -12.91
C ILE B 53 -33.55 -15.09 -12.07
N GLU B 54 -34.24 -13.98 -12.32
CA GLU B 54 -35.39 -13.61 -11.50
C GLU B 54 -36.47 -14.70 -11.49
N ARG B 55 -36.54 -15.50 -12.55
CA ARG B 55 -37.51 -16.59 -12.60
C ARG B 55 -37.21 -17.67 -11.57
N TRP B 56 -35.94 -18.04 -11.41
CA TRP B 56 -35.59 -19.11 -10.48
C TRP B 56 -35.97 -18.76 -9.05
N ILE B 57 -36.02 -17.47 -8.72
CA ILE B 57 -36.37 -17.04 -7.38
C ILE B 57 -37.84 -17.33 -7.10
N ASN B 58 -38.71 -17.14 -8.09
CA ASN B 58 -40.14 -17.41 -7.91
C ASN B 58 -40.44 -18.88 -7.65
N ASN B 59 -39.48 -19.77 -7.88
CA ASN B 59 -39.64 -21.20 -7.61
C ASN B 59 -38.95 -21.65 -6.33
N GLY B 60 -38.57 -20.71 -5.46
CA GLY B 60 -38.01 -21.05 -4.17
C GLY B 60 -36.50 -20.96 -4.05
N LEU B 61 -35.81 -20.43 -5.05
CA LEU B 61 -34.37 -20.20 -4.92
C LEU B 61 -34.16 -18.96 -4.06
N TRP B 62 -33.52 -19.14 -2.91
CA TRP B 62 -33.20 -17.98 -2.08
C TRP B 62 -31.90 -17.37 -2.62
N VAL B 63 -31.95 -16.10 -2.97
CA VAL B 63 -30.78 -15.38 -3.46
C VAL B 63 -30.68 -14.07 -2.68
N PRO B 64 -29.67 -13.93 -1.82
CA PRO B 64 -29.64 -12.76 -0.94
C PRO B 64 -29.35 -11.48 -1.72
N ALA B 65 -30.05 -10.42 -1.35
CA ALA B 65 -29.79 -9.09 -1.90
C ALA B 65 -28.56 -8.52 -1.19
N LEU B 66 -27.50 -8.25 -1.94
CA LEU B 66 -26.28 -7.67 -1.42
C LEU B 66 -26.33 -6.17 -1.70
N GLU B 67 -26.46 -5.36 -0.66
CA GLU B 67 -26.56 -3.92 -0.84
C GLU B 67 -25.20 -3.27 -0.61
N PHE B 68 -24.88 -2.32 -1.48
CA PHE B 68 -23.75 -1.41 -1.26
C PHE B 68 -24.24 -0.33 -0.29
N ILE B 69 -23.70 -0.34 0.93
CA ILE B 69 -24.19 0.56 1.97
C ILE B 69 -23.94 2.01 1.59
N ASN B 70 -22.76 2.30 1.04
CA ASN B 70 -22.31 3.66 0.80
C ASN B 70 -22.42 4.08 -0.67
N VAL B 71 -23.27 3.44 -1.45
CA VAL B 71 -23.53 3.85 -2.82
C VAL B 71 -24.65 4.89 -2.82
N VAL B 72 -24.54 5.87 -3.70
CA VAL B 72 -25.51 6.95 -3.82
C VAL B 72 -26.44 6.59 -4.97
N GLY B 73 -27.62 6.06 -4.63
CA GLY B 73 -28.55 5.61 -5.64
C GLY B 73 -28.19 4.23 -6.15
N SER B 74 -29.19 3.46 -6.56
CA SER B 74 -28.95 2.12 -7.07
C SER B 74 -27.98 2.16 -8.25
N PRO B 75 -26.96 1.31 -8.28
CA PRO B 75 -25.95 1.39 -9.35
C PRO B 75 -26.42 0.75 -10.64
N ASP B 76 -25.65 0.98 -11.70
CA ASP B 76 -25.96 0.44 -13.02
C ASP B 76 -25.50 -1.01 -13.07
N THR B 77 -26.47 -1.93 -13.09
CA THR B 77 -26.19 -3.36 -13.16
C THR B 77 -26.15 -3.78 -14.63
N GLY B 78 -24.97 -4.19 -15.09
CA GLY B 78 -24.81 -4.67 -16.45
C GLY B 78 -25.33 -6.09 -16.59
N ASN B 79 -24.49 -6.99 -17.09
CA ASN B 79 -24.89 -8.39 -17.17
C ASN B 79 -24.69 -9.06 -15.81
N LYS B 80 -25.56 -10.02 -15.52
CA LYS B 80 -25.52 -10.75 -14.26
C LYS B 80 -25.84 -12.21 -14.53
N ARG B 81 -25.17 -13.10 -13.83
CA ARG B 81 -25.30 -14.53 -14.09
C ARG B 81 -25.25 -15.33 -12.79
N LEU B 82 -25.93 -16.47 -12.81
CA LEU B 82 -25.86 -17.46 -11.75
C LEU B 82 -25.16 -18.73 -12.25
N MET B 83 -24.40 -19.36 -11.35
CA MET B 83 -23.80 -20.67 -11.60
C MET B 83 -24.32 -21.62 -10.51
N LEU B 84 -25.32 -22.44 -10.87
CA LEU B 84 -25.89 -23.41 -9.96
C LEU B 84 -25.20 -24.76 -10.15
N PHE B 85 -24.63 -25.29 -9.08
CA PHE B 85 -23.89 -26.54 -9.13
C PHE B 85 -24.77 -27.70 -8.66
N PRO B 86 -24.57 -28.90 -9.21
CA PRO B 86 -25.39 -30.05 -8.78
C PRO B 86 -25.21 -30.39 -7.32
N ASP B 87 -24.04 -30.11 -6.76
CA ASP B 87 -23.76 -30.34 -5.34
C ASP B 87 -24.30 -29.24 -4.44
N GLY B 88 -25.03 -28.27 -5.00
CA GLY B 88 -25.71 -27.29 -4.18
C GLY B 88 -25.21 -25.87 -4.22
N ARG B 89 -23.90 -25.67 -4.14
CA ARG B 89 -23.35 -24.33 -3.99
C ARG B 89 -23.72 -23.45 -5.19
N VAL B 90 -23.84 -22.15 -4.92
CA VAL B 90 -24.41 -21.19 -5.86
C VAL B 90 -23.47 -19.99 -5.97
N ILE B 91 -23.23 -19.54 -7.20
CA ILE B 91 -22.35 -18.41 -7.49
C ILE B 91 -23.17 -17.31 -8.15
N TYR B 92 -23.25 -16.15 -7.50
CA TYR B 92 -23.87 -14.97 -8.07
C TYR B 92 -22.82 -14.00 -8.58
N ASN B 93 -22.95 -13.61 -9.85
CA ASN B 93 -22.00 -12.73 -10.50
C ASN B 93 -22.76 -11.60 -11.19
N ALA B 94 -22.24 -10.38 -11.06
CA ALA B 94 -22.87 -9.23 -11.69
C ALA B 94 -21.84 -8.16 -11.93
N ARG B 95 -22.01 -7.43 -13.04
CA ARG B 95 -21.21 -6.24 -13.30
C ARG B 95 -21.99 -5.03 -12.81
N PHE B 96 -21.29 -4.07 -12.23
CA PHE B 96 -21.94 -2.87 -11.74
C PHE B 96 -21.15 -1.64 -12.16
N LEU B 97 -21.86 -0.51 -12.17
CA LEU B 97 -21.26 0.81 -12.21
C LEU B 97 -22.11 1.69 -11.30
N GLY B 98 -21.49 2.27 -10.27
CA GLY B 98 -22.25 3.00 -9.29
C GLY B 98 -21.48 4.19 -8.75
N SER B 99 -22.23 5.14 -8.21
CA SER B 99 -21.68 6.35 -7.62
C SER B 99 -21.62 6.15 -6.11
N PHE B 100 -20.40 6.11 -5.57
CA PHE B 100 -20.18 5.81 -4.17
C PHE B 100 -19.77 7.08 -3.42
N SER B 101 -19.98 7.08 -2.11
CA SER B 101 -19.74 8.23 -1.26
C SER B 101 -18.72 7.92 -0.16
N ASN B 102 -17.91 8.91 0.19
CA ASN B 102 -16.98 8.81 1.31
C ASN B 102 -16.49 10.20 1.70
N ASP B 103 -16.03 10.31 2.95
CA ASP B 103 -15.42 11.54 3.46
C ASP B 103 -14.01 11.73 2.91
N MET B 104 -13.70 12.94 2.44
CA MET B 104 -12.40 13.25 1.85
C MET B 104 -12.00 14.71 2.06
N ASP B 105 -10.78 14.92 2.55
CA ASP B 105 -10.21 16.25 2.77
C ASP B 105 -9.46 16.73 1.53
N PHE B 106 -9.82 17.93 1.04
CA PHE B 106 -9.19 18.54 -0.13
C PHE B 106 -8.41 19.82 0.23
N ARG B 107 -8.11 20.04 1.52
CA ARG B 107 -7.46 21.29 1.92
C ARG B 107 -6.03 21.41 1.39
N LEU B 108 -5.39 20.29 1.04
CA LEU B 108 -4.03 20.29 0.52
C LEU B 108 -4.00 20.15 -0.99
N PHE B 109 -4.89 20.86 -1.71
CA PHE B 109 -5.35 20.47 -3.04
C PHE B 109 -4.27 19.93 -3.96
N PRO B 110 -3.21 20.70 -4.28
CA PRO B 110 -2.27 20.21 -5.30
C PRO B 110 -1.50 18.97 -4.87
N PHE B 111 -1.60 18.55 -3.62
CA PHE B 111 -0.85 17.42 -3.11
C PHE B 111 -1.76 16.58 -2.21
N ASP B 112 -2.82 16.02 -2.81
CA ASP B 112 -3.81 15.30 -2.02
C ASP B 112 -3.40 13.87 -1.72
N ARG B 113 -3.97 13.32 -0.64
CA ARG B 113 -4.08 11.89 -0.40
C ARG B 113 -5.54 11.57 -0.12
N GLN B 114 -6.07 10.53 -0.78
CA GLN B 114 -7.46 10.11 -0.60
C GLN B 114 -7.56 8.60 -0.47
N GLN B 115 -8.72 8.16 0.03
CA GLN B 115 -8.99 6.74 0.28
C GLN B 115 -10.41 6.42 -0.16
N PHE B 116 -10.54 5.73 -1.29
CA PHE B 116 -11.85 5.33 -1.81
C PHE B 116 -12.28 4.01 -1.20
N VAL B 117 -13.53 3.93 -0.77
CA VAL B 117 -14.01 2.84 0.07
C VAL B 117 -15.33 2.29 -0.49
N LEU B 118 -15.47 0.97 -0.42
CA LEU B 118 -16.71 0.27 -0.68
C LEU B 118 -17.20 -0.37 0.62
N GLU B 119 -18.51 -0.40 0.81
CA GLU B 119 -19.10 -1.07 1.97
C GLU B 119 -20.27 -1.92 1.50
N LEU B 120 -20.07 -3.23 1.50
CA LEU B 120 -21.08 -4.21 1.09
C LEU B 120 -21.60 -4.92 2.32
N GLU B 121 -22.91 -5.18 2.32
CA GLU B 121 -23.59 -5.76 3.48
C GLU B 121 -24.94 -6.30 3.04
N PRO B 122 -25.31 -7.50 3.47
CA PRO B 122 -26.60 -8.06 3.04
C PRO B 122 -27.74 -7.17 3.51
N PHE B 123 -28.83 -7.16 2.72
CA PHE B 123 -29.88 -6.18 2.95
C PHE B 123 -30.79 -6.55 4.12
N SER B 124 -30.89 -7.84 4.44
CA SER B 124 -31.86 -8.25 5.44
C SER B 124 -31.46 -9.55 6.12
N TYR B 125 -30.17 -9.70 6.42
CA TYR B 125 -29.68 -10.96 6.96
C TYR B 125 -28.53 -10.68 7.91
N ASN B 126 -28.67 -11.18 9.14
CA ASN B 126 -27.77 -10.95 10.25
C ASN B 126 -26.96 -12.18 10.64
N ASN B 127 -27.59 -13.37 10.65
CA ASN B 127 -26.87 -14.62 10.77
C ASN B 127 -26.68 -15.29 9.41
N GLN B 128 -26.54 -14.49 8.36
CA GLN B 128 -25.89 -14.85 7.11
C GLN B 128 -24.64 -13.97 7.05
N GLN B 129 -23.48 -14.59 7.16
CA GLN B 129 -22.24 -13.88 7.47
C GLN B 129 -21.29 -13.93 6.29
N LEU B 130 -20.54 -12.84 6.09
CA LEU B 130 -19.62 -12.73 4.96
C LEU B 130 -18.28 -13.36 5.32
N ARG B 131 -17.93 -14.41 4.59
CA ARG B 131 -16.78 -15.27 4.87
C ARG B 131 -15.43 -14.56 4.71
N PHE B 132 -15.07 -14.22 3.47
CA PHE B 132 -13.81 -13.54 3.19
C PHE B 132 -13.98 -12.65 1.97
N SER B 133 -13.15 -11.60 1.90
CA SER B 133 -13.24 -10.62 0.81
C SER B 133 -11.89 -10.49 0.10
N ASP B 134 -11.94 -10.39 -1.23
CA ASP B 134 -10.76 -10.28 -2.07
C ASP B 134 -11.04 -9.25 -3.16
N ILE B 135 -9.97 -8.61 -3.63
CA ILE B 135 -10.06 -7.57 -4.67
C ILE B 135 -8.87 -7.82 -5.61
N GLN B 136 -8.64 -6.92 -6.57
CA GLN B 136 -7.42 -6.93 -7.37
C GLN B 136 -7.30 -5.60 -8.09
N VAL B 137 -6.29 -5.51 -8.96
CA VAL B 137 -5.90 -4.36 -9.77
C VAL B 137 -4.61 -4.80 -10.46
N TYR B 138 -4.21 -4.12 -11.53
CA TYR B 138 -2.92 -4.39 -12.18
C TYR B 138 -2.33 -3.08 -12.67
N THR B 139 -1.32 -2.57 -11.98
CA THR B 139 -0.68 -1.27 -12.26
C THR B 139 0.77 -1.31 -11.80
N GLU B 140 1.49 -0.21 -12.05
CA GLU B 140 2.92 -0.07 -11.77
C GLU B 140 3.25 1.34 -11.28
N ASN B 141 3.85 1.44 -10.10
CA ASN B 141 4.24 2.74 -9.51
C ASN B 141 5.67 2.67 -8.95
N ILE B 142 6.53 3.68 -9.11
CA ILE B 142 6.39 4.89 -9.92
C ILE B 142 6.78 4.58 -11.36
N ASP B 143 5.93 4.91 -12.34
CA ASP B 143 6.32 4.65 -13.72
C ASP B 143 5.65 5.58 -14.73
N ASN B 144 4.45 5.22 -15.19
CA ASN B 144 3.82 5.84 -16.35
C ASN B 144 2.73 6.84 -15.98
N GLU B 145 2.77 7.37 -14.76
CA GLU B 145 1.71 8.23 -14.25
C GLU B 145 2.06 9.71 -14.31
N GLU B 146 3.22 10.06 -14.85
CA GLU B 146 3.37 11.39 -15.44
C GLU B 146 2.42 11.59 -16.61
N ILE B 147 1.84 10.49 -17.10
CA ILE B 147 0.70 10.52 -18.00
C ILE B 147 -0.64 10.51 -17.26
N ASP B 148 -0.68 9.92 -16.07
CA ASP B 148 -1.93 9.55 -15.43
C ASP B 148 -2.38 10.60 -14.43
N GLU B 149 -3.69 10.54 -14.12
CA GLU B 149 -4.33 11.42 -13.15
C GLU B 149 -3.51 11.53 -11.87
N TRP B 150 -3.17 10.38 -11.28
CA TRP B 150 -2.49 10.37 -10.00
C TRP B 150 -2.06 8.95 -9.66
N TRP B 151 -1.13 8.85 -8.70
CA TRP B 151 -0.46 7.61 -8.38
C TRP B 151 -1.21 6.86 -7.29
N ILE B 152 -1.29 5.53 -7.43
CA ILE B 152 -2.00 4.71 -6.46
C ILE B 152 -1.01 4.02 -5.53
N ARG B 153 -0.05 4.78 -5.02
CA ARG B 153 0.70 4.36 -3.85
C ARG B 153 -0.29 3.82 -2.83
N GLY B 154 -0.36 2.52 -2.72
CA GLY B 154 -1.41 1.86 -1.98
C GLY B 154 -1.67 0.48 -2.54
N LYS B 155 -2.67 -0.18 -1.95
CA LYS B 155 -3.07 -1.57 -2.28
C LYS B 155 -4.36 -1.96 -1.55
N ALA B 156 -4.62 -3.28 -1.39
CA ALA B 156 -5.91 -3.88 -1.06
C ALA B 156 -6.67 -3.21 0.08
N SER B 157 -6.51 -3.71 1.33
CA SER B 157 -7.08 -3.21 2.59
C SER B 157 -8.49 -3.75 2.90
N THR B 158 -8.59 -5.04 3.28
CA THR B 158 -9.84 -5.75 3.58
C THR B 158 -10.22 -5.67 5.06
N HIS B 159 -11.53 -5.63 5.35
CA HIS B 159 -11.97 -5.61 6.75
C HIS B 159 -13.02 -6.67 7.13
N ILE B 160 -14.30 -6.49 6.74
CA ILE B 160 -15.39 -7.44 7.02
C ILE B 160 -15.74 -7.55 8.51
N SER B 161 -16.13 -6.47 9.16
CA SER B 161 -16.47 -6.57 10.58
C SER B 161 -17.99 -6.73 10.74
N ASP B 162 -18.49 -6.50 11.95
CA ASP B 162 -19.91 -6.64 12.28
C ASP B 162 -20.44 -5.30 12.76
N ILE B 163 -21.68 -5.00 12.38
CA ILE B 163 -22.31 -3.72 12.67
C ILE B 163 -23.46 -3.93 13.64
N ARG B 164 -23.66 -2.98 14.56
CA ARG B 164 -24.63 -3.17 15.63
C ARG B 164 -26.05 -2.80 15.20
N TYR B 165 -26.27 -1.57 14.75
CA TYR B 165 -27.61 -1.07 14.41
C TYR B 165 -28.59 -1.29 15.56
N ASP B 166 -28.44 -0.47 16.61
CA ASP B 166 -29.16 -0.68 17.86
C ASP B 166 -30.61 -0.20 17.82
N HIS B 167 -31.15 0.18 16.67
CA HIS B 167 -32.50 0.73 16.59
C HIS B 167 -33.53 -0.32 16.21
N LEU B 168 -34.64 -0.32 16.93
CA LEU B 168 -35.70 -1.32 16.81
C LEU B 168 -35.11 -2.74 16.76
N SER B 169 -34.22 -3.00 17.71
CA SER B 169 -33.78 -4.37 17.94
C SER B 169 -34.89 -5.23 18.52
N SER B 170 -35.93 -4.61 19.08
CA SER B 170 -37.09 -5.34 19.57
C SER B 170 -37.99 -5.85 18.45
N VAL B 171 -37.80 -5.39 17.22
CA VAL B 171 -38.47 -6.00 16.07
C VAL B 171 -38.18 -7.49 16.02
N GLN B 172 -36.91 -7.85 16.21
CA GLN B 172 -36.50 -9.24 16.38
C GLN B 172 -35.49 -9.19 17.53
N PRO B 173 -35.91 -9.47 18.75
CA PRO B 173 -35.03 -9.28 19.90
C PRO B 173 -33.85 -10.22 19.87
N ASN B 174 -32.67 -9.67 20.15
CA ASN B 174 -31.37 -10.32 20.35
C ASN B 174 -30.57 -10.46 19.06
N GLN B 175 -31.14 -10.10 17.90
CA GLN B 175 -30.47 -10.36 16.62
C GLN B 175 -30.61 -9.13 15.73
N ASN B 176 -29.53 -8.37 15.60
CA ASN B 176 -29.49 -7.25 14.67
C ASN B 176 -28.06 -6.88 14.27
N GLU B 177 -27.14 -7.83 14.33
CA GLU B 177 -25.74 -7.58 13.96
C GLU B 177 -25.52 -8.06 12.53
N PHE B 178 -25.18 -7.14 11.66
CA PHE B 178 -25.03 -7.45 10.24
C PHE B 178 -23.55 -7.50 9.86
N SER B 179 -23.23 -8.36 8.89
CA SER B 179 -21.87 -8.58 8.45
C SER B 179 -21.59 -7.64 7.28
N ARG B 180 -20.57 -6.80 7.42
CA ARG B 180 -20.27 -5.77 6.44
C ARG B 180 -18.83 -5.87 5.96
N ILE B 181 -18.66 -6.20 4.69
CA ILE B 181 -17.35 -6.07 4.06
C ILE B 181 -17.05 -4.61 3.82
N THR B 182 -15.83 -4.19 4.19
CA THR B 182 -15.35 -2.84 3.91
C THR B 182 -14.00 -2.92 3.23
N VAL B 183 -13.90 -2.30 2.05
CA VAL B 183 -12.67 -2.21 1.27
C VAL B 183 -12.28 -0.74 1.16
N ARG B 184 -10.97 -0.47 1.25
CA ARG B 184 -10.46 0.90 1.14
C ARG B 184 -9.19 0.91 0.31
N ILE B 185 -9.06 1.90 -0.56
CA ILE B 185 -7.93 2.00 -1.48
C ILE B 185 -7.33 3.40 -1.37
N ASP B 186 -6.04 3.47 -1.08
CA ASP B 186 -5.33 4.72 -0.90
C ASP B 186 -4.79 5.24 -2.23
N ALA B 187 -4.69 6.57 -2.34
CA ALA B 187 -4.22 7.21 -3.57
C ALA B 187 -3.74 8.62 -3.25
N VAL B 188 -2.84 9.13 -4.10
CA VAL B 188 -2.22 10.43 -3.93
C VAL B 188 -2.39 11.20 -5.22
N ARG B 189 -2.57 12.52 -5.12
CA ARG B 189 -2.80 13.38 -6.28
C ARG B 189 -1.49 13.72 -6.99
N ASN B 190 -1.38 13.37 -8.27
CA ASN B 190 -0.24 13.77 -9.08
C ASN B 190 -0.24 15.28 -9.25
N PRO B 191 0.65 16.00 -8.56
CA PRO B 191 0.59 17.48 -8.57
C PRO B 191 1.09 18.11 -9.85
N SER B 192 1.69 17.31 -10.75
CA SER B 192 2.41 17.83 -11.90
C SER B 192 1.70 19.00 -12.57
N TYR B 193 0.41 18.84 -12.86
CA TYR B 193 -0.30 19.85 -13.64
C TYR B 193 -0.49 21.13 -12.83
N TYR B 194 -0.90 21.02 -11.57
CA TYR B 194 -1.20 22.22 -10.79
C TYR B 194 0.05 22.97 -10.36
N LEU B 195 1.17 22.28 -10.20
CA LEU B 195 2.43 23.00 -9.97
C LEU B 195 2.93 23.61 -11.27
N TRP B 196 3.19 22.77 -12.27
CA TRP B 196 3.78 23.22 -13.52
C TRP B 196 2.93 24.28 -14.20
N SER B 197 1.60 24.27 -13.99
CA SER B 197 0.69 25.16 -14.71
C SER B 197 -0.15 26.10 -13.84
N PHE B 198 -0.13 25.98 -12.51
CA PHE B 198 -0.92 26.88 -11.68
C PHE B 198 -0.09 27.53 -10.57
N ILE B 199 0.61 26.71 -9.78
CA ILE B 199 1.43 27.25 -8.70
C ILE B 199 2.49 28.19 -9.27
N LEU B 200 3.15 27.76 -10.35
CA LEU B 200 4.22 28.55 -10.94
C LEU B 200 3.75 29.91 -11.44
N PRO B 201 2.74 30.01 -12.32
CA PRO B 201 2.34 31.36 -12.79
C PRO B 201 1.92 32.30 -11.68
N LEU B 202 1.22 31.78 -10.66
CA LEU B 202 0.77 32.65 -9.57
C LEU B 202 1.96 33.26 -8.85
N GLY B 203 2.97 32.45 -8.54
CA GLY B 203 4.16 32.97 -7.90
C GLY B 203 4.85 34.03 -8.72
N LEU B 204 5.03 33.77 -10.02
CA LEU B 204 5.62 34.78 -10.91
C LEU B 204 4.81 36.07 -10.90
N ILE B 205 3.48 35.95 -10.91
CA ILE B 205 2.64 37.12 -10.83
C ILE B 205 2.87 37.84 -9.51
N ILE B 206 2.87 37.08 -8.41
CA ILE B 206 3.18 37.64 -7.10
C ILE B 206 4.61 38.18 -7.09
N ALA B 207 5.54 37.42 -7.67
CA ALA B 207 6.93 37.88 -7.74
C ALA B 207 7.06 39.16 -8.56
N ALA B 208 6.51 39.17 -9.77
CA ALA B 208 6.54 40.37 -10.60
C ALA B 208 5.88 41.56 -9.91
N SER B 209 4.91 41.28 -9.02
CA SER B 209 4.29 42.36 -8.25
C SER B 209 5.31 43.15 -7.46
N TRP B 210 6.33 42.48 -6.93
CA TRP B 210 7.34 43.15 -6.11
C TRP B 210 8.22 44.10 -6.90
N SER B 211 8.35 43.88 -8.22
CA SER B 211 9.18 44.74 -9.05
C SER B 211 8.62 46.16 -9.12
N VAL B 212 7.47 46.40 -8.48
CA VAL B 212 6.90 47.73 -8.43
C VAL B 212 7.82 48.68 -7.68
N PHE B 213 8.62 48.16 -6.75
CA PHE B 213 9.50 48.99 -5.94
C PHE B 213 10.69 49.54 -6.69
N TRP B 214 11.01 49.02 -7.88
CA TRP B 214 12.10 49.54 -8.68
C TRP B 214 11.66 50.64 -9.63
N LEU B 215 10.40 51.06 -9.58
CA LEU B 215 9.96 52.22 -10.32
C LEU B 215 10.45 53.48 -9.62
N GLU B 216 10.98 54.42 -10.40
CA GLU B 216 11.65 55.56 -9.80
C GLU B 216 10.65 56.51 -9.14
N SER B 217 9.65 56.97 -9.90
CA SER B 217 8.67 57.90 -9.36
C SER B 217 7.70 57.17 -8.41
N PHE B 218 6.81 57.95 -7.80
CA PHE B 218 5.73 57.41 -6.97
C PHE B 218 4.45 57.17 -7.75
N SER B 219 4.07 58.11 -8.62
CA SER B 219 2.91 57.91 -9.49
C SER B 219 3.08 56.65 -10.33
N GLU B 220 4.30 56.41 -10.82
CA GLU B 220 4.59 55.15 -11.51
C GLU B 220 4.29 53.95 -10.61
N ARG B 221 4.77 54.00 -9.36
CA ARG B 221 4.57 52.91 -8.42
C ARG B 221 3.09 52.64 -8.16
N LEU B 222 2.35 53.68 -7.76
CA LEU B 222 0.97 53.50 -7.32
C LEU B 222 0.06 53.07 -8.46
N GLN B 223 0.16 53.73 -9.61
CA GLN B 223 -0.70 53.36 -10.74
C GLN B 223 -0.46 51.93 -11.19
N THR B 224 0.81 51.51 -11.25
CA THR B 224 1.14 50.14 -11.61
C THR B 224 0.48 49.14 -10.66
N SER B 225 0.31 49.52 -9.40
CA SER B 225 -0.30 48.63 -8.41
C SER B 225 -1.69 48.16 -8.85
N PHE B 226 -2.51 49.07 -9.37
CA PHE B 226 -3.87 48.69 -9.77
C PHE B 226 -3.87 47.69 -10.92
N THR B 227 -2.89 47.79 -11.83
CA THR B 227 -2.76 46.79 -12.88
C THR B 227 -2.37 45.44 -12.28
N LEU B 228 -1.43 45.45 -11.34
CA LEU B 228 -1.09 44.23 -10.61
C LEU B 228 -2.29 43.72 -9.80
N MET B 229 -3.03 44.63 -9.18
CA MET B 229 -4.27 44.28 -8.51
C MET B 229 -5.21 43.55 -9.47
N LEU B 230 -5.45 44.16 -10.64
CA LEU B 230 -6.28 43.56 -11.67
C LEU B 230 -5.70 42.21 -12.10
N THR B 231 -4.37 42.10 -12.15
CA THR B 231 -3.73 40.85 -12.55
C THR B 231 -4.08 39.71 -11.60
N VAL B 232 -4.17 39.99 -10.30
CA VAL B 232 -4.53 38.96 -9.33
C VAL B 232 -5.98 38.54 -9.52
N VAL B 233 -6.88 39.53 -9.67
CA VAL B 233 -8.29 39.23 -9.87
C VAL B 233 -8.49 38.32 -11.08
N ALA B 234 -7.80 38.63 -12.18
CA ALA B 234 -7.87 37.76 -13.36
C ALA B 234 -7.39 36.35 -13.03
N TYR B 235 -6.23 36.23 -12.38
CA TYR B 235 -5.71 34.90 -12.06
C TYR B 235 -6.57 34.20 -11.02
N ALA B 236 -7.17 34.97 -10.10
CA ALA B 236 -8.13 34.38 -9.17
C ALA B 236 -9.29 33.78 -9.94
N PHE B 237 -9.77 34.47 -10.97
CA PHE B 237 -10.86 33.97 -11.79
C PHE B 237 -10.45 32.71 -12.56
N TYR B 238 -9.35 32.81 -13.31
CA TYR B 238 -8.82 31.66 -14.04
C TYR B 238 -8.57 30.47 -13.13
N THR B 239 -8.09 30.73 -11.91
CA THR B 239 -7.99 29.68 -10.91
C THR B 239 -9.35 29.07 -10.61
N SER B 240 -10.33 29.91 -10.27
CA SER B 240 -11.61 29.43 -9.75
C SER B 240 -12.41 28.69 -10.81
N ASN B 241 -12.37 29.14 -12.07
CA ASN B 241 -13.15 28.48 -13.11
C ASN B 241 -12.65 27.06 -13.37
N ILE B 242 -11.33 26.89 -13.46
CA ILE B 242 -10.78 25.60 -13.87
C ILE B 242 -10.63 24.66 -12.68
N LEU B 243 -10.26 25.18 -11.52
CA LEU B 243 -10.05 24.30 -10.39
C LEU B 243 -11.39 23.82 -9.84
N PRO B 244 -11.43 22.62 -9.23
CA PRO B 244 -12.70 22.09 -8.76
C PRO B 244 -13.25 22.88 -7.57
N ARG B 245 -14.53 23.24 -7.66
CA ARG B 245 -15.14 24.06 -6.61
C ARG B 245 -15.23 23.30 -5.30
N LEU B 246 -14.94 23.99 -4.22
CA LEU B 246 -14.87 23.43 -2.87
C LEU B 246 -15.46 24.43 -1.90
N PRO B 247 -15.83 23.98 -0.70
CA PRO B 247 -16.34 24.92 0.30
C PRO B 247 -15.28 25.35 1.30
N TYR B 248 -14.00 25.18 0.94
CA TYR B 248 -12.90 25.62 1.79
C TYR B 248 -11.74 26.08 0.93
N THR B 249 -10.75 26.67 1.59
CA THR B 249 -9.58 27.24 0.93
C THR B 249 -8.55 26.14 0.64
N THR B 250 -8.26 25.91 -0.64
CA THR B 250 -7.21 24.99 -1.04
C THR B 250 -5.85 25.68 -0.86
N VAL B 251 -4.77 24.95 -1.14
CA VAL B 251 -3.44 25.57 -1.10
C VAL B 251 -3.33 26.66 -2.16
N ILE B 252 -3.73 26.34 -3.40
CA ILE B 252 -3.76 27.34 -4.46
C ILE B 252 -4.63 28.52 -4.06
N ASP B 253 -5.85 28.25 -3.59
CA ASP B 253 -6.77 29.32 -3.21
C ASP B 253 -6.17 30.24 -2.16
N GLN B 254 -5.38 29.69 -1.23
CA GLN B 254 -4.69 30.53 -0.26
C GLN B 254 -3.61 31.37 -0.95
N MET B 255 -2.84 30.77 -1.87
CA MET B 255 -1.85 31.52 -2.62
C MET B 255 -2.48 32.69 -3.36
N ILE B 256 -3.73 32.56 -3.81
CA ILE B 256 -4.42 33.66 -4.45
C ILE B 256 -4.62 34.80 -3.46
N ILE B 257 -4.99 34.46 -2.22
CA ILE B 257 -5.13 35.49 -1.19
C ILE B 257 -3.78 36.12 -0.90
N ALA B 258 -2.70 35.34 -0.98
CA ALA B 258 -1.36 35.88 -0.76
C ALA B 258 -1.02 36.97 -1.77
N GLY B 259 -1.39 36.76 -3.04
CA GLY B 259 -1.20 37.80 -4.04
C GLY B 259 -2.01 39.04 -3.72
N TYR B 260 -3.32 38.87 -3.51
CA TYR B 260 -4.19 39.98 -3.11
C TYR B 260 -3.58 40.78 -1.97
N GLY B 261 -2.94 40.10 -1.01
CA GLY B 261 -2.36 40.79 0.13
C GLY B 261 -1.08 41.53 -0.20
N SER B 262 -0.13 40.83 -0.82
CA SER B 262 1.18 41.43 -1.12
C SER B 262 1.04 42.73 -1.89
N ILE B 263 0.10 42.79 -2.82
CA ILE B 263 -0.11 44.00 -3.60
C ILE B 263 -0.77 45.09 -2.75
N PHE B 264 -1.75 44.70 -1.92
CA PHE B 264 -2.39 45.68 -1.05
C PHE B 264 -1.44 46.24 0.00
N ALA B 265 -0.52 45.42 0.50
CA ALA B 265 0.46 45.94 1.46
C ALA B 265 1.36 46.98 0.82
N ALA B 266 1.83 46.70 -0.40
CA ALA B 266 2.59 47.70 -1.16
C ALA B 266 1.79 48.99 -1.30
N ILE B 267 0.50 48.86 -1.64
CA ILE B 267 -0.38 50.04 -1.76
C ILE B 267 -0.24 50.93 -0.54
N LEU B 268 -0.26 50.34 0.66
CA LEU B 268 -0.15 51.15 1.87
C LEU B 268 1.25 51.74 2.02
N LEU B 269 2.29 50.91 1.83
CA LEU B 269 3.66 51.41 1.89
C LEU B 269 3.89 52.53 0.87
N ILE B 270 3.54 52.28 -0.40
CA ILE B 270 3.71 53.29 -1.44
C ILE B 270 3.11 54.61 -1.01
N ILE B 271 1.98 54.57 -0.32
CA ILE B 271 1.34 55.80 0.16
C ILE B 271 2.02 56.31 1.42
N PHE B 272 2.28 55.41 2.39
CA PHE B 272 2.89 55.83 3.64
C PHE B 272 4.34 56.31 3.45
N ALA B 273 5.07 55.71 2.51
CA ALA B 273 6.41 56.20 2.19
C ALA B 273 6.37 57.66 1.76
N HIS B 274 5.31 58.07 1.06
CA HIS B 274 5.27 59.41 0.50
C HIS B 274 5.00 60.45 1.60
N HIS B 275 4.23 60.08 2.62
CA HIS B 275 3.79 61.03 3.65
C HIS B 275 4.37 60.74 5.02
N ARG B 276 5.43 59.93 5.10
CA ARG B 276 6.25 59.79 6.29
C ARG B 276 7.61 60.42 5.96
N GLN B 277 7.68 61.75 6.06
CA GLN B 277 8.79 62.49 5.49
C GLN B 277 9.31 63.51 6.48
N ALA B 278 10.43 64.12 6.13
CA ALA B 278 10.99 65.23 6.90
C ALA B 278 10.47 66.58 6.44
N ASN B 279 10.00 66.69 5.20
CA ASN B 279 9.37 67.91 4.71
C ASN B 279 7.91 67.66 4.38
N GLY B 280 7.56 67.64 3.09
CA GLY B 280 6.19 67.39 2.68
C GLY B 280 6.07 66.28 1.67
N VAL B 281 6.96 66.28 0.67
CA VAL B 281 6.97 65.27 -0.38
C VAL B 281 8.40 64.72 -0.44
N GLU B 282 8.65 63.65 0.28
CA GLU B 282 9.95 62.99 0.27
C GLU B 282 9.76 61.51 0.54
N ASP B 283 10.16 60.67 -0.41
CA ASP B 283 10.11 59.23 -0.20
C ASP B 283 11.22 58.85 0.77
N ASP B 284 10.82 58.40 1.96
CA ASP B 284 11.65 58.12 3.13
C ASP B 284 12.95 57.40 2.78
N LEU B 285 14.06 58.04 3.11
CA LEU B 285 15.38 57.46 2.88
C LEU B 285 15.48 56.14 3.61
N LEU B 286 15.68 55.06 2.83
CA LEU B 286 15.80 53.66 3.25
C LEU B 286 14.47 52.89 3.14
N ILE B 287 13.38 53.55 2.79
CA ILE B 287 12.07 52.89 2.81
C ILE B 287 11.70 52.33 1.43
N GLN B 288 11.96 53.09 0.36
CA GLN B 288 11.68 52.61 -0.98
C GLN B 288 12.70 51.58 -1.46
N ARG B 289 13.78 51.39 -0.71
CA ARG B 289 14.72 50.30 -0.97
C ARG B 289 14.42 49.05 -0.16
N CYS B 290 13.13 48.77 0.05
CA CYS B 290 12.71 47.41 0.37
C CYS B 290 12.51 46.58 -0.90
N ARG B 291 13.24 46.93 -1.96
CA ARG B 291 13.10 46.26 -3.25
C ARG B 291 13.37 44.77 -3.13
N LEU B 292 14.43 44.39 -2.41
CA LEU B 292 14.65 43.01 -2.02
C LEU B 292 14.49 42.85 -0.52
N ALA B 293 13.41 43.39 0.02
CA ALA B 293 12.99 43.14 1.41
C ALA B 293 11.53 42.76 1.53
N PHE B 294 10.68 43.16 0.59
CA PHE B 294 9.32 42.67 0.46
C PHE B 294 9.30 41.22 -0.02
N PRO B 295 10.13 40.84 -1.02
CA PRO B 295 10.24 39.41 -1.33
C PRO B 295 10.63 38.57 -0.13
N LEU B 296 11.54 39.08 0.71
CA LEU B 296 11.92 38.34 1.91
C LEU B 296 10.78 38.26 2.90
N GLY B 297 10.03 39.37 3.06
CA GLY B 297 8.89 39.36 3.95
C GLY B 297 7.79 38.43 3.50
N PHE B 298 7.54 38.37 2.19
CA PHE B 298 6.51 37.47 1.68
C PHE B 298 6.93 36.02 1.86
N LEU B 299 8.19 35.70 1.56
CA LEU B 299 8.68 34.34 1.71
C LEU B 299 8.72 33.91 3.18
N ALA B 300 8.89 34.87 4.09
CA ALA B 300 8.92 34.53 5.51
C ALA B 300 7.56 34.08 6.02
N ILE B 301 6.49 34.76 5.61
CA ILE B 301 5.15 34.36 6.04
C ILE B 301 4.66 33.12 5.28
N GLY B 302 5.20 32.87 4.09
CA GLY B 302 4.84 31.72 3.29
C GLY B 302 5.46 30.42 3.75
N CYS B 303 6.26 30.47 4.82
CA CYS B 303 6.80 29.27 5.45
C CYS B 303 6.02 28.89 6.71
N VAL B 304 5.13 29.76 7.18
CA VAL B 304 4.21 29.40 8.25
C VAL B 304 2.92 28.82 7.70
N LEU B 305 2.64 28.99 6.41
CA LEU B 305 1.55 28.28 5.76
C LEU B 305 1.82 26.78 5.68
N VAL B 306 3.09 26.36 5.69
CA VAL B 306 3.41 24.94 5.59
C VAL B 306 3.16 24.25 6.93
N ILE B 307 3.69 24.81 8.02
CA ILE B 307 3.52 24.23 9.34
C ILE B 307 2.81 25.20 10.27
N PRO C 1 -17.93 -27.12 -28.27
CA PRO C 1 -17.09 -25.96 -28.57
C PRO C 1 -17.74 -25.03 -29.59
N VAL C 2 -18.77 -24.30 -29.17
CA VAL C 2 -19.67 -23.63 -30.10
C VAL C 2 -18.93 -22.55 -30.86
N ASP C 3 -19.14 -22.51 -32.18
CA ASP C 3 -18.59 -21.47 -33.04
C ASP C 3 -19.55 -20.30 -33.14
N VAL C 4 -19.03 -19.08 -33.06
CA VAL C 4 -19.82 -17.87 -33.16
C VAL C 4 -19.13 -16.90 -34.12
N SER C 5 -19.79 -16.61 -35.24
CA SER C 5 -19.33 -15.54 -36.11
C SER C 5 -19.82 -14.20 -35.58
N VAL C 6 -18.99 -13.17 -35.73
CA VAL C 6 -19.32 -11.84 -35.24
C VAL C 6 -18.96 -10.81 -36.29
N SER C 7 -19.89 -9.89 -36.55
CA SER C 7 -19.63 -8.72 -37.38
C SER C 7 -20.18 -7.52 -36.65
N ILE C 8 -19.39 -6.46 -36.56
CA ILE C 8 -19.75 -5.26 -35.81
C ILE C 8 -19.72 -4.12 -36.81
N PHE C 9 -20.90 -3.56 -37.09
CA PHE C 9 -21.02 -2.41 -37.98
C PHE C 9 -20.89 -1.16 -37.13
N ILE C 10 -19.95 -0.29 -37.48
CA ILE C 10 -19.72 0.95 -36.74
C ILE C 10 -20.39 2.09 -37.51
N ASN C 11 -21.31 2.77 -36.85
CA ASN C 11 -22.04 3.88 -37.46
C ASN C 11 -21.45 5.24 -37.11
N LYS C 12 -20.95 5.42 -35.88
CA LYS C 12 -20.51 6.75 -35.48
C LYS C 12 -19.61 6.63 -34.26
N ILE C 13 -18.49 7.36 -34.29
CA ILE C 13 -17.63 7.58 -33.13
C ILE C 13 -18.13 8.97 -32.75
N TYR C 14 -17.28 9.79 -32.11
CA TYR C 14 -17.54 11.18 -31.65
C TYR C 14 -17.25 11.34 -30.17
N GLY C 15 -17.65 12.52 -29.68
CA GLY C 15 -17.72 12.89 -28.28
C GLY C 15 -16.75 12.15 -27.39
N VAL C 16 -15.51 12.51 -27.57
CA VAL C 16 -14.44 12.03 -26.73
C VAL C 16 -14.53 12.76 -25.40
N ASN C 17 -14.37 12.03 -24.31
CA ASN C 17 -14.36 12.65 -22.99
C ASN C 17 -12.90 12.59 -22.55
N THR C 18 -12.18 13.68 -22.81
CA THR C 18 -10.74 13.70 -22.64
C THR C 18 -10.37 13.40 -21.19
N LEU C 19 -11.16 13.90 -20.24
CA LEU C 19 -10.85 13.67 -18.83
C LEU C 19 -11.09 12.22 -18.44
N GLU C 20 -12.32 11.73 -18.65
CA GLU C 20 -12.63 10.36 -18.26
C GLU C 20 -12.01 9.33 -19.18
N GLN C 21 -11.39 9.76 -20.29
CA GLN C 21 -10.87 8.87 -21.31
C GLN C 21 -11.98 7.93 -21.75
N THR C 22 -12.87 8.44 -22.60
CA THR C 22 -14.15 7.80 -22.89
C THR C 22 -14.65 8.32 -24.23
N TYR C 23 -15.18 7.41 -25.03
CA TYR C 23 -15.76 7.77 -26.31
C TYR C 23 -16.98 6.89 -26.54
N LYS C 24 -17.90 7.38 -27.36
CA LYS C 24 -19.15 6.69 -27.63
C LYS C 24 -19.08 6.10 -29.03
N VAL C 25 -19.63 4.89 -29.18
CA VAL C 25 -19.65 4.19 -30.46
C VAL C 25 -21.07 3.69 -30.68
N ASP C 26 -21.67 4.11 -31.80
CA ASP C 26 -22.98 3.66 -32.22
C ASP C 26 -22.84 2.76 -33.43
N GLY C 27 -23.59 1.67 -33.43
CA GLY C 27 -23.55 0.74 -34.54
C GLY C 27 -24.32 -0.52 -34.20
N TYR C 28 -24.18 -1.50 -35.07
CA TYR C 28 -24.87 -2.77 -34.91
C TYR C 28 -23.87 -3.86 -34.59
N ILE C 29 -24.37 -4.99 -34.13
CA ILE C 29 -23.55 -6.17 -33.82
C ILE C 29 -24.35 -7.40 -34.20
N VAL C 30 -23.64 -8.39 -34.74
CA VAL C 30 -24.26 -9.58 -35.32
C VAL C 30 -23.56 -10.80 -34.76
N ALA C 31 -24.33 -11.80 -34.36
CA ALA C 31 -23.80 -13.08 -33.91
C ALA C 31 -24.49 -14.18 -34.71
N GLN C 32 -23.71 -15.09 -35.28
CA GLN C 32 -24.23 -16.19 -36.07
C GLN C 32 -23.60 -17.49 -35.59
N TRP C 33 -24.45 -18.49 -35.37
CA TRP C 33 -24.01 -19.77 -34.82
C TRP C 33 -25.06 -20.81 -35.13
N THR C 34 -24.61 -22.03 -35.42
CA THR C 34 -25.49 -23.11 -35.87
C THR C 34 -25.86 -23.98 -34.67
N GLY C 35 -27.15 -24.28 -34.54
CA GLY C 35 -27.64 -25.10 -33.45
C GLY C 35 -28.42 -26.27 -33.97
N LYS C 36 -29.18 -26.96 -33.11
CA LYS C 36 -29.91 -28.13 -33.56
C LYS C 36 -30.94 -27.71 -34.60
N PRO C 37 -30.94 -28.30 -35.79
CA PRO C 37 -31.90 -27.93 -36.83
C PRO C 37 -33.31 -28.31 -36.46
N ARG C 38 -34.28 -27.50 -36.93
CA ARG C 38 -35.68 -27.88 -36.79
C ARG C 38 -36.52 -27.12 -37.82
N LYS C 39 -37.80 -26.91 -37.50
CA LYS C 39 -38.81 -26.48 -38.45
C LYS C 39 -39.28 -25.06 -38.13
N THR C 40 -39.26 -24.22 -39.14
CA THR C 40 -39.78 -22.87 -39.07
C THR C 40 -41.13 -22.82 -39.77
N PRO C 41 -41.97 -21.83 -39.47
CA PRO C 41 -43.17 -21.63 -40.29
C PRO C 41 -42.79 -21.50 -41.75
N GLY C 42 -43.47 -22.28 -42.59
CA GLY C 42 -42.99 -22.49 -43.95
C GLY C 42 -41.63 -23.15 -43.93
N ASP C 43 -40.72 -22.63 -44.76
CA ASP C 43 -39.30 -22.90 -44.58
C ASP C 43 -38.44 -21.66 -44.68
N LYS C 44 -39.04 -20.49 -44.88
CA LYS C 44 -38.28 -19.26 -44.79
C LYS C 44 -37.74 -19.14 -43.37
N PRO C 45 -36.60 -18.48 -43.19
CA PRO C 45 -36.10 -18.25 -41.83
C PRO C 45 -37.11 -17.46 -41.00
N LEU C 46 -37.09 -17.73 -39.70
CA LEU C 46 -38.02 -17.10 -38.78
C LEU C 46 -37.37 -15.86 -38.16
N ILE C 47 -38.14 -14.77 -38.08
CA ILE C 47 -37.64 -13.50 -37.58
C ILE C 47 -38.36 -13.19 -36.26
N VAL C 48 -37.57 -12.83 -35.26
CA VAL C 48 -38.05 -12.53 -33.90
C VAL C 48 -37.49 -11.17 -33.52
N GLU C 49 -38.37 -10.20 -33.29
CA GLU C 49 -37.99 -8.81 -33.08
C GLU C 49 -38.15 -8.40 -31.63
N ASN C 50 -37.08 -7.90 -31.02
CA ASN C 50 -37.11 -7.20 -29.74
C ASN C 50 -37.82 -7.96 -28.64
N THR C 51 -38.95 -7.41 -28.18
CA THR C 51 -39.71 -7.97 -27.08
C THR C 51 -39.96 -9.46 -27.27
N GLN C 52 -40.11 -9.90 -28.52
CA GLN C 52 -40.36 -11.30 -28.79
C GLN C 52 -39.15 -12.18 -28.49
N ILE C 53 -37.94 -11.63 -28.61
CA ILE C 53 -36.74 -12.42 -28.36
C ILE C 53 -36.73 -12.91 -26.92
N GLU C 54 -37.00 -12.01 -25.98
CA GLU C 54 -37.00 -12.34 -24.56
C GLU C 54 -37.99 -13.46 -24.24
N ARG C 55 -39.08 -13.58 -25.00
CA ARG C 55 -40.02 -14.68 -24.80
C ARG C 55 -39.42 -16.01 -25.22
N TRP C 56 -38.72 -16.04 -26.36
CA TRP C 56 -38.14 -17.28 -26.88
C TRP C 56 -37.12 -17.90 -25.95
N ILE C 57 -36.47 -17.08 -25.13
CA ILE C 57 -35.41 -17.58 -24.25
C ILE C 57 -35.98 -18.50 -23.17
N ASN C 58 -37.14 -18.15 -22.61
CA ASN C 58 -37.73 -18.92 -21.52
C ASN C 58 -38.19 -20.32 -21.94
N ASN C 59 -38.21 -20.64 -23.23
CA ASN C 59 -38.50 -21.98 -23.69
C ASN C 59 -37.23 -22.75 -24.05
N GLY C 60 -36.08 -22.29 -23.59
CA GLY C 60 -34.84 -23.01 -23.74
C GLY C 60 -33.92 -22.57 -24.85
N LEU C 61 -34.21 -21.47 -25.53
CA LEU C 61 -33.26 -20.97 -26.53
C LEU C 61 -32.08 -20.35 -25.81
N TRP C 62 -30.90 -20.95 -25.99
CA TRP C 62 -29.70 -20.40 -25.41
C TRP C 62 -29.19 -19.28 -26.32
N VAL C 63 -29.05 -18.09 -25.77
CA VAL C 63 -28.50 -16.96 -26.52
C VAL C 63 -27.44 -16.34 -25.61
N PRO C 64 -26.16 -16.47 -25.95
CA PRO C 64 -25.12 -16.06 -25.01
C PRO C 64 -25.11 -14.56 -24.81
N ALA C 65 -24.87 -14.16 -23.56
CA ALA C 65 -24.70 -12.75 -23.27
C ALA C 65 -23.32 -12.34 -23.74
N LEU C 66 -23.29 -11.42 -24.70
CA LEU C 66 -22.05 -10.89 -25.23
C LEU C 66 -21.83 -9.56 -24.52
N GLU C 67 -20.83 -9.49 -23.66
CA GLU C 67 -20.60 -8.27 -22.91
C GLU C 67 -19.53 -7.43 -23.58
N PHE C 68 -19.80 -6.13 -23.68
CA PHE C 68 -18.80 -5.15 -24.08
C PHE C 68 -17.91 -4.91 -22.87
N ILE C 69 -16.67 -5.42 -22.92
CA ILE C 69 -15.80 -5.38 -21.75
C ILE C 69 -15.45 -3.95 -21.39
N ASN C 70 -15.19 -3.11 -22.40
CA ASN C 70 -14.70 -1.76 -22.17
C ASN C 70 -15.80 -0.71 -22.30
N VAL C 71 -17.06 -1.11 -22.14
CA VAL C 71 -18.17 -0.17 -22.09
C VAL C 71 -18.30 0.29 -20.64
N VAL C 72 -18.64 1.56 -20.46
CA VAL C 72 -18.75 2.16 -19.13
C VAL C 72 -20.24 2.13 -18.79
N GLY C 73 -20.65 1.13 -17.99
CA GLY C 73 -22.05 0.98 -17.72
C GLY C 73 -22.72 0.23 -18.86
N SER C 74 -23.81 -0.47 -18.55
CA SER C 74 -24.51 -1.24 -19.58
C SER C 74 -24.91 -0.30 -20.72
N PRO C 75 -24.66 -0.67 -21.97
CA PRO C 75 -24.97 0.23 -23.09
C PRO C 75 -26.45 0.19 -23.43
N ASP C 76 -26.85 1.16 -24.25
CA ASP C 76 -28.24 1.27 -24.68
C ASP C 76 -28.46 0.34 -25.87
N THR C 77 -29.26 -0.71 -25.66
CA THR C 77 -29.60 -1.65 -26.73
C THR C 77 -30.82 -1.12 -27.46
N GLY C 78 -30.64 -0.79 -28.74
CA GLY C 78 -31.76 -0.33 -29.53
C GLY C 78 -32.66 -1.49 -29.92
N ASN C 79 -32.92 -1.64 -31.21
CA ASN C 79 -33.71 -2.77 -31.67
C ASN C 79 -32.85 -4.02 -31.79
N LYS C 80 -33.47 -5.17 -31.58
CA LYS C 80 -32.78 -6.45 -31.64
C LYS C 80 -33.70 -7.44 -32.33
N ARG C 81 -33.11 -8.31 -33.14
CA ARG C 81 -33.91 -9.28 -33.87
C ARG C 81 -33.16 -10.60 -33.90
N LEU C 82 -33.92 -11.69 -33.92
CA LEU C 82 -33.36 -13.02 -34.11
C LEU C 82 -33.80 -13.55 -35.47
N MET C 83 -32.88 -14.23 -36.14
CA MET C 83 -33.16 -14.92 -37.39
C MET C 83 -32.84 -16.39 -37.15
N LEU C 84 -33.88 -17.19 -36.94
CA LEU C 84 -33.71 -18.61 -36.67
C LEU C 84 -33.77 -19.33 -38.01
N PHE C 85 -32.73 -20.01 -38.34
CA PHE C 85 -32.84 -20.60 -39.65
C PHE C 85 -33.28 -22.05 -39.52
N PRO C 86 -34.03 -22.57 -40.49
CA PRO C 86 -34.48 -23.96 -40.39
C PRO C 86 -33.34 -24.95 -40.34
N ASP C 87 -32.19 -24.60 -40.90
CA ASP C 87 -31.00 -25.45 -40.85
C ASP C 87 -30.26 -25.34 -39.53
N GLY C 88 -30.80 -24.61 -38.56
CA GLY C 88 -30.19 -24.57 -37.24
C GLY C 88 -29.59 -23.22 -36.90
N ARG C 89 -28.85 -22.63 -37.83
CA ARG C 89 -28.12 -21.41 -37.55
C ARG C 89 -29.05 -20.29 -37.13
N VAL C 90 -28.53 -19.42 -36.27
CA VAL C 90 -29.29 -18.36 -35.63
C VAL C 90 -28.47 -17.08 -35.72
N ILE C 91 -29.12 -15.98 -36.08
CA ILE C 91 -28.46 -14.69 -36.21
C ILE C 91 -29.04 -13.77 -35.14
N TYR C 92 -28.19 -13.33 -34.22
CA TYR C 92 -28.59 -12.35 -33.23
C TYR C 92 -28.10 -10.98 -33.70
N ASN C 93 -29.03 -10.04 -33.78
CA ASN C 93 -28.75 -8.71 -34.27
C ASN C 93 -29.30 -7.74 -33.25
N ALA C 94 -28.52 -6.71 -32.96
CA ALA C 94 -28.95 -5.68 -32.03
C ALA C 94 -28.21 -4.41 -32.38
N ARG C 95 -28.91 -3.29 -32.26
CA ARG C 95 -28.28 -2.00 -32.41
C ARG C 95 -27.93 -1.48 -31.02
N PHE C 96 -26.68 -1.09 -30.85
CA PHE C 96 -26.17 -0.67 -29.56
C PHE C 96 -25.65 0.76 -29.65
N LEU C 97 -25.70 1.45 -28.52
CA LEU C 97 -24.94 2.68 -28.35
C LEU C 97 -24.49 2.75 -26.91
N GLY C 98 -23.18 2.80 -26.71
CA GLY C 98 -22.59 2.72 -25.39
C GLY C 98 -21.34 3.57 -25.33
N SER C 99 -20.94 3.91 -24.12
CA SER C 99 -19.76 4.71 -23.89
C SER C 99 -18.58 3.78 -23.61
N PHE C 100 -17.59 3.79 -24.50
CA PHE C 100 -16.45 2.90 -24.37
C PHE C 100 -15.25 3.68 -23.84
N SER C 101 -14.35 2.96 -23.19
CA SER C 101 -13.19 3.54 -22.54
C SER C 101 -11.90 2.97 -23.10
N ASN C 102 -10.87 3.81 -23.15
CA ASN C 102 -9.54 3.38 -23.57
C ASN C 102 -8.52 4.40 -23.09
N ASP C 103 -7.27 3.96 -22.99
CA ASP C 103 -6.17 4.84 -22.62
C ASP C 103 -5.87 5.82 -23.74
N MET C 104 -5.65 7.09 -23.39
CA MET C 104 -5.49 8.16 -24.36
C MET C 104 -4.42 9.13 -23.87
N ASP C 105 -3.39 9.33 -24.69
CA ASP C 105 -2.34 10.30 -24.40
C ASP C 105 -2.70 11.62 -25.07
N PHE C 106 -2.83 12.67 -24.25
CA PHE C 106 -3.16 14.00 -24.73
C PHE C 106 -2.04 15.00 -24.49
N ARG C 107 -0.82 14.52 -24.19
CA ARG C 107 0.28 15.44 -23.91
C ARG C 107 0.65 16.26 -25.14
N LEU C 108 0.32 15.76 -26.33
CA LEU C 108 0.61 16.40 -27.60
C LEU C 108 -0.62 17.08 -28.17
N PHE C 109 -1.41 17.78 -27.32
CA PHE C 109 -2.83 18.01 -27.54
C PHE C 109 -3.22 18.37 -28.97
N PRO C 110 -2.72 19.46 -29.58
CA PRO C 110 -3.22 19.82 -30.90
C PRO C 110 -2.86 18.82 -31.99
N PHE C 111 -2.03 17.82 -31.67
CA PHE C 111 -1.58 16.79 -32.60
C PHE C 111 -1.58 15.45 -31.85
N ASP C 112 -2.77 15.01 -31.46
CA ASP C 112 -2.92 13.79 -30.67
C ASP C 112 -2.85 12.55 -31.54
N ARG C 113 -2.50 11.43 -30.93
CA ARG C 113 -2.70 10.12 -31.53
C ARG C 113 -3.51 9.24 -30.59
N GLN C 114 -4.69 8.79 -31.06
CA GLN C 114 -5.56 7.93 -30.28
C GLN C 114 -6.00 6.72 -31.09
N GLN C 115 -6.49 5.73 -30.36
CA GLN C 115 -6.92 4.45 -30.92
C GLN C 115 -8.21 4.08 -30.21
N PHE C 116 -9.34 4.23 -30.89
CA PHE C 116 -10.62 3.86 -30.32
C PHE C 116 -10.86 2.39 -30.58
N VAL C 117 -11.21 1.65 -29.52
CA VAL C 117 -11.13 0.20 -29.50
C VAL C 117 -12.40 -0.39 -28.92
N LEU C 118 -12.83 -1.51 -29.49
CA LEU C 118 -13.89 -2.33 -28.92
C LEU C 118 -13.27 -3.64 -28.46
N GLU C 119 -13.75 -4.14 -27.33
CA GLU C 119 -13.28 -5.41 -26.78
C GLU C 119 -14.51 -6.21 -26.38
N LEU C 120 -14.81 -7.24 -27.17
CA LEU C 120 -15.98 -8.07 -26.95
C LEU C 120 -15.56 -9.45 -26.45
N GLU C 121 -16.33 -9.99 -25.50
CA GLU C 121 -16.00 -11.24 -24.85
C GLU C 121 -17.24 -11.81 -24.16
N PRO C 122 -17.53 -13.10 -24.32
CA PRO C 122 -18.74 -13.67 -23.71
C PRO C 122 -18.73 -13.56 -22.20
N PHE C 123 -19.93 -13.47 -21.62
CA PHE C 123 -20.05 -13.19 -20.20
C PHE C 123 -19.84 -14.43 -19.34
N SER C 124 -20.08 -15.64 -19.87
CA SER C 124 -20.04 -16.82 -19.03
C SER C 124 -19.76 -18.14 -19.76
N TYR C 125 -18.86 -18.14 -20.74
CA TYR C 125 -18.65 -19.35 -21.53
C TYR C 125 -17.20 -19.41 -21.99
N ASN C 126 -16.55 -20.55 -21.73
CA ASN C 126 -15.13 -20.72 -22.01
C ASN C 126 -14.82 -21.64 -23.18
N ASN C 127 -15.70 -22.60 -23.49
CA ASN C 127 -15.58 -23.30 -24.75
C ASN C 127 -16.81 -23.03 -25.60
N GLN C 128 -17.05 -21.74 -25.81
CA GLN C 128 -17.86 -21.23 -26.91
C GLN C 128 -17.07 -20.05 -27.46
N GLN C 129 -16.51 -20.23 -28.67
CA GLN C 129 -15.43 -19.40 -29.17
C GLN C 129 -15.88 -18.58 -30.38
N LEU C 130 -15.24 -17.41 -30.53
CA LEU C 130 -15.60 -16.48 -31.59
C LEU C 130 -14.90 -16.85 -32.90
N ARG C 131 -15.70 -17.15 -33.93
CA ARG C 131 -15.24 -17.70 -35.19
C ARG C 131 -14.33 -16.74 -35.93
N PHE C 132 -14.89 -15.65 -36.47
CA PHE C 132 -14.11 -14.61 -37.12
C PHE C 132 -14.85 -13.29 -36.93
N SER C 133 -14.10 -12.19 -37.01
CA SER C 133 -14.64 -10.87 -36.71
C SER C 133 -14.48 -9.94 -37.92
N ASP C 134 -15.51 -9.12 -38.15
CA ASP C 134 -15.54 -8.16 -39.25
C ASP C 134 -16.06 -6.83 -38.74
N ILE C 135 -15.61 -5.75 -39.38
CA ILE C 135 -16.03 -4.40 -39.06
C ILE C 135 -16.18 -3.60 -40.35
N GLN C 136 -17.07 -2.61 -40.33
CA GLN C 136 -17.43 -1.86 -41.53
C GLN C 136 -17.48 -0.36 -41.21
N VAL C 137 -16.79 0.46 -42.02
CA VAL C 137 -16.38 1.80 -41.59
C VAL C 137 -16.55 2.92 -42.62
N TYR C 138 -16.05 2.71 -43.85
CA TYR C 138 -16.34 3.51 -45.06
C TYR C 138 -15.77 4.95 -45.05
N THR C 139 -14.58 5.16 -44.50
CA THR C 139 -13.98 6.49 -44.41
C THR C 139 -12.81 6.67 -45.39
N GLU C 140 -12.29 7.90 -45.46
CA GLU C 140 -11.29 8.32 -46.45
C GLU C 140 -10.25 9.26 -45.82
N ASN C 141 -8.97 8.91 -45.92
CA ASN C 141 -7.87 9.71 -45.37
C ASN C 141 -6.67 9.90 -46.33
N ILE C 142 -5.99 11.05 -46.38
CA ILE C 142 -6.33 12.32 -45.73
C ILE C 142 -7.24 13.10 -46.66
N ASP C 143 -8.48 13.39 -46.28
CA ASP C 143 -9.36 14.12 -47.19
C ASP C 143 -10.40 14.96 -46.46
N ASN C 144 -11.54 14.34 -46.12
CA ASN C 144 -12.67 15.07 -45.56
C ASN C 144 -12.38 15.69 -44.20
N GLU C 145 -11.24 15.40 -43.60
CA GLU C 145 -10.95 15.91 -42.27
C GLU C 145 -10.76 17.42 -42.28
N GLU C 146 -10.85 18.05 -43.45
CA GLU C 146 -11.12 19.47 -43.57
C GLU C 146 -12.29 19.81 -42.65
N ILE C 147 -13.30 18.95 -42.63
CA ILE C 147 -14.47 19.10 -41.77
C ILE C 147 -14.43 18.12 -40.61
N ASP C 148 -14.13 16.85 -40.88
CA ASP C 148 -14.07 15.85 -39.83
C ASP C 148 -12.92 16.16 -38.87
N GLU C 149 -13.12 15.79 -37.61
CA GLU C 149 -12.15 16.12 -36.58
C GLU C 149 -10.93 15.20 -36.56
N TRP C 150 -10.95 14.09 -37.32
CA TRP C 150 -10.00 13.01 -37.08
C TRP C 150 -9.36 12.49 -38.36
N TRP C 151 -8.02 12.62 -38.46
CA TRP C 151 -7.23 11.92 -39.47
C TRP C 151 -7.00 10.47 -39.03
N ILE C 152 -7.23 9.51 -39.92
CA ILE C 152 -6.99 8.10 -39.64
C ILE C 152 -5.79 7.65 -40.44
N ARG C 153 -4.84 6.98 -39.78
CA ARG C 153 -3.68 6.43 -40.47
C ARG C 153 -3.80 4.93 -40.71
N GLY C 154 -4.31 4.18 -39.73
CA GLY C 154 -4.51 2.76 -39.92
C GLY C 154 -5.84 2.44 -40.56
N LYS C 155 -5.94 1.22 -41.09
CA LYS C 155 -7.13 0.73 -41.78
C LYS C 155 -7.74 -0.36 -40.92
N ALA C 156 -8.39 0.04 -39.83
CA ALA C 156 -9.07 -0.83 -38.86
C ALA C 156 -8.07 -1.86 -38.31
N SER C 157 -8.58 -3.03 -37.93
CA SER C 157 -7.84 -4.16 -37.35
C SER C 157 -8.76 -5.14 -36.65
N THR C 158 -8.27 -6.35 -36.40
CA THR C 158 -9.00 -7.44 -35.75
C THR C 158 -7.99 -8.36 -35.07
N HIS C 159 -8.33 -8.84 -33.87
CA HIS C 159 -7.42 -9.71 -33.12
C HIS C 159 -8.04 -11.08 -32.86
N ILE C 160 -9.06 -11.18 -31.98
CA ILE C 160 -9.71 -12.44 -31.58
C ILE C 160 -8.71 -13.25 -30.76
N SER C 161 -8.21 -12.69 -29.66
CA SER C 161 -7.18 -13.36 -28.89
C SER C 161 -7.77 -14.18 -27.74
N ASP C 162 -6.90 -14.62 -26.83
CA ASP C 162 -7.29 -15.46 -25.70
C ASP C 162 -6.86 -14.81 -24.39
N ILE C 163 -7.73 -14.88 -23.39
CA ILE C 163 -7.50 -14.27 -22.08
C ILE C 163 -7.42 -15.37 -21.04
N ARG C 164 -6.55 -15.19 -20.05
CA ARG C 164 -6.32 -16.24 -19.05
C ARG C 164 -7.32 -16.18 -17.88
N TYR C 165 -7.42 -15.03 -17.21
CA TYR C 165 -8.23 -14.93 -15.98
C TYR C 165 -7.81 -16.01 -14.97
N ASP C 166 -6.63 -15.81 -14.40
CA ASP C 166 -6.06 -16.87 -13.56
C ASP C 166 -6.66 -16.91 -12.17
N HIS C 167 -7.67 -16.09 -11.90
CA HIS C 167 -8.32 -16.03 -10.60
C HIS C 167 -9.62 -16.82 -10.63
N LEU C 168 -10.06 -17.26 -9.44
CA LEU C 168 -11.33 -17.96 -9.28
C LEU C 168 -11.28 -19.35 -9.94
N SER C 169 -10.14 -19.73 -10.51
CA SER C 169 -10.08 -20.80 -11.51
C SER C 169 -10.23 -22.21 -10.92
N SER C 170 -10.01 -22.40 -9.62
CA SER C 170 -10.23 -23.73 -9.06
C SER C 170 -11.71 -24.09 -8.96
N VAL C 171 -12.61 -23.12 -9.12
CA VAL C 171 -14.02 -23.40 -9.29
C VAL C 171 -14.24 -24.35 -10.47
N GLN C 172 -13.45 -24.19 -11.53
CA GLN C 172 -13.49 -25.11 -12.67
C GLN C 172 -12.07 -25.49 -13.06
N PRO C 173 -11.55 -26.62 -12.58
CA PRO C 173 -10.16 -26.99 -12.85
C PRO C 173 -9.99 -27.35 -14.32
N ASN C 174 -8.91 -26.83 -14.93
CA ASN C 174 -8.39 -27.09 -16.27
C ASN C 174 -9.00 -26.16 -17.30
N GLN C 175 -10.04 -25.40 -16.97
CA GLN C 175 -10.79 -24.65 -17.98
C GLN C 175 -11.12 -23.26 -17.44
N ASN C 176 -10.42 -22.25 -17.97
CA ASN C 176 -10.72 -20.86 -17.64
C ASN C 176 -10.22 -19.87 -18.69
N GLU C 177 -10.08 -20.31 -19.95
CA GLU C 177 -9.58 -19.48 -21.04
C GLU C 177 -10.72 -18.95 -21.90
N PHE C 178 -10.85 -17.62 -21.98
CA PHE C 178 -11.92 -16.97 -22.72
C PHE C 178 -11.40 -16.33 -24.01
N SER C 179 -12.29 -16.29 -25.01
CA SER C 179 -12.03 -15.73 -26.34
C SER C 179 -12.52 -14.29 -26.43
N ARG C 180 -11.63 -13.37 -26.84
CA ARG C 180 -11.93 -11.94 -26.91
C ARG C 180 -11.64 -11.36 -28.28
N ILE C 181 -12.68 -10.85 -28.94
CA ILE C 181 -12.51 -10.00 -30.12
C ILE C 181 -11.94 -8.65 -29.72
N THR C 182 -10.96 -8.16 -30.48
CA THR C 182 -10.46 -6.81 -30.32
C THR C 182 -10.47 -6.09 -31.66
N VAL C 183 -11.18 -4.96 -31.72
CA VAL C 183 -11.21 -4.09 -32.90
C VAL C 183 -10.63 -2.75 -32.52
N ARG C 184 -9.77 -2.20 -33.37
CA ARG C 184 -9.08 -0.95 -33.06
C ARG C 184 -8.99 -0.06 -34.31
N ILE C 185 -9.23 1.24 -34.10
CA ILE C 185 -9.25 2.23 -35.18
C ILE C 185 -8.38 3.42 -34.78
N ASP C 186 -7.44 3.79 -35.65
CA ASP C 186 -6.52 4.89 -35.39
C ASP C 186 -7.10 6.23 -35.85
N ALA C 187 -6.80 7.31 -35.11
CA ALA C 187 -7.33 8.63 -35.45
C ALA C 187 -6.53 9.74 -34.75
N VAL C 188 -6.53 10.94 -35.37
CA VAL C 188 -5.76 12.10 -34.93
C VAL C 188 -6.65 13.34 -34.85
N ARG C 189 -6.29 14.28 -33.96
CA ARG C 189 -7.08 15.46 -33.55
C ARG C 189 -7.24 16.58 -34.58
N ASN C 190 -6.46 16.61 -35.69
CA ASN C 190 -6.63 17.65 -36.73
C ASN C 190 -6.32 19.04 -36.16
N PRO C 191 -5.15 19.59 -36.45
CA PRO C 191 -4.71 20.82 -35.76
C PRO C 191 -5.37 22.10 -36.25
N SER C 192 -6.12 22.07 -37.36
CA SER C 192 -6.60 23.27 -38.02
C SER C 192 -7.17 24.33 -37.06
N TYR C 193 -8.13 23.94 -36.24
CA TYR C 193 -8.81 24.93 -35.40
C TYR C 193 -7.89 25.45 -34.31
N TYR C 194 -7.13 24.56 -33.67
CA TYR C 194 -6.26 24.98 -32.58
C TYR C 194 -5.04 25.75 -33.07
N LEU C 195 -4.58 25.50 -34.30
CA LEU C 195 -3.51 26.34 -34.82
C LEU C 195 -4.07 27.70 -35.24
N TRP C 196 -4.97 27.71 -36.22
CA TRP C 196 -5.46 28.95 -36.79
C TRP C 196 -6.11 29.86 -35.74
N SER C 197 -6.67 29.28 -34.68
CA SER C 197 -7.43 30.06 -33.71
C SER C 197 -6.90 30.03 -32.29
N PHE C 198 -5.88 29.23 -31.98
CA PHE C 198 -5.34 29.20 -30.62
C PHE C 198 -3.82 29.32 -30.59
N ILE C 199 -3.10 28.45 -31.30
CA ILE C 199 -1.64 28.52 -31.31
C ILE C 199 -1.17 29.85 -31.87
N LEU C 200 -1.75 30.26 -33.01
CA LEU C 200 -1.33 31.48 -33.69
C LEU C 200 -1.51 32.72 -32.83
N PRO C 201 -2.71 33.02 -32.29
CA PRO C 201 -2.84 34.23 -31.47
C PRO C 201 -1.90 34.27 -30.28
N LEU C 202 -1.64 33.12 -29.65
CA LEU C 202 -0.72 33.07 -28.53
C LEU C 202 0.68 33.50 -28.95
N GLY C 203 1.16 32.95 -30.07
CA GLY C 203 2.48 33.31 -30.55
C GLY C 203 2.64 34.79 -30.85
N LEU C 204 1.64 35.37 -31.52
CA LEU C 204 1.69 36.80 -31.83
C LEU C 204 1.84 37.64 -30.57
N ILE C 205 1.11 37.28 -29.51
CA ILE C 205 1.18 38.02 -28.26
C ILE C 205 2.57 37.91 -27.63
N ILE C 206 3.12 36.69 -27.59
CA ILE C 206 4.46 36.49 -27.03
C ILE C 206 5.49 37.30 -27.80
N ALA C 207 5.37 37.33 -29.12
CA ALA C 207 6.27 38.14 -29.93
C ALA C 207 6.12 39.62 -29.60
N ALA C 208 4.88 40.13 -29.61
CA ALA C 208 4.63 41.52 -29.25
C ALA C 208 5.14 41.86 -27.86
N SER C 209 5.19 40.87 -26.96
CA SER C 209 5.73 41.11 -25.63
C SER C 209 7.17 41.62 -25.69
N TRP C 210 7.95 41.10 -26.63
CA TRP C 210 9.36 41.48 -26.72
C TRP C 210 9.55 42.91 -27.18
N SER C 211 8.58 43.48 -27.90
CA SER C 211 8.69 44.84 -28.40
C SER C 211 8.74 45.83 -27.25
N VAL C 212 8.60 45.34 -26.02
CA VAL C 212 8.71 46.19 -24.84
C VAL C 212 10.11 46.79 -24.74
N PHE C 213 11.11 46.11 -25.29
CA PHE C 213 12.48 46.61 -25.20
C PHE C 213 12.71 47.83 -26.08
N TRP C 214 11.81 48.13 -27.01
CA TRP C 214 11.94 49.29 -27.89
C TRP C 214 11.28 50.54 -27.33
N LEU C 215 10.73 50.47 -26.13
CA LEU C 215 10.26 51.68 -25.47
C LEU C 215 11.46 52.48 -24.97
N GLU C 216 11.40 53.80 -25.13
CA GLU C 216 12.57 54.62 -24.87
C GLU C 216 12.87 54.66 -23.38
N SER C 217 11.90 55.05 -22.57
CA SER C 217 12.12 55.17 -21.14
C SER C 217 12.21 53.80 -20.48
N PHE C 218 12.53 53.81 -19.19
CA PHE C 218 12.52 52.60 -18.36
C PHE C 218 11.16 52.42 -17.69
N SER C 219 10.58 53.51 -17.21
CA SER C 219 9.22 53.48 -16.70
C SER C 219 8.26 52.94 -17.75
N GLU C 220 8.45 53.36 -19.01
CA GLU C 220 7.68 52.80 -20.11
C GLU C 220 7.88 51.28 -20.19
N ARG C 221 9.13 50.84 -20.14
CA ARG C 221 9.45 49.42 -20.26
C ARG C 221 8.82 48.62 -19.12
N LEU C 222 9.10 49.01 -17.88
CA LEU C 222 8.67 48.20 -16.74
C LEU C 222 7.16 48.21 -16.57
N GLN C 223 6.53 49.38 -16.71
CA GLN C 223 5.07 49.48 -16.56
C GLN C 223 4.36 48.63 -17.60
N THR C 224 4.80 48.72 -18.86
CA THR C 224 4.18 47.95 -19.94
C THR C 224 4.30 46.44 -19.69
N SER C 225 5.40 46.00 -19.07
CA SER C 225 5.58 44.59 -18.77
C SER C 225 4.40 44.03 -17.98
N PHE C 226 3.92 44.79 -17.00
CA PHE C 226 2.79 44.35 -16.19
C PHE C 226 1.52 44.23 -17.02
N THR C 227 1.38 45.09 -18.04
CA THR C 227 0.25 44.96 -18.96
C THR C 227 0.36 43.66 -19.76
N LEU C 228 1.56 43.33 -20.23
CA LEU C 228 1.77 42.05 -20.90
C LEU C 228 1.49 40.89 -19.95
N MET C 229 1.93 41.01 -18.70
CA MET C 229 1.64 40.00 -17.69
C MET C 229 0.14 39.76 -17.59
N LEU C 230 -0.64 40.83 -17.46
CA LEU C 230 -2.09 40.72 -17.42
C LEU C 230 -2.64 40.04 -18.67
N THR C 231 -2.08 40.35 -19.84
CA THR C 231 -2.59 39.78 -21.08
C THR C 231 -2.43 38.25 -21.11
N VAL C 232 -1.31 37.75 -20.59
CA VAL C 232 -1.08 36.30 -20.58
C VAL C 232 -2.08 35.61 -19.66
N VAL C 233 -2.32 36.18 -18.48
CA VAL C 233 -3.31 35.62 -17.56
C VAL C 233 -4.66 35.48 -18.26
N ALA C 234 -5.04 36.50 -19.02
CA ALA C 234 -6.26 36.42 -19.82
C ALA C 234 -6.21 35.27 -20.82
N TYR C 235 -5.10 35.15 -21.57
CA TYR C 235 -5.05 34.13 -22.62
C TYR C 235 -5.02 32.73 -22.06
N ALA C 236 -4.37 32.52 -20.91
CA ALA C 236 -4.44 31.22 -20.25
C ALA C 236 -5.88 30.86 -19.91
N PHE C 237 -6.64 31.86 -19.46
CA PHE C 237 -8.05 31.66 -19.13
C PHE C 237 -8.86 31.26 -20.35
N TYR C 238 -8.75 32.05 -21.43
CA TYR C 238 -9.44 31.75 -22.68
C TYR C 238 -9.10 30.38 -23.22
N THR C 239 -7.82 29.98 -23.14
CA THR C 239 -7.45 28.62 -23.50
C THR C 239 -8.13 27.61 -22.58
N SER C 240 -7.99 27.79 -21.27
CA SER C 240 -8.40 26.76 -20.32
C SER C 240 -9.92 26.53 -20.33
N ASN C 241 -10.71 27.59 -20.47
CA ASN C 241 -12.15 27.42 -20.45
C ASN C 241 -12.63 26.66 -21.68
N ILE C 242 -12.09 26.99 -22.85
CA ILE C 242 -12.60 26.43 -24.10
C ILE C 242 -11.95 25.08 -24.42
N LEU C 243 -10.66 24.93 -24.13
CA LEU C 243 -9.96 23.71 -24.47
C LEU C 243 -10.33 22.56 -23.53
N PRO C 244 -10.19 21.31 -23.99
CA PRO C 244 -10.61 20.18 -23.15
C PRO C 244 -9.73 20.04 -21.91
N ARG C 245 -10.38 19.86 -20.77
CA ARG C 245 -9.68 19.75 -19.51
C ARG C 245 -8.88 18.45 -19.45
N LEU C 246 -7.66 18.57 -18.95
CA LEU C 246 -6.71 17.45 -18.89
C LEU C 246 -5.94 17.55 -17.58
N PRO C 247 -5.32 16.46 -17.14
CA PRO C 247 -4.54 16.52 -15.90
C PRO C 247 -3.04 16.65 -16.15
N TYR C 248 -2.64 17.09 -17.34
CA TYR C 248 -1.22 17.28 -17.62
C TYR C 248 -1.03 18.41 -18.61
N THR C 249 0.23 18.79 -18.78
CA THR C 249 0.58 19.92 -19.63
C THR C 249 0.55 19.49 -21.09
N THR C 250 -0.36 20.09 -21.86
CA THR C 250 -0.45 19.87 -23.29
C THR C 250 0.66 20.65 -23.99
N VAL C 251 0.72 20.54 -25.31
CA VAL C 251 1.64 21.39 -26.06
C VAL C 251 1.28 22.85 -25.84
N ILE C 252 -0.01 23.17 -25.97
CA ILE C 252 -0.49 24.51 -25.67
C ILE C 252 -0.16 24.89 -24.24
N ASP C 253 -0.46 24.00 -23.28
CA ASP C 253 -0.20 24.31 -21.87
C ASP C 253 1.26 24.65 -21.64
N GLN C 254 2.17 23.97 -22.35
CA GLN C 254 3.58 24.31 -22.25
C GLN C 254 3.87 25.67 -22.85
N MET C 255 3.31 25.93 -24.03
CA MET C 255 3.48 27.25 -24.66
C MET C 255 2.97 28.37 -23.76
N ILE C 256 1.94 28.12 -22.96
CA ILE C 256 1.42 29.15 -22.05
C ILE C 256 2.42 29.49 -20.96
N ILE C 257 3.10 28.49 -20.38
CA ILE C 257 4.07 28.76 -19.32
C ILE C 257 5.24 29.56 -19.86
N ALA C 258 5.65 29.31 -21.10
CA ALA C 258 6.74 30.07 -21.69
C ALA C 258 6.44 31.56 -21.75
N GLY C 259 5.19 31.92 -22.07
CA GLY C 259 4.80 33.33 -22.04
C GLY C 259 4.95 33.95 -20.67
N TYR C 260 4.37 33.31 -19.66
CA TYR C 260 4.52 33.76 -18.27
C TYR C 260 5.99 34.03 -17.94
N GLY C 261 6.90 33.21 -18.46
CA GLY C 261 8.31 33.38 -18.18
C GLY C 261 8.93 34.54 -18.93
N SER C 262 8.71 34.61 -20.24
CA SER C 262 9.30 35.66 -21.07
C SER C 262 9.06 37.06 -20.50
N ILE C 263 7.86 37.29 -19.95
CA ILE C 263 7.55 38.59 -19.38
C ILE C 263 8.30 38.79 -18.09
N PHE C 264 8.34 37.77 -17.23
CA PHE C 264 9.08 37.87 -15.98
C PHE C 264 10.58 38.00 -16.23
N ALA C 265 11.08 37.31 -17.26
CA ALA C 265 12.49 37.45 -17.62
C ALA C 265 12.78 38.85 -18.16
N ALA C 266 11.93 39.35 -19.06
CA ALA C 266 12.06 40.71 -19.55
C ALA C 266 12.06 41.71 -18.40
N ILE C 267 11.08 41.58 -17.48
CA ILE C 267 11.01 42.43 -16.30
C ILE C 267 12.36 42.50 -15.60
N LEU C 268 13.00 41.34 -15.44
CA LEU C 268 14.28 41.28 -14.74
C LEU C 268 15.39 41.98 -15.52
N LEU C 269 15.51 41.68 -16.82
CA LEU C 269 16.48 42.37 -17.65
C LEU C 269 16.25 43.89 -17.62
N ILE C 270 15.00 44.31 -17.86
CA ILE C 270 14.65 45.74 -17.81
C ILE C 270 15.18 46.37 -16.53
N ILE C 271 15.07 45.63 -15.42
CA ILE C 271 15.55 46.12 -14.13
C ILE C 271 17.06 45.96 -14.01
N PHE C 272 17.60 44.81 -14.43
CA PHE C 272 19.03 44.60 -14.34
C PHE C 272 19.78 45.55 -15.28
N ALA C 273 19.18 45.88 -16.42
CA ALA C 273 19.73 46.92 -17.28
C ALA C 273 19.85 48.23 -16.52
N HIS C 274 18.89 48.51 -15.64
CA HIS C 274 18.83 49.80 -14.96
C HIS C 274 19.91 49.91 -13.89
N HIS C 275 20.19 48.82 -13.18
CA HIS C 275 21.08 48.86 -12.01
C HIS C 275 22.30 47.95 -12.16
N ARG C 276 22.64 47.55 -13.39
CA ARG C 276 23.96 46.99 -13.70
C ARG C 276 24.64 48.08 -14.52
N GLN C 277 25.19 49.07 -13.83
CA GLN C 277 25.54 50.32 -14.50
C GLN C 277 26.94 50.76 -14.06
N ALA C 278 27.42 51.80 -14.73
CA ALA C 278 28.68 52.44 -14.36
C ALA C 278 28.49 53.54 -13.32
N ASN C 279 27.29 54.10 -13.21
CA ASN C 279 26.97 55.06 -12.16
C ASN C 279 25.91 54.49 -11.23
N GLY C 280 24.69 55.03 -11.32
CA GLY C 280 23.58 54.52 -10.54
C GLY C 280 22.35 54.30 -11.39
N VAL C 281 22.13 55.18 -12.37
CA VAL C 281 20.99 55.11 -13.27
C VAL C 281 21.53 55.22 -14.68
N GLU C 282 21.91 54.09 -15.27
CA GLU C 282 22.29 54.02 -16.68
C GLU C 282 21.90 52.64 -17.18
N ASP C 283 21.02 52.59 -18.17
CA ASP C 283 20.62 51.32 -18.75
C ASP C 283 21.80 50.79 -19.57
N ASP C 284 22.40 49.70 -19.10
CA ASP C 284 23.63 49.13 -19.66
C ASP C 284 23.57 49.08 -21.18
N LEU C 285 24.52 49.79 -21.82
CA LEU C 285 24.36 50.23 -23.19
C LEU C 285 24.06 49.10 -24.16
N LEU C 286 24.63 47.92 -23.92
CA LEU C 286 24.40 46.81 -24.83
C LEU C 286 23.21 45.95 -24.42
N ILE C 287 22.93 45.88 -23.12
CA ILE C 287 21.97 44.89 -22.64
C ILE C 287 20.54 45.31 -22.98
N GLN C 288 20.24 46.62 -22.94
CA GLN C 288 18.88 46.99 -23.35
C GLN C 288 18.70 46.83 -24.85
N ARG C 289 19.79 46.62 -25.59
CA ARG C 289 19.71 46.24 -26.99
C ARG C 289 19.75 44.73 -27.18
N CYS C 290 19.16 44.00 -26.22
CA CYS C 290 18.73 42.62 -26.48
C CYS C 290 17.36 42.61 -27.14
N ARG C 291 17.02 43.68 -27.87
CA ARG C 291 15.72 43.80 -28.51
C ARG C 291 15.47 42.65 -29.47
N LEU C 292 16.45 42.33 -30.31
CA LEU C 292 16.41 41.10 -31.09
C LEU C 292 17.50 40.14 -30.63
N ALA C 293 17.60 39.94 -29.33
CA ALA C 293 18.39 38.87 -28.71
C ALA C 293 17.56 38.07 -27.72
N PHE C 294 16.48 38.63 -27.20
CA PHE C 294 15.43 37.92 -26.46
C PHE C 294 14.63 37.05 -27.42
N PRO C 295 14.24 37.55 -28.61
CA PRO C 295 13.66 36.63 -29.59
C PRO C 295 14.56 35.46 -29.95
N LEU C 296 15.86 35.69 -30.07
CA LEU C 296 16.78 34.59 -30.38
C LEU C 296 16.87 33.61 -29.22
N GLY C 297 16.90 34.10 -27.99
CA GLY C 297 16.93 33.22 -26.83
C GLY C 297 15.66 32.40 -26.72
N PHE C 298 14.53 33.01 -27.05
CA PHE C 298 13.25 32.31 -26.98
C PHE C 298 13.16 31.19 -28.02
N LEU C 299 13.60 31.46 -29.25
CA LEU C 299 13.51 30.46 -30.31
C LEU C 299 14.45 29.28 -30.09
N ALA C 300 15.59 29.50 -29.42
CA ALA C 300 16.52 28.40 -29.18
C ALA C 300 15.98 27.40 -28.17
N ILE C 301 15.37 27.88 -27.09
CA ILE C 301 14.82 26.99 -26.07
C ILE C 301 13.53 26.32 -26.54
N GLY C 302 12.82 26.92 -27.48
CA GLY C 302 11.60 26.32 -28.00
C GLY C 302 11.83 25.21 -28.98
N CYS C 303 13.10 24.88 -29.23
CA CYS C 303 13.48 23.73 -30.04
C CYS C 303 13.90 22.54 -29.19
N VAL C 304 14.09 22.75 -27.88
CA VAL C 304 14.32 21.65 -26.95
C VAL C 304 13.02 21.13 -26.35
N LEU C 305 11.92 21.87 -26.48
CA LEU C 305 10.60 21.34 -26.14
C LEU C 305 10.19 20.23 -27.11
N VAL C 306 10.71 20.24 -28.33
CA VAL C 306 10.35 19.24 -29.32
C VAL C 306 11.06 17.91 -29.03
N ILE C 307 12.35 17.97 -28.75
CA ILE C 307 13.14 16.76 -28.55
C ILE C 307 13.68 16.67 -27.13
N PRO D 1 -45.21 -9.22 -50.55
CA PRO D 1 -44.49 -7.95 -50.67
C PRO D 1 -45.31 -6.79 -50.11
N VAL D 2 -45.42 -6.74 -48.78
CA VAL D 2 -46.46 -5.94 -48.13
C VAL D 2 -46.24 -4.45 -48.39
N ASP D 3 -47.31 -3.76 -48.73
CA ASP D 3 -47.30 -2.31 -48.89
C ASP D 3 -47.66 -1.66 -47.56
N VAL D 4 -46.91 -0.62 -47.20
CA VAL D 4 -47.14 0.11 -45.94
C VAL D 4 -47.08 1.61 -46.21
N SER D 5 -48.19 2.31 -45.98
CA SER D 5 -48.22 3.76 -46.03
C SER D 5 -47.75 4.34 -44.70
N VAL D 6 -47.07 5.49 -44.77
CA VAL D 6 -46.50 6.16 -43.61
C VAL D 6 -46.81 7.65 -43.67
N SER D 7 -47.25 8.21 -42.55
CA SER D 7 -47.42 9.66 -42.40
C SER D 7 -46.79 10.10 -41.08
N ILE D 8 -46.00 11.16 -41.13
CA ILE D 8 -45.23 11.62 -39.98
C ILE D 8 -45.61 13.06 -39.67
N PHE D 9 -46.20 13.27 -38.50
CA PHE D 9 -46.52 14.61 -38.02
C PHE D 9 -45.30 15.14 -37.27
N ILE D 10 -44.79 16.29 -37.68
CA ILE D 10 -43.64 16.92 -37.04
C ILE D 10 -44.17 18.01 -36.11
N ASN D 11 -43.85 17.89 -34.83
CA ASN D 11 -44.32 18.87 -33.84
C ASN D 11 -43.27 19.92 -33.52
N LYS D 12 -41.99 19.56 -33.44
CA LYS D 12 -40.99 20.53 -33.04
C LYS D 12 -39.59 20.03 -33.37
N ILE D 13 -38.76 20.92 -33.91
CA ILE D 13 -37.32 20.68 -34.03
C ILE D 13 -36.66 21.66 -33.08
N TYR D 14 -35.65 21.19 -32.34
CA TYR D 14 -35.04 22.04 -31.32
C TYR D 14 -33.73 21.42 -30.87
N GLY D 15 -32.83 22.27 -30.38
CA GLY D 15 -31.57 21.83 -29.80
C GLY D 15 -30.55 21.21 -30.73
N VAL D 16 -29.86 22.06 -31.49
CA VAL D 16 -28.73 21.65 -32.31
C VAL D 16 -27.53 21.43 -31.40
N ASN D 17 -26.82 20.34 -31.65
CA ASN D 17 -25.58 20.03 -30.94
C ASN D 17 -24.48 20.25 -31.98
N THR D 18 -23.92 21.45 -31.97
CA THR D 18 -23.00 21.86 -33.03
C THR D 18 -21.79 20.94 -33.10
N LEU D 19 -21.28 20.51 -31.94
CA LEU D 19 -20.11 19.64 -31.92
C LEU D 19 -20.46 18.23 -32.40
N GLU D 20 -21.43 17.59 -31.75
CA GLU D 20 -21.78 16.22 -32.09
C GLU D 20 -22.55 16.11 -33.40
N GLN D 21 -22.92 17.24 -34.01
CA GLN D 21 -23.74 17.26 -35.22
C GLN D 21 -25.01 16.47 -34.98
N THR D 22 -25.97 17.08 -34.30
CA THR D 22 -27.10 16.37 -33.71
C THR D 22 -28.24 17.35 -33.46
N TYR D 23 -29.47 16.91 -33.73
CA TYR D 23 -30.64 17.74 -33.49
C TYR D 23 -31.78 16.86 -32.99
N LYS D 24 -32.70 17.47 -32.24
CA LYS D 24 -33.82 16.79 -31.60
C LYS D 24 -35.10 17.05 -32.37
N VAL D 25 -35.93 16.01 -32.50
CA VAL D 25 -37.20 16.09 -33.21
C VAL D 25 -38.29 15.43 -32.36
N ASP D 26 -39.34 16.18 -32.07
CA ASP D 26 -40.53 15.65 -31.41
C ASP D 26 -41.67 15.60 -32.42
N GLY D 27 -42.42 14.51 -32.38
CA GLY D 27 -43.55 14.37 -33.28
C GLY D 27 -44.14 12.97 -33.20
N TYR D 28 -45.07 12.72 -34.12
CA TYR D 28 -45.78 11.46 -34.21
C TYR D 28 -45.34 10.72 -35.46
N ILE D 29 -45.70 9.45 -35.53
CA ILE D 29 -45.45 8.66 -36.74
C ILE D 29 -46.59 7.66 -36.89
N VAL D 30 -46.98 7.42 -38.15
CA VAL D 30 -48.17 6.65 -38.49
C VAL D 30 -47.77 5.57 -39.48
N ALA D 31 -48.24 4.34 -39.26
CA ALA D 31 -48.02 3.24 -40.17
C ALA D 31 -49.36 2.60 -40.50
N GLN D 32 -49.60 2.37 -41.80
CA GLN D 32 -50.85 1.78 -42.25
C GLN D 32 -50.53 0.65 -43.23
N TRP D 33 -51.16 -0.51 -43.01
CA TRP D 33 -50.87 -1.69 -43.81
C TRP D 33 -52.02 -2.68 -43.65
N THR D 34 -52.35 -3.38 -44.75
CA THR D 34 -53.54 -4.23 -44.81
C THR D 34 -53.18 -5.70 -44.59
N GLY D 35 -53.90 -6.35 -43.68
CA GLY D 35 -53.69 -7.76 -43.36
C GLY D 35 -54.94 -8.61 -43.44
N LYS D 36 -54.87 -9.83 -42.91
CA LYS D 36 -56.05 -10.71 -42.93
C LYS D 36 -57.16 -10.11 -42.09
N PRO D 37 -58.39 -10.04 -42.62
CA PRO D 37 -59.49 -9.48 -41.83
C PRO D 37 -59.79 -10.32 -40.60
N ARG D 38 -60.22 -9.65 -39.55
CA ARG D 38 -60.53 -10.26 -38.28
C ARG D 38 -61.83 -9.67 -37.75
N LYS D 39 -62.44 -10.35 -36.78
CA LYS D 39 -63.69 -9.90 -36.20
C LYS D 39 -63.36 -9.02 -35.00
N THR D 40 -63.89 -7.80 -35.01
CA THR D 40 -63.73 -6.85 -33.93
C THR D 40 -65.00 -6.77 -33.09
N PRO D 41 -64.90 -6.30 -31.84
CA PRO D 41 -66.12 -6.05 -31.05
C PRO D 41 -67.10 -5.17 -31.80
N GLY D 42 -68.36 -5.60 -31.81
CA GLY D 42 -69.32 -4.99 -32.71
C GLY D 42 -68.87 -5.20 -34.14
N ASP D 43 -68.89 -4.12 -34.93
CA ASP D 43 -68.15 -4.07 -36.19
C ASP D 43 -67.32 -2.81 -36.29
N LYS D 44 -67.36 -1.95 -35.27
CA LYS D 44 -66.47 -0.81 -35.19
C LYS D 44 -65.02 -1.28 -35.09
N PRO D 45 -64.06 -0.47 -35.56
CA PRO D 45 -62.65 -0.81 -35.36
C PRO D 45 -62.30 -0.86 -33.88
N LEU D 46 -61.36 -1.73 -33.54
CA LEU D 46 -60.93 -1.91 -32.15
C LEU D 46 -59.67 -1.10 -31.90
N ILE D 47 -59.62 -0.45 -30.75
CA ILE D 47 -58.52 0.44 -30.38
C ILE D 47 -57.72 -0.20 -29.24
N VAL D 48 -56.40 -0.22 -29.40
CA VAL D 48 -55.47 -0.85 -28.46
C VAL D 48 -54.44 0.18 -28.07
N GLU D 49 -54.37 0.51 -26.77
CA GLU D 49 -53.53 1.60 -26.27
C GLU D 49 -52.33 1.05 -25.51
N ASN D 50 -51.14 1.47 -25.92
CA ASN D 50 -49.90 1.29 -25.17
C ASN D 50 -49.65 -0.14 -24.73
N THR D 51 -49.65 -0.36 -23.41
CA THR D 51 -49.30 -1.66 -22.83
C THR D 51 -50.06 -2.82 -23.47
N GLN D 52 -51.31 -2.58 -23.89
CA GLN D 52 -52.12 -3.65 -24.49
C GLN D 52 -51.53 -4.14 -25.80
N ILE D 53 -50.77 -3.29 -26.49
CA ILE D 53 -50.27 -3.64 -27.82
C ILE D 53 -49.36 -4.86 -27.77
N GLU D 54 -48.37 -4.85 -26.87
CA GLU D 54 -47.40 -5.93 -26.80
C GLU D 54 -48.09 -7.27 -26.55
N ARG D 55 -49.25 -7.25 -25.89
CA ARG D 55 -50.02 -8.47 -25.67
C ARG D 55 -50.56 -9.02 -26.99
N TRP D 56 -51.06 -8.14 -27.87
CA TRP D 56 -51.60 -8.59 -29.15
C TRP D 56 -50.55 -9.24 -30.03
N ILE D 57 -49.28 -8.86 -29.88
CA ILE D 57 -48.23 -9.46 -30.70
C ILE D 57 -48.06 -10.93 -30.34
N ASN D 58 -48.14 -11.23 -29.04
CA ASN D 58 -47.96 -12.58 -28.53
C ASN D 58 -49.06 -13.55 -28.97
N ASN D 59 -50.16 -13.06 -29.53
CA ASN D 59 -51.22 -13.90 -30.06
C ASN D 59 -51.16 -14.02 -31.57
N GLY D 60 -50.04 -13.62 -32.17
CA GLY D 60 -49.81 -13.74 -33.59
C GLY D 60 -50.00 -12.49 -34.41
N LEU D 61 -50.22 -11.34 -33.78
CA LEU D 61 -50.23 -10.08 -34.53
C LEU D 61 -48.79 -9.68 -34.81
N TRP D 62 -48.42 -9.65 -36.09
CA TRP D 62 -47.10 -9.20 -36.49
C TRP D 62 -47.11 -7.67 -36.62
N VAL D 63 -46.19 -7.01 -35.93
CA VAL D 63 -46.05 -5.55 -36.00
C VAL D 63 -44.58 -5.21 -36.22
N PRO D 64 -44.21 -4.66 -37.38
CA PRO D 64 -42.79 -4.49 -37.70
C PRO D 64 -42.11 -3.44 -36.84
N ALA D 65 -40.89 -3.75 -36.43
CA ALA D 65 -40.04 -2.79 -35.73
C ALA D 65 -39.42 -1.85 -36.76
N LEU D 66 -39.76 -0.57 -36.67
CA LEU D 66 -39.24 0.46 -37.56
C LEU D 66 -38.16 1.26 -36.85
N GLU D 67 -36.92 1.14 -37.33
CA GLU D 67 -35.78 1.81 -36.73
C GLU D 67 -35.45 3.09 -37.49
N PHE D 68 -35.19 4.17 -36.75
CA PHE D 68 -34.66 5.40 -37.30
C PHE D 68 -33.16 5.19 -37.51
N ILE D 69 -32.73 5.15 -38.78
CA ILE D 69 -31.35 4.74 -39.07
C ILE D 69 -30.34 5.71 -38.46
N ASN D 70 -30.59 7.01 -38.55
CA ASN D 70 -29.60 7.98 -38.07
C ASN D 70 -29.99 8.55 -36.71
N VAL D 71 -30.80 7.82 -35.94
CA VAL D 71 -31.07 8.24 -34.58
C VAL D 71 -29.92 7.77 -33.70
N VAL D 72 -29.54 8.61 -32.74
CA VAL D 72 -28.43 8.33 -31.86
C VAL D 72 -29.03 7.84 -30.54
N GLY D 73 -29.02 6.52 -30.36
CA GLY D 73 -29.66 5.89 -29.22
C GLY D 73 -31.14 5.71 -29.46
N SER D 74 -31.74 4.67 -28.91
CA SER D 74 -33.16 4.45 -29.10
C SER D 74 -33.94 5.66 -28.57
N PRO D 75 -34.88 6.20 -29.34
CA PRO D 75 -35.57 7.43 -28.93
C PRO D 75 -36.67 7.14 -27.90
N ASP D 76 -37.18 8.22 -27.34
CA ASP D 76 -38.24 8.14 -26.34
C ASP D 76 -39.58 7.94 -27.04
N THR D 77 -40.16 6.76 -26.86
CA THR D 77 -41.47 6.44 -27.43
C THR D 77 -42.53 6.85 -26.42
N GLY D 78 -43.35 7.84 -26.80
CA GLY D 78 -44.43 8.27 -25.94
C GLY D 78 -45.60 7.31 -25.94
N ASN D 79 -46.78 7.81 -26.25
CA ASN D 79 -47.94 6.93 -26.35
C ASN D 79 -47.98 6.25 -27.71
N LYS D 80 -48.50 5.02 -27.73
CA LYS D 80 -48.65 4.28 -28.97
C LYS D 80 -49.95 3.52 -28.95
N ARG D 81 -50.60 3.42 -30.10
CA ARG D 81 -51.91 2.82 -30.22
C ARG D 81 -52.00 2.01 -31.51
N LEU D 82 -52.79 0.94 -31.47
CA LEU D 82 -53.15 0.19 -32.66
C LEU D 82 -54.63 0.39 -32.95
N MET D 83 -54.96 0.48 -34.24
CA MET D 83 -56.34 0.51 -34.70
C MET D 83 -56.50 -0.67 -35.65
N LEU D 84 -57.09 -1.74 -35.14
CA LEU D 84 -57.32 -2.95 -35.92
C LEU D 84 -58.68 -2.86 -36.58
N PHE D 85 -58.71 -2.97 -37.88
CA PHE D 85 -59.95 -2.84 -38.64
C PHE D 85 -60.54 -4.21 -38.95
N PRO D 86 -61.87 -4.30 -39.01
CA PRO D 86 -62.48 -5.59 -39.35
C PRO D 86 -62.13 -6.08 -40.74
N ASP D 87 -61.84 -5.16 -41.67
CA ASP D 87 -61.43 -5.53 -43.03
C ASP D 87 -59.95 -5.89 -43.14
N GLY D 88 -59.21 -5.90 -42.05
CA GLY D 88 -57.83 -6.35 -42.11
C GLY D 88 -56.78 -5.28 -41.88
N ARG D 89 -56.92 -4.12 -42.52
CA ARG D 89 -55.87 -3.11 -42.44
C ARG D 89 -55.64 -2.67 -41.01
N VAL D 90 -54.39 -2.32 -40.69
CA VAL D 90 -53.96 -2.05 -39.32
C VAL D 90 -53.18 -0.75 -39.32
N ILE D 91 -53.47 0.11 -38.34
CA ILE D 91 -52.86 1.44 -38.24
C ILE D 91 -52.08 1.52 -36.93
N TYR D 92 -50.77 1.74 -37.04
CA TYR D 92 -49.90 1.96 -35.90
C TYR D 92 -49.63 3.45 -35.75
N ASN D 93 -49.89 3.98 -34.56
CA ASN D 93 -49.68 5.39 -34.27
C ASN D 93 -48.88 5.50 -32.99
N ALA D 94 -47.85 6.34 -33.00
CA ALA D 94 -47.01 6.53 -31.83
C ALA D 94 -46.38 7.90 -31.89
N ARG D 95 -46.25 8.54 -30.73
CA ARG D 95 -45.54 9.81 -30.60
C ARG D 95 -44.11 9.53 -30.15
N PHE D 96 -43.15 10.15 -30.83
CA PHE D 96 -41.74 9.87 -30.61
C PHE D 96 -40.97 11.17 -30.36
N LEU D 97 -39.94 11.07 -29.53
CA LEU D 97 -38.98 12.16 -29.34
C LEU D 97 -37.59 11.56 -29.32
N GLY D 98 -36.75 11.97 -30.28
CA GLY D 98 -35.45 11.33 -30.45
C GLY D 98 -34.39 12.27 -30.95
N SER D 99 -33.13 11.86 -30.74
CA SER D 99 -31.95 12.62 -31.18
C SER D 99 -31.42 12.04 -32.49
N PHE D 100 -31.48 12.84 -33.55
CA PHE D 100 -31.06 12.44 -34.89
C PHE D 100 -29.73 13.11 -35.25
N SER D 101 -28.99 12.47 -36.16
CA SER D 101 -27.67 12.93 -36.55
C SER D 101 -27.59 13.18 -38.05
N ASN D 102 -26.75 14.15 -38.44
CA ASN D 102 -26.47 14.43 -39.84
C ASN D 102 -25.18 15.24 -39.95
N ASP D 103 -24.57 15.18 -41.14
CA ASP D 103 -23.41 16.01 -41.45
C ASP D 103 -23.85 17.46 -41.58
N MET D 104 -23.08 18.36 -40.98
CA MET D 104 -23.43 19.78 -40.94
C MET D 104 -22.16 20.61 -41.10
N ASP D 105 -22.14 21.48 -42.10
CA ASP D 105 -21.01 22.37 -42.33
C ASP D 105 -21.30 23.69 -41.60
N PHE D 106 -20.41 24.05 -40.68
CA PHE D 106 -20.54 25.28 -39.90
C PHE D 106 -19.41 26.27 -40.17
N ARG D 107 -18.68 26.11 -41.27
CA ARG D 107 -17.55 26.98 -41.55
C ARG D 107 -17.98 28.40 -41.86
N LEU D 108 -19.21 28.59 -42.33
CA LEU D 108 -19.75 29.92 -42.63
C LEU D 108 -20.66 30.39 -41.51
N PHE D 109 -20.23 30.19 -40.26
CA PHE D 109 -21.06 30.07 -39.07
C PHE D 109 -22.26 31.02 -39.01
N PRO D 110 -22.09 32.34 -39.03
CA PRO D 110 -23.26 33.22 -38.81
C PRO D 110 -24.27 33.17 -39.94
N PHE D 111 -23.96 32.53 -41.07
CA PHE D 111 -24.84 32.48 -42.24
C PHE D 111 -24.83 31.07 -42.84
N ASP D 112 -25.33 30.10 -42.08
CA ASP D 112 -25.34 28.73 -42.54
C ASP D 112 -26.55 28.45 -43.44
N ARG D 113 -26.43 27.39 -44.22
CA ARG D 113 -27.58 26.69 -44.75
C ARG D 113 -27.49 25.28 -44.21
N GLN D 114 -28.61 24.73 -43.77
CA GLN D 114 -28.60 23.42 -43.14
C GLN D 114 -29.74 22.56 -43.67
N GLN D 115 -29.61 21.26 -43.44
CA GLN D 115 -30.57 20.28 -43.93
C GLN D 115 -30.78 19.22 -42.86
N PHE D 116 -31.91 19.29 -42.16
CA PHE D 116 -32.27 18.31 -41.13
C PHE D 116 -32.94 17.10 -41.77
N VAL D 117 -32.57 15.91 -41.32
CA VAL D 117 -32.90 14.67 -42.02
C VAL D 117 -33.47 13.65 -41.04
N LEU D 118 -34.50 12.94 -41.47
CA LEU D 118 -34.99 11.72 -40.84
C LEU D 118 -34.79 10.58 -41.82
N GLU D 119 -34.40 9.41 -41.30
CA GLU D 119 -34.20 8.24 -42.14
C GLU D 119 -34.83 7.03 -41.45
N LEU D 120 -35.95 6.56 -41.99
CA LEU D 120 -36.68 5.42 -41.44
C LEU D 120 -36.55 4.21 -42.35
N GLU D 121 -36.46 3.03 -41.74
CA GLU D 121 -36.21 1.78 -42.46
C GLU D 121 -36.61 0.61 -41.59
N PRO D 122 -37.32 -0.39 -42.11
CA PRO D 122 -37.71 -1.53 -41.28
C PRO D 122 -36.48 -2.25 -40.75
N PHE D 123 -36.62 -2.82 -39.56
CA PHE D 123 -35.44 -3.37 -38.89
C PHE D 123 -35.06 -4.75 -39.41
N SER D 124 -36.01 -5.51 -39.96
CA SER D 124 -35.73 -6.89 -40.31
C SER D 124 -36.62 -7.41 -41.43
N TYR D 125 -36.89 -6.59 -42.44
CA TYR D 125 -37.82 -6.97 -43.50
C TYR D 125 -37.42 -6.29 -44.80
N ASN D 126 -37.26 -7.09 -45.86
CA ASN D 126 -36.77 -6.63 -47.14
C ASN D 126 -37.83 -6.59 -48.23
N ASN D 127 -38.75 -7.56 -48.26
CA ASN D 127 -39.87 -7.47 -49.19
C ASN D 127 -41.15 -7.16 -48.43
N GLN D 128 -41.08 -6.04 -47.72
CA GLN D 128 -42.24 -5.31 -47.21
C GLN D 128 -41.86 -3.84 -47.40
N GLN D 129 -42.54 -3.15 -48.32
CA GLN D 129 -42.03 -1.88 -48.81
C GLN D 129 -42.93 -0.74 -48.34
N LEU D 130 -42.32 0.43 -48.22
CA LEU D 130 -43.02 1.63 -47.82
C LEU D 130 -43.73 2.18 -49.05
N ARG D 131 -45.07 2.22 -49.01
CA ARG D 131 -45.89 2.53 -50.18
C ARG D 131 -45.65 3.96 -50.66
N PHE D 132 -46.11 4.92 -49.85
CA PHE D 132 -45.90 6.33 -50.12
C PHE D 132 -45.76 7.00 -48.75
N SER D 133 -45.03 8.10 -48.70
CA SER D 133 -44.75 8.74 -47.43
C SER D 133 -45.19 10.19 -47.46
N ASP D 134 -45.75 10.66 -46.34
CA ASP D 134 -46.23 12.01 -46.18
C ASP D 134 -45.77 12.53 -44.83
N ILE D 135 -45.49 13.83 -44.77
CA ILE D 135 -45.08 14.52 -43.54
C ILE D 135 -45.73 15.91 -43.54
N GLN D 136 -46.01 16.44 -42.35
CA GLN D 136 -46.82 17.65 -42.20
C GLN D 136 -46.06 18.65 -41.31
N VAL D 137 -45.69 19.82 -41.87
CA VAL D 137 -44.60 20.63 -41.33
C VAL D 137 -45.10 22.01 -40.83
N TYR D 138 -45.82 22.77 -41.69
CA TYR D 138 -46.43 24.10 -41.40
C TYR D 138 -45.38 25.18 -41.06
N THR D 139 -44.32 25.29 -41.88
CA THR D 139 -43.25 26.23 -41.59
C THR D 139 -43.12 27.25 -42.72
N GLU D 140 -43.61 28.46 -42.46
CA GLU D 140 -43.65 29.53 -43.44
C GLU D 140 -42.48 30.49 -43.18
N ASN D 141 -41.77 30.87 -44.26
CA ASN D 141 -40.58 31.79 -44.23
C ASN D 141 -40.20 32.36 -45.62
N ILE D 142 -39.75 33.62 -45.76
CA ILE D 142 -39.55 34.65 -44.72
C ILE D 142 -40.83 35.27 -44.28
N ASP D 143 -41.04 35.11 -42.99
CA ASP D 143 -42.30 35.15 -42.23
C ASP D 143 -42.21 33.95 -41.28
N ASN D 144 -42.86 34.03 -40.13
CA ASN D 144 -42.83 33.05 -39.02
C ASN D 144 -43.33 34.01 -37.95
N GLU D 145 -42.55 35.04 -37.55
CA GLU D 145 -41.11 35.22 -37.82
C GLU D 145 -40.48 35.36 -36.40
N GLU D 146 -40.24 36.55 -35.81
CA GLU D 146 -40.05 37.86 -36.42
C GLU D 146 -38.58 37.74 -36.76
N ILE D 147 -38.04 36.87 -35.92
CA ILE D 147 -36.65 36.47 -35.95
C ILE D 147 -36.60 35.07 -35.38
N ASP D 148 -35.50 34.36 -35.63
CA ASP D 148 -35.38 33.06 -34.98
C ASP D 148 -33.92 32.64 -35.04
N GLU D 149 -33.66 31.35 -35.10
CA GLU D 149 -32.30 30.93 -35.42
C GLU D 149 -32.17 30.44 -36.85
N TRP D 150 -33.11 29.61 -37.31
CA TRP D 150 -33.17 29.21 -38.71
C TRP D 150 -34.48 29.64 -39.34
N TRP D 151 -34.45 29.75 -40.66
CA TRP D 151 -35.63 29.92 -41.50
C TRP D 151 -35.88 28.62 -42.27
N ILE D 152 -36.97 28.56 -43.03
CA ILE D 152 -37.33 27.33 -43.75
C ILE D 152 -37.51 27.60 -45.24
N ARG D 153 -36.70 26.90 -46.06
CA ARG D 153 -36.70 27.02 -47.51
C ARG D 153 -37.61 26.00 -48.21
N GLY D 154 -38.59 25.43 -47.53
CA GLY D 154 -39.42 24.46 -48.24
C GLY D 154 -40.44 23.71 -47.41
N LYS D 155 -40.53 22.39 -47.62
CA LYS D 155 -41.41 21.56 -46.82
C LYS D 155 -40.79 20.18 -46.58
N ALA D 156 -40.34 19.50 -47.66
CA ALA D 156 -39.54 18.28 -47.60
C ALA D 156 -39.26 17.61 -48.94
N SER D 157 -38.62 16.45 -48.86
CA SER D 157 -38.33 15.57 -49.97
C SER D 157 -38.59 14.14 -49.47
N THR D 158 -38.92 13.23 -50.40
CA THR D 158 -39.33 11.89 -49.95
C THR D 158 -38.85 10.81 -50.93
N HIS D 159 -37.60 10.36 -50.74
CA HIS D 159 -37.02 9.30 -51.58
C HIS D 159 -37.79 7.99 -51.59
N ILE D 160 -37.72 7.21 -50.49
CA ILE D 160 -38.32 5.88 -50.39
C ILE D 160 -37.58 4.98 -51.38
N SER D 161 -36.27 4.89 -51.26
CA SER D 161 -35.45 4.18 -52.22
C SER D 161 -35.17 2.74 -51.78
N ASP D 162 -34.19 2.10 -52.43
CA ASP D 162 -33.80 0.72 -52.17
C ASP D 162 -32.34 0.71 -51.78
N ILE D 163 -31.99 -0.11 -50.78
CA ILE D 163 -30.64 -0.17 -50.23
C ILE D 163 -30.07 -1.55 -50.45
N ARG D 164 -28.77 -1.62 -50.74
CA ARG D 164 -28.10 -2.87 -51.06
C ARG D 164 -27.59 -3.63 -49.84
N TYR D 165 -26.75 -2.99 -49.01
CA TYR D 165 -26.08 -3.67 -47.90
C TYR D 165 -25.33 -4.91 -48.38
N ASP D 166 -24.20 -4.67 -49.07
CA ASP D 166 -23.51 -5.76 -49.75
C ASP D 166 -22.67 -6.62 -48.80
N HIS D 167 -22.72 -6.41 -47.49
CA HIS D 167 -21.91 -7.17 -46.55
C HIS D 167 -22.76 -8.31 -45.99
N LEU D 168 -22.33 -9.55 -46.30
CA LEU D 168 -22.90 -10.82 -45.86
C LEU D 168 -24.09 -11.26 -46.71
N SER D 169 -24.08 -10.92 -47.99
CA SER D 169 -25.27 -11.12 -48.83
C SER D 169 -25.78 -12.56 -48.83
N SER D 170 -24.94 -13.53 -48.48
CA SER D 170 -25.34 -14.94 -48.38
C SER D 170 -26.14 -15.28 -47.13
N VAL D 171 -26.29 -14.35 -46.17
CA VAL D 171 -27.22 -14.61 -45.07
C VAL D 171 -28.55 -15.04 -45.66
N GLN D 172 -28.98 -14.37 -46.72
CA GLN D 172 -30.10 -14.82 -47.57
C GLN D 172 -29.71 -14.47 -49.00
N PRO D 173 -29.23 -15.43 -49.79
CA PRO D 173 -28.72 -15.09 -51.13
C PRO D 173 -29.83 -14.60 -52.06
N ASN D 174 -29.54 -13.51 -52.79
CA ASN D 174 -30.28 -12.89 -53.88
C ASN D 174 -31.28 -11.83 -53.42
N GLN D 175 -31.53 -11.71 -52.12
CA GLN D 175 -32.55 -10.80 -51.62
C GLN D 175 -31.99 -10.09 -50.39
N ASN D 176 -31.66 -8.81 -50.57
CA ASN D 176 -31.17 -7.99 -49.45
C ASN D 176 -31.45 -6.51 -49.71
N GLU D 177 -32.51 -6.19 -50.45
CA GLU D 177 -32.86 -4.82 -50.80
C GLU D 177 -33.97 -4.33 -49.87
N PHE D 178 -33.68 -3.29 -49.09
CA PHE D 178 -34.59 -2.74 -48.09
C PHE D 178 -35.17 -1.40 -48.52
N SER D 179 -36.39 -1.13 -48.05
CA SER D 179 -37.10 0.11 -48.35
C SER D 179 -36.83 1.14 -47.26
N ARG D 180 -36.29 2.30 -47.64
CA ARG D 180 -35.92 3.34 -46.68
C ARG D 180 -36.56 4.66 -47.05
N ILE D 181 -37.45 5.16 -46.18
CA ILE D 181 -37.91 6.54 -46.30
C ILE D 181 -36.78 7.47 -45.91
N THR D 182 -36.59 8.53 -46.69
CA THR D 182 -35.67 9.61 -46.35
C THR D 182 -36.42 10.92 -46.43
N VAL D 183 -36.46 11.65 -45.32
CA VAL D 183 -37.08 12.96 -45.26
C VAL D 183 -36.00 13.98 -44.94
N ARG D 184 -36.02 15.11 -45.65
CA ARG D 184 -35.04 16.17 -45.45
C ARG D 184 -35.71 17.52 -45.53
N ILE D 185 -35.30 18.43 -44.65
CA ILE D 185 -35.86 19.76 -44.52
C ILE D 185 -34.72 20.77 -44.57
N ASP D 186 -34.84 21.75 -45.46
CA ASP D 186 -33.83 22.79 -45.62
C ASP D 186 -34.08 23.92 -44.65
N ALA D 187 -33.01 24.63 -44.29
CA ALA D 187 -33.11 25.72 -43.34
C ALA D 187 -31.94 26.67 -43.54
N VAL D 188 -32.17 27.94 -43.19
CA VAL D 188 -31.20 29.00 -43.37
C VAL D 188 -31.02 29.73 -42.04
N ARG D 189 -29.81 30.21 -41.80
CA ARG D 189 -29.45 30.83 -40.53
C ARG D 189 -29.98 32.26 -40.44
N ASN D 190 -30.86 32.50 -39.48
CA ASN D 190 -31.24 33.86 -39.16
C ASN D 190 -30.04 34.57 -38.53
N PRO D 191 -29.32 35.42 -39.27
CA PRO D 191 -28.08 36.01 -38.75
C PRO D 191 -28.30 37.16 -37.78
N SER D 192 -29.54 37.64 -37.64
CA SER D 192 -29.86 38.88 -36.93
C SER D 192 -29.11 39.06 -35.63
N TYR D 193 -29.18 38.06 -34.74
CA TYR D 193 -28.66 38.23 -33.39
C TYR D 193 -27.14 38.33 -33.40
N TYR D 194 -26.48 37.47 -34.16
CA TYR D 194 -25.03 37.43 -34.17
C TYR D 194 -24.41 38.63 -34.88
N LEU D 195 -25.14 39.29 -35.77
CA LEU D 195 -24.61 40.49 -36.39
C LEU D 195 -24.66 41.69 -35.44
N TRP D 196 -25.87 42.08 -35.01
CA TRP D 196 -26.02 43.27 -34.18
C TRP D 196 -25.23 43.19 -32.88
N SER D 197 -25.01 41.98 -32.36
CA SER D 197 -24.48 41.82 -31.02
C SER D 197 -23.11 41.18 -30.97
N PHE D 198 -22.56 40.72 -32.11
CA PHE D 198 -21.23 40.13 -32.09
C PHE D 198 -20.34 40.73 -33.18
N ILE D 199 -20.82 40.67 -34.43
CA ILE D 199 -20.05 41.21 -35.55
C ILE D 199 -19.86 42.72 -35.40
N LEU D 200 -20.93 43.42 -35.06
CA LEU D 200 -20.86 44.88 -34.95
C LEU D 200 -19.83 45.32 -33.90
N PRO D 201 -19.87 44.85 -32.65
CA PRO D 201 -18.85 45.30 -31.69
C PRO D 201 -17.42 45.02 -32.13
N LEU D 202 -17.18 43.89 -32.80
CA LEU D 202 -15.83 43.58 -33.27
C LEU D 202 -15.33 44.63 -34.25
N GLY D 203 -16.18 45.01 -35.21
CA GLY D 203 -15.80 46.05 -36.16
C GLY D 203 -15.45 47.36 -35.48
N LEU D 204 -16.28 47.78 -34.51
CA LEU D 204 -15.98 49.01 -33.77
C LEU D 204 -14.63 48.93 -33.08
N ILE D 205 -14.32 47.78 -32.48
CA ILE D 205 -13.03 47.59 -31.83
C ILE D 205 -11.92 47.60 -32.86
N ILE D 206 -12.10 46.84 -33.95
CA ILE D 206 -11.11 46.80 -35.02
C ILE D 206 -10.94 48.17 -35.65
N ALA D 207 -12.06 48.88 -35.88
CA ALA D 207 -11.97 50.24 -36.39
C ALA D 207 -11.25 51.14 -35.39
N ALA D 208 -11.71 51.14 -34.13
CA ALA D 208 -11.04 51.91 -33.08
C ALA D 208 -9.58 51.50 -32.94
N SER D 209 -9.25 50.26 -33.27
CA SER D 209 -7.86 49.82 -33.23
C SER D 209 -6.98 50.69 -34.13
N TRP D 210 -7.50 51.08 -35.29
CA TRP D 210 -6.72 51.91 -36.22
C TRP D 210 -6.53 53.34 -35.71
N SER D 211 -7.41 53.81 -34.82
CA SER D 211 -7.32 55.17 -34.31
C SER D 211 -6.04 55.39 -33.52
N VAL D 212 -5.24 54.32 -33.34
CA VAL D 212 -3.94 54.44 -32.69
C VAL D 212 -3.01 55.31 -33.52
N PHE D 213 -3.23 55.38 -34.84
CA PHE D 213 -2.34 56.15 -35.70
C PHE D 213 -2.50 57.65 -35.50
N TRP D 214 -3.57 58.08 -34.83
CA TRP D 214 -3.78 59.48 -34.53
C TRP D 214 -3.20 59.88 -33.17
N LEU D 215 -2.52 58.98 -32.49
CA LEU D 215 -1.77 59.31 -31.28
C LEU D 215 -0.49 60.05 -31.64
N GLU D 216 -0.17 61.07 -30.85
CA GLU D 216 0.88 62.00 -31.23
C GLU D 216 2.28 61.39 -31.08
N SER D 217 2.63 60.99 -29.87
CA SER D 217 3.96 60.47 -29.57
C SER D 217 4.12 59.04 -30.07
N PHE D 218 5.32 58.48 -29.89
CA PHE D 218 5.58 57.08 -30.19
C PHE D 218 5.31 56.20 -28.97
N SER D 219 5.76 56.64 -27.79
CA SER D 219 5.40 55.93 -26.57
C SER D 219 3.88 55.85 -26.42
N GLU D 220 3.19 56.93 -26.80
CA GLU D 220 1.72 56.87 -26.85
C GLU D 220 1.27 55.76 -27.80
N ARG D 221 1.84 55.72 -29.01
CA ARG D 221 1.44 54.72 -29.99
C ARG D 221 1.72 53.30 -29.53
N LEU D 222 2.96 53.02 -29.16
CA LEU D 222 3.35 51.64 -28.86
C LEU D 222 2.67 51.14 -27.59
N GLN D 223 2.68 51.95 -26.53
CA GLN D 223 2.04 51.54 -25.28
C GLN D 223 0.55 51.30 -25.46
N THR D 224 -0.13 52.20 -26.18
CA THR D 224 -1.58 52.07 -26.38
C THR D 224 -1.91 50.78 -27.12
N SER D 225 -1.07 50.38 -28.08
CA SER D 225 -1.32 49.16 -28.84
C SER D 225 -1.43 47.94 -27.92
N PHE D 226 -0.57 47.85 -26.90
CA PHE D 226 -0.60 46.70 -26.01
C PHE D 226 -1.94 46.61 -25.29
N THR D 227 -2.58 47.75 -25.03
CA THR D 227 -3.94 47.75 -24.51
C THR D 227 -4.93 47.23 -25.53
N LEU D 228 -4.77 47.62 -26.81
CA LEU D 228 -5.64 47.10 -27.86
C LEU D 228 -5.50 45.59 -28.01
N MET D 229 -4.27 45.08 -27.90
CA MET D 229 -4.04 43.64 -27.93
C MET D 229 -4.89 42.94 -26.88
N LEU D 230 -4.86 43.44 -25.65
CA LEU D 230 -5.69 42.88 -24.58
C LEU D 230 -7.17 42.89 -24.95
N THR D 231 -7.62 43.92 -25.65
CA THR D 231 -9.03 44.02 -26.01
C THR D 231 -9.49 42.86 -26.89
N VAL D 232 -8.63 42.43 -27.84
CA VAL D 232 -9.01 41.34 -28.73
C VAL D 232 -9.08 40.02 -27.96
N VAL D 233 -8.06 39.74 -27.15
CA VAL D 233 -8.05 38.51 -26.34
C VAL D 233 -9.30 38.41 -25.48
N ALA D 234 -9.69 39.54 -24.87
CA ALA D 234 -10.95 39.57 -24.13
C ALA D 234 -12.13 39.18 -25.01
N TYR D 235 -12.20 39.76 -26.22
CA TYR D 235 -13.34 39.52 -27.09
C TYR D 235 -13.35 38.09 -27.63
N ALA D 236 -12.18 37.52 -27.90
CA ALA D 236 -12.11 36.11 -28.32
C ALA D 236 -12.67 35.20 -27.24
N PHE D 237 -12.35 35.48 -25.97
CA PHE D 237 -12.88 34.69 -24.87
C PHE D 237 -14.40 34.82 -24.79
N TYR D 238 -14.89 36.05 -24.74
CA TYR D 238 -16.33 36.29 -24.73
C TYR D 238 -17.01 35.65 -25.94
N THR D 239 -16.36 35.71 -27.10
CA THR D 239 -16.88 35.02 -28.27
C THR D 239 -16.96 33.51 -28.03
N SER D 240 -15.83 32.91 -27.65
CA SER D 240 -15.74 31.45 -27.59
C SER D 240 -16.62 30.87 -26.48
N ASN D 241 -16.75 31.58 -25.36
CA ASN D 241 -17.56 31.06 -24.26
C ASN D 241 -19.02 30.97 -24.65
N ILE D 242 -19.55 32.00 -25.30
CA ILE D 242 -20.98 32.07 -25.58
C ILE D 242 -21.32 31.36 -26.89
N LEU D 243 -20.45 31.45 -27.89
CA LEU D 243 -20.70 30.87 -29.19
C LEU D 243 -20.50 29.35 -29.15
N PRO D 244 -21.17 28.62 -30.04
CA PRO D 244 -21.08 27.15 -30.01
C PRO D 244 -19.68 26.65 -30.39
N ARG D 245 -19.17 25.72 -29.60
CA ARG D 245 -17.84 25.17 -29.85
C ARG D 245 -17.85 24.35 -31.14
N LEU D 246 -16.80 24.51 -31.93
CA LEU D 246 -16.70 23.88 -33.23
C LEU D 246 -15.27 23.42 -33.46
N PRO D 247 -15.06 22.49 -34.40
CA PRO D 247 -13.69 22.04 -34.69
C PRO D 247 -13.07 22.71 -35.91
N TYR D 248 -13.62 23.83 -36.36
CA TYR D 248 -13.03 24.56 -37.48
C TYR D 248 -13.26 26.05 -37.30
N THR D 249 -12.58 26.82 -38.13
CA THR D 249 -12.59 28.28 -38.02
C THR D 249 -13.87 28.83 -38.63
N THR D 250 -14.69 29.47 -37.81
CA THR D 250 -15.90 30.10 -38.28
C THR D 250 -15.57 31.42 -38.99
N VAL D 251 -16.59 32.07 -39.53
CA VAL D 251 -16.40 33.41 -40.09
C VAL D 251 -16.00 34.38 -38.99
N ILE D 252 -16.71 34.34 -37.87
CA ILE D 252 -16.35 35.13 -36.70
C ILE D 252 -14.92 34.81 -36.28
N ASP D 253 -14.60 33.52 -36.18
CA ASP D 253 -13.27 33.12 -35.72
C ASP D 253 -12.18 33.70 -36.60
N GLN D 254 -12.40 33.78 -37.92
CA GLN D 254 -11.42 34.44 -38.78
C GLN D 254 -11.39 35.94 -38.55
N MET D 255 -12.55 36.57 -38.41
CA MET D 255 -12.58 37.99 -38.08
C MET D 255 -11.81 38.27 -36.80
N ILE D 256 -11.82 37.33 -35.86
CA ILE D 256 -11.01 37.48 -34.66
C ILE D 256 -9.53 37.45 -35.01
N ILE D 257 -9.14 36.57 -35.95
CA ILE D 257 -7.75 36.56 -36.41
C ILE D 257 -7.44 37.85 -37.15
N ALA D 258 -8.43 38.40 -37.88
CA ALA D 258 -8.22 39.65 -38.60
C ALA D 258 -7.85 40.77 -37.64
N GLY D 259 -8.54 40.84 -36.49
CA GLY D 259 -8.15 41.78 -35.47
C GLY D 259 -6.75 41.52 -34.93
N TYR D 260 -6.49 40.27 -34.51
CA TYR D 260 -5.18 39.87 -34.03
C TYR D 260 -4.08 40.32 -34.98
N GLY D 261 -4.32 40.22 -36.29
CA GLY D 261 -3.32 40.62 -37.25
C GLY D 261 -3.18 42.12 -37.37
N SER D 262 -4.30 42.81 -37.60
CA SER D 262 -4.29 44.26 -37.75
C SER D 262 -3.60 44.95 -36.59
N ILE D 263 -3.83 44.47 -35.36
CA ILE D 263 -3.19 45.08 -34.20
C ILE D 263 -1.71 44.73 -34.16
N PHE D 264 -1.36 43.47 -34.46
CA PHE D 264 0.05 43.11 -34.48
C PHE D 264 0.78 43.81 -35.63
N ALA D 265 0.11 44.00 -36.76
CA ALA D 265 0.72 44.71 -37.87
C ALA D 265 0.97 46.18 -37.53
N ALA D 266 0.00 46.83 -36.88
CA ALA D 266 0.20 48.21 -36.43
C ALA D 266 1.46 48.31 -35.57
N ILE D 267 1.62 47.39 -34.62
CA ILE D 267 2.84 47.33 -33.80
C ILE D 267 4.09 47.38 -34.67
N LEU D 268 4.08 46.62 -35.76
CA LEU D 268 5.28 46.52 -36.60
C LEU D 268 5.58 47.85 -37.29
N LEU D 269 4.56 48.46 -37.90
CA LEU D 269 4.75 49.78 -38.51
C LEU D 269 5.19 50.82 -37.47
N ILE D 270 4.46 50.90 -36.35
CA ILE D 270 4.78 51.87 -35.30
C ILE D 270 6.26 51.82 -34.94
N ILE D 271 6.83 50.62 -34.89
CA ILE D 271 8.25 50.50 -34.56
C ILE D 271 9.11 50.81 -35.78
N PHE D 272 8.72 50.31 -36.96
CA PHE D 272 9.50 50.59 -38.17
C PHE D 272 9.47 52.07 -38.54
N ALA D 273 8.36 52.76 -38.25
CA ALA D 273 8.30 54.20 -38.43
C ALA D 273 9.40 54.91 -37.65
N HIS D 274 9.75 54.37 -36.48
CA HIS D 274 10.71 55.03 -35.60
C HIS D 274 12.15 54.90 -36.10
N HIS D 275 12.49 53.79 -36.74
CA HIS D 275 13.88 53.47 -37.07
C HIS D 275 14.14 53.41 -38.58
N ARG D 276 13.26 53.95 -39.40
CA ARG D 276 13.50 54.15 -40.83
C ARG D 276 13.65 55.65 -41.04
N GLN D 277 14.87 56.15 -40.78
CA GLN D 277 15.10 57.58 -40.61
C GLN D 277 16.34 58.03 -41.35
N ALA D 278 16.51 59.36 -41.40
CA ALA D 278 17.71 59.99 -41.95
C ALA D 278 18.77 60.24 -40.88
N ASN D 279 18.37 60.73 -39.71
CA ASN D 279 19.29 61.00 -38.62
C ASN D 279 19.36 59.80 -37.66
N GLY D 280 18.47 59.77 -36.67
CA GLY D 280 18.39 58.66 -35.74
C GLY D 280 16.99 58.47 -35.20
N VAL D 281 16.37 59.55 -34.70
CA VAL D 281 15.02 59.47 -34.16
C VAL D 281 14.15 60.48 -34.91
N GLU D 282 13.66 60.08 -36.08
CA GLU D 282 12.73 60.88 -36.86
C GLU D 282 11.67 59.93 -37.43
N ASP D 283 10.42 60.15 -37.06
CA ASP D 283 9.33 59.31 -37.55
C ASP D 283 9.07 59.63 -39.03
N ASP D 284 9.36 58.66 -39.89
CA ASP D 284 9.28 58.78 -41.34
C ASP D 284 7.99 59.46 -41.77
N LEU D 285 8.14 60.65 -42.38
CA LEU D 285 7.05 61.63 -42.41
C LEU D 285 5.77 61.09 -43.06
N LEU D 286 5.89 60.23 -44.07
CA LEU D 286 4.68 59.77 -44.74
C LEU D 286 4.12 58.50 -44.14
N ILE D 287 4.97 57.67 -43.54
CA ILE D 287 4.55 56.32 -43.16
C ILE D 287 3.60 56.36 -41.97
N GLN D 288 3.81 57.28 -41.02
CA GLN D 288 2.85 57.37 -39.93
C GLN D 288 1.53 57.97 -40.38
N ARG D 289 1.48 58.49 -41.61
CA ARG D 289 0.24 58.94 -42.23
C ARG D 289 -0.41 57.85 -43.08
N CYS D 290 -0.25 56.59 -42.69
CA CYS D 290 -1.15 55.52 -43.13
C CYS D 290 -2.39 55.42 -42.27
N ARG D 291 -2.79 56.53 -41.63
CA ARG D 291 -3.94 56.53 -40.74
C ARG D 291 -5.20 56.08 -41.46
N LEU D 292 -5.42 56.61 -42.66
CA LEU D 292 -6.46 56.09 -43.54
C LEU D 292 -5.83 55.45 -44.78
N ALA D 293 -4.85 54.58 -44.56
CA ALA D 293 -4.33 53.73 -45.63
C ALA D 293 -4.30 52.29 -45.13
N PHE D 294 -4.18 52.12 -43.82
CA PHE D 294 -4.38 50.83 -43.16
C PHE D 294 -5.84 50.42 -43.14
N PRO D 295 -6.79 51.33 -42.86
CA PRO D 295 -8.20 50.96 -43.09
C PRO D 295 -8.43 50.51 -44.51
N LEU D 296 -7.77 51.16 -45.46
CA LEU D 296 -7.88 50.76 -46.86
C LEU D 296 -7.21 49.42 -47.10
N GLY D 297 -6.05 49.19 -46.49
CA GLY D 297 -5.37 47.90 -46.64
C GLY D 297 -6.16 46.75 -46.04
N PHE D 298 -6.79 46.99 -44.89
CA PHE D 298 -7.58 45.95 -44.24
C PHE D 298 -8.82 45.60 -45.05
N LEU D 299 -9.54 46.61 -45.55
CA LEU D 299 -10.79 46.35 -46.27
C LEU D 299 -10.55 45.60 -47.58
N ALA D 300 -9.38 45.77 -48.19
CA ALA D 300 -9.09 45.05 -49.43
C ALA D 300 -8.92 43.55 -49.20
N ILE D 301 -8.26 43.17 -48.09
CA ILE D 301 -8.06 41.76 -47.81
C ILE D 301 -9.34 41.08 -47.37
N GLY D 302 -10.29 41.83 -46.83
CA GLY D 302 -11.55 41.22 -46.47
C GLY D 302 -12.52 41.02 -47.61
N CYS D 303 -12.15 41.40 -48.83
CA CYS D 303 -12.97 41.15 -50.01
C CYS D 303 -12.47 40.01 -50.88
N VAL D 304 -11.23 39.55 -50.69
CA VAL D 304 -10.79 38.32 -51.34
C VAL D 304 -11.00 37.12 -50.43
N LEU D 305 -11.25 37.35 -49.14
CA LEU D 305 -11.74 36.30 -48.26
C LEU D 305 -13.13 35.86 -48.68
N VAL D 306 -13.84 36.70 -49.42
CA VAL D 306 -15.19 36.37 -49.88
C VAL D 306 -15.13 35.35 -51.00
N ILE D 307 -14.25 35.57 -51.98
CA ILE D 307 -14.13 34.68 -53.12
C ILE D 307 -12.73 34.07 -53.17
N PRO E 1 -70.83 8.39 -26.31
CA PRO E 1 -70.11 9.66 -26.24
C PRO E 1 -69.78 10.05 -24.80
N VAL E 2 -68.84 9.34 -24.20
CA VAL E 2 -68.64 9.37 -22.75
C VAL E 2 -68.19 10.75 -22.30
N ASP E 3 -68.79 11.24 -21.22
CA ASP E 3 -68.41 12.48 -20.59
C ASP E 3 -67.33 12.22 -19.54
N VAL E 4 -66.32 13.10 -19.50
CA VAL E 4 -65.22 12.98 -18.55
C VAL E 4 -64.96 14.32 -17.90
N SER E 5 -65.14 14.40 -16.59
CA SER E 5 -64.69 15.56 -15.83
C SER E 5 -63.21 15.40 -15.53
N VAL E 6 -62.48 16.51 -15.57
CA VAL E 6 -61.05 16.53 -15.33
C VAL E 6 -60.71 17.74 -14.46
N SER E 7 -59.90 17.53 -13.44
CA SER E 7 -59.37 18.61 -12.63
C SER E 7 -57.87 18.42 -12.46
N ILE E 8 -57.12 19.50 -12.62
CA ILE E 8 -55.67 19.46 -12.67
C ILE E 8 -55.14 20.28 -11.50
N PHE E 9 -54.48 19.61 -10.55
CA PHE E 9 -53.86 20.28 -9.42
C PHE E 9 -52.44 20.65 -9.81
N ILE E 10 -52.12 21.93 -9.76
CA ILE E 10 -50.80 22.44 -10.12
C ILE E 10 -50.02 22.74 -8.85
N ASN E 11 -48.84 22.12 -8.71
CA ASN E 11 -48.02 22.30 -7.53
C ASN E 11 -46.93 23.34 -7.70
N LYS E 12 -46.21 23.33 -8.82
CA LYS E 12 -45.04 24.18 -9.00
C LYS E 12 -44.53 24.06 -10.43
N ILE E 13 -43.92 25.14 -10.95
CA ILE E 13 -43.24 25.05 -12.25
C ILE E 13 -41.71 25.25 -12.18
N TYR E 14 -41.25 26.50 -12.13
CA TYR E 14 -39.97 27.02 -11.60
C TYR E 14 -38.75 26.96 -12.52
N GLY E 15 -38.65 26.05 -13.48
CA GLY E 15 -37.39 25.95 -14.19
C GLY E 15 -37.46 26.25 -15.67
N VAL E 16 -37.51 27.52 -16.04
CA VAL E 16 -37.60 27.94 -17.44
C VAL E 16 -36.28 27.76 -18.17
N ASN E 17 -36.37 27.24 -19.39
CA ASN E 17 -35.26 27.07 -20.32
C ASN E 17 -35.51 28.07 -21.45
N THR E 18 -34.89 29.25 -21.32
CA THR E 18 -35.21 30.38 -22.20
C THR E 18 -34.94 30.07 -23.67
N LEU E 19 -33.88 29.33 -23.97
CA LEU E 19 -33.58 29.02 -25.37
C LEU E 19 -34.61 28.06 -25.95
N GLU E 20 -34.80 26.91 -25.31
CA GLU E 20 -35.70 25.89 -25.83
C GLU E 20 -37.17 26.28 -25.66
N GLN E 21 -37.45 27.38 -24.98
CA GLN E 21 -38.82 27.79 -24.67
C GLN E 21 -39.53 26.64 -23.97
N THR E 22 -39.29 26.50 -22.67
CA THR E 22 -39.63 25.27 -21.96
C THR E 22 -39.73 25.57 -20.47
N TYR E 23 -40.72 24.97 -19.82
CA TYR E 23 -40.92 25.06 -18.38
C TYR E 23 -41.39 23.71 -17.87
N LYS E 24 -41.13 23.44 -16.61
CA LYS E 24 -41.42 22.16 -15.97
C LYS E 24 -42.67 22.33 -15.11
N VAL E 25 -43.54 21.32 -15.08
CA VAL E 25 -44.78 21.41 -14.30
C VAL E 25 -44.94 20.13 -13.48
N ASP E 26 -45.02 20.28 -12.16
CA ASP E 26 -45.30 19.18 -11.24
C ASP E 26 -46.69 19.34 -10.65
N GLY E 27 -47.43 18.24 -10.57
CA GLY E 27 -48.77 18.31 -10.01
C GLY E 27 -49.52 17.00 -10.20
N TYR E 28 -50.82 17.07 -9.89
CA TYR E 28 -51.74 15.94 -9.97
C TYR E 28 -52.72 16.16 -11.12
N ILE E 29 -53.40 15.07 -11.49
CA ILE E 29 -54.46 15.14 -12.49
C ILE E 29 -55.51 14.10 -12.14
N VAL E 30 -56.78 14.44 -12.35
CA VAL E 30 -57.89 13.58 -11.95
C VAL E 30 -58.85 13.47 -13.13
N ALA E 31 -59.33 12.26 -13.39
CA ALA E 31 -60.33 12.02 -14.41
C ALA E 31 -61.47 11.20 -13.80
N GLN E 32 -62.70 11.67 -14.00
CA GLN E 32 -63.88 11.00 -13.48
C GLN E 32 -64.92 10.86 -14.60
N TRP E 33 -65.48 9.67 -14.72
CA TRP E 33 -66.41 9.33 -15.79
C TRP E 33 -67.24 8.14 -15.35
N THR E 34 -68.52 8.13 -15.72
CA THR E 34 -69.47 7.17 -15.21
C THR E 34 -69.62 6.02 -16.21
N GLY E 35 -69.48 4.79 -15.72
CA GLY E 35 -69.59 3.61 -16.54
C GLY E 35 -70.55 2.60 -15.97
N LYS E 36 -70.52 1.36 -16.47
CA LYS E 36 -71.41 0.33 -15.97
C LYS E 36 -71.08 0.01 -14.51
N PRO E 37 -72.10 -0.08 -13.64
CA PRO E 37 -71.85 -0.39 -12.23
C PRO E 37 -71.20 -1.75 -12.06
N ARG E 38 -70.70 -1.99 -10.85
CA ARG E 38 -70.06 -3.25 -10.54
C ARG E 38 -70.21 -3.54 -9.06
N LYS E 39 -69.94 -4.79 -8.69
CA LYS E 39 -69.87 -5.19 -7.30
C LYS E 39 -68.47 -4.92 -6.78
N THR E 40 -68.37 -4.17 -5.70
CA THR E 40 -67.10 -3.93 -5.05
C THR E 40 -67.02 -4.76 -3.77
N PRO E 41 -65.83 -5.03 -3.26
CA PRO E 41 -65.74 -5.63 -1.93
C PRO E 41 -66.50 -4.77 -0.93
N GLY E 42 -67.34 -5.42 -0.14
CA GLY E 42 -68.35 -4.68 0.61
C GLY E 42 -69.28 -3.95 -0.35
N ASP E 43 -69.51 -2.67 -0.08
CA ASP E 43 -70.07 -1.77 -1.06
C ASP E 43 -69.28 -0.46 -1.15
N LYS E 44 -68.23 -0.32 -0.35
CA LYS E 44 -67.32 0.81 -0.48
C LYS E 44 -66.64 0.79 -1.84
N PRO E 45 -66.28 1.95 -2.38
CA PRO E 45 -65.51 1.97 -3.62
C PRO E 45 -64.15 1.29 -3.45
N LEU E 46 -63.66 0.70 -4.54
CA LEU E 46 -62.42 -0.06 -4.55
C LEU E 46 -61.27 0.83 -5.01
N ILE E 47 -60.12 0.69 -4.33
CA ILE E 47 -58.94 1.51 -4.57
C ILE E 47 -57.85 0.63 -5.17
N VAL E 48 -57.24 1.10 -6.26
CA VAL E 48 -56.20 0.37 -6.98
C VAL E 48 -55.00 1.31 -7.14
N GLU E 49 -53.86 0.93 -6.58
CA GLU E 49 -52.69 1.79 -6.54
C GLU E 49 -51.62 1.27 -7.50
N ASN E 50 -51.18 2.14 -8.41
CA ASN E 50 -50.01 1.94 -9.27
C ASN E 50 -50.02 0.64 -10.07
N THR E 51 -49.02 -0.22 -9.81
CA THR E 51 -48.83 -1.44 -10.60
C THR E 51 -50.11 -2.27 -10.74
N GLN E 52 -50.95 -2.27 -9.71
CA GLN E 52 -52.18 -3.05 -9.79
C GLN E 52 -53.14 -2.51 -10.83
N ILE E 53 -53.05 -1.22 -11.15
CA ILE E 53 -53.94 -0.63 -12.14
C ILE E 53 -53.77 -1.34 -13.48
N GLU E 54 -52.52 -1.49 -13.91
CA GLU E 54 -52.25 -2.15 -15.18
C GLU E 54 -52.81 -3.57 -15.20
N ARG E 55 -52.92 -4.21 -14.03
CA ARG E 55 -53.53 -5.53 -13.98
C ARG E 55 -55.01 -5.45 -14.32
N TRP E 56 -55.72 -4.44 -13.79
CA TRP E 56 -57.14 -4.32 -14.06
C TRP E 56 -57.43 -4.08 -15.54
N ILE E 57 -56.49 -3.47 -16.27
CA ILE E 57 -56.70 -3.23 -17.69
C ILE E 57 -56.73 -4.53 -18.46
N ASN E 58 -55.87 -5.49 -18.09
CA ASN E 58 -55.81 -6.77 -18.77
C ASN E 58 -57.10 -7.58 -18.63
N ASN E 59 -58.00 -7.19 -17.72
CA ASN E 59 -59.29 -7.86 -17.55
C ASN E 59 -60.43 -7.09 -18.21
N GLY E 60 -60.13 -6.13 -19.08
CA GLY E 60 -61.15 -5.42 -19.80
C GLY E 60 -61.52 -4.07 -19.24
N LEU E 61 -60.78 -3.56 -18.26
CA LEU E 61 -61.05 -2.21 -17.78
C LEU E 61 -60.51 -1.22 -18.81
N TRP E 62 -61.41 -0.45 -19.41
CA TRP E 62 -61.01 0.57 -20.37
C TRP E 62 -60.56 1.80 -19.59
N VAL E 63 -59.34 2.24 -19.83
CA VAL E 63 -58.80 3.43 -19.17
C VAL E 63 -58.23 4.32 -20.27
N PRO E 64 -58.87 5.45 -20.56
CA PRO E 64 -58.44 6.25 -21.72
C PRO E 64 -57.08 6.88 -21.47
N ALA E 65 -56.23 6.84 -22.50
CA ALA E 65 -54.95 7.52 -22.45
C ALA E 65 -55.15 9.00 -22.70
N LEU E 66 -54.83 9.82 -21.71
CA LEU E 66 -54.89 11.27 -21.83
C LEU E 66 -53.47 11.77 -22.08
N GLU E 67 -53.22 12.31 -23.26
CA GLU E 67 -51.90 12.79 -23.63
C GLU E 67 -51.80 14.29 -23.41
N PHE E 68 -50.67 14.72 -22.85
CA PHE E 68 -50.34 16.13 -22.78
C PHE E 68 -49.80 16.57 -24.13
N ILE E 69 -50.56 17.41 -24.83
CA ILE E 69 -50.22 17.79 -26.20
C ILE E 69 -48.91 18.54 -26.24
N ASN E 70 -48.71 19.46 -25.30
CA ASN E 70 -47.58 20.38 -25.34
C ASN E 70 -46.46 19.99 -24.36
N VAL E 71 -46.40 18.71 -23.97
CA VAL E 71 -45.28 18.23 -23.16
C VAL E 71 -44.17 17.76 -24.11
N VAL E 72 -42.92 18.00 -23.72
CA VAL E 72 -41.77 17.63 -24.52
C VAL E 72 -41.21 16.35 -23.91
N GLY E 73 -41.51 15.21 -24.53
CA GLY E 73 -41.10 13.95 -23.97
C GLY E 73 -42.05 13.45 -22.90
N SER E 74 -42.11 12.13 -22.75
CA SER E 74 -43.01 11.53 -21.76
C SER E 74 -42.71 12.08 -20.37
N PRO E 75 -43.72 12.52 -19.62
CA PRO E 75 -43.45 13.09 -18.29
C PRO E 75 -43.26 11.97 -17.27
N ASP E 76 -42.76 12.36 -16.11
CA ASP E 76 -42.54 11.40 -15.03
C ASP E 76 -43.87 11.19 -14.33
N THR E 77 -44.43 10.00 -14.47
CA THR E 77 -45.68 9.64 -13.80
C THR E 77 -45.32 9.09 -12.43
N GLY E 78 -45.71 9.82 -11.38
CA GLY E 78 -45.45 9.37 -10.04
C GLY E 78 -46.40 8.26 -9.65
N ASN E 79 -47.11 8.45 -8.54
CA ASN E 79 -48.09 7.47 -8.12
C ASN E 79 -49.41 7.69 -8.87
N LYS E 80 -50.13 6.60 -9.09
CA LYS E 80 -51.41 6.65 -9.80
C LYS E 80 -52.36 5.67 -9.14
N ARG E 81 -53.64 6.06 -9.07
CA ARG E 81 -54.64 5.26 -8.38
C ARG E 81 -55.96 5.31 -9.13
N LEU E 82 -56.73 4.22 -9.00
CA LEU E 82 -58.08 4.12 -9.52
C LEU E 82 -59.09 4.07 -8.38
N MET E 83 -60.25 4.69 -8.61
CA MET E 83 -61.39 4.61 -7.70
C MET E 83 -62.57 4.01 -8.48
N LEU E 84 -62.83 2.74 -8.26
CA LEU E 84 -63.93 2.05 -8.91
C LEU E 84 -65.16 2.12 -8.02
N PHE E 85 -66.24 2.71 -8.53
CA PHE E 85 -67.44 2.87 -7.72
C PHE E 85 -68.44 1.78 -8.03
N PRO E 86 -69.21 1.35 -7.01
CA PRO E 86 -70.25 0.34 -7.26
C PRO E 86 -71.33 0.83 -8.20
N ASP E 87 -71.59 2.14 -8.23
CA ASP E 87 -72.55 2.74 -9.15
C ASP E 87 -71.96 2.97 -10.54
N GLY E 88 -70.74 2.55 -10.79
CA GLY E 88 -70.18 2.61 -12.13
C GLY E 88 -69.04 3.59 -12.34
N ARG E 89 -69.20 4.83 -11.86
CA ARG E 89 -68.23 5.88 -12.15
C ARG E 89 -66.84 5.51 -11.64
N VAL E 90 -65.82 6.01 -12.33
CA VAL E 90 -64.44 5.63 -12.11
C VAL E 90 -63.59 6.90 -12.04
N ILE E 91 -62.68 6.95 -11.07
CA ILE E 91 -61.82 8.10 -10.83
C ILE E 91 -60.37 7.67 -11.06
N TYR E 92 -59.73 8.27 -12.06
CA TYR E 92 -58.31 8.06 -12.32
C TYR E 92 -57.52 9.22 -11.76
N ASN E 93 -56.52 8.92 -10.92
CA ASN E 93 -55.71 9.92 -10.26
C ASN E 93 -54.25 9.59 -10.48
N ALA E 94 -53.45 10.61 -10.80
CA ALA E 94 -52.03 10.40 -11.03
C ALA E 94 -51.26 11.68 -10.76
N ARG E 95 -50.04 11.53 -10.24
CA ARG E 95 -49.13 12.64 -10.07
C ARG E 95 -48.19 12.71 -11.26
N PHE E 96 -48.06 13.89 -11.85
CA PHE E 96 -47.21 14.08 -13.02
C PHE E 96 -46.18 15.15 -12.75
N LEU E 97 -45.07 15.04 -13.48
CA LEU E 97 -44.08 16.10 -13.59
C LEU E 97 -43.47 16.02 -14.97
N GLY E 98 -43.61 17.08 -15.75
CA GLY E 98 -43.17 17.06 -17.13
C GLY E 98 -42.70 18.42 -17.58
N SER E 99 -41.87 18.41 -18.63
CA SER E 99 -41.34 19.62 -19.22
C SER E 99 -42.21 19.98 -20.41
N PHE E 100 -42.91 21.12 -20.31
CA PHE E 100 -43.84 21.56 -21.33
C PHE E 100 -43.24 22.67 -22.17
N SER E 101 -43.77 22.82 -23.39
CA SER E 101 -43.30 23.80 -24.34
C SER E 101 -44.42 24.74 -24.70
N ASN E 102 -44.05 25.99 -24.98
CA ASN E 102 -44.99 27.01 -25.42
C ASN E 102 -44.18 28.13 -26.06
N ASP E 103 -44.83 28.91 -26.91
CA ASP E 103 -44.17 30.07 -27.47
C ASP E 103 -44.00 31.13 -26.38
N MET E 104 -42.79 31.71 -26.32
CA MET E 104 -42.43 32.65 -25.26
C MET E 104 -41.57 33.73 -25.91
N ASP E 105 -42.00 34.99 -25.77
CA ASP E 105 -41.26 36.12 -26.28
C ASP E 105 -40.37 36.66 -25.17
N PHE E 106 -39.07 36.70 -25.44
CA PHE E 106 -38.09 37.19 -24.48
C PHE E 106 -37.39 38.47 -24.95
N ARG E 107 -37.97 39.17 -25.93
CA ARG E 107 -37.32 40.35 -26.49
C ARG E 107 -37.24 41.49 -25.49
N LEU E 108 -38.14 41.54 -24.52
CA LEU E 108 -38.17 42.60 -23.50
C LEU E 108 -37.60 42.11 -22.18
N PHE E 109 -36.48 41.39 -22.24
CA PHE E 109 -36.02 40.42 -21.25
C PHE E 109 -36.23 40.83 -19.79
N PRO E 110 -35.69 41.95 -19.30
CA PRO E 110 -35.82 42.24 -17.87
C PRO E 110 -37.25 42.51 -17.43
N PHE E 111 -38.20 42.62 -18.38
CA PHE E 111 -39.59 42.93 -18.11
C PHE E 111 -40.45 42.04 -19.02
N ASP E 112 -40.39 40.74 -18.79
CA ASP E 112 -41.10 39.80 -19.66
C ASP E 112 -42.57 39.66 -19.28
N ARG E 113 -43.37 39.24 -20.26
CA ARG E 113 -44.65 38.60 -20.02
C ARG E 113 -44.69 37.27 -20.74
N GLN E 114 -45.21 36.25 -20.05
CA GLN E 114 -45.32 34.88 -20.53
C GLN E 114 -46.67 34.30 -20.20
N GLN E 115 -46.95 33.15 -20.82
CA GLN E 115 -48.18 32.40 -20.62
C GLN E 115 -47.78 30.93 -20.54
N PHE E 116 -47.82 30.38 -19.33
CA PHE E 116 -47.52 28.96 -19.13
C PHE E 116 -48.78 28.15 -19.42
N VAL E 117 -48.63 27.10 -20.22
CA VAL E 117 -49.77 26.43 -20.83
C VAL E 117 -49.65 24.93 -20.67
N LEU E 118 -50.77 24.30 -20.34
CA LEU E 118 -50.96 22.86 -20.42
C LEU E 118 -52.03 22.60 -21.48
N GLU E 119 -51.86 21.54 -22.26
CA GLU E 119 -52.85 21.14 -23.24
C GLU E 119 -53.09 19.64 -23.12
N LEU E 120 -54.25 19.28 -22.58
CA LEU E 120 -54.63 17.90 -22.42
C LEU E 120 -55.71 17.56 -23.43
N GLU E 121 -55.62 16.38 -24.02
CA GLU E 121 -56.48 15.93 -25.10
C GLU E 121 -56.34 14.42 -25.19
N PRO E 122 -57.44 13.67 -25.27
CA PRO E 122 -57.32 12.21 -25.32
C PRO E 122 -56.55 11.76 -26.55
N PHE E 123 -55.88 10.61 -26.40
CA PHE E 123 -54.93 10.17 -27.42
C PHE E 123 -55.61 9.54 -28.63
N SER E 124 -56.81 8.99 -28.46
CA SER E 124 -57.42 8.21 -29.53
C SER E 124 -58.93 8.18 -29.43
N TYR E 125 -59.55 9.32 -29.10
CA TYR E 125 -60.98 9.31 -28.87
C TYR E 125 -61.59 10.64 -29.27
N ASN E 126 -62.60 10.58 -30.14
CA ASN E 126 -63.27 11.74 -30.69
C ASN E 126 -64.69 11.90 -30.17
N ASN E 127 -65.39 10.79 -29.92
CA ASN E 127 -66.65 10.85 -29.21
C ASN E 127 -66.48 10.26 -27.82
N GLN E 128 -65.47 10.77 -27.11
CA GLN E 128 -65.39 10.77 -25.67
C GLN E 128 -64.94 12.18 -25.31
N GLN E 129 -65.80 12.94 -24.66
CA GLN E 129 -65.61 14.38 -24.53
C GLN E 129 -65.32 14.76 -23.09
N LEU E 130 -64.53 15.81 -22.93
CA LEU E 130 -64.16 16.31 -21.60
C LEU E 130 -65.27 17.21 -21.09
N ARG E 131 -65.90 16.81 -19.99
CA ARG E 131 -67.11 17.46 -19.47
C ARG E 131 -66.84 18.89 -19.05
N PHE E 132 -66.07 19.07 -17.97
CA PHE E 132 -65.68 20.39 -17.51
C PHE E 132 -64.30 20.26 -16.87
N SER E 133 -63.55 21.37 -16.88
CA SER E 133 -62.16 21.37 -16.45
C SER E 133 -61.93 22.37 -15.34
N ASP E 134 -61.06 22.01 -14.40
CA ASP E 134 -60.73 22.79 -13.22
C ASP E 134 -59.22 22.86 -13.05
N ILE E 135 -58.76 23.94 -12.42
CA ILE E 135 -57.34 24.17 -12.18
C ILE E 135 -57.19 24.72 -10.77
N GLN E 136 -56.31 24.09 -9.98
CA GLN E 136 -56.08 24.51 -8.60
C GLN E 136 -54.65 24.99 -8.42
N VAL E 137 -54.46 26.30 -8.60
CA VAL E 137 -53.32 27.00 -8.04
C VAL E 137 -53.80 27.64 -6.75
N TYR E 138 -52.84 28.10 -5.93
CA TYR E 138 -53.18 28.66 -4.62
C TYR E 138 -52.42 29.94 -4.31
N THR E 139 -51.31 30.19 -5.01
CA THR E 139 -50.35 31.23 -4.63
C THR E 139 -50.96 32.63 -4.56
N GLU E 140 -50.16 33.57 -4.08
CA GLU E 140 -50.66 34.86 -3.58
C GLU E 140 -49.89 36.02 -4.19
N ASN E 141 -50.40 36.54 -5.30
CA ASN E 141 -49.74 37.66 -5.97
C ASN E 141 -50.34 38.95 -5.46
N ILE E 142 -49.56 40.00 -5.23
CA ILE E 142 -48.09 40.15 -5.30
C ILE E 142 -47.38 39.68 -4.01
N ASP E 143 -46.33 38.85 -4.05
CA ASP E 143 -45.76 38.43 -2.76
C ASP E 143 -44.36 37.82 -2.72
N ASN E 144 -44.22 36.52 -3.06
CA ASN E 144 -43.01 35.75 -2.75
C ASN E 144 -41.99 35.73 -3.88
N GLU E 145 -42.39 36.12 -5.09
CA GLU E 145 -41.53 36.27 -6.25
C GLU E 145 -40.37 37.24 -6.01
N GLU E 146 -40.29 37.78 -4.79
CA GLU E 146 -39.03 38.34 -4.32
C GLU E 146 -37.94 37.29 -4.31
N ILE E 147 -38.32 36.01 -4.17
CA ILE E 147 -37.37 34.92 -4.14
C ILE E 147 -37.40 34.07 -5.42
N ASP E 148 -38.53 33.96 -6.10
CA ASP E 148 -38.61 33.24 -7.37
C ASP E 148 -38.68 34.22 -8.53
N GLU E 149 -38.03 33.86 -9.64
CA GLU E 149 -37.78 34.80 -10.73
C GLU E 149 -39.06 35.46 -11.21
N TRP E 150 -40.15 34.71 -11.23
CA TRP E 150 -41.32 35.20 -11.96
C TRP E 150 -42.17 36.13 -11.14
N TRP E 151 -43.47 36.03 -11.43
CA TRP E 151 -44.56 36.71 -10.76
C TRP E 151 -45.79 36.06 -11.39
N ILE E 152 -46.71 35.49 -10.59
CA ILE E 152 -47.94 34.92 -11.15
C ILE E 152 -48.85 36.11 -11.49
N ARG E 153 -49.78 35.96 -12.46
CA ARG E 153 -50.55 37.08 -13.01
C ARG E 153 -52.07 36.93 -12.94
N GLY E 154 -52.66 36.30 -13.96
CA GLY E 154 -54.10 36.35 -14.11
C GLY E 154 -54.79 35.06 -13.70
N LYS E 155 -54.00 33.98 -13.75
CA LYS E 155 -54.34 32.65 -13.25
C LYS E 155 -55.21 31.86 -14.24
N ALA E 156 -56.27 31.20 -13.77
CA ALA E 156 -56.89 30.11 -14.50
C ALA E 156 -57.49 30.53 -15.84
N SER E 157 -57.17 29.74 -16.87
CA SER E 157 -57.65 29.93 -18.24
C SER E 157 -58.00 28.58 -18.82
N THR E 158 -59.30 28.34 -19.04
CA THR E 158 -59.81 27.07 -19.54
C THR E 158 -60.56 27.25 -20.85
N HIS E 159 -60.41 26.28 -21.77
CA HIS E 159 -61.12 26.32 -23.05
C HIS E 159 -62.06 25.12 -23.23
N ILE E 160 -61.54 23.90 -23.46
CA ILE E 160 -62.31 22.69 -23.77
C ILE E 160 -62.92 22.86 -25.16
N SER E 161 -62.08 23.06 -26.17
CA SER E 161 -62.54 23.26 -27.54
C SER E 161 -62.51 21.96 -28.35
N ASP E 162 -62.64 22.09 -29.67
CA ASP E 162 -62.64 20.97 -30.60
C ASP E 162 -61.55 21.20 -31.64
N ILE E 163 -60.85 20.13 -32.03
CA ILE E 163 -59.74 20.23 -32.97
C ILE E 163 -60.11 19.47 -34.23
N ARG E 164 -59.70 19.98 -35.39
CA ARG E 164 -60.11 19.37 -36.65
C ARG E 164 -59.20 18.21 -37.03
N TYR E 165 -57.89 18.46 -37.14
CA TYR E 165 -56.91 17.49 -37.63
C TYR E 165 -57.34 16.95 -38.99
N ASP E 166 -57.28 17.82 -40.00
CA ASP E 166 -57.85 17.47 -41.29
C ASP E 166 -56.97 16.55 -42.12
N HIS E 167 -55.85 16.07 -41.57
CA HIS E 167 -54.92 15.25 -42.33
C HIS E 167 -55.13 13.77 -42.05
N LEU E 168 -55.21 12.99 -43.12
CA LEU E 168 -55.75 11.64 -43.09
C LEU E 168 -57.04 11.60 -42.28
N SER E 169 -57.88 12.61 -42.54
CA SER E 169 -59.26 12.57 -42.06
C SER E 169 -60.07 11.55 -42.84
N SER E 170 -59.61 11.15 -44.03
CA SER E 170 -60.24 10.07 -44.76
C SER E 170 -59.93 8.70 -44.16
N VAL E 171 -58.93 8.61 -43.29
CA VAL E 171 -58.73 7.41 -42.49
C VAL E 171 -59.98 7.09 -41.68
N GLN E 172 -60.62 8.12 -41.13
CA GLN E 172 -61.91 7.97 -40.45
C GLN E 172 -62.80 9.11 -40.93
N PRO E 173 -63.62 8.87 -41.95
CA PRO E 173 -64.42 9.95 -42.53
C PRO E 173 -65.52 10.42 -41.60
N ASN E 174 -65.66 11.74 -41.49
CA ASN E 174 -66.73 12.50 -40.84
C ASN E 174 -66.42 12.76 -39.37
N GLN E 175 -65.42 12.11 -38.79
CA GLN E 175 -65.18 12.20 -37.35
C GLN E 175 -63.68 12.27 -37.11
N ASN E 176 -63.22 13.47 -36.74
CA ASN E 176 -61.83 13.69 -36.36
C ASN E 176 -61.71 14.88 -35.42
N GLU E 177 -62.78 15.19 -34.69
CA GLU E 177 -62.81 16.33 -33.77
C GLU E 177 -62.59 15.84 -32.35
N PHE E 178 -61.53 16.31 -31.72
CA PHE E 178 -61.11 15.89 -30.39
C PHE E 178 -61.46 16.95 -29.34
N SER E 179 -61.69 16.49 -28.12
CA SER E 179 -61.99 17.36 -27.00
C SER E 179 -60.67 17.69 -26.31
N ARG E 180 -60.32 18.97 -26.25
CA ARG E 180 -59.02 19.37 -25.72
C ARG E 180 -59.19 20.39 -24.60
N ILE E 181 -58.79 20.00 -23.39
CA ILE E 181 -58.62 20.98 -22.33
C ILE E 181 -57.41 21.82 -22.65
N THR E 182 -57.54 23.13 -22.49
CA THR E 182 -56.42 24.05 -22.63
C THR E 182 -56.32 24.87 -21.35
N VAL E 183 -55.16 24.83 -20.72
CA VAL E 183 -54.88 25.57 -19.50
C VAL E 183 -53.83 26.62 -19.81
N ARG E 184 -54.05 27.84 -19.32
CA ARG E 184 -53.11 28.93 -19.53
C ARG E 184 -53.01 29.73 -18.24
N ILE E 185 -51.78 30.07 -17.86
CA ILE E 185 -51.50 30.87 -16.68
C ILE E 185 -50.51 31.94 -17.12
N ASP E 186 -50.88 33.19 -16.91
CA ASP E 186 -50.04 34.31 -17.33
C ASP E 186 -49.00 34.62 -16.25
N ALA E 187 -47.89 35.23 -16.68
CA ALA E 187 -46.81 35.51 -15.75
C ALA E 187 -45.98 36.69 -16.26
N VAL E 188 -45.35 37.37 -15.31
CA VAL E 188 -44.51 38.55 -15.56
C VAL E 188 -43.18 38.33 -14.86
N ARG E 189 -42.11 38.84 -15.48
CA ARG E 189 -40.77 38.71 -14.94
C ARG E 189 -40.49 39.79 -13.89
N ASN E 190 -40.11 39.36 -12.69
CA ASN E 190 -39.66 40.23 -11.60
C ASN E 190 -38.38 40.95 -11.99
N PRO E 191 -38.43 42.24 -12.35
CA PRO E 191 -37.24 42.93 -12.86
C PRO E 191 -36.23 43.31 -11.80
N SER E 192 -36.60 43.18 -10.52
CA SER E 192 -35.79 43.68 -9.40
C SER E 192 -34.30 43.37 -9.53
N TYR E 193 -33.99 42.10 -9.77
CA TYR E 193 -32.59 41.65 -9.72
C TYR E 193 -31.78 42.22 -10.88
N TYR E 194 -32.32 42.16 -12.10
CA TYR E 194 -31.55 42.60 -13.26
C TYR E 194 -31.39 44.11 -13.29
N LEU E 195 -32.28 44.86 -12.65
CA LEU E 195 -32.10 46.31 -12.55
C LEU E 195 -31.00 46.64 -11.55
N TRP E 196 -31.19 46.23 -10.29
CA TRP E 196 -30.26 46.60 -9.22
C TRP E 196 -28.83 46.13 -9.50
N SER E 197 -28.66 45.03 -10.25
CA SER E 197 -27.35 44.43 -10.42
C SER E 197 -26.84 44.39 -11.85
N PHE E 198 -27.64 44.79 -12.84
CA PHE E 198 -27.18 44.76 -14.22
C PHE E 198 -27.43 46.10 -14.91
N ILE E 199 -28.69 46.54 -14.91
CA ILE E 199 -29.05 47.81 -15.55
C ILE E 199 -28.37 48.97 -14.84
N LEU E 200 -28.43 48.99 -13.50
CA LEU E 200 -27.88 50.11 -12.74
C LEU E 200 -26.37 50.25 -12.96
N PRO E 201 -25.53 49.23 -12.73
CA PRO E 201 -24.09 49.42 -12.99
C PRO E 201 -23.80 49.81 -14.42
N LEU E 202 -24.55 49.27 -15.38
CA LEU E 202 -24.34 49.60 -16.78
C LEU E 202 -24.54 51.09 -17.02
N GLY E 203 -25.62 51.65 -16.46
CA GLY E 203 -25.83 53.09 -16.56
C GLY E 203 -24.69 53.87 -15.94
N LEU E 204 -24.23 53.45 -14.75
CA LEU E 204 -23.09 54.08 -14.13
C LEU E 204 -21.86 54.02 -15.03
N ILE E 205 -21.64 52.88 -15.68
CA ILE E 205 -20.51 52.73 -16.59
C ILE E 205 -20.62 53.66 -17.79
N ILE E 206 -21.79 53.68 -18.43
CA ILE E 206 -21.99 54.55 -19.59
C ILE E 206 -21.88 56.01 -19.18
N ALA E 207 -22.44 56.38 -18.04
CA ALA E 207 -22.31 57.75 -17.55
C ALA E 207 -20.85 58.13 -17.33
N ALA E 208 -20.11 57.28 -16.61
CA ALA E 208 -18.69 57.54 -16.38
C ALA E 208 -17.91 57.68 -17.68
N SER E 209 -18.35 57.00 -18.75
CA SER E 209 -17.68 57.11 -20.04
C SER E 209 -17.68 58.55 -20.56
N TRP E 210 -18.79 59.27 -20.36
CA TRP E 210 -18.91 60.62 -20.89
C TRP E 210 -17.94 61.58 -20.22
N SER E 211 -17.50 61.25 -19.00
CA SER E 211 -16.57 62.08 -18.25
C SER E 211 -15.20 62.19 -18.90
N VAL E 212 -14.98 61.47 -20.01
CA VAL E 212 -13.71 61.56 -20.73
C VAL E 212 -13.51 62.96 -21.29
N PHE E 213 -14.61 63.67 -21.56
CA PHE E 213 -14.50 65.01 -22.13
C PHE E 213 -13.98 66.02 -21.14
N TRP E 214 -13.95 65.68 -19.85
CA TRP E 214 -13.36 66.55 -18.85
C TRP E 214 -11.88 66.25 -18.64
N LEU E 215 -11.33 65.30 -19.38
CA LEU E 215 -9.89 65.13 -19.42
C LEU E 215 -9.32 66.22 -20.30
N GLU E 216 -8.22 66.82 -19.85
CA GLU E 216 -7.77 68.07 -20.45
C GLU E 216 -7.18 67.86 -21.84
N SER E 217 -6.17 67.02 -21.95
CA SER E 217 -5.47 66.84 -23.22
C SER E 217 -6.31 66.01 -24.20
N PHE E 218 -5.78 65.88 -25.42
CA PHE E 218 -6.35 65.01 -26.44
C PHE E 218 -5.77 63.60 -26.36
N SER E 219 -4.46 63.49 -26.19
CA SER E 219 -3.84 62.18 -25.99
C SER E 219 -4.44 61.49 -24.78
N GLU E 220 -4.67 62.23 -23.69
CA GLU E 220 -5.38 61.67 -22.54
C GLU E 220 -6.77 61.18 -22.92
N ARG E 221 -7.52 62.02 -23.63
CA ARG E 221 -8.88 61.66 -24.02
C ARG E 221 -8.90 60.38 -24.83
N LEU E 222 -8.10 60.33 -25.90
CA LEU E 222 -8.13 59.18 -26.80
C LEU E 222 -7.61 57.93 -26.12
N GLN E 223 -6.50 58.05 -25.37
CA GLN E 223 -5.92 56.89 -24.69
C GLN E 223 -6.89 56.29 -23.68
N THR E 224 -7.53 57.15 -22.88
CA THR E 224 -8.49 56.69 -21.87
C THR E 224 -9.66 55.96 -22.51
N SER E 225 -10.07 56.37 -23.70
CA SER E 225 -11.19 55.74 -24.39
C SER E 225 -10.98 54.23 -24.55
N PHE E 226 -9.76 53.82 -24.90
CA PHE E 226 -9.48 52.40 -25.10
C PHE E 226 -9.67 51.60 -23.81
N THR E 227 -9.39 52.21 -22.66
CA THR E 227 -9.70 51.57 -21.39
C THR E 227 -11.21 51.45 -21.20
N LEU E 228 -11.96 52.49 -21.56
CA LEU E 228 -13.42 52.41 -21.52
C LEU E 228 -13.93 51.33 -22.47
N MET E 229 -13.33 51.25 -23.66
CA MET E 229 -13.69 50.20 -24.61
C MET E 229 -13.57 48.81 -24.00
N LEU E 230 -12.41 48.51 -23.42
CA LEU E 230 -12.21 47.22 -22.76
C LEU E 230 -13.22 47.02 -21.63
N THR E 231 -13.55 48.09 -20.91
CA THR E 231 -14.51 47.99 -19.82
C THR E 231 -15.88 47.54 -20.33
N VAL E 232 -16.28 48.03 -21.51
CA VAL E 232 -17.55 47.62 -22.09
C VAL E 232 -17.52 46.16 -22.50
N VAL E 233 -16.44 45.74 -23.16
CA VAL E 233 -16.30 44.34 -23.58
C VAL E 233 -16.40 43.41 -22.39
N ALA E 234 -15.75 43.77 -21.27
CA ALA E 234 -15.83 42.97 -20.06
C ALA E 234 -17.27 42.80 -19.58
N TYR E 235 -18.04 43.89 -19.58
CA TYR E 235 -19.39 43.84 -19.04
C TYR E 235 -20.30 42.95 -19.89
N ALA E 236 -20.09 42.91 -21.21
CA ALA E 236 -20.82 41.98 -22.05
C ALA E 236 -20.54 40.53 -21.64
N PHE E 237 -19.29 40.22 -21.34
CA PHE E 237 -18.93 38.87 -20.93
C PHE E 237 -19.60 38.51 -19.59
N TYR E 238 -19.44 39.37 -18.59
CA TYR E 238 -20.11 39.20 -17.30
C TYR E 238 -21.62 39.06 -17.48
N THR E 239 -22.19 39.85 -18.38
CA THR E 239 -23.60 39.69 -18.75
C THR E 239 -23.86 38.32 -19.37
N SER E 240 -23.07 37.95 -20.38
CA SER E 240 -23.42 36.82 -21.24
C SER E 240 -23.37 35.49 -20.49
N ASN E 241 -22.39 35.30 -19.60
CA ASN E 241 -22.27 34.03 -18.90
C ASN E 241 -23.45 33.80 -17.96
N ILE E 242 -23.84 34.84 -17.22
CA ILE E 242 -24.82 34.67 -16.15
C ILE E 242 -26.25 34.77 -16.66
N LEU E 243 -26.50 35.63 -17.64
CA LEU E 243 -27.84 35.86 -18.15
C LEU E 243 -28.29 34.70 -19.05
N PRO E 244 -29.59 34.48 -19.17
CA PRO E 244 -30.07 33.35 -19.99
C PRO E 244 -29.80 33.58 -21.46
N ARG E 245 -29.21 32.57 -22.10
CA ARG E 245 -28.84 32.66 -23.50
C ARG E 245 -30.07 32.64 -24.39
N LEU E 246 -30.09 33.49 -25.41
CA LEU E 246 -31.23 33.65 -26.29
C LEU E 246 -30.74 33.86 -27.72
N PRO E 247 -31.61 33.64 -28.72
CA PRO E 247 -31.21 33.87 -30.11
C PRO E 247 -31.67 35.22 -30.66
N TYR E 248 -31.97 36.17 -29.78
CA TYR E 248 -32.35 37.50 -30.22
C TYR E 248 -31.84 38.52 -29.19
N THR E 249 -31.86 39.79 -29.60
CA THR E 249 -31.32 40.87 -28.78
C THR E 249 -32.36 41.31 -27.76
N THR E 250 -32.04 41.14 -26.48
CA THR E 250 -32.87 41.57 -25.37
C THR E 250 -32.74 43.08 -25.16
N VAL E 251 -33.46 43.58 -24.16
CA VAL E 251 -33.35 44.99 -23.80
C VAL E 251 -31.94 45.31 -23.31
N ILE E 252 -31.43 44.48 -22.39
CA ILE E 252 -30.07 44.65 -21.89
C ILE E 252 -29.08 44.64 -23.05
N ASP E 253 -29.22 43.67 -23.96
CA ASP E 253 -28.31 43.55 -25.08
C ASP E 253 -28.24 44.83 -25.91
N GLN E 254 -29.37 45.54 -26.06
CA GLN E 254 -29.34 46.81 -26.77
C GLN E 254 -28.57 47.87 -25.99
N MET E 255 -28.83 47.96 -24.68
CA MET E 255 -28.08 48.90 -23.85
C MET E 255 -26.59 48.67 -23.95
N ILE E 256 -26.18 47.41 -24.16
CA ILE E 256 -24.77 47.08 -24.32
C ILE E 256 -24.20 47.72 -25.59
N ILE E 257 -24.97 47.67 -26.69
CA ILE E 257 -24.52 48.26 -27.95
C ILE E 257 -24.36 49.77 -27.81
N ALA E 258 -25.21 50.40 -26.99
CA ALA E 258 -25.13 51.85 -26.81
C ALA E 258 -23.76 52.27 -26.29
N GLY E 259 -23.18 51.49 -25.39
CA GLY E 259 -21.82 51.77 -24.95
C GLY E 259 -20.83 51.73 -26.09
N TYR E 260 -20.86 50.64 -26.87
CA TYR E 260 -19.98 50.50 -28.04
C TYR E 260 -20.03 51.73 -28.92
N GLY E 261 -21.22 52.31 -29.11
CA GLY E 261 -21.37 53.49 -29.94
C GLY E 261 -20.87 54.75 -29.26
N SER E 262 -21.33 55.00 -28.03
CA SER E 262 -20.95 56.19 -27.30
C SER E 262 -19.43 56.33 -27.21
N ILE E 263 -18.73 55.22 -26.99
CA ILE E 263 -17.27 55.27 -26.93
C ILE E 263 -16.69 55.47 -28.32
N PHE E 264 -17.21 54.74 -29.31
CA PHE E 264 -16.71 54.90 -30.66
C PHE E 264 -17.06 56.27 -31.21
N ALA E 265 -18.22 56.81 -30.85
CA ALA E 265 -18.55 58.18 -31.23
C ALA E 265 -17.62 59.17 -30.55
N ALA E 266 -17.39 58.98 -29.24
CA ALA E 266 -16.41 59.81 -28.54
C ALA E 266 -15.04 59.73 -29.19
N ILE E 267 -14.58 58.50 -29.50
CA ILE E 267 -13.31 58.31 -30.20
C ILE E 267 -13.25 59.21 -31.43
N LEU E 268 -14.32 59.24 -32.20
CA LEU E 268 -14.35 60.04 -33.42
C LEU E 268 -14.34 61.53 -33.10
N LEU E 269 -15.20 61.97 -32.17
CA LEU E 269 -15.19 63.37 -31.76
C LEU E 269 -13.83 63.79 -31.21
N ILE E 270 -13.34 63.04 -30.21
CA ILE E 270 -12.05 63.35 -29.59
C ILE E 270 -10.97 63.52 -30.65
N ILE E 271 -11.01 62.70 -31.69
CA ILE E 271 -10.05 62.84 -32.78
C ILE E 271 -10.44 64.00 -33.68
N PHE E 272 -11.72 64.11 -34.04
CA PHE E 272 -12.17 65.21 -34.88
C PHE E 272 -12.02 66.54 -34.17
N ALA E 273 -12.17 66.55 -32.84
CA ALA E 273 -11.90 67.78 -32.08
C ALA E 273 -10.49 68.27 -32.36
N HIS E 274 -9.56 67.35 -32.55
CA HIS E 274 -8.16 67.71 -32.71
C HIS E 274 -7.84 68.31 -34.08
N HIS E 275 -8.50 67.85 -35.14
CA HIS E 275 -8.13 68.22 -36.50
C HIS E 275 -9.21 69.02 -37.21
N ARG E 276 -10.16 69.60 -36.47
CA ARG E 276 -11.12 70.57 -37.00
C ARG E 276 -10.78 71.96 -36.44
N GLN E 277 -9.87 72.60 -37.13
CA GLN E 277 -9.19 73.83 -36.76
C GLN E 277 -8.95 74.76 -37.93
N ALA E 278 -8.48 75.96 -37.60
CA ALA E 278 -7.94 76.98 -38.53
C ALA E 278 -6.42 76.86 -38.71
N ASN E 279 -5.69 76.61 -37.60
CA ASN E 279 -4.22 76.47 -37.45
C ASN E 279 -3.75 75.09 -36.97
N GLY E 280 -2.76 74.52 -37.67
CA GLY E 280 -2.24 73.20 -37.30
C GLY E 280 -2.95 72.42 -36.19
N VAL E 281 -2.94 72.94 -34.96
CA VAL E 281 -3.13 72.17 -33.72
C VAL E 281 -4.01 73.03 -32.82
N GLU E 282 -5.31 72.76 -32.82
CA GLU E 282 -6.23 73.49 -31.96
C GLU E 282 -7.46 72.62 -31.78
N ASP E 283 -7.71 72.22 -30.55
CA ASP E 283 -8.91 71.45 -30.22
C ASP E 283 -10.11 72.38 -30.30
N ASP E 284 -10.99 72.13 -31.27
CA ASP E 284 -12.14 72.99 -31.59
C ASP E 284 -12.83 73.46 -30.32
N LEU E 285 -12.79 74.78 -30.08
CA LEU E 285 -12.96 75.32 -28.74
C LEU E 285 -14.24 74.88 -28.07
N LEU E 286 -15.31 74.71 -28.83
CA LEU E 286 -16.62 74.37 -28.28
C LEU E 286 -16.88 72.87 -28.25
N ILE E 287 -16.28 72.12 -29.17
CA ILE E 287 -16.69 70.73 -29.38
C ILE E 287 -16.23 69.83 -28.24
N GLN E 288 -15.04 70.09 -27.68
CA GLN E 288 -14.61 69.28 -26.54
C GLN E 288 -15.41 69.59 -25.29
N ARG E 289 -16.20 70.67 -25.32
CA ARG E 289 -17.16 70.96 -24.27
C ARG E 289 -18.55 70.42 -24.60
N CYS E 290 -18.62 69.27 -25.27
CA CYS E 290 -19.81 68.45 -25.30
C CYS E 290 -19.81 67.55 -24.07
N ARG E 291 -19.19 68.05 -23.00
CA ARG E 291 -19.04 67.28 -21.78
C ARG E 291 -20.38 66.86 -21.21
N LEU E 292 -21.33 67.80 -21.15
CA LEU E 292 -22.73 67.48 -20.88
C LEU E 292 -23.56 67.80 -22.11
N ALA E 293 -23.10 67.27 -23.24
CA ALA E 293 -23.88 67.21 -24.47
C ALA E 293 -23.92 65.81 -25.04
N PHE E 294 -22.95 64.96 -24.72
CA PHE E 294 -23.03 63.52 -24.90
C PHE E 294 -24.01 62.91 -23.90
N PRO E 295 -24.01 63.32 -22.62
CA PRO E 295 -25.09 62.85 -21.73
C PRO E 295 -26.48 63.16 -22.27
N LEU E 296 -26.64 64.35 -22.86
CA LEU E 296 -27.94 64.70 -23.44
C LEU E 296 -28.20 63.96 -24.75
N GLY E 297 -27.17 63.81 -25.59
CA GLY E 297 -27.35 63.11 -26.86
C GLY E 297 -27.72 61.65 -26.70
N PHE E 298 -27.15 61.01 -25.68
CA PHE E 298 -27.43 59.60 -25.41
C PHE E 298 -28.89 59.40 -24.99
N LEU E 299 -29.38 60.26 -24.10
CA LEU E 299 -30.74 60.12 -23.58
C LEU E 299 -31.81 60.36 -24.63
N ALA E 300 -31.53 61.19 -25.64
CA ALA E 300 -32.54 61.46 -26.66
C ALA E 300 -32.81 60.24 -27.52
N ILE E 301 -31.76 59.49 -27.89
CA ILE E 301 -31.96 58.29 -28.68
C ILE E 301 -32.53 57.17 -27.81
N GLY E 302 -32.31 57.21 -26.50
CA GLY E 302 -32.85 56.21 -25.61
C GLY E 302 -34.29 56.37 -25.22
N CYS E 303 -34.95 57.45 -25.66
CA CYS E 303 -36.38 57.59 -25.52
C CYS E 303 -37.12 57.33 -26.82
N VAL E 304 -36.37 57.27 -27.93
CA VAL E 304 -36.92 56.74 -29.17
C VAL E 304 -36.67 55.24 -29.21
N LEU E 305 -35.78 54.74 -28.35
CA LEU E 305 -35.69 53.31 -28.07
C LEU E 305 -36.95 52.83 -27.37
N VAL E 306 -37.65 53.73 -26.68
CA VAL E 306 -38.88 53.37 -25.99
C VAL E 306 -40.03 53.20 -26.97
N ILE E 307 -40.20 54.15 -27.88
CA ILE E 307 -41.28 54.11 -28.85
C ILE E 307 -40.72 54.03 -30.27
N PRO F 1 32.36 8.23 57.25
CA PRO F 1 33.26 7.74 56.22
C PRO F 1 33.44 6.23 56.29
N VAL F 2 32.40 5.49 55.92
CA VAL F 2 32.31 4.07 56.24
C VAL F 2 33.37 3.27 55.48
N ASP F 3 34.04 2.36 56.19
CA ASP F 3 34.99 1.43 55.60
C ASP F 3 34.27 0.15 55.20
N VAL F 4 34.64 -0.40 54.04
CA VAL F 4 34.02 -1.62 53.52
C VAL F 4 35.12 -2.58 53.06
N SER F 5 35.19 -3.74 53.69
CA SER F 5 36.08 -4.82 53.26
C SER F 5 35.47 -5.66 52.14
N VAL F 6 36.33 -6.13 51.24
CA VAL F 6 35.92 -6.97 50.12
C VAL F 6 36.92 -8.10 49.95
N SER F 7 36.41 -9.33 49.78
CA SER F 7 37.22 -10.49 49.40
C SER F 7 36.46 -11.23 48.31
N ILE F 8 37.17 -11.62 47.25
CA ILE F 8 36.55 -12.19 46.06
C ILE F 8 37.11 -13.58 45.80
N PHE F 9 36.26 -14.60 45.85
CA PHE F 9 36.63 -15.96 45.49
C PHE F 9 36.42 -16.12 43.98
N ILE F 10 37.49 -16.46 43.26
CA ILE F 10 37.40 -16.67 41.83
C ILE F 10 37.41 -18.18 41.58
N ASN F 11 36.34 -18.69 40.97
CA ASN F 11 36.18 -20.11 40.71
C ASN F 11 36.56 -20.54 39.31
N LYS F 12 36.25 -19.73 38.29
CA LYS F 12 36.43 -20.19 36.93
C LYS F 12 36.40 -19.01 35.98
N ILE F 13 37.36 -18.99 35.05
CA ILE F 13 37.38 -18.06 33.93
C ILE F 13 37.19 -18.90 32.68
N TYR F 14 36.16 -18.61 31.88
CA TYR F 14 35.85 -19.49 30.77
C TYR F 14 35.00 -18.74 29.75
N GLY F 15 35.12 -19.17 28.49
CA GLY F 15 34.31 -18.66 27.40
C GLY F 15 34.64 -17.23 27.02
N VAL F 16 35.80 -17.04 26.38
CA VAL F 16 36.21 -15.75 25.82
C VAL F 16 35.48 -15.52 24.51
N ASN F 17 35.01 -14.29 24.30
CA ASN F 17 34.36 -13.87 23.06
C ASN F 17 35.34 -12.93 22.37
N THR F 18 36.10 -13.48 21.42
CA THR F 18 37.21 -12.76 20.81
C THR F 18 36.74 -11.47 20.12
N LEU F 19 35.57 -11.51 19.50
CA LEU F 19 35.05 -10.32 18.81
C LEU F 19 34.68 -9.24 19.81
N GLU F 20 33.77 -9.56 20.72
CA GLU F 20 33.24 -8.59 21.67
C GLU F 20 34.23 -8.24 22.77
N GLN F 21 35.40 -8.89 22.82
CA GLN F 21 36.37 -8.73 23.91
C GLN F 21 35.66 -8.97 25.24
N THR F 22 35.49 -10.24 25.59
CA THR F 22 34.55 -10.62 26.63
C THR F 22 34.95 -11.97 27.21
N TYR F 23 34.85 -12.11 28.53
CA TYR F 23 35.11 -13.36 29.22
C TYR F 23 34.14 -13.49 30.39
N LYS F 24 33.88 -14.73 30.78
CA LYS F 24 32.93 -15.05 31.85
C LYS F 24 33.70 -15.45 33.10
N VAL F 25 33.21 -15.00 34.26
CA VAL F 25 33.83 -15.31 35.54
C VAL F 25 32.74 -15.75 36.51
N ASP F 26 32.89 -16.95 37.06
CA ASP F 26 32.02 -17.49 38.09
C ASP F 26 32.77 -17.51 39.42
N GLY F 27 32.09 -17.11 40.49
CA GLY F 27 32.71 -17.12 41.79
C GLY F 27 31.82 -16.45 42.82
N TYR F 28 32.37 -16.26 44.01
CA TYR F 28 31.66 -15.67 45.13
C TYR F 28 32.26 -14.31 45.46
N ILE F 29 31.52 -13.52 46.22
CA ILE F 29 32.00 -12.21 46.65
C ILE F 29 31.43 -11.89 48.02
N VAL F 30 32.24 -11.24 48.86
CA VAL F 30 31.90 -10.96 50.24
C VAL F 30 32.14 -9.49 50.52
N ALA F 31 31.23 -8.86 51.25
CA ALA F 31 31.37 -7.47 51.65
C ALA F 31 31.21 -7.36 53.16
N GLN F 32 32.15 -6.69 53.82
CA GLN F 32 32.13 -6.56 55.27
C GLN F 32 32.36 -5.11 55.69
N TRP F 33 31.52 -4.63 56.60
CA TRP F 33 31.53 -3.25 57.08
C TRP F 33 30.77 -3.22 58.41
N THR F 34 31.23 -2.39 59.34
CA THR F 34 30.71 -2.37 60.70
C THR F 34 29.72 -1.23 60.90
N GLY F 35 28.57 -1.57 61.50
CA GLY F 35 27.56 -0.58 61.81
C GLY F 35 27.16 -0.65 63.27
N LYS F 36 26.08 0.03 63.64
CA LYS F 36 25.62 0.02 65.02
C LYS F 36 25.17 -1.40 65.40
N PRO F 37 25.65 -1.96 66.51
CA PRO F 37 25.25 -3.32 66.89
C PRO F 37 23.77 -3.44 67.19
N ARG F 38 23.29 -4.69 67.22
CA ARG F 38 21.90 -4.97 67.53
C ARG F 38 21.78 -6.38 68.09
N LYS F 39 20.58 -6.70 68.58
CA LYS F 39 20.31 -7.94 69.29
C LYS F 39 19.90 -9.06 68.34
N THR F 40 20.57 -10.20 68.46
CA THR F 40 20.23 -11.41 67.75
C THR F 40 19.56 -12.41 68.69
N PRO F 41 18.78 -13.35 68.16
CA PRO F 41 18.31 -14.45 69.01
C PRO F 41 19.48 -15.19 69.65
N GLY F 42 19.38 -15.41 70.95
CA GLY F 42 20.55 -15.86 71.70
C GLY F 42 21.65 -14.81 71.63
N ASP F 43 22.88 -15.26 71.35
CA ASP F 43 23.94 -14.35 70.94
C ASP F 43 24.75 -14.84 69.74
N LYS F 44 24.45 -16.02 69.20
CA LYS F 44 25.11 -16.45 67.97
C LYS F 44 24.75 -15.48 66.84
N PRO F 45 25.63 -15.33 65.86
CA PRO F 45 25.28 -14.48 64.70
C PRO F 45 24.07 -15.02 63.98
N LEU F 46 23.29 -14.11 63.41
CA LEU F 46 22.07 -14.47 62.71
C LEU F 46 22.35 -14.55 61.22
N ILE F 47 21.79 -15.59 60.58
CA ILE F 47 22.00 -15.85 59.17
C ILE F 47 20.69 -15.60 58.44
N VAL F 48 20.77 -14.85 57.34
CA VAL F 48 19.62 -14.47 56.54
C VAL F 48 19.91 -14.93 55.11
N GLU F 49 19.08 -15.84 54.60
CA GLU F 49 19.33 -16.49 53.33
C GLU F 49 18.37 -16.01 52.25
N ASN F 50 18.93 -15.53 51.13
CA ASN F 50 18.22 -15.28 49.88
C ASN F 50 17.01 -14.37 50.02
N THR F 51 15.83 -14.90 49.69
CA THR F 51 14.59 -14.12 49.66
C THR F 51 14.37 -13.31 50.93
N GLN F 52 14.82 -13.83 52.07
CA GLN F 52 14.62 -13.13 53.34
C GLN F 52 15.38 -11.82 53.41
N ILE F 53 16.48 -11.68 52.64
CA ILE F 53 17.32 -10.49 52.74
C ILE F 53 16.52 -9.23 52.38
N GLU F 54 15.82 -9.26 51.25
CA GLU F 54 15.08 -8.08 50.80
C GLU F 54 14.04 -7.64 51.82
N ARG F 55 13.53 -8.56 52.64
CA ARG F 55 12.59 -8.19 53.69
C ARG F 55 13.24 -7.27 54.71
N TRP F 56 14.49 -7.59 55.09
CA TRP F 56 15.20 -6.82 56.11
C TRP F 56 15.47 -5.38 55.66
N ILE F 57 15.62 -5.15 54.35
CA ILE F 57 15.89 -3.80 53.86
C ILE F 57 14.69 -2.89 54.07
N ASN F 58 13.48 -3.41 53.84
CA ASN F 58 12.28 -2.61 54.04
C ASN F 58 12.10 -2.18 55.48
N ASN F 59 12.89 -2.74 56.40
CA ASN F 59 12.89 -2.34 57.80
C ASN F 59 14.08 -1.42 58.13
N GLY F 60 14.73 -0.87 57.13
CA GLY F 60 15.79 0.10 57.34
C GLY F 60 17.21 -0.40 57.25
N LEU F 61 17.44 -1.64 56.82
CA LEU F 61 18.80 -2.14 56.64
C LEU F 61 19.41 -1.53 55.38
N TRP F 62 20.48 -0.76 55.56
CA TRP F 62 21.20 -0.18 54.43
C TRP F 62 22.20 -1.23 53.92
N VAL F 63 22.10 -1.59 52.65
CA VAL F 63 23.07 -2.48 52.01
C VAL F 63 23.47 -1.86 50.68
N PRO F 64 24.70 -1.38 50.52
CA PRO F 64 25.04 -0.64 49.31
C PRO F 64 25.06 -1.58 48.11
N ALA F 65 24.54 -1.09 46.99
CA ALA F 65 24.64 -1.84 45.75
C ALA F 65 26.06 -1.66 45.22
N LEU F 66 26.78 -2.76 45.13
CA LEU F 66 28.14 -2.76 44.60
C LEU F 66 28.04 -3.20 43.15
N GLU F 67 28.28 -2.28 42.23
CA GLU F 67 28.15 -2.58 40.81
C GLU F 67 29.50 -2.93 40.22
N PHE F 68 29.50 -3.94 39.36
CA PHE F 68 30.66 -4.32 38.57
C PHE F 68 30.81 -3.32 37.43
N ILE F 69 31.89 -2.53 37.47
CA ILE F 69 32.05 -1.44 36.50
C ILE F 69 32.14 -1.98 35.08
N ASN F 70 32.89 -3.06 34.90
CA ASN F 70 33.16 -3.59 33.57
C ASN F 70 32.35 -4.86 33.25
N VAL F 71 31.22 -5.06 33.92
CA VAL F 71 30.33 -6.17 33.58
C VAL F 71 29.38 -5.69 32.49
N VAL F 72 29.08 -6.59 31.55
CA VAL F 72 28.21 -6.30 30.41
C VAL F 72 26.85 -6.91 30.71
N GLY F 73 25.90 -6.08 31.14
CA GLY F 73 24.61 -6.61 31.52
C GLY F 73 24.57 -7.16 32.94
N SER F 74 23.41 -7.13 33.56
CA SER F 74 23.28 -7.61 34.93
C SER F 74 23.70 -9.07 35.02
N PRO F 75 24.56 -9.43 35.97
CA PRO F 75 25.02 -10.82 36.09
C PRO F 75 24.01 -11.69 36.82
N ASP F 76 24.26 -13.00 36.78
CA ASP F 76 23.40 -13.99 37.41
C ASP F 76 23.75 -14.09 38.90
N THR F 77 22.84 -13.63 39.76
CA THR F 77 23.03 -13.70 41.21
C THR F 77 22.43 -15.00 41.73
N GLY F 78 23.28 -15.90 42.23
CA GLY F 78 22.84 -17.16 42.80
C GLY F 78 22.29 -17.04 44.21
N ASN F 79 22.86 -17.81 45.14
CA ASN F 79 22.46 -17.69 46.53
C ASN F 79 23.14 -16.49 47.17
N LYS F 80 22.44 -15.86 48.11
CA LYS F 80 22.98 -14.72 48.82
C LYS F 80 22.56 -14.81 50.28
N ARG F 81 23.48 -14.39 51.16
CA ARG F 81 23.25 -14.52 52.59
C ARG F 81 23.79 -13.29 53.31
N LEU F 82 23.18 -12.99 54.45
CA LEU F 82 23.69 -11.98 55.37
C LEU F 82 24.16 -12.66 56.64
N MET F 83 25.22 -12.11 57.22
CA MET F 83 25.72 -12.52 58.53
C MET F 83 25.64 -11.30 59.43
N LEU F 84 24.60 -11.26 60.28
CA LEU F 84 24.41 -10.15 61.20
C LEU F 84 25.09 -10.48 62.51
N PHE F 85 26.05 -9.68 62.88
CA PHE F 85 26.81 -9.92 64.09
C PHE F 85 26.30 -9.06 65.24
N PRO F 86 26.35 -9.58 66.46
CA PRO F 86 25.90 -8.79 67.61
C PRO F 86 26.74 -7.55 67.87
N ASP F 87 28.03 -7.56 67.50
CA ASP F 87 28.90 -6.39 67.67
C ASP F 87 28.78 -5.38 66.53
N GLY F 88 27.87 -5.57 65.57
CA GLY F 88 27.64 -4.58 64.55
C GLY F 88 28.02 -4.92 63.13
N ARG F 89 29.23 -5.47 62.93
CA ARG F 89 29.74 -5.71 61.60
C ARG F 89 28.85 -6.67 60.82
N VAL F 90 28.85 -6.52 59.50
CA VAL F 90 27.92 -7.19 58.60
C VAL F 90 28.67 -7.80 57.43
N ILE F 91 28.28 -9.03 57.07
CA ILE F 91 28.86 -9.76 55.95
C ILE F 91 27.77 -10.01 54.91
N TYR F 92 27.96 -9.46 53.72
CA TYR F 92 27.07 -9.74 52.59
C TYR F 92 27.78 -10.75 51.69
N ASN F 93 27.13 -11.88 51.42
CA ASN F 93 27.74 -12.94 50.63
C ASN F 93 26.78 -13.36 49.54
N ALA F 94 27.31 -13.53 48.33
CA ALA F 94 26.50 -13.95 47.19
C ALA F 94 27.42 -14.62 46.18
N ARG F 95 26.88 -15.63 45.51
CA ARG F 95 27.57 -16.27 44.39
C ARG F 95 27.11 -15.63 43.10
N PHE F 96 28.08 -15.32 42.22
CA PHE F 96 27.77 -14.64 40.98
C PHE F 96 28.45 -15.35 39.81
N LEU F 97 27.90 -15.12 38.62
CA LEU F 97 28.52 -15.50 37.36
C LEU F 97 28.18 -14.42 36.35
N GLY F 98 29.19 -13.77 35.78
CA GLY F 98 28.96 -12.64 34.91
C GLY F 98 30.01 -12.57 33.83
N SER F 99 29.65 -11.88 32.75
CA SER F 99 30.52 -11.67 31.60
C SER F 99 31.16 -10.30 31.69
N PHE F 100 32.49 -10.27 31.81
CA PHE F 100 33.21 -9.02 31.96
C PHE F 100 33.90 -8.64 30.65
N SER F 101 34.15 -7.35 30.49
CA SER F 101 34.75 -6.80 29.28
C SER F 101 36.05 -6.10 29.62
N ASN F 102 37.00 -6.16 28.68
CA ASN F 102 38.28 -5.49 28.83
C ASN F 102 38.95 -5.39 27.46
N ASP F 103 39.93 -4.50 27.37
CA ASP F 103 40.71 -4.40 26.15
C ASP F 103 41.56 -5.65 25.97
N MET F 104 41.57 -6.19 24.76
CA MET F 104 42.26 -7.44 24.46
C MET F 104 42.87 -7.31 23.07
N ASP F 105 44.18 -7.47 22.97
CA ASP F 105 44.86 -7.47 21.68
C ASP F 105 44.98 -8.92 21.22
N PHE F 106 44.41 -9.23 20.05
CA PHE F 106 44.47 -10.57 19.49
C PHE F 106 45.28 -10.61 18.20
N ARG F 107 46.08 -9.57 17.94
CA ARG F 107 46.82 -9.52 16.68
C ARG F 107 47.89 -10.59 16.61
N LEU F 108 48.37 -11.08 17.75
CA LEU F 108 49.39 -12.12 17.81
C LEU F 108 48.78 -13.48 18.14
N PHE F 109 47.65 -13.81 17.49
CA PHE F 109 46.65 -14.76 17.99
C PHE F 109 47.20 -15.99 18.70
N PRO F 110 48.01 -16.84 18.04
CA PRO F 110 48.40 -18.11 18.70
C PRO F 110 49.32 -17.92 19.89
N PHE F 111 49.78 -16.69 20.15
CA PHE F 111 50.73 -16.41 21.22
C PHE F 111 50.29 -15.13 21.93
N ASP F 112 49.14 -15.19 22.58
CA ASP F 112 48.65 -13.99 23.24
C ASP F 112 49.32 -13.80 24.60
N ARG F 113 49.32 -12.56 25.05
CA ARG F 113 49.39 -12.24 26.46
C ARG F 113 48.13 -11.45 26.74
N GLN F 114 47.42 -11.82 27.81
CA GLN F 114 46.13 -11.22 28.06
C GLN F 114 46.03 -10.87 29.54
N GLN F 115 45.07 -10.00 29.87
CA GLN F 115 44.88 -9.59 31.25
C GLN F 115 43.38 -9.51 31.53
N PHE F 116 42.87 -10.48 32.28
CA PHE F 116 41.45 -10.50 32.65
C PHE F 116 41.26 -9.70 33.94
N VAL F 117 40.25 -8.83 33.95
CA VAL F 117 40.12 -7.77 34.94
C VAL F 117 38.70 -7.73 35.49
N LEU F 118 38.59 -7.53 36.80
CA LEU F 118 37.34 -7.19 37.48
C LEU F 118 37.47 -5.78 38.02
N GLU F 119 36.40 -5.00 37.95
CA GLU F 119 36.39 -3.63 38.50
C GLU F 119 35.09 -3.41 39.28
N LEU F 120 35.21 -3.37 40.60
CA LEU F 120 34.09 -3.17 41.51
C LEU F 120 34.18 -1.78 42.14
N GLU F 121 33.02 -1.16 42.34
CA GLU F 121 32.90 0.22 42.83
C GLU F 121 31.49 0.40 43.36
N PRO F 122 31.31 1.04 44.52
CA PRO F 122 29.95 1.25 45.03
C PRO F 122 29.14 2.07 44.05
N PHE F 123 27.83 1.82 44.03
CA PHE F 123 26.99 2.38 43.00
C PHE F 123 26.64 3.84 43.27
N SER F 124 26.68 4.27 44.52
CA SER F 124 26.25 5.62 44.87
C SER F 124 26.85 6.13 46.17
N TYR F 125 28.13 5.87 46.43
CA TYR F 125 28.70 6.25 47.71
C TYR F 125 30.17 6.61 47.56
N ASN F 126 30.52 7.81 48.01
CA ASN F 126 31.81 8.44 47.84
C ASN F 126 32.61 8.50 49.14
N ASN F 127 31.95 8.75 50.26
CA ASN F 127 32.53 8.64 51.58
C ASN F 127 32.01 7.38 52.27
N GLN F 128 31.95 6.31 51.49
CA GLN F 128 31.91 4.93 51.95
C GLN F 128 32.94 4.21 51.08
N GLN F 129 34.06 3.84 51.70
CA GLN F 129 35.28 3.50 50.99
C GLN F 129 35.63 2.02 51.16
N LEU F 130 36.22 1.46 50.11
CA LEU F 130 36.59 0.04 50.11
C LEU F 130 37.96 -0.13 50.77
N ARG F 131 37.97 -0.84 51.90
CA ARG F 131 39.13 -0.97 52.78
C ARG F 131 40.30 -1.73 52.17
N PHE F 132 40.15 -3.03 51.96
CA PHE F 132 41.20 -3.84 51.36
C PHE F 132 40.56 -4.96 50.56
N SER F 133 41.29 -5.46 49.57
CA SER F 133 40.78 -6.43 48.62
C SER F 133 41.63 -7.70 48.61
N ASP F 134 40.96 -8.83 48.42
CA ASP F 134 41.62 -10.14 48.40
C ASP F 134 41.03 -10.96 47.26
N ILE F 135 41.84 -11.86 46.72
CA ILE F 135 41.46 -12.74 45.61
C ILE F 135 42.00 -14.13 45.91
N GLN F 136 41.22 -15.15 45.55
CA GLN F 136 41.53 -16.53 45.90
C GLN F 136 41.40 -17.42 44.67
N VAL F 137 42.52 -18.01 44.24
CA VAL F 137 42.59 -18.92 43.11
C VAL F 137 43.30 -20.18 43.58
N TYR F 138 42.95 -21.32 42.97
CA TYR F 138 43.46 -22.62 43.40
C TYR F 138 43.81 -23.48 42.19
N THR F 139 44.74 -22.98 41.37
CA THR F 139 45.20 -23.61 40.13
C THR F 139 46.72 -23.72 40.14
N GLU F 140 47.28 -24.37 39.12
CA GLU F 140 48.71 -24.67 39.07
C GLU F 140 49.27 -24.55 37.65
N ASN F 141 50.29 -23.71 37.46
CA ASN F 141 50.96 -23.55 36.16
C ASN F 141 52.49 -23.57 36.31
N ILE F 142 53.23 -24.16 35.36
CA ILE F 142 52.72 -24.93 34.24
C ILE F 142 52.50 -26.37 34.69
N ASP F 143 51.31 -26.91 34.47
CA ASP F 143 51.03 -28.26 34.95
C ASP F 143 49.98 -28.98 34.11
N ASN F 144 48.70 -28.72 34.39
CA ASN F 144 47.60 -29.39 33.71
C ASN F 144 47.16 -28.69 32.44
N GLU F 145 47.80 -27.58 32.10
CA GLU F 145 47.42 -26.75 30.96
C GLU F 145 47.76 -27.35 29.61
N GLU F 146 48.20 -28.61 29.53
CA GLU F 146 48.07 -29.34 28.27
C GLU F 146 46.63 -29.78 28.05
N ILE F 147 45.83 -29.79 29.10
CA ILE F 147 44.40 -30.04 29.00
C ILE F 147 43.59 -28.73 29.10
N ASP F 148 44.16 -27.69 29.70
CA ASP F 148 43.51 -26.40 29.82
C ASP F 148 44.05 -25.42 28.78
N GLU F 149 43.30 -24.34 28.56
CA GLU F 149 43.55 -23.48 27.41
C GLU F 149 44.54 -22.36 27.68
N TRP F 150 44.68 -21.90 28.93
CA TRP F 150 45.50 -20.74 29.23
C TRP F 150 46.62 -21.09 30.19
N TRP F 151 47.82 -20.59 29.88
CA TRP F 151 48.90 -20.55 30.85
C TRP F 151 48.81 -19.20 31.55
N ILE F 152 48.90 -19.18 32.88
CA ILE F 152 48.82 -17.92 33.60
C ILE F 152 50.21 -17.58 34.10
N ARG F 153 50.55 -16.30 34.07
CA ARG F 153 51.89 -15.84 34.41
C ARG F 153 51.91 -15.05 35.71
N GLY F 154 51.13 -13.97 35.79
CA GLY F 154 50.92 -13.29 37.06
C GLY F 154 50.08 -14.15 37.99
N LYS F 155 49.72 -13.54 39.12
CA LYS F 155 48.93 -14.28 40.10
C LYS F 155 47.97 -13.38 40.87
N ALA F 156 48.41 -12.17 41.23
CA ALA F 156 47.65 -11.31 42.12
C ALA F 156 47.30 -10.03 41.41
N SER F 157 48.00 -8.91 41.64
CA SER F 157 47.77 -7.62 41.01
C SER F 157 46.42 -7.00 41.34
N THR F 158 46.35 -6.33 42.50
CA THR F 158 45.16 -5.65 43.02
C THR F 158 45.50 -4.18 43.30
N HIS F 159 44.55 -3.26 43.09
CA HIS F 159 44.84 -1.82 43.20
C HIS F 159 44.08 -1.07 44.30
N ILE F 160 42.80 -0.76 44.14
CA ILE F 160 41.94 0.05 45.04
C ILE F 160 42.25 1.54 44.95
N SER F 161 42.02 2.18 43.78
CA SER F 161 42.27 3.60 43.60
C SER F 161 40.98 4.43 43.75
N ASP F 162 41.03 5.70 43.31
CA ASP F 162 39.90 6.64 43.38
C ASP F 162 39.57 7.18 41.98
N ILE F 163 38.28 7.35 41.70
CA ILE F 163 37.79 7.77 40.38
C ILE F 163 37.10 9.12 40.49
N ARG F 164 37.25 9.95 39.44
CA ARG F 164 36.78 11.33 39.43
C ARG F 164 35.30 11.48 39.04
N TYR F 165 34.93 11.01 37.85
CA TYR F 165 33.58 11.21 37.27
C TYR F 165 33.23 12.70 37.16
N ASP F 166 33.88 13.37 36.19
CA ASP F 166 33.82 14.84 36.14
C ASP F 166 32.55 15.43 35.50
N HIS F 167 31.54 14.64 35.12
CA HIS F 167 30.39 15.21 34.45
C HIS F 167 29.20 15.41 35.38
N LEU F 168 28.50 16.53 35.15
CA LEU F 168 27.43 17.02 36.02
C LEU F 168 27.79 16.84 37.50
N SER F 169 28.91 17.47 37.87
CA SER F 169 29.36 17.50 39.25
C SER F 169 28.64 18.54 40.09
N SER F 170 27.94 19.50 39.45
CA SER F 170 27.17 20.48 40.19
C SER F 170 25.94 19.88 40.85
N VAL F 171 25.58 18.65 40.51
CA VAL F 171 24.55 17.93 41.25
C VAL F 171 24.92 17.80 42.73
N GLN F 172 26.17 17.43 43.01
CA GLN F 172 26.68 17.39 44.39
C GLN F 172 28.09 17.96 44.44
N PRO F 173 28.23 19.23 44.80
CA PRO F 173 29.58 19.83 44.86
C PRO F 173 30.39 19.29 46.03
N ASN F 174 31.67 19.02 45.76
CA ASN F 174 32.77 18.68 46.66
C ASN F 174 32.98 17.18 46.90
N GLN F 175 32.05 16.32 46.52
CA GLN F 175 32.20 14.90 46.86
C GLN F 175 31.74 14.05 45.68
N ASN F 176 32.70 13.46 44.98
CA ASN F 176 32.39 12.52 43.90
C ASN F 176 33.57 11.59 43.65
N GLU F 177 34.37 11.32 44.68
CA GLU F 177 35.49 10.39 44.56
C GLU F 177 35.02 9.04 45.11
N PHE F 178 35.00 8.05 44.23
CA PHE F 178 34.52 6.72 44.57
C PHE F 178 35.71 5.79 44.72
N SER F 179 35.56 4.80 45.60
CA SER F 179 36.61 3.82 45.82
C SER F 179 36.37 2.65 44.87
N ARG F 180 37.34 2.36 44.02
CA ARG F 180 37.18 1.32 43.01
C ARG F 180 38.29 0.29 43.17
N ILE F 181 37.90 -0.93 43.53
CA ILE F 181 38.81 -2.06 43.47
C ILE F 181 39.06 -2.44 42.02
N THR F 182 40.33 -2.69 41.68
CA THR F 182 40.69 -3.20 40.38
C THR F 182 41.54 -4.46 40.58
N VAL F 183 41.08 -5.57 40.01
CA VAL F 183 41.81 -6.83 40.05
C VAL F 183 42.18 -7.18 38.62
N ARG F 184 43.41 -7.62 38.42
CA ARG F 184 43.89 -7.98 37.10
C ARG F 184 44.70 -9.26 37.20
N ILE F 185 44.49 -10.14 36.24
CA ILE F 185 45.13 -11.46 36.22
C ILE F 185 45.78 -11.63 34.87
N ASP F 186 47.09 -11.87 34.86
CA ASP F 186 47.79 -12.04 33.61
C ASP F 186 47.73 -13.50 33.19
N ALA F 187 47.69 -13.73 31.89
CA ALA F 187 47.54 -15.09 31.37
C ALA F 187 48.02 -15.13 29.94
N VAL F 188 48.43 -16.32 29.50
CA VAL F 188 48.98 -16.53 28.17
C VAL F 188 48.23 -17.69 27.52
N ARG F 189 48.08 -17.60 26.19
CA ARG F 189 47.37 -18.60 25.41
C ARG F 189 48.27 -19.80 25.12
N ASN F 190 47.80 -21.00 25.50
CA ASN F 190 48.49 -22.24 25.18
C ASN F 190 48.54 -22.48 23.68
N PRO F 191 49.70 -22.25 23.02
CA PRO F 191 49.76 -22.34 21.56
C PRO F 191 49.75 -23.76 21.04
N SER F 192 49.89 -24.76 21.93
CA SER F 192 50.10 -26.16 21.54
C SER F 192 49.19 -26.60 20.40
N TYR F 193 47.89 -26.34 20.52
CA TYR F 193 46.94 -26.89 19.55
C TYR F 193 47.08 -26.23 18.19
N TYR F 194 47.22 -24.90 18.15
CA TYR F 194 47.25 -24.20 16.87
C TYR F 194 48.53 -24.47 16.10
N LEU F 195 49.61 -24.86 16.77
CA LEU F 195 50.81 -25.28 16.05
C LEU F 195 50.63 -26.67 15.44
N TRP F 196 50.41 -27.67 16.30
CA TRP F 196 50.36 -29.06 15.84
C TRP F 196 49.30 -29.29 14.77
N SER F 197 48.23 -28.50 14.76
CA SER F 197 47.10 -28.75 13.85
C SER F 197 46.81 -27.65 12.84
N PHE F 198 47.49 -26.50 12.91
CA PHE F 198 47.23 -25.43 11.94
C PHE F 198 48.51 -24.89 11.31
N ILE F 199 49.46 -24.46 12.14
CA ILE F 199 50.72 -23.93 11.62
C ILE F 199 51.45 -25.01 10.85
N LEU F 200 51.51 -26.22 11.41
CA LEU F 200 52.26 -27.32 10.79
C LEU F 200 51.73 -27.65 9.40
N PRO F 201 50.45 -27.98 9.21
CA PRO F 201 49.98 -28.28 7.84
C PRO F 201 50.18 -27.12 6.87
N LEU F 202 49.99 -25.89 7.34
CA LEU F 202 50.17 -24.73 6.48
C LEU F 202 51.61 -24.65 5.99
N GLY F 203 52.56 -24.84 6.90
CA GLY F 203 53.96 -24.86 6.50
C GLY F 203 54.25 -25.95 5.48
N LEU F 204 53.71 -27.15 5.70
CA LEU F 204 53.86 -28.23 4.74
C LEU F 204 53.31 -27.82 3.37
N ILE F 205 52.14 -27.16 3.37
CA ILE F 205 51.53 -26.72 2.12
C ILE F 205 52.37 -25.63 1.46
N ILE F 206 52.79 -24.63 2.23
CA ILE F 206 53.65 -23.58 1.65
C ILE F 206 54.95 -24.19 1.14
N ALA F 207 55.53 -25.13 1.89
CA ALA F 207 56.71 -25.83 1.42
C ALA F 207 56.40 -26.60 0.14
N ALA F 208 55.30 -27.37 0.15
CA ALA F 208 54.90 -28.13 -1.04
C ALA F 208 54.70 -27.22 -2.25
N SER F 209 54.33 -25.97 -2.05
CA SER F 209 54.18 -25.04 -3.16
C SER F 209 55.50 -24.86 -3.93
N TRP F 210 56.62 -24.81 -3.21
CA TRP F 210 57.91 -24.53 -3.86
C TRP F 210 58.39 -25.69 -4.74
N SER F 211 57.96 -26.91 -4.46
CA SER F 211 58.44 -28.07 -5.22
C SER F 211 58.02 -28.03 -6.68
N VAL F 212 57.20 -27.03 -7.06
CA VAL F 212 56.78 -26.89 -8.45
C VAL F 212 57.96 -26.60 -9.36
N PHE F 213 59.02 -25.99 -8.82
CA PHE F 213 60.17 -25.62 -9.66
C PHE F 213 60.96 -26.83 -10.13
N TRP F 214 60.74 -28.01 -9.57
CA TRP F 214 61.42 -29.23 -9.99
C TRP F 214 60.67 -29.98 -11.07
N LEU F 215 59.57 -29.44 -11.58
CA LEU F 215 58.87 -30.03 -12.71
C LEU F 215 59.61 -29.78 -14.01
N GLU F 216 59.68 -30.81 -14.85
CA GLU F 216 60.48 -30.71 -16.07
C GLU F 216 59.82 -29.78 -17.09
N SER F 217 58.57 -30.07 -17.45
CA SER F 217 57.87 -29.28 -18.45
C SER F 217 57.41 -27.95 -17.87
N PHE F 218 56.86 -27.10 -18.74
CA PHE F 218 56.23 -25.85 -18.36
C PHE F 218 54.73 -25.96 -18.15
N SER F 219 54.03 -26.66 -19.06
CA SER F 219 52.60 -26.88 -18.89
C SER F 219 52.32 -27.55 -17.55
N GLU F 220 53.18 -28.47 -17.14
CA GLU F 220 53.08 -29.08 -15.82
C GLU F 220 53.12 -28.04 -14.71
N ARG F 221 54.11 -27.13 -14.79
CA ARG F 221 54.31 -26.14 -13.74
C ARG F 221 53.08 -25.25 -13.55
N LEU F 222 52.60 -24.63 -14.63
CA LEU F 222 51.55 -23.63 -14.48
C LEU F 222 50.23 -24.25 -14.02
N GLN F 223 49.84 -25.39 -14.61
CA GLN F 223 48.58 -26.02 -14.22
C GLN F 223 48.55 -26.41 -12.76
N THR F 224 49.65 -27.00 -12.25
CA THR F 224 49.69 -27.43 -10.86
C THR F 224 49.47 -26.25 -9.92
N SER F 225 49.95 -25.06 -10.28
CA SER F 225 49.74 -23.87 -9.46
C SER F 225 48.26 -23.66 -9.19
N PHE F 226 47.41 -23.83 -10.21
CA PHE F 226 45.98 -23.63 -10.02
C PHE F 226 45.40 -24.64 -9.04
N THR F 227 45.95 -25.85 -9.01
CA THR F 227 45.59 -26.80 -7.96
C THR F 227 46.12 -26.31 -6.61
N LEU F 228 47.36 -25.82 -6.59
CA LEU F 228 47.89 -25.19 -5.38
C LEU F 228 47.09 -23.94 -5.02
N MET F 229 46.69 -23.17 -6.03
CA MET F 229 45.81 -22.03 -5.80
C MET F 229 44.57 -22.48 -5.04
N LEU F 230 43.92 -23.53 -5.53
CA LEU F 230 42.76 -24.10 -4.86
C LEU F 230 43.09 -24.58 -3.45
N THR F 231 44.27 -25.17 -3.25
CA THR F 231 44.63 -25.70 -1.94
C THR F 231 44.70 -24.62 -0.87
N VAL F 232 45.28 -23.46 -1.21
CA VAL F 232 45.37 -22.38 -0.23
C VAL F 232 43.98 -21.84 0.10
N VAL F 233 43.17 -21.60 -0.94
CA VAL F 233 41.79 -21.19 -0.71
C VAL F 233 41.07 -22.23 0.15
N ALA F 234 41.26 -23.51 -0.16
CA ALA F 234 40.72 -24.56 0.69
C ALA F 234 41.26 -24.45 2.10
N TYR F 235 42.59 -24.31 2.25
CA TYR F 235 43.17 -24.22 3.57
C TYR F 235 42.81 -22.91 4.25
N ALA F 236 42.65 -21.83 3.48
CA ALA F 236 42.14 -20.59 4.05
C ALA F 236 40.75 -20.80 4.64
N PHE F 237 39.93 -21.60 3.97
CA PHE F 237 38.59 -21.90 4.46
C PHE F 237 38.65 -22.68 5.78
N TYR F 238 39.40 -23.79 5.79
CA TYR F 238 39.56 -24.59 7.00
C TYR F 238 40.08 -23.78 8.18
N THR F 239 41.01 -22.86 7.93
CA THR F 239 41.45 -21.93 8.97
C THR F 239 40.30 -21.06 9.45
N SER F 240 39.60 -20.41 8.52
CA SER F 240 38.66 -19.35 8.88
C SER F 240 37.44 -19.87 9.63
N ASN F 241 36.95 -21.06 9.28
CA ASN F 241 35.75 -21.57 9.94
C ASN F 241 36.01 -21.87 11.42
N ILE F 242 37.15 -22.47 11.71
CA ILE F 242 37.42 -22.97 13.06
C ILE F 242 38.00 -21.89 13.97
N LEU F 243 38.83 -21.02 13.43
CA LEU F 243 39.53 -20.01 14.21
C LEU F 243 38.61 -18.85 14.62
N PRO F 244 38.93 -18.15 15.71
CA PRO F 244 38.05 -17.08 16.20
C PRO F 244 38.04 -15.90 15.24
N ARG F 245 36.83 -15.44 14.92
CA ARG F 245 36.66 -14.31 14.02
C ARG F 245 37.13 -13.03 14.69
N LEU F 246 37.84 -12.20 13.93
CA LEU F 246 38.46 -10.99 14.45
C LEU F 246 38.37 -9.89 13.41
N PRO F 247 38.54 -8.63 13.81
CA PRO F 247 38.53 -7.54 12.84
C PRO F 247 39.94 -7.09 12.43
N TYR F 248 40.93 -7.94 12.65
CA TYR F 248 42.29 -7.62 12.24
C TYR F 248 43.03 -8.89 11.84
N THR F 249 44.21 -8.70 11.26
CA THR F 249 45.00 -9.79 10.74
C THR F 249 45.78 -10.46 11.86
N THR F 250 45.48 -11.74 12.10
CA THR F 250 46.20 -12.54 13.07
C THR F 250 47.54 -13.00 12.46
N VAL F 251 48.31 -13.73 13.25
CA VAL F 251 49.57 -14.30 12.74
C VAL F 251 49.26 -15.31 11.63
N ILE F 252 48.32 -16.22 11.90
CA ILE F 252 47.90 -17.21 10.91
C ILE F 252 47.39 -16.52 9.64
N ASP F 253 46.49 -15.54 9.79
CA ASP F 253 45.91 -14.88 8.63
C ASP F 253 46.97 -14.26 7.73
N GLN F 254 48.05 -13.74 8.31
CA GLN F 254 49.15 -13.21 7.51
C GLN F 254 49.89 -14.31 6.76
N MET F 255 50.18 -15.42 7.45
CA MET F 255 50.82 -16.56 6.81
C MET F 255 50.02 -17.05 5.61
N ILE F 256 48.69 -16.91 5.66
CA ILE F 256 47.85 -17.29 4.53
C ILE F 256 48.16 -16.44 3.31
N ILE F 257 48.37 -15.13 3.53
CA ILE F 257 48.74 -14.26 2.41
C ILE F 257 50.10 -14.63 1.86
N ALA F 258 51.02 -15.10 2.72
CA ALA F 258 52.32 -15.54 2.24
C ALA F 258 52.16 -16.69 1.26
N GLY F 259 51.25 -17.63 1.55
CA GLY F 259 50.91 -18.68 0.62
C GLY F 259 50.29 -18.13 -0.65
N TYR F 260 49.22 -17.34 -0.49
CA TYR F 260 48.60 -16.66 -1.63
C TYR F 260 49.64 -15.91 -2.45
N GLY F 261 50.60 -15.28 -1.80
CA GLY F 261 51.64 -14.54 -2.50
C GLY F 261 52.70 -15.42 -3.15
N SER F 262 53.31 -16.31 -2.37
CA SER F 262 54.36 -17.19 -2.89
C SER F 262 53.87 -17.97 -4.11
N ILE F 263 52.62 -18.43 -4.09
CA ILE F 263 52.08 -19.15 -5.23
C ILE F 263 51.83 -18.21 -6.40
N PHE F 264 51.27 -17.03 -6.13
CA PHE F 264 51.10 -16.06 -7.20
C PHE F 264 52.46 -15.56 -7.68
N ALA F 265 53.41 -15.44 -6.75
CA ALA F 265 54.78 -15.09 -7.14
C ALA F 265 55.39 -16.20 -7.99
N ALA F 266 55.19 -17.45 -7.58
CA ALA F 266 55.60 -18.58 -8.42
C ALA F 266 54.99 -18.46 -9.81
N ILE F 267 53.69 -18.17 -9.87
CA ILE F 267 53.01 -17.94 -11.15
C ILE F 267 53.79 -16.95 -12.02
N LEU F 268 54.27 -15.87 -11.42
CA LEU F 268 54.99 -14.86 -12.20
C LEU F 268 56.32 -15.42 -12.72
N LEU F 269 57.12 -16.01 -11.84
CA LEU F 269 58.37 -16.63 -12.28
C LEU F 269 58.12 -17.74 -13.30
N ILE F 270 57.23 -18.68 -12.98
CA ILE F 270 56.92 -19.79 -13.90
C ILE F 270 56.60 -19.26 -15.30
N ILE F 271 55.90 -18.14 -15.39
CA ILE F 271 55.59 -17.56 -16.70
C ILE F 271 56.79 -16.79 -17.24
N PHE F 272 57.46 -16.03 -16.38
CA PHE F 272 58.63 -15.27 -16.81
C PHE F 272 59.79 -16.17 -17.21
N ALA F 273 59.92 -17.32 -16.55
CA ALA F 273 60.94 -18.30 -16.93
C ALA F 273 60.82 -18.71 -18.39
N HIS F 274 59.58 -18.80 -18.89
CA HIS F 274 59.38 -19.32 -20.24
C HIS F 274 59.76 -18.31 -21.31
N HIS F 275 59.60 -17.01 -21.04
CA HIS F 275 59.75 -15.99 -22.07
C HIS F 275 60.91 -15.04 -21.80
N ARG F 276 61.87 -15.43 -20.96
CA ARG F 276 63.14 -14.75 -20.84
C ARG F 276 64.19 -15.66 -21.47
N GLN F 277 64.26 -15.62 -22.80
CA GLN F 277 64.97 -16.63 -23.58
C GLN F 277 65.81 -15.97 -24.67
N ALA F 278 66.65 -16.79 -25.30
CA ALA F 278 67.49 -16.37 -26.41
C ALA F 278 66.82 -16.57 -27.77
N ASN F 279 66.18 -17.72 -27.99
CA ASN F 279 65.57 -18.02 -29.27
C ASN F 279 64.09 -17.70 -29.26
N GLY F 280 63.33 -18.65 -28.76
CA GLY F 280 61.90 -18.65 -28.57
C GLY F 280 61.61 -20.00 -27.96
N VAL F 281 60.98 -20.02 -26.79
CA VAL F 281 60.81 -21.24 -26.00
C VAL F 281 62.17 -21.83 -25.64
N GLU F 282 62.84 -21.22 -24.66
CA GLU F 282 63.93 -21.84 -23.93
C GLU F 282 63.77 -21.43 -22.47
N ASP F 283 63.62 -22.40 -21.59
CA ASP F 283 63.49 -22.09 -20.17
C ASP F 283 64.83 -21.61 -19.64
N ASP F 284 64.89 -20.32 -19.27
CA ASP F 284 66.12 -19.67 -18.83
C ASP F 284 66.87 -20.58 -17.85
N LEU F 285 68.05 -21.06 -18.26
CA LEU F 285 68.63 -22.24 -17.65
C LEU F 285 68.83 -22.09 -16.14
N LEU F 286 69.05 -20.87 -15.68
CA LEU F 286 69.29 -20.65 -14.26
C LEU F 286 68.02 -20.32 -13.49
N ILE F 287 67.04 -19.70 -14.14
CA ILE F 287 65.90 -19.16 -13.40
C ILE F 287 64.98 -20.27 -12.93
N GLN F 288 64.80 -21.34 -13.73
CA GLN F 288 63.99 -22.43 -13.20
C GLN F 288 64.73 -23.18 -12.11
N ARG F 289 66.01 -22.88 -11.93
CA ARG F 289 66.78 -23.36 -10.78
C ARG F 289 66.78 -22.34 -9.63
N CYS F 290 65.68 -21.61 -9.46
CA CYS F 290 65.39 -21.00 -8.16
C CYS F 290 64.70 -22.00 -7.24
N ARG F 291 64.95 -23.29 -7.50
CA ARG F 291 64.35 -24.37 -6.73
C ARG F 291 64.73 -24.25 -5.25
N LEU F 292 65.99 -23.96 -4.99
CA LEU F 292 66.43 -23.60 -3.65
C LEU F 292 66.84 -22.14 -3.62
N ALA F 293 66.01 -21.26 -4.19
CA ALA F 293 66.19 -19.82 -4.06
C ALA F 293 64.88 -19.17 -3.64
N PHE F 294 63.76 -19.80 -3.96
CA PHE F 294 62.48 -19.39 -3.41
C PHE F 294 62.40 -19.73 -1.93
N PRO F 295 62.81 -20.95 -1.50
CA PRO F 295 62.87 -21.20 -0.05
C PRO F 295 63.79 -20.25 0.69
N LEU F 296 64.97 -19.91 0.15
CA LEU F 296 65.86 -18.98 0.82
C LEU F 296 65.29 -17.56 0.80
N GLY F 297 64.73 -17.15 -0.33
CA GLY F 297 64.13 -15.82 -0.40
C GLY F 297 62.90 -15.70 0.49
N PHE F 298 62.07 -16.75 0.52
CA PHE F 298 60.87 -16.73 1.36
C PHE F 298 61.24 -16.73 2.84
N LEU F 299 62.20 -17.58 3.22
CA LEU F 299 62.63 -17.63 4.61
C LEU F 299 63.33 -16.34 5.00
N ALA F 300 63.96 -15.66 4.02
CA ALA F 300 64.55 -14.36 4.30
C ALA F 300 63.48 -13.33 4.59
N ILE F 301 62.37 -13.39 3.86
CA ILE F 301 61.25 -12.49 4.11
C ILE F 301 60.54 -12.91 5.39
N GLY F 302 60.65 -14.19 5.77
CA GLY F 302 60.10 -14.65 7.02
C GLY F 302 60.98 -14.36 8.23
N CYS F 303 62.14 -13.75 8.00
CA CYS F 303 62.99 -13.26 9.07
C CYS F 303 62.90 -11.74 9.23
N VAL F 304 62.35 -11.05 8.24
CA VAL F 304 62.03 -9.63 8.40
C VAL F 304 60.58 -9.46 8.85
N LEU F 305 59.75 -10.50 8.70
CA LEU F 305 58.41 -10.50 9.30
C LEU F 305 58.48 -10.53 10.82
N VAL F 306 59.58 -11.04 11.40
CA VAL F 306 59.69 -11.13 12.84
C VAL F 306 59.96 -9.77 13.47
N ILE F 307 60.93 -9.04 12.93
CA ILE F 307 61.28 -7.73 13.48
C ILE F 307 61.07 -6.64 12.45
N PRO G 1 24.17 -29.43 65.96
CA PRO G 1 24.75 -30.19 64.85
C PRO G 1 23.68 -30.87 64.00
N VAL G 2 22.95 -30.07 63.22
CA VAL G 2 21.69 -30.49 62.62
C VAL G 2 21.91 -31.59 61.58
N ASP G 3 21.05 -32.61 61.63
CA ASP G 3 21.09 -33.72 60.67
C ASP G 3 20.20 -33.44 59.47
N VAL G 4 20.71 -33.76 58.27
CA VAL G 4 19.98 -33.58 57.02
C VAL G 4 20.17 -34.81 56.14
N SER G 5 19.08 -35.52 55.84
CA SER G 5 19.10 -36.59 54.87
C SER G 5 18.94 -36.05 53.45
N VAL G 6 19.63 -36.68 52.49
CA VAL G 6 19.60 -36.25 51.09
C VAL G 6 19.45 -37.46 50.19
N SER G 7 18.52 -37.38 49.24
CA SER G 7 18.39 -38.37 48.17
C SER G 7 18.19 -37.62 46.86
N ILE G 8 18.93 -38.02 45.82
CA ILE G 8 18.92 -37.32 44.54
C ILE G 8 18.52 -38.31 43.45
N PHE G 9 17.37 -38.07 42.84
CA PHE G 9 16.92 -38.87 41.71
C PHE G 9 17.44 -38.23 40.43
N ILE G 10 18.19 -39.00 39.63
CA ILE G 10 18.73 -38.51 38.37
C ILE G 10 17.85 -39.02 37.23
N ASN G 11 17.28 -38.09 36.47
CA ASN G 11 16.40 -38.39 35.36
C ASN G 11 17.11 -38.39 34.02
N LYS G 12 18.05 -37.47 33.80
CA LYS G 12 18.67 -37.33 32.49
C LYS G 12 19.96 -36.52 32.58
N ILE G 13 20.98 -37.01 31.89
CA ILE G 13 22.20 -36.25 31.63
C ILE G 13 22.25 -36.03 30.12
N TYR G 14 22.62 -34.84 29.68
CA TYR G 14 22.61 -34.58 28.25
C TYR G 14 23.37 -33.29 27.97
N GLY G 15 23.94 -33.20 26.78
CA GLY G 15 24.60 -32.00 26.31
C GLY G 15 25.94 -31.65 26.95
N VAL G 16 26.98 -32.38 26.53
CA VAL G 16 28.34 -32.07 26.93
C VAL G 16 28.82 -30.86 26.14
N ASN G 17 29.47 -29.93 26.84
CA ASN G 17 30.07 -28.75 26.23
C ASN G 17 31.58 -28.96 26.33
N THR G 18 32.18 -29.50 25.27
CA THR G 18 33.58 -29.90 25.33
C THR G 18 34.49 -28.72 25.63
N LEU G 19 34.17 -27.54 25.10
CA LEU G 19 35.04 -26.38 25.34
C LEU G 19 34.91 -25.91 26.79
N GLU G 20 33.69 -25.53 27.19
CA GLU G 20 33.51 -24.99 28.54
C GLU G 20 33.59 -26.07 29.60
N GLN G 21 33.68 -27.34 29.20
CA GLN G 21 33.66 -28.48 30.10
C GLN G 21 32.42 -28.38 30.98
N THR G 22 31.28 -28.75 30.42
CA THR G 22 29.97 -28.45 30.98
C THR G 22 28.97 -29.42 30.41
N TYR G 23 28.06 -29.89 31.27
CA TYR G 23 27.00 -30.82 30.90
C TYR G 23 25.74 -30.47 31.69
N LYS G 24 24.59 -30.86 31.13
CA LYS G 24 23.30 -30.54 31.72
C LYS G 24 22.74 -31.77 32.42
N VAL G 25 22.15 -31.57 33.60
CA VAL G 25 21.58 -32.64 34.40
C VAL G 25 20.20 -32.22 34.89
N ASP G 26 19.19 -33.02 34.57
CA ASP G 26 17.83 -32.83 35.04
C ASP G 26 17.47 -33.91 36.06
N GLY G 27 16.77 -33.53 37.12
CA GLY G 27 16.37 -34.48 38.13
C GLY G 27 15.75 -33.80 39.33
N TYR G 28 15.53 -34.60 40.36
CA TYR G 28 14.92 -34.18 41.61
C TYR G 28 15.97 -34.20 42.72
N ILE G 29 15.64 -33.56 43.84
CA ILE G 29 16.51 -33.59 45.02
C ILE G 29 15.62 -33.54 46.26
N VAL G 30 16.02 -34.26 47.30
CA VAL G 30 15.18 -34.48 48.48
C VAL G 30 16.00 -34.15 49.72
N ALA G 31 15.40 -33.40 50.64
CA ALA G 31 16.02 -33.06 51.92
C ALA G 31 15.06 -33.39 53.06
N GLN G 32 15.56 -34.08 54.08
CA GLN G 32 14.75 -34.46 55.23
C GLN G 32 15.48 -34.12 56.52
N TRP G 33 14.78 -33.48 57.45
CA TRP G 33 15.34 -33.05 58.72
C TRP G 33 14.23 -32.83 59.73
N THR G 34 14.50 -33.15 60.98
CA THR G 34 13.51 -33.19 62.04
C THR G 34 13.53 -31.89 62.85
N GLY G 35 12.34 -31.30 63.06
CA GLY G 35 12.23 -30.05 63.77
C GLY G 35 11.24 -29.99 64.93
N LYS G 36 10.92 -28.75 65.34
CA LYS G 36 10.00 -28.52 66.44
C LYS G 36 8.61 -29.06 66.07
N PRO G 37 8.01 -29.91 66.92
CA PRO G 37 6.66 -30.41 66.61
C PRO G 37 5.64 -29.27 66.59
N ARG G 38 4.71 -29.34 65.64
CA ARG G 38 3.74 -28.29 65.43
C ARG G 38 2.35 -28.88 65.27
N LYS G 39 1.33 -28.08 65.57
CA LYS G 39 -0.03 -28.48 65.27
C LYS G 39 -0.26 -28.36 63.77
N THR G 40 -0.64 -29.45 63.13
CA THR G 40 -1.01 -29.45 61.73
C THR G 40 -2.53 -29.60 61.59
N PRO G 41 -3.10 -29.18 60.47
CA PRO G 41 -4.51 -29.47 60.21
C PRO G 41 -4.79 -30.96 60.32
N GLY G 42 -5.85 -31.29 61.06
CA GLY G 42 -6.03 -32.67 61.49
C GLY G 42 -4.86 -33.08 62.35
N ASP G 43 -4.32 -34.28 62.06
CA ASP G 43 -2.98 -34.61 62.51
C ASP G 43 -2.17 -35.23 61.37
N LYS G 44 -2.76 -35.36 60.19
CA LYS G 44 -2.03 -35.75 59.00
C LYS G 44 -0.95 -34.71 58.70
N PRO G 45 0.14 -35.10 58.04
CA PRO G 45 1.15 -34.13 57.64
C PRO G 45 0.58 -33.06 56.72
N LEU G 46 1.13 -31.85 56.84
CA LEU G 46 0.72 -30.71 56.03
C LEU G 46 1.66 -30.59 54.85
N ILE G 47 1.10 -30.33 53.67
CA ILE G 47 1.85 -30.27 52.42
C ILE G 47 1.84 -28.83 51.91
N VAL G 48 3.01 -28.34 51.50
CA VAL G 48 3.19 -26.96 51.08
C VAL G 48 3.82 -26.96 49.69
N GLU G 49 3.13 -26.41 48.70
CA GLU G 49 3.54 -26.43 47.30
C GLU G 49 3.99 -25.07 46.81
N ASN G 50 5.20 -25.01 46.26
CA ASN G 50 5.69 -23.87 45.48
C ASN G 50 5.59 -22.52 46.18
N THR G 51 4.77 -21.63 45.62
CA THR G 51 4.66 -20.25 46.10
C THR G 51 4.42 -20.17 47.60
N GLN G 52 3.67 -21.13 48.15
CA GLN G 52 3.35 -21.11 49.57
C GLN G 52 4.57 -21.34 50.45
N ILE G 53 5.61 -21.99 49.92
CA ILE G 53 6.79 -22.32 50.73
C ILE G 53 7.40 -21.07 51.33
N GLU G 54 7.65 -20.06 50.49
CA GLU G 54 8.29 -18.84 50.96
C GLU G 54 7.48 -18.15 52.06
N ARG G 55 6.15 -18.34 52.06
CA ARG G 55 5.33 -17.76 53.13
C ARG G 55 5.60 -18.44 54.46
N TRP G 56 5.72 -19.77 54.48
CA TRP G 56 5.96 -20.46 55.74
C TRP G 56 7.27 -20.03 56.37
N ILE G 57 8.25 -19.62 55.56
CA ILE G 57 9.53 -19.19 56.10
C ILE G 57 9.36 -17.91 56.92
N ASN G 58 8.54 -16.99 56.42
CA ASN G 58 8.27 -15.74 57.12
C ASN G 58 7.52 -15.93 58.42
N ASN G 59 6.99 -17.12 58.68
CA ASN G 59 6.34 -17.45 59.95
C ASN G 59 7.25 -18.26 60.87
N GLY G 60 8.54 -18.29 60.59
CA GLY G 60 9.52 -18.94 61.44
C GLY G 60 9.98 -20.31 61.01
N LEU G 61 9.60 -20.78 59.83
CA LEU G 61 10.12 -22.03 59.30
C LEU G 61 11.52 -21.80 58.73
N TRP G 62 12.52 -22.47 59.32
CA TRP G 62 13.88 -22.38 58.81
C TRP G 62 14.05 -23.37 57.66
N VAL G 63 14.51 -22.88 56.51
CA VAL G 63 14.77 -23.74 55.36
C VAL G 63 16.15 -23.46 54.80
N PRO G 64 17.10 -24.39 54.94
CA PRO G 64 18.49 -24.10 54.55
C PRO G 64 18.66 -23.98 53.05
N ALA G 65 19.47 -23.01 52.63
CA ALA G 65 19.87 -22.91 51.23
C ALA G 65 20.99 -23.90 50.97
N LEU G 66 20.74 -24.88 50.11
CA LEU G 66 21.73 -25.86 49.70
C LEU G 66 22.25 -25.46 48.33
N GLU G 67 23.53 -25.10 48.26
CA GLU G 67 24.12 -24.63 47.01
C GLU G 67 24.85 -25.75 46.28
N PHE G 68 24.66 -25.78 44.96
CA PHE G 68 25.46 -26.62 44.07
C PHE G 68 26.80 -25.93 43.86
N ILE G 69 27.87 -26.51 44.42
CA ILE G 69 29.17 -25.85 44.38
C ILE G 69 29.68 -25.74 42.96
N ASN G 70 29.51 -26.81 42.17
CA ASN G 70 30.12 -26.91 40.85
C ASN G 70 29.13 -26.62 39.73
N VAL G 71 28.05 -25.92 40.00
CA VAL G 71 27.12 -25.53 38.95
C VAL G 71 27.58 -24.21 38.35
N VAL G 72 27.43 -24.10 37.03
CA VAL G 72 27.80 -22.90 36.29
C VAL G 72 26.50 -22.14 36.07
N GLY G 73 26.27 -21.13 36.89
CA GLY G 73 25.03 -20.39 36.84
C GLY G 73 23.92 -21.06 37.63
N SER G 74 23.00 -20.26 38.16
CA SER G 74 21.89 -20.77 38.95
C SER G 74 21.07 -21.77 38.15
N PRO G 75 20.70 -22.91 38.72
CA PRO G 75 19.95 -23.91 37.97
C PRO G 75 18.47 -23.55 37.88
N ASP G 76 17.79 -24.26 36.98
CA ASP G 76 16.36 -24.05 36.76
C ASP G 76 15.58 -24.83 37.80
N THR G 77 14.91 -24.12 38.71
CA THR G 77 14.10 -24.75 39.75
C THR G 77 12.66 -24.92 39.23
N GLY G 78 12.25 -26.16 39.06
CA GLY G 78 10.89 -26.45 38.64
C GLY G 78 9.90 -26.33 39.79
N ASN G 79 9.13 -27.38 40.02
CA ASN G 79 8.21 -27.39 41.15
C ASN G 79 8.94 -27.81 42.42
N LYS G 80 8.49 -27.27 43.55
CA LYS G 80 9.07 -27.60 44.84
C LYS G 80 7.97 -27.69 45.90
N ARG G 81 8.19 -28.57 46.87
CA ARG G 81 7.20 -28.82 47.91
C ARG G 81 7.88 -29.01 49.26
N LEU G 82 7.18 -28.59 50.31
CA LEU G 82 7.55 -28.87 51.70
C LEU G 82 6.51 -29.81 52.30
N MET G 83 6.98 -30.71 53.16
CA MET G 83 6.12 -31.63 53.90
C MET G 83 6.32 -31.37 55.40
N LEU G 84 5.38 -30.65 56.01
CA LEU G 84 5.46 -30.36 57.44
C LEU G 84 4.69 -31.40 58.22
N PHE G 85 5.37 -32.08 59.13
CA PHE G 85 4.76 -33.12 59.94
C PHE G 85 4.42 -32.57 61.32
N PRO G 86 3.35 -33.07 61.94
CA PRO G 86 3.01 -32.59 63.30
C PRO G 86 4.08 -32.90 64.32
N ASP G 87 4.85 -33.96 64.12
CA ASP G 87 5.96 -34.28 65.02
C ASP G 87 7.20 -33.47 64.72
N GLY G 88 7.14 -32.56 63.75
CA GLY G 88 8.27 -31.69 63.49
C GLY G 88 8.99 -31.89 62.17
N ARG G 89 9.27 -33.15 61.81
CA ARG G 89 10.14 -33.42 60.68
C ARG G 89 9.57 -32.80 59.39
N VAL G 90 10.48 -32.38 58.52
CA VAL G 90 10.15 -31.59 57.33
C VAL G 90 10.88 -32.16 56.12
N ILE G 91 10.16 -32.28 55.00
CA ILE G 91 10.70 -32.81 53.76
C ILE G 91 10.66 -31.71 52.71
N TYR G 92 11.83 -31.34 52.19
CA TYR G 92 11.94 -30.39 51.10
C TYR G 92 12.22 -31.16 49.80
N ASN G 93 11.39 -30.93 48.79
CA ASN G 93 11.50 -31.62 47.51
C ASN G 93 11.43 -30.60 46.39
N ALA G 94 12.30 -30.74 45.39
CA ALA G 94 12.30 -29.86 44.25
C ALA G 94 12.91 -30.58 43.05
N ARG G 95 12.38 -30.30 41.87
CA ARG G 95 12.94 -30.78 40.61
C ARG G 95 13.80 -29.69 40.00
N PHE G 96 14.88 -30.10 39.34
CA PHE G 96 15.84 -29.12 38.84
C PHE G 96 16.43 -29.57 37.51
N LEU G 97 17.19 -28.65 36.91
CA LEU G 97 17.92 -28.86 35.67
C LEU G 97 19.01 -27.82 35.61
N GLY G 98 20.27 -28.25 35.56
CA GLY G 98 21.37 -27.30 35.61
C GLY G 98 22.56 -27.76 34.82
N SER G 99 23.40 -26.77 34.47
CA SER G 99 24.64 -27.01 33.74
C SER G 99 25.77 -27.04 34.76
N PHE G 100 26.39 -28.21 34.94
CA PHE G 100 27.43 -28.42 35.92
C PHE G 100 28.79 -28.46 35.24
N SER G 101 29.83 -28.19 36.01
CA SER G 101 31.19 -28.12 35.49
C SER G 101 32.08 -29.16 36.14
N ASN G 102 33.03 -29.67 35.36
CA ASN G 102 34.02 -30.63 35.83
C ASN G 102 35.19 -30.65 34.87
N ASP G 103 36.33 -31.09 35.38
CA ASP G 103 37.50 -31.32 34.54
C ASP G 103 37.27 -32.56 33.67
N MET G 104 37.62 -32.45 32.39
CA MET G 104 37.40 -33.53 31.43
C MET G 104 38.59 -33.57 30.48
N ASP G 105 39.25 -34.73 30.41
CA ASP G 105 40.36 -34.93 29.48
C ASP G 105 39.80 -35.53 28.20
N PHE G 106 40.03 -34.84 27.08
CA PHE G 106 39.54 -35.28 25.78
C PHE G 106 40.66 -35.66 24.81
N ARG G 107 41.87 -35.90 25.30
CA ARG G 107 42.97 -36.20 24.40
C ARG G 107 42.81 -37.55 23.71
N LEU G 108 42.06 -38.48 24.29
CA LEU G 108 41.85 -39.80 23.71
C LEU G 108 40.48 -39.89 23.05
N PHE G 109 40.08 -38.83 22.33
CA PHE G 109 38.70 -38.48 22.01
C PHE G 109 37.77 -39.62 21.61
N PRO G 110 38.04 -40.37 20.53
CA PRO G 110 37.04 -41.31 20.03
C PRO G 110 36.74 -42.44 21.00
N PHE G 111 37.51 -42.56 22.08
CA PHE G 111 37.37 -43.62 23.06
C PHE G 111 37.56 -42.98 24.44
N ASP G 112 36.63 -42.10 24.81
CA ASP G 112 36.76 -41.42 26.09
C ASP G 112 36.29 -42.30 27.24
N ARG G 113 36.77 -41.96 28.43
CA ARG G 113 36.12 -42.30 29.66
C ARG G 113 35.84 -40.97 30.34
N GLN G 114 34.68 -40.84 30.96
CA GLN G 114 34.30 -39.57 31.55
C GLN G 114 33.72 -39.79 32.93
N GLN G 115 33.68 -38.70 33.69
CA GLN G 115 33.18 -38.72 35.07
C GLN G 115 32.30 -37.50 35.23
N PHE G 116 30.99 -37.70 35.22
CA PHE G 116 30.05 -36.61 35.45
C PHE G 116 29.82 -36.49 36.94
N VAL G 117 29.93 -35.26 37.45
CA VAL G 117 30.07 -35.01 38.88
C VAL G 117 29.12 -33.90 39.31
N LEU G 118 28.50 -34.10 40.48
CA LEU G 118 27.78 -33.06 41.20
C LEU G 118 28.51 -32.81 42.52
N GLU G 119 28.52 -31.55 42.95
CA GLU G 119 29.09 -31.21 44.25
C GLU G 119 28.11 -30.27 44.96
N LEU G 120 27.43 -30.81 45.97
CA LEU G 120 26.45 -30.08 46.76
C LEU G 120 27.01 -29.84 48.16
N GLU G 121 26.71 -28.67 48.71
CA GLU G 121 27.23 -28.22 50.00
C GLU G 121 26.33 -27.10 50.49
N PRO G 122 25.93 -27.10 51.77
CA PRO G 122 25.06 -26.04 52.26
C PRO G 122 25.73 -24.68 52.12
N PHE G 123 24.90 -23.65 51.91
CA PHE G 123 25.45 -22.35 51.53
C PHE G 123 25.97 -21.57 52.72
N SER G 124 25.49 -21.83 53.93
CA SER G 124 25.81 -20.95 55.05
C SER G 124 25.74 -21.69 56.37
N TYR G 125 26.22 -22.93 56.41
CA TYR G 125 26.10 -23.74 57.62
C TYR G 125 27.28 -24.69 57.73
N ASN G 126 27.94 -24.65 58.88
CA ASN G 126 29.14 -25.43 59.17
C ASN G 126 28.89 -26.54 60.17
N ASN G 127 27.93 -26.37 61.07
CA ASN G 127 27.49 -27.45 61.94
C ASN G 127 26.02 -27.76 61.69
N GLN G 128 25.67 -27.87 60.42
CA GLN G 128 24.46 -28.56 59.96
C GLN G 128 24.95 -29.49 58.86
N GLN G 129 24.92 -30.79 59.15
CA GLN G 129 25.70 -31.77 58.41
C GLN G 129 24.80 -32.76 57.66
N LEU G 130 25.31 -33.22 56.52
CA LEU G 130 24.56 -34.09 55.60
C LEU G 130 24.67 -35.55 56.04
N ARG G 131 23.52 -36.14 56.37
CA ARG G 131 23.41 -37.47 56.98
C ARG G 131 23.84 -38.62 56.09
N PHE G 132 23.05 -38.93 55.06
CA PHE G 132 23.35 -39.99 54.11
C PHE G 132 22.81 -39.61 52.75
N SER G 133 23.43 -40.16 51.70
CA SER G 133 23.13 -39.78 50.32
C SER G 133 22.73 -40.99 49.49
N ASP G 134 21.78 -40.77 48.58
CA ASP G 134 21.28 -41.79 47.67
C ASP G 134 21.17 -41.22 46.26
N ILE G 135 21.36 -42.09 45.28
CA ILE G 135 21.24 -41.75 43.86
C ILE G 135 20.55 -42.92 43.17
N GLN G 136 19.61 -42.61 42.28
CA GLN G 136 18.79 -43.63 41.63
C GLN G 136 18.93 -43.49 40.12
N VAL G 137 19.60 -44.46 39.51
CA VAL G 137 19.78 -44.55 38.06
C VAL G 137 19.00 -45.74 37.56
N TYR G 138 18.45 -45.62 36.35
CA TYR G 138 17.59 -46.66 35.77
C TYR G 138 17.93 -46.87 34.29
N THR G 139 19.15 -47.36 34.05
CA THR G 139 19.72 -47.56 32.72
C THR G 139 20.44 -48.92 32.68
N GLU G 140 20.95 -49.27 31.50
CA GLU G 140 21.56 -50.58 31.26
C GLU G 140 22.75 -50.47 30.32
N ASN G 141 23.91 -50.97 30.77
CA ASN G 141 25.17 -50.97 30.01
C ASN G 141 25.84 -52.35 30.04
N ILE G 142 26.42 -52.85 28.94
CA ILE G 142 26.40 -52.27 27.59
C ILE G 142 25.11 -52.68 26.88
N ASP G 143 24.38 -51.74 26.28
CA ASP G 143 23.07 -52.11 25.76
C ASP G 143 22.55 -51.20 24.64
N ASN G 144 21.80 -50.16 25.00
CA ASN G 144 21.11 -49.31 24.03
C ASN G 144 21.99 -48.21 23.46
N GLU G 145 23.22 -48.09 23.92
CA GLU G 145 24.12 -47.02 23.47
C GLU G 145 24.59 -47.18 22.05
N GLU G 146 24.07 -48.07 21.20
CA GLU G 146 24.21 -47.80 19.78
C GLU G 146 23.25 -46.70 19.35
N ILE G 147 22.32 -46.35 20.24
CA ILE G 147 21.45 -45.19 20.04
C ILE G 147 21.84 -44.03 20.95
N ASP G 148 22.55 -44.29 22.06
CA ASP G 148 23.08 -43.24 22.93
C ASP G 148 24.58 -43.07 22.68
N GLU G 149 25.10 -41.90 23.07
CA GLU G 149 26.48 -41.57 22.73
C GLU G 149 27.50 -42.02 23.76
N TRP G 150 27.09 -42.31 24.99
CA TRP G 150 28.02 -42.70 26.04
C TRP G 150 27.73 -44.11 26.52
N TRP G 151 28.79 -44.92 26.68
CA TRP G 151 28.66 -46.16 27.43
C TRP G 151 28.76 -45.82 28.91
N ILE G 152 27.80 -46.29 29.72
CA ILE G 152 27.80 -45.98 31.15
C ILE G 152 28.14 -47.22 31.99
N ARG G 153 29.42 -47.55 32.09
CA ARG G 153 29.79 -48.71 32.90
C ARG G 153 29.64 -48.43 34.38
N GLY G 154 29.81 -47.18 34.81
CA GLY G 154 29.65 -46.80 36.20
C GLY G 154 28.21 -46.90 36.67
N LYS G 155 28.00 -46.56 37.96
CA LYS G 155 26.66 -46.74 38.51
C LYS G 155 26.32 -45.83 39.71
N ALA G 156 27.28 -45.55 40.61
CA ALA G 156 26.93 -44.84 41.86
C ALA G 156 27.98 -43.82 42.32
N SER G 157 28.97 -44.25 43.13
CA SER G 157 30.14 -43.46 43.57
C SER G 157 29.83 -42.26 44.48
N THR G 158 29.49 -42.53 45.75
CA THR G 158 29.15 -41.49 46.74
C THR G 158 30.38 -41.05 47.53
N HIS G 159 30.43 -39.74 47.88
CA HIS G 159 31.55 -39.27 48.69
C HIS G 159 31.12 -38.66 50.04
N ILE G 160 30.78 -37.36 50.06
CA ILE G 160 30.37 -36.58 51.24
C ILE G 160 31.48 -36.38 52.29
N SER G 161 32.59 -35.73 51.92
CA SER G 161 33.67 -35.51 52.87
C SER G 161 33.52 -34.11 53.50
N ASP G 162 34.59 -33.58 54.08
CA ASP G 162 34.56 -32.29 54.77
C ASP G 162 35.50 -31.30 54.10
N ILE G 163 35.06 -30.04 54.04
CA ILE G 163 35.80 -28.98 53.38
C ILE G 163 36.26 -27.97 54.44
N ARG G 164 37.47 -27.47 54.26
CA ARG G 164 38.12 -26.56 55.19
C ARG G 164 37.72 -25.11 54.94
N TYR G 165 37.90 -24.64 53.71
CA TYR G 165 37.75 -23.23 53.37
C TYR G 165 38.64 -22.41 54.32
N ASP G 166 39.94 -22.55 54.08
CA ASP G 166 40.94 -22.04 55.01
C ASP G 166 41.13 -20.53 54.91
N HIS G 167 40.36 -19.86 54.08
CA HIS G 167 40.51 -18.42 53.90
C HIS G 167 39.42 -17.68 54.68
N LEU G 168 39.86 -16.74 55.53
CA LEU G 168 38.97 -16.05 56.46
C LEU G 168 38.20 -17.04 57.32
N SER G 169 38.92 -18.06 57.79
CA SER G 169 38.42 -18.91 58.86
C SER G 169 38.38 -18.18 60.20
N SER G 170 39.14 -17.07 60.32
CA SER G 170 39.07 -16.25 61.52
C SER G 170 37.79 -15.43 61.60
N VAL G 171 37.02 -15.36 60.51
CA VAL G 171 35.67 -14.82 60.58
C VAL G 171 34.85 -15.57 61.62
N GLN G 172 35.03 -16.89 61.68
CA GLN G 172 34.42 -17.72 62.71
C GLN G 172 35.49 -18.67 63.24
N PRO G 173 36.15 -18.32 64.35
CA PRO G 173 37.25 -19.16 64.83
C PRO G 173 36.73 -20.49 65.32
N ASN G 174 37.39 -21.57 64.88
CA ASN G 174 37.21 -22.98 65.22
C ASN G 174 36.20 -23.65 64.32
N GLN G 175 35.44 -22.87 63.53
CA GLN G 175 34.35 -23.43 62.74
C GLN G 175 34.31 -22.78 61.36
N ASN G 176 34.76 -23.53 60.35
CA ASN G 176 34.61 -23.18 58.95
C ASN G 176 34.60 -24.45 58.13
N GLU G 177 34.21 -25.55 58.75
CA GLU G 177 34.23 -26.87 58.14
C GLU G 177 32.85 -27.16 57.60
N PHE G 178 32.75 -27.31 56.28
CA PHE G 178 31.48 -27.53 55.61
C PHE G 178 31.38 -28.97 55.15
N SER G 179 30.16 -29.49 55.17
CA SER G 179 29.88 -30.85 54.73
C SER G 179 29.46 -30.79 53.26
N ARG G 180 30.17 -31.50 52.40
CA ARG G 180 29.94 -31.42 50.95
C ARG G 180 29.68 -32.82 50.39
N ILE G 181 28.46 -33.03 49.90
CA ILE G 181 28.15 -34.24 49.14
C ILE G 181 28.81 -34.19 47.77
N THR G 182 29.43 -35.30 47.36
CA THR G 182 30.00 -35.45 46.03
C THR G 182 29.51 -36.77 45.42
N VAL G 183 28.91 -36.69 44.23
CA VAL G 183 28.46 -37.87 43.49
C VAL G 183 29.19 -37.93 42.15
N ARG G 184 29.50 -39.15 41.71
CA ARG G 184 30.23 -39.37 40.47
C ARG G 184 29.59 -40.49 39.66
N ILE G 185 29.52 -40.30 38.35
CA ILE G 185 28.97 -41.29 37.44
C ILE G 185 29.98 -41.48 36.33
N ASP G 186 30.43 -42.72 36.14
CA ASP G 186 31.42 -43.01 35.12
C ASP G 186 30.73 -43.30 33.80
N ALA G 187 31.43 -42.98 32.71
CA ALA G 187 30.86 -43.14 31.39
C ALA G 187 31.98 -43.22 30.36
N VAL G 188 31.68 -43.85 29.24
CA VAL G 188 32.64 -44.08 28.16
C VAL G 188 32.02 -43.57 26.87
N ARG G 189 32.85 -43.04 25.99
CA ARG G 189 32.36 -42.53 24.70
C ARG G 189 32.12 -43.69 23.76
N ASN G 190 30.87 -43.88 23.33
CA ASN G 190 30.53 -44.89 22.35
C ASN G 190 31.24 -44.60 21.03
N PRO G 191 32.31 -45.33 20.71
CA PRO G 191 33.14 -44.99 19.56
C PRO G 191 32.53 -45.34 18.20
N SER G 192 31.43 -46.10 18.18
CA SER G 192 30.88 -46.64 16.94
C SER G 192 30.81 -45.61 15.82
N TYR G 193 30.21 -44.45 16.10
CA TYR G 193 29.95 -43.47 15.05
C TYR G 193 31.25 -42.82 14.56
N TYR G 194 32.12 -42.41 15.48
CA TYR G 194 33.34 -41.72 15.06
C TYR G 194 34.33 -42.66 14.39
N LEU G 195 34.25 -43.96 14.66
CA LEU G 195 35.06 -44.91 13.92
C LEU G 195 34.47 -45.13 12.52
N TRP G 196 33.23 -45.60 12.45
CA TRP G 196 32.63 -45.96 11.16
C TRP G 196 32.61 -44.80 10.17
N SER G 197 32.55 -43.55 10.63
CA SER G 197 32.34 -42.42 9.73
C SER G 197 33.46 -41.39 9.73
N PHE G 198 34.47 -41.51 10.60
CA PHE G 198 35.54 -40.52 10.64
C PHE G 198 36.92 -41.17 10.59
N ILE G 199 37.18 -42.13 11.49
CA ILE G 199 38.48 -42.79 11.52
C ILE G 199 38.75 -43.51 10.21
N LEU G 200 37.76 -44.26 9.72
CA LEU G 200 37.94 -45.08 8.52
C LEU G 200 38.30 -44.27 7.28
N PRO G 201 37.52 -43.24 6.88
CA PRO G 201 37.88 -42.51 5.65
C PRO G 201 39.28 -41.91 5.67
N LEU G 202 39.74 -41.45 6.83
CA LEU G 202 41.06 -40.85 6.93
C LEU G 202 42.15 -41.85 6.56
N GLY G 203 42.05 -43.07 7.11
CA GLY G 203 43.02 -44.09 6.77
C GLY G 203 43.04 -44.44 5.29
N LEU G 204 41.86 -44.63 4.71
CA LEU G 204 41.77 -44.91 3.27
C LEU G 204 42.39 -43.79 2.44
N ILE G 205 42.16 -42.53 2.83
CA ILE G 205 42.79 -41.41 2.14
C ILE G 205 44.29 -41.50 2.30
N ILE G 206 44.75 -41.74 3.53
CA ILE G 206 46.17 -41.94 3.77
C ILE G 206 46.67 -43.16 3.00
N ALA G 207 45.87 -44.23 2.97
CA ALA G 207 46.22 -45.40 2.18
C ALA G 207 46.29 -45.05 0.69
N ALA G 208 45.24 -44.42 0.17
CA ALA G 208 45.26 -44.00 -1.23
C ALA G 208 46.43 -43.08 -1.54
N SER G 209 46.89 -42.31 -0.53
CA SER G 209 48.08 -41.49 -0.72
C SER G 209 49.29 -42.34 -1.11
N TRP G 210 49.41 -43.53 -0.53
CA TRP G 210 50.56 -44.38 -0.81
C TRP G 210 50.52 -44.94 -2.23
N SER G 211 49.33 -45.05 -2.82
CA SER G 211 49.22 -45.57 -4.18
C SER G 211 49.84 -44.66 -5.22
N VAL G 212 50.32 -43.47 -4.82
CA VAL G 212 50.97 -42.57 -5.77
C VAL G 212 52.27 -43.18 -6.30
N PHE G 213 52.90 -44.06 -5.52
CA PHE G 213 54.17 -44.66 -5.97
C PHE G 213 53.97 -45.62 -7.13
N TRP G 214 52.75 -46.03 -7.40
CA TRP G 214 52.47 -46.93 -8.52
C TRP G 214 52.18 -46.17 -9.81
N LEU G 215 52.31 -44.83 -9.80
CA LEU G 215 52.27 -44.06 -11.02
C LEU G 215 53.60 -44.19 -11.75
N GLU G 216 53.52 -44.35 -13.07
CA GLU G 216 54.71 -44.70 -13.85
C GLU G 216 55.66 -43.52 -13.99
N SER G 217 55.17 -42.40 -14.53
CA SER G 217 56.05 -41.27 -14.80
C SER G 217 56.44 -40.57 -13.51
N PHE G 218 57.32 -39.57 -13.63
CA PHE G 218 57.71 -38.73 -12.50
C PHE G 218 56.81 -37.52 -12.37
N SER G 219 56.48 -36.86 -13.48
CA SER G 219 55.48 -35.80 -13.46
C SER G 219 54.14 -36.32 -12.96
N GLU G 220 53.75 -37.53 -13.38
CA GLU G 220 52.54 -38.16 -12.86
C GLU G 220 52.59 -38.29 -11.35
N ARG G 221 53.72 -38.78 -10.82
CA ARG G 221 53.86 -39.01 -9.39
C ARG G 221 53.69 -37.71 -8.61
N LEU G 222 54.47 -36.69 -8.94
CA LEU G 222 54.49 -35.47 -8.14
C LEU G 222 53.17 -34.70 -8.22
N GLN G 223 52.61 -34.56 -9.43
CA GLN G 223 51.35 -33.83 -9.60
C GLN G 223 50.22 -34.45 -8.79
N THR G 224 50.13 -35.78 -8.79
CA THR G 224 49.07 -36.47 -8.06
C THR G 224 49.11 -36.15 -6.56
N SER G 225 50.32 -35.98 -6.00
CA SER G 225 50.44 -35.70 -4.58
C SER G 225 49.67 -34.45 -4.17
N PHE G 226 49.75 -33.38 -4.97
CA PHE G 226 49.06 -32.14 -4.63
C PHE G 226 47.55 -32.32 -4.59
N THR G 227 47.02 -33.23 -5.42
CA THR G 227 45.61 -33.57 -5.33
C THR G 227 45.28 -34.25 -4.01
N LEU G 228 46.14 -35.18 -3.59
CA LEU G 228 45.99 -35.82 -2.28
C LEU G 228 46.17 -34.83 -1.14
N MET G 229 47.14 -33.91 -1.27
CA MET G 229 47.29 -32.85 -0.27
C MET G 229 45.97 -32.11 -0.10
N LEU G 230 45.38 -31.68 -1.21
CA LEU G 230 44.06 -31.07 -1.16
C LEU G 230 43.05 -32.01 -0.53
N THR G 231 43.18 -33.31 -0.80
CA THR G 231 42.26 -34.29 -0.21
C THR G 231 42.37 -34.30 1.31
N VAL G 232 43.60 -34.21 1.83
CA VAL G 232 43.77 -34.13 3.28
C VAL G 232 43.27 -32.79 3.80
N VAL G 233 43.64 -31.70 3.12
CA VAL G 233 43.14 -30.38 3.51
C VAL G 233 41.62 -30.38 3.53
N ALA G 234 41.01 -30.95 2.50
CA ALA G 234 39.57 -31.12 2.49
C ALA G 234 39.11 -31.99 3.67
N TYR G 235 39.76 -33.14 3.86
CA TYR G 235 39.34 -34.03 4.93
C TYR G 235 39.65 -33.46 6.31
N ALA G 236 40.75 -32.72 6.45
CA ALA G 236 40.99 -32.03 7.72
C ALA G 236 39.88 -31.05 8.03
N PHE G 237 39.40 -30.34 7.00
CA PHE G 237 38.29 -29.41 7.20
C PHE G 237 37.01 -30.15 7.59
N TYR G 238 36.62 -31.14 6.79
CA TYR G 238 35.44 -31.94 7.12
C TYR G 238 35.56 -32.55 8.50
N THR G 239 36.77 -32.98 8.88
CA THR G 239 37.01 -33.43 10.24
C THR G 239 36.70 -32.33 11.26
N SER G 240 37.29 -31.14 11.06
CA SER G 240 37.25 -30.10 12.09
C SER G 240 35.84 -29.54 12.30
N ASN G 241 35.05 -29.43 11.23
CA ASN G 241 33.73 -28.80 11.35
C ASN G 241 32.79 -29.62 12.22
N ILE G 242 32.75 -30.94 12.03
CA ILE G 242 31.75 -31.77 12.71
C ILE G 242 32.21 -32.17 14.10
N LEU G 243 33.51 -32.39 14.30
CA LEU G 243 34.00 -32.87 15.58
C LEU G 243 33.98 -31.75 16.63
N PRO G 244 33.87 -32.11 17.91
CA PRO G 244 33.83 -31.07 18.95
C PRO G 244 35.18 -30.37 19.08
N ARG G 245 35.15 -29.05 19.07
CA ARG G 245 36.38 -28.25 19.14
C ARG G 245 37.03 -28.35 20.52
N LEU G 246 38.35 -28.44 20.52
CA LEU G 246 39.15 -28.66 21.72
C LEU G 246 40.43 -27.84 21.64
N PRO G 247 41.10 -27.62 22.78
CA PRO G 247 42.37 -26.87 22.74
C PRO G 247 43.59 -27.77 22.72
N TYR G 248 43.39 -29.03 22.32
CA TYR G 248 44.51 -29.95 22.17
C TYR G 248 44.20 -30.92 21.03
N THR G 249 45.23 -31.66 20.63
CA THR G 249 45.13 -32.58 19.50
C THR G 249 44.48 -33.88 19.95
N THR G 250 43.34 -34.21 19.37
CA THR G 250 42.71 -35.49 19.65
C THR G 250 43.46 -36.59 18.90
N VAL G 251 43.03 -37.84 19.08
CA VAL G 251 43.64 -38.94 18.34
C VAL G 251 43.41 -38.75 16.85
N ILE G 252 42.17 -38.44 16.46
CA ILE G 252 41.87 -38.15 15.06
C ILE G 252 42.75 -37.02 14.55
N ASP G 253 42.85 -35.94 15.33
CA ASP G 253 43.63 -34.78 14.90
C ASP G 253 45.07 -35.16 14.60
N GLN G 254 45.63 -36.10 15.37
CA GLN G 254 46.98 -36.59 15.07
C GLN G 254 46.99 -37.40 13.78
N MET G 255 46.00 -38.26 13.58
CA MET G 255 45.88 -39.00 12.33
C MET G 255 45.83 -38.07 11.13
N ILE G 256 45.20 -36.90 11.29
CA ILE G 256 45.18 -35.92 10.20
C ILE G 256 46.59 -35.40 9.94
N ILE G 257 47.34 -35.10 11.00
CA ILE G 257 48.73 -34.68 10.80
C ILE G 257 49.53 -35.84 10.24
N ALA G 258 49.18 -37.07 10.62
CA ALA G 258 49.85 -38.23 10.05
C ALA G 258 49.66 -38.28 8.54
N GLY G 259 48.47 -37.93 8.07
CA GLY G 259 48.22 -37.80 6.65
C GLY G 259 49.05 -36.71 6.01
N TYR G 260 48.95 -35.49 6.56
CA TYR G 260 49.76 -34.36 6.10
C TYR G 260 51.23 -34.74 5.98
N GLY G 261 51.74 -35.54 6.92
CA GLY G 261 53.14 -35.94 6.85
C GLY G 261 53.39 -36.96 5.77
N SER G 262 52.62 -38.05 5.77
CA SER G 262 52.79 -39.13 4.79
C SER G 262 52.75 -38.59 3.36
N ILE G 263 51.84 -37.65 3.08
CA ILE G 263 51.76 -37.10 1.74
C ILE G 263 52.94 -36.18 1.47
N PHE G 264 53.32 -35.36 2.46
CA PHE G 264 54.51 -34.53 2.29
C PHE G 264 55.76 -35.39 2.21
N ALA G 265 55.77 -36.53 2.89
CA ALA G 265 56.90 -37.46 2.78
C ALA G 265 57.02 -38.00 1.36
N ALA G 266 55.90 -38.39 0.75
CA ALA G 266 55.91 -38.81 -0.65
C ALA G 266 56.51 -37.73 -1.56
N ILE G 267 56.07 -36.48 -1.38
CA ILE G 267 56.56 -35.36 -2.18
C ILE G 267 58.09 -35.34 -2.23
N LEU G 268 58.74 -35.51 -1.07
CA LEU G 268 60.19 -35.43 -1.02
C LEU G 268 60.84 -36.59 -1.76
N LEU G 269 60.38 -37.81 -1.52
CA LEU G 269 60.93 -38.98 -2.21
C LEU G 269 60.81 -38.85 -3.72
N ILE G 270 59.60 -38.56 -4.21
CA ILE G 270 59.34 -38.46 -5.66
C ILE G 270 60.36 -37.52 -6.31
N ILE G 271 60.71 -36.43 -5.63
CA ILE G 271 61.69 -35.50 -6.18
C ILE G 271 63.10 -36.04 -6.03
N PHE G 272 63.40 -36.63 -4.86
CA PHE G 272 64.74 -37.18 -4.62
C PHE G 272 65.05 -38.33 -5.57
N ALA G 273 64.04 -39.10 -5.95
CA ALA G 273 64.24 -40.15 -6.95
C ALA G 273 64.78 -39.58 -8.26
N HIS G 274 64.37 -38.36 -8.61
CA HIS G 274 64.71 -37.82 -9.93
C HIS G 274 66.17 -37.35 -10.00
N HIS G 275 66.71 -36.79 -8.91
CA HIS G 275 68.03 -36.16 -8.97
C HIS G 275 69.06 -36.82 -8.07
N ARG G 276 68.82 -38.05 -7.61
CA ARG G 276 69.86 -38.87 -6.98
C ARG G 276 70.14 -40.00 -7.97
N GLN G 277 70.91 -39.68 -9.01
CA GLN G 277 71.02 -40.55 -10.17
C GLN G 277 72.46 -40.61 -10.66
N ALA G 278 72.69 -41.49 -11.64
CA ALA G 278 73.98 -41.61 -12.29
C ALA G 278 74.15 -40.71 -13.51
N ASN G 279 73.04 -40.28 -14.12
CA ASN G 279 73.07 -39.47 -15.31
C ASN G 279 72.62 -38.05 -15.03
N GLY G 280 71.52 -37.62 -15.64
CA GLY G 280 70.86 -36.38 -15.29
C GLY G 280 69.39 -36.60 -15.02
N VAL G 281 68.78 -37.51 -15.77
CA VAL G 281 67.34 -37.81 -15.65
C VAL G 281 67.22 -39.33 -15.64
N GLU G 282 67.18 -39.91 -14.45
CA GLU G 282 66.94 -41.35 -14.28
C GLU G 282 66.39 -41.56 -12.89
N ASP G 283 65.18 -42.10 -12.81
CA ASP G 283 64.54 -42.38 -11.53
C ASP G 283 65.22 -43.58 -10.88
N ASP G 284 65.87 -43.33 -9.73
CA ASP G 284 66.67 -44.30 -8.99
C ASP G 284 65.96 -45.65 -8.91
N LEU G 285 66.59 -46.67 -9.48
CA LEU G 285 65.88 -47.89 -9.89
C LEU G 285 65.13 -48.56 -8.73
N LEU G 286 65.74 -48.65 -7.56
CA LEU G 286 65.14 -49.38 -6.46
C LEU G 286 64.23 -48.52 -5.60
N ILE G 287 64.45 -47.20 -5.56
CA ILE G 287 63.79 -46.36 -4.57
C ILE G 287 62.30 -46.23 -4.86
N GLN G 288 61.91 -46.19 -6.14
CA GLN G 288 60.48 -46.14 -6.44
C GLN G 288 59.77 -47.44 -6.13
N ARG G 289 60.50 -48.50 -5.74
CA ARG G 289 59.89 -49.72 -5.23
C ARG G 289 59.74 -49.74 -3.71
N CYS G 290 59.51 -48.58 -3.10
CA CYS G 290 58.94 -48.50 -1.76
C CYS G 290 57.42 -48.55 -1.78
N ARG G 291 56.85 -49.20 -2.80
CA ARG G 291 55.41 -49.25 -2.99
C ARG G 291 54.72 -49.88 -1.78
N LEU G 292 55.31 -50.94 -1.24
CA LEU G 292 54.84 -51.46 0.04
C LEU G 292 55.91 -51.24 1.10
N ALA G 293 56.40 -50.00 1.21
CA ALA G 293 57.28 -49.63 2.30
C ALA G 293 56.80 -48.36 2.99
N PHE G 294 56.07 -47.51 2.27
CA PHE G 294 55.33 -46.43 2.92
C PHE G 294 54.17 -46.99 3.73
N PRO G 295 53.41 -47.98 3.23
CA PRO G 295 52.46 -48.66 4.13
C PRO G 295 53.13 -49.21 5.37
N LEU G 296 54.35 -49.75 5.22
CA LEU G 296 55.09 -50.24 6.38
C LEU G 296 55.63 -49.10 7.23
N GLY G 297 56.16 -48.05 6.60
CA GLY G 297 56.72 -46.95 7.36
C GLY G 297 55.69 -46.18 8.17
N PHE G 298 54.50 -45.98 7.59
CA PHE G 298 53.43 -45.28 8.31
C PHE G 298 52.91 -46.11 9.47
N LEU G 299 52.67 -47.40 9.24
CA LEU G 299 52.14 -48.25 10.30
C LEU G 299 53.13 -48.42 11.43
N ALA G 300 54.42 -48.32 11.13
CA ALA G 300 55.42 -48.38 12.19
C ALA G 300 55.34 -47.14 13.08
N ILE G 301 55.08 -45.99 12.48
CA ILE G 301 54.93 -44.75 13.24
C ILE G 301 53.60 -44.71 13.96
N GLY G 302 52.59 -45.43 13.45
CA GLY G 302 51.27 -45.47 14.05
C GLY G 302 51.08 -46.42 15.22
N CYS G 303 52.12 -47.16 15.61
CA CYS G 303 52.07 -47.99 16.80
C CYS G 303 52.80 -47.39 17.99
N VAL G 304 53.56 -46.30 17.75
CA VAL G 304 54.14 -45.52 18.85
C VAL G 304 53.20 -44.41 19.30
N LEU G 305 52.16 -44.10 18.52
CA LEU G 305 51.10 -43.21 18.98
C LEU G 305 50.30 -43.82 20.13
N VAL G 306 50.26 -45.15 20.23
CA VAL G 306 49.50 -45.79 21.30
C VAL G 306 50.25 -45.70 22.63
N ILE G 307 51.54 -46.02 22.63
CA ILE G 307 52.33 -46.00 23.84
C ILE G 307 53.48 -45.02 23.70
N PRO H 1 -10.52 -39.19 47.66
CA PRO H 1 -9.88 -39.69 46.43
C PRO H 1 -10.33 -38.86 45.24
N VAL H 2 -9.85 -37.63 45.17
CA VAL H 2 -10.48 -36.63 44.31
C VAL H 2 -10.32 -37.01 42.84
N ASP H 3 -11.41 -36.85 42.09
CA ASP H 3 -11.40 -37.05 40.64
C ASP H 3 -11.01 -35.75 39.97
N VAL H 4 -10.18 -35.85 38.94
CA VAL H 4 -9.74 -34.69 38.17
C VAL H 4 -9.88 -35.04 36.70
N SER H 5 -10.76 -34.32 36.01
CA SER H 5 -10.82 -34.45 34.56
C SER H 5 -9.73 -33.56 33.96
N VAL H 6 -9.10 -34.06 32.91
CA VAL H 6 -7.99 -33.35 32.28
C VAL H 6 -8.15 -33.44 30.77
N SER H 7 -7.95 -32.31 30.10
CA SER H 7 -7.96 -32.26 28.64
C SER H 7 -6.75 -31.46 28.15
N ILE H 8 -6.09 -31.98 27.12
CA ILE H 8 -4.85 -31.43 26.59
C ILE H 8 -5.09 -31.02 25.15
N PHE H 9 -5.10 -29.71 24.91
CA PHE H 9 -5.23 -29.19 23.55
C PHE H 9 -3.84 -28.93 23.00
N ILE H 10 -3.48 -29.58 21.89
CA ILE H 10 -2.19 -29.40 21.26
C ILE H 10 -2.33 -28.52 20.03
N ASN H 11 -1.62 -27.39 20.02
CA ASN H 11 -1.63 -26.45 18.92
C ASN H 11 -0.47 -26.64 17.94
N LYS H 12 0.71 -27.01 18.44
CA LYS H 12 1.88 -27.09 17.58
C LYS H 12 2.96 -27.94 18.25
N ILE H 13 3.51 -28.88 17.48
CA ILE H 13 4.73 -29.59 17.85
C ILE H 13 5.77 -29.22 16.80
N TYR H 14 6.98 -28.87 17.24
CA TYR H 14 7.96 -28.32 16.31
C TYR H 14 9.35 -28.35 16.92
N GLY H 15 10.36 -28.42 16.05
CA GLY H 15 11.75 -28.30 16.44
C GLY H 15 12.28 -29.46 17.25
N VAL H 16 12.55 -30.59 16.57
CA VAL H 16 13.17 -31.75 17.19
C VAL H 16 14.66 -31.48 17.39
N ASN H 17 15.18 -31.89 18.54
CA ASN H 17 16.59 -31.77 18.88
C ASN H 17 17.15 -33.19 18.80
N THR H 18 17.71 -33.52 17.64
CA THR H 18 18.09 -34.89 17.34
C THR H 18 19.14 -35.43 18.33
N LEU H 19 20.09 -34.58 18.73
CA LEU H 19 21.12 -35.04 19.65
C LEU H 19 20.55 -35.23 21.05
N GLU H 20 19.94 -34.19 21.60
CA GLU H 20 19.41 -34.23 22.95
C GLU H 20 18.13 -35.05 23.06
N GLN H 21 17.56 -35.49 21.93
CA GLN H 21 16.27 -36.19 21.90
C GLN H 21 15.19 -35.35 22.58
N THR H 22 14.63 -34.39 21.85
CA THR H 22 13.79 -33.35 22.44
C THR H 22 12.89 -32.77 21.36
N TYR H 23 11.64 -32.50 21.73
CA TYR H 23 10.68 -31.85 20.83
C TYR H 23 9.82 -30.90 21.64
N LYS H 24 9.29 -29.88 20.97
CA LYS H 24 8.52 -28.82 21.61
C LYS H 24 7.04 -29.01 21.29
N VAL H 25 6.18 -28.75 22.28
CA VAL H 25 4.73 -28.87 22.14
C VAL H 25 4.08 -27.62 22.72
N ASP H 26 3.28 -26.94 21.91
CA ASP H 26 2.50 -25.79 22.36
C ASP H 26 1.03 -26.16 22.46
N GLY H 27 0.38 -25.73 23.53
CA GLY H 27 -1.03 -26.02 23.71
C GLY H 27 -1.51 -25.59 25.08
N TYR H 28 -2.75 -25.97 25.37
CA TYR H 28 -3.45 -25.62 26.59
C TYR H 28 -3.65 -26.88 27.44
N ILE H 29 -4.02 -26.69 28.70
CA ILE H 29 -4.35 -27.81 29.57
C ILE H 29 -5.45 -27.40 30.53
N VAL H 30 -6.36 -28.34 30.82
CA VAL H 30 -7.57 -28.09 31.59
C VAL H 30 -7.68 -29.13 32.69
N ALA H 31 -8.04 -28.69 33.90
CA ALA H 31 -8.29 -29.59 35.02
C ALA H 31 -9.64 -29.24 35.63
N GLN H 32 -10.47 -30.26 35.87
CA GLN H 32 -11.78 -30.06 36.47
C GLN H 32 -11.97 -31.02 37.63
N TRP H 33 -12.43 -30.49 38.75
CA TRP H 33 -12.59 -31.25 39.99
C TRP H 33 -13.57 -30.50 40.89
N THR H 34 -14.42 -31.25 41.59
CA THR H 34 -15.51 -30.67 42.38
C THR H 34 -15.12 -30.59 43.85
N GLY H 35 -15.33 -29.42 44.44
CA GLY H 35 -15.02 -29.17 45.85
C GLY H 35 -16.19 -28.61 46.62
N LYS H 36 -15.95 -28.07 47.81
CA LYS H 36 -17.05 -27.54 48.62
C LYS H 36 -17.70 -26.35 47.94
N PRO H 37 -19.03 -26.33 47.81
CA PRO H 37 -19.72 -25.20 47.17
C PRO H 37 -19.53 -23.90 47.95
N ARG H 38 -19.65 -22.79 47.25
CA ARG H 38 -19.46 -21.48 47.84
C ARG H 38 -20.41 -20.47 47.21
N LYS H 39 -20.83 -19.50 48.01
CA LYS H 39 -21.53 -18.35 47.47
C LYS H 39 -20.52 -17.53 46.67
N THR H 40 -20.81 -17.33 45.39
CA THR H 40 -20.01 -16.55 44.46
C THR H 40 -20.68 -15.20 44.21
N PRO H 41 -19.94 -14.22 43.68
CA PRO H 41 -20.59 -12.97 43.25
C PRO H 41 -21.76 -13.28 42.32
N GLY H 42 -22.91 -12.69 42.63
CA GLY H 42 -24.14 -13.16 42.00
C GLY H 42 -24.34 -14.62 42.37
N ASP H 43 -24.60 -15.44 41.37
CA ASP H 43 -24.41 -16.87 41.46
C ASP H 43 -23.65 -17.40 40.25
N LYS H 44 -23.22 -16.50 39.36
CA LYS H 44 -22.39 -16.86 38.23
C LYS H 44 -21.08 -17.49 38.71
N PRO H 45 -20.49 -18.38 37.92
CA PRO H 45 -19.15 -18.87 38.25
C PRO H 45 -18.17 -17.70 38.21
N LEU H 46 -17.16 -17.76 39.08
CA LEU H 46 -16.20 -16.68 39.20
C LEU H 46 -14.94 -17.00 38.42
N ILE H 47 -14.41 -16.01 37.69
CA ILE H 47 -13.24 -16.19 36.84
C ILE H 47 -12.09 -15.38 37.43
N VAL H 48 -10.93 -16.02 37.52
CA VAL H 48 -9.72 -15.47 38.12
C VAL H 48 -8.59 -15.60 37.11
N GLU H 49 -8.00 -14.47 36.70
CA GLU H 49 -7.00 -14.47 35.64
C GLU H 49 -5.62 -14.24 36.22
N ASN H 50 -4.70 -15.18 35.94
CA ASN H 50 -3.27 -15.02 36.18
C ASN H 50 -2.91 -14.61 37.60
N THR H 51 -2.34 -13.40 37.74
CA THR H 51 -1.84 -12.92 39.03
C THR H 51 -2.83 -13.15 40.15
N GLN H 52 -4.12 -13.06 39.85
CA GLN H 52 -5.13 -13.21 40.89
C GLN H 52 -5.19 -14.65 41.44
N ILE H 53 -4.80 -15.64 40.63
CA ILE H 53 -4.86 -17.03 41.08
C ILE H 53 -3.96 -17.24 42.29
N GLU H 54 -2.70 -16.79 42.19
CA GLU H 54 -1.76 -16.96 43.30
C GLU H 54 -2.28 -16.32 44.58
N ARG H 55 -3.06 -15.24 44.45
CA ARG H 55 -3.67 -14.62 45.62
C ARG H 55 -4.74 -15.51 46.26
N TRP H 56 -5.58 -16.16 45.44
CA TRP H 56 -6.64 -16.99 46.02
C TRP H 56 -6.07 -18.14 46.83
N ILE H 57 -4.86 -18.59 46.51
CA ILE H 57 -4.26 -19.72 47.22
C ILE H 57 -3.99 -19.37 48.68
N ASN H 58 -3.51 -18.14 48.92
CA ASN H 58 -3.23 -17.71 50.28
C ASN H 58 -4.46 -17.64 51.16
N ASN H 59 -5.66 -17.77 50.59
CA ASN H 59 -6.90 -17.80 51.36
C ASN H 59 -7.42 -19.21 51.56
N GLY H 60 -6.61 -20.22 51.26
CA GLY H 60 -6.99 -21.59 51.48
C GLY H 60 -7.54 -22.29 50.25
N LEU H 61 -7.50 -21.66 49.08
CA LEU H 61 -7.95 -22.30 47.86
C LEU H 61 -6.93 -23.35 47.43
N TRP H 62 -7.39 -24.60 47.35
CA TRP H 62 -6.55 -25.71 46.95
C TRP H 62 -6.43 -25.76 45.42
N VAL H 63 -5.21 -25.66 44.91
CA VAL H 63 -4.94 -25.83 43.49
C VAL H 63 -3.72 -26.73 43.33
N PRO H 64 -3.89 -27.99 42.93
CA PRO H 64 -2.75 -28.92 42.91
C PRO H 64 -1.76 -28.61 41.78
N ALA H 65 -0.47 -28.75 42.10
CA ALA H 65 0.58 -28.63 41.10
C ALA H 65 0.69 -29.92 40.30
N LEU H 66 0.45 -29.83 38.99
CA LEU H 66 0.58 -30.96 38.08
C LEU H 66 1.89 -30.81 37.31
N GLU H 67 2.84 -31.73 37.54
CA GLU H 67 4.15 -31.64 36.89
C GLU H 67 4.20 -32.51 35.64
N PHE H 68 4.81 -31.94 34.58
CA PHE H 68 5.13 -32.68 33.37
C PHE H 68 6.39 -33.51 33.58
N ILE H 69 6.23 -34.83 33.60
CA ILE H 69 7.33 -35.72 33.95
C ILE H 69 8.44 -35.64 32.91
N ASN H 70 8.09 -35.61 31.62
CA ASN H 70 9.08 -35.73 30.55
C ASN H 70 9.41 -34.39 29.91
N VAL H 71 9.13 -33.28 30.59
CA VAL H 71 9.57 -31.96 30.12
C VAL H 71 10.97 -31.72 30.68
N VAL H 72 11.83 -31.12 29.88
CA VAL H 72 13.21 -30.84 30.26
C VAL H 72 13.29 -29.37 30.65
N GLY H 73 13.32 -29.11 31.95
CA GLY H 73 13.30 -27.75 32.46
C GLY H 73 11.89 -27.22 32.59
N SER H 74 11.69 -26.32 33.55
CA SER H 74 10.37 -25.77 33.78
C SER H 74 9.82 -25.13 32.51
N PRO H 75 8.58 -25.41 32.13
CA PRO H 75 8.05 -24.89 30.86
C PRO H 75 7.60 -23.44 30.98
N ASP H 76 7.36 -22.85 29.82
CA ASP H 76 6.90 -21.47 29.72
C ASP H 76 5.38 -21.46 29.91
N THR H 77 4.92 -20.89 31.03
CA THR H 77 3.51 -20.82 31.35
C THR H 77 2.91 -19.55 30.76
N GLY H 78 1.95 -19.71 29.84
CA GLY H 78 1.29 -18.54 29.29
C GLY H 78 0.27 -17.97 30.26
N ASN H 79 -0.96 -17.75 29.81
CA ASN H 79 -2.01 -17.28 30.68
C ASN H 79 -2.67 -18.44 31.43
N LYS H 80 -3.18 -18.14 32.62
CA LYS H 80 -3.85 -19.14 33.43
C LYS H 80 -5.07 -18.53 34.11
N ARG H 81 -6.14 -19.32 34.24
CA ARG H 81 -7.38 -18.84 34.82
C ARG H 81 -8.01 -19.92 35.69
N LEU H 82 -8.74 -19.47 36.72
CA LEU H 82 -9.55 -20.33 37.56
C LEU H 82 -11.03 -20.05 37.31
N MET H 83 -11.84 -21.11 37.37
CA MET H 83 -13.29 -21.01 37.29
C MET H 83 -13.87 -21.62 38.56
N LEU H 84 -14.27 -20.77 39.50
CA LEU H 84 -14.85 -21.22 40.76
C LEU H 84 -16.36 -21.30 40.60
N PHE H 85 -16.92 -22.50 40.80
CA PHE H 85 -18.35 -22.64 40.61
C PHE H 85 -19.09 -22.58 41.94
N PRO H 86 -20.31 -22.04 41.95
CA PRO H 86 -21.08 -22.02 43.21
C PRO H 86 -21.39 -23.41 43.72
N ASP H 87 -21.51 -24.37 42.83
CA ASP H 87 -21.72 -25.77 43.20
C ASP H 87 -20.43 -26.47 43.58
N GLY H 88 -19.30 -25.75 43.63
CA GLY H 88 -18.06 -26.31 44.13
C GLY H 88 -16.96 -26.53 43.11
N ARG H 89 -17.31 -27.12 41.97
CA ARG H 89 -16.29 -27.54 41.00
C ARG H 89 -15.47 -26.37 40.51
N VAL H 90 -14.19 -26.65 40.22
CA VAL H 90 -13.22 -25.63 39.88
C VAL H 90 -12.42 -26.12 38.67
N ILE H 91 -12.23 -25.23 37.69
CA ILE H 91 -11.55 -25.56 36.45
C ILE H 91 -10.31 -24.69 36.32
N TYR H 92 -9.14 -25.32 36.23
CA TYR H 92 -7.87 -24.63 36.02
C TYR H 92 -7.48 -24.74 34.54
N ASN H 93 -7.20 -23.60 33.91
CA ASN H 93 -6.86 -23.56 32.50
C ASN H 93 -5.59 -22.74 32.31
N ALA H 94 -4.66 -23.26 31.50
CA ALA H 94 -3.42 -22.57 31.21
C ALA H 94 -2.88 -23.09 29.88
N ARG H 95 -2.21 -22.19 29.14
CA ARG H 95 -1.53 -22.57 27.91
C ARG H 95 -0.06 -22.82 28.21
N PHE H 96 0.42 -24.01 27.81
CA PHE H 96 1.77 -24.49 28.14
C PHE H 96 2.52 -24.80 26.86
N LEU H 97 3.65 -24.11 26.66
CA LEU H 97 4.62 -24.45 25.62
C LEU H 97 5.93 -24.81 26.30
N GLY H 98 6.40 -26.04 26.09
CA GLY H 98 7.55 -26.55 26.80
C GLY H 98 8.36 -27.48 25.94
N SER H 99 9.60 -27.70 26.36
CA SER H 99 10.52 -28.58 25.64
C SER H 99 10.47 -29.97 26.28
N PHE H 100 9.96 -30.94 25.54
CA PHE H 100 9.78 -32.30 26.02
C PHE H 100 10.85 -33.24 25.47
N SER H 101 11.08 -34.31 26.21
CA SER H 101 12.05 -35.33 25.85
C SER H 101 11.38 -36.68 25.75
N ASN H 102 11.88 -37.51 24.83
CA ASN H 102 11.47 -38.89 24.72
C ASN H 102 12.54 -39.62 23.92
N ASP H 103 12.56 -40.94 24.06
CA ASP H 103 13.50 -41.75 23.30
C ASP H 103 13.13 -41.76 21.83
N MET H 104 14.13 -41.58 20.97
CA MET H 104 13.93 -41.43 19.53
C MET H 104 15.06 -42.14 18.81
N ASP H 105 14.72 -43.10 17.95
CA ASP H 105 15.70 -43.80 17.13
C ASP H 105 15.79 -43.09 15.78
N PHE H 106 16.99 -42.65 15.42
CA PHE H 106 17.23 -41.94 14.18
C PHE H 106 18.11 -42.73 13.21
N ARG H 107 18.27 -44.04 13.44
CA ARG H 107 19.11 -44.86 12.58
C ARG H 107 18.54 -45.02 11.18
N LEU H 108 17.23 -44.84 11.02
CA LEU H 108 16.56 -44.96 9.72
C LEU H 108 16.32 -43.58 9.11
N PHE H 109 17.31 -42.68 9.21
CA PHE H 109 17.13 -41.22 9.18
C PHE H 109 16.10 -40.74 8.17
N PRO H 110 16.26 -40.99 6.85
CA PRO H 110 15.29 -40.42 5.91
C PRO H 110 13.91 -41.04 6.00
N PHE H 111 13.75 -42.09 6.81
CA PHE H 111 12.50 -42.83 6.92
C PHE H 111 12.26 -43.14 8.39
N ASP H 112 12.07 -42.08 9.18
CA ASP H 112 11.92 -42.24 10.62
C ASP H 112 10.49 -42.60 10.99
N ARG H 113 10.34 -43.23 12.15
CA ARG H 113 9.09 -43.22 12.89
C ARG H 113 9.40 -42.71 14.29
N GLN H 114 8.56 -41.81 14.79
CA GLN H 114 8.68 -41.22 16.11
C GLN H 114 7.33 -41.20 16.80
N GLN H 115 7.39 -41.01 18.11
CA GLN H 115 6.21 -40.99 18.97
C GLN H 115 6.40 -39.83 19.94
N PHE H 116 5.68 -38.74 19.72
CA PHE H 116 5.76 -37.60 20.61
C PHE H 116 4.78 -37.84 21.75
N VAL H 117 5.27 -37.68 22.97
CA VAL H 117 4.61 -38.19 24.16
C VAL H 117 4.53 -37.12 25.22
N LEU H 118 3.40 -37.08 25.92
CA LEU H 118 3.22 -36.28 27.10
C LEU H 118 3.03 -37.23 28.27
N GLU H 119 3.61 -36.89 29.43
CA GLU H 119 3.45 -37.68 30.64
C GLU H 119 3.16 -36.70 31.77
N LEU H 120 1.90 -36.66 32.20
CA LEU H 120 1.43 -35.74 33.22
C LEU H 120 1.14 -36.50 34.51
N GLU H 121 1.50 -35.88 35.64
CA GLU H 121 1.41 -36.53 36.94
C GLU H 121 1.47 -35.50 38.05
N PRO H 122 0.61 -35.58 39.06
CA PRO H 122 0.66 -34.59 40.15
C PRO H 122 2.00 -34.61 40.86
N PHE H 123 2.38 -33.47 41.41
CA PHE H 123 3.73 -33.35 41.94
C PHE H 123 3.89 -33.98 43.32
N SER H 124 2.81 -34.11 44.09
CA SER H 124 2.92 -34.57 45.47
C SER H 124 1.64 -35.18 46.02
N TYR H 125 0.93 -35.98 45.22
CA TYR H 125 -0.40 -36.43 45.62
C TYR H 125 -0.76 -37.78 45.03
N ASN H 126 -1.28 -38.68 45.88
CA ASN H 126 -1.74 -39.99 45.47
C ASN H 126 -3.26 -40.03 45.47
N ASN H 127 -3.89 -39.83 46.63
CA ASN H 127 -5.33 -40.01 46.76
C ASN H 127 -6.08 -38.95 45.98
N GLN H 128 -5.69 -38.78 44.72
CA GLN H 128 -6.33 -37.83 43.81
C GLN H 128 -5.98 -38.32 42.42
N GLN H 129 -6.97 -38.86 41.71
CA GLN H 129 -6.73 -39.63 40.49
C GLN H 129 -7.30 -38.87 39.30
N LEU H 130 -6.67 -39.09 38.14
CA LEU H 130 -7.07 -38.41 36.92
C LEU H 130 -8.24 -39.16 36.30
N ARG H 131 -9.39 -38.48 36.21
CA ARG H 131 -10.65 -39.10 35.83
C ARG H 131 -10.58 -39.64 34.40
N PHE H 132 -10.51 -38.75 33.42
CA PHE H 132 -10.37 -39.15 32.02
C PHE H 132 -9.60 -38.07 31.28
N SER H 133 -8.96 -38.46 30.19
CA SER H 133 -8.04 -37.60 29.45
C SER H 133 -8.49 -37.47 27.99
N ASP H 134 -8.32 -36.28 27.44
CA ASP H 134 -8.69 -35.98 26.06
C ASP H 134 -7.55 -35.18 25.41
N ILE H 135 -7.39 -35.37 24.10
CA ILE H 135 -6.37 -34.66 23.33
C ILE H 135 -6.95 -34.27 21.98
N GLN H 136 -6.57 -33.10 21.48
CA GLN H 136 -7.21 -32.47 20.34
C GLN H 136 -6.14 -31.98 19.37
N VAL H 137 -5.92 -32.75 18.30
CA VAL H 137 -5.04 -32.36 17.21
C VAL H 137 -5.90 -31.89 16.05
N TYR H 138 -5.32 -31.07 15.17
CA TYR H 138 -6.06 -30.46 14.06
C TYR H 138 -5.18 -30.37 12.81
N THR H 139 -4.68 -31.51 12.36
CA THR H 139 -3.84 -31.62 11.17
C THR H 139 -4.42 -32.69 10.24
N GLU H 140 -3.81 -32.83 9.06
CA GLU H 140 -4.32 -33.70 8.00
C GLU H 140 -3.16 -34.40 7.30
N ASN H 141 -3.19 -35.74 7.29
CA ASN H 141 -2.16 -36.57 6.65
C ASN H 141 -2.81 -37.65 5.78
N ILE H 142 -2.29 -37.96 4.59
CA ILE H 142 -1.18 -37.27 3.93
C ILE H 142 -1.69 -36.06 3.16
N ASP H 143 -1.10 -34.89 3.40
CA ASP H 143 -1.55 -33.68 2.72
C ASP H 143 -0.44 -32.66 2.52
N ASN H 144 -0.46 -31.56 3.29
CA ASN H 144 0.47 -30.45 3.11
C ASN H 144 1.91 -30.83 3.39
N GLU H 145 2.18 -32.09 3.72
CA GLU H 145 3.46 -32.43 4.33
C GLU H 145 4.64 -32.25 3.40
N GLU H 146 4.41 -31.84 2.16
CA GLU H 146 5.49 -31.20 1.42
C GLU H 146 5.84 -29.84 2.01
N ILE H 147 5.13 -29.43 3.07
CA ILE H 147 5.40 -28.19 3.79
C ILE H 147 4.94 -28.36 5.23
N ASP H 148 4.84 -29.62 5.69
CA ASP H 148 4.63 -29.87 7.11
C ASP H 148 5.84 -30.46 7.82
N GLU H 149 6.78 -31.05 7.08
CA GLU H 149 8.06 -31.58 7.56
C GLU H 149 7.89 -32.92 8.31
N TRP H 150 6.69 -33.30 8.72
CA TRP H 150 6.46 -34.58 9.37
C TRP H 150 5.14 -35.17 8.90
N TRP H 151 5.16 -36.46 8.56
CA TRP H 151 3.93 -37.20 8.29
C TRP H 151 3.40 -37.74 9.61
N ILE H 152 2.10 -37.54 9.88
CA ILE H 152 1.48 -38.00 11.14
C ILE H 152 0.57 -39.17 10.83
N ARG H 153 0.90 -40.33 11.39
CA ARG H 153 0.17 -41.55 11.03
C ARG H 153 -0.97 -41.84 12.00
N GLY H 154 -0.69 -41.84 13.30
CA GLY H 154 -1.68 -42.27 14.25
C GLY H 154 -2.03 -41.26 15.33
N LYS H 155 -3.16 -40.60 15.17
CA LYS H 155 -3.69 -39.68 16.18
C LYS H 155 -4.55 -40.47 17.17
N ALA H 156 -4.20 -40.41 18.49
CA ALA H 156 -5.11 -40.61 19.64
C ALA H 156 -4.63 -41.26 20.96
N SER H 157 -3.52 -41.99 20.97
CA SER H 157 -3.06 -42.78 22.15
C SER H 157 -3.14 -42.08 23.52
N THR H 158 -4.05 -42.58 24.37
CA THR H 158 -4.26 -42.13 25.75
C THR H 158 -4.11 -43.30 26.71
N HIS H 159 -3.50 -43.07 27.90
CA HIS H 159 -3.28 -44.17 28.86
C HIS H 159 -3.94 -43.96 30.23
N ILE H 160 -3.40 -43.09 31.11
CA ILE H 160 -3.86 -42.87 32.50
C ILE H 160 -3.51 -44.06 33.40
N SER H 161 -2.22 -44.35 33.59
CA SER H 161 -1.80 -45.51 34.39
C SER H 161 -1.48 -45.15 35.85
N ASP H 162 -0.85 -46.10 36.56
CA ASP H 162 -0.46 -45.98 37.96
C ASP H 162 1.03 -46.25 38.11
N ILE H 163 1.71 -45.49 38.98
CA ILE H 163 3.15 -45.58 39.16
C ILE H 163 3.45 -46.02 40.58
N ARG H 164 4.47 -46.87 40.75
CA ARG H 164 4.84 -47.37 42.07
C ARG H 164 5.83 -46.45 42.80
N TYR H 165 6.97 -46.15 42.18
CA TYR H 165 8.06 -45.44 42.85
C TYR H 165 8.46 -46.17 44.14
N ASP H 166 9.15 -47.29 43.96
CA ASP H 166 9.41 -48.18 45.09
C ASP H 166 10.53 -47.66 46.00
N HIS H 167 11.03 -46.46 45.75
CA HIS H 167 12.12 -45.90 46.52
C HIS H 167 11.58 -44.93 47.56
N LEU H 168 11.97 -45.16 48.82
CA LEU H 168 11.41 -44.46 49.96
C LEU H 168 9.88 -44.52 49.93
N SER H 169 9.38 -45.73 49.70
CA SER H 169 7.98 -46.03 49.98
C SER H 169 7.72 -46.10 51.47
N SER H 170 8.77 -46.28 52.28
CA SER H 170 8.63 -46.23 53.73
C SER H 170 8.45 -44.80 54.23
N VAL H 171 8.66 -43.80 53.37
CA VAL H 171 8.26 -42.43 53.72
C VAL H 171 6.79 -42.41 54.07
N GLN H 172 5.96 -43.14 53.32
CA GLN H 172 4.55 -43.31 53.63
C GLN H 172 4.17 -44.76 53.40
N PRO H 173 4.13 -45.58 54.46
CA PRO H 173 3.89 -47.02 54.27
C PRO H 173 2.46 -47.29 53.80
N ASN H 174 2.34 -48.17 52.82
CA ASN H 174 1.13 -48.74 52.22
C ASN H 174 0.60 -47.90 51.07
N GLN H 175 1.10 -46.68 50.88
CA GLN H 175 0.55 -45.74 49.91
C GLN H 175 1.68 -45.00 49.22
N ASN H 176 1.93 -45.33 47.95
CA ASN H 176 2.92 -44.61 47.17
C ASN H 176 2.65 -44.68 45.66
N GLU H 177 1.39 -44.87 45.27
CA GLU H 177 1.03 -45.00 43.87
C GLU H 177 0.45 -43.68 43.32
N PHE H 178 1.08 -43.15 42.29
CA PHE H 178 0.66 -41.88 41.69
C PHE H 178 -0.08 -42.14 40.39
N SER H 179 -1.02 -41.25 40.08
CA SER H 179 -1.82 -41.34 38.86
C SER H 179 -1.14 -40.54 37.76
N ARG H 180 -0.81 -41.20 36.65
CA ARG H 180 -0.06 -40.57 35.56
C ARG H 180 -0.81 -40.70 34.25
N ILE H 181 -1.24 -39.56 33.70
CA ILE H 181 -1.71 -39.51 32.32
C ILE H 181 -0.53 -39.65 31.37
N THR H 182 -0.70 -40.46 30.34
CA THR H 182 0.29 -40.57 29.27
C THR H 182 -0.41 -40.36 27.95
N VAL H 183 0.05 -39.36 27.19
CA VAL H 183 -0.44 -39.05 25.87
C VAL H 183 0.68 -39.26 24.87
N ARG H 184 0.37 -39.90 23.75
CA ARG H 184 1.37 -40.14 22.71
C ARG H 184 0.71 -40.00 21.33
N ILE H 185 1.44 -39.37 20.42
CA ILE H 185 0.98 -39.10 19.06
C ILE H 185 2.06 -39.58 18.11
N ASP H 186 1.68 -40.41 17.15
CA ASP H 186 2.61 -41.03 16.21
C ASP H 186 2.86 -40.11 15.01
N ALA H 187 4.07 -40.21 14.45
CA ALA H 187 4.46 -39.35 13.33
C ALA H 187 5.62 -39.98 12.57
N VAL H 188 5.75 -39.61 11.30
CA VAL H 188 6.75 -40.13 10.38
C VAL H 188 7.46 -38.99 9.66
N ARG H 189 8.73 -39.21 9.31
CA ARG H 189 9.55 -38.22 8.61
C ARG H 189 9.28 -38.22 7.11
N ASN H 190 8.91 -37.06 6.58
CA ASN H 190 8.76 -36.82 5.14
C ASN H 190 10.08 -36.94 4.39
N PRO H 191 10.30 -38.01 3.60
CA PRO H 191 11.61 -38.21 2.97
C PRO H 191 11.90 -37.26 1.81
N SER H 192 10.92 -36.46 1.39
CA SER H 192 11.00 -35.68 0.16
C SER H 192 12.32 -34.93 -0.03
N TYR H 193 12.68 -34.05 0.93
CA TYR H 193 13.81 -33.16 0.71
C TYR H 193 15.13 -33.92 0.74
N TYR H 194 15.28 -34.85 1.68
CA TYR H 194 16.55 -35.55 1.80
C TYR H 194 16.77 -36.52 0.64
N LEU H 195 15.70 -36.99 0.00
CA LEU H 195 15.88 -37.80 -1.20
C LEU H 195 16.25 -36.96 -2.43
N TRP H 196 15.35 -36.09 -2.85
CA TRP H 196 15.53 -35.33 -4.09
C TRP H 196 16.81 -34.51 -4.07
N SER H 197 17.28 -34.11 -2.89
CA SER H 197 18.40 -33.19 -2.77
C SER H 197 19.63 -33.78 -2.10
N PHE H 198 19.57 -34.99 -1.56
CA PHE H 198 20.74 -35.59 -0.93
C PHE H 198 20.98 -37.00 -1.44
N ILE H 199 19.93 -37.85 -1.37
CA ILE H 199 20.06 -39.24 -1.80
C ILE H 199 20.37 -39.33 -3.30
N LEU H 200 19.56 -38.65 -4.12
CA LEU H 200 19.69 -38.79 -5.56
C LEU H 200 21.05 -38.30 -6.08
N PRO H 201 21.49 -37.08 -5.80
CA PRO H 201 22.81 -36.64 -6.32
C PRO H 201 23.95 -37.57 -5.93
N LEU H 202 23.90 -38.15 -4.74
CA LEU H 202 24.95 -39.06 -4.29
C LEU H 202 25.08 -40.26 -5.21
N GLY H 203 23.96 -40.88 -5.57
CA GLY H 203 24.00 -42.04 -6.45
C GLY H 203 24.66 -41.74 -7.79
N LEU H 204 24.36 -40.58 -8.36
CA LEU H 204 24.95 -40.19 -9.64
C LEU H 204 26.49 -40.19 -9.57
N ILE H 205 27.05 -39.69 -8.46
CA ILE H 205 28.50 -39.67 -8.31
C ILE H 205 29.05 -41.09 -8.23
N ILE H 206 28.43 -41.95 -7.42
CA ILE H 206 28.90 -43.32 -7.28
C ILE H 206 28.86 -44.05 -8.61
N ALA H 207 27.79 -43.86 -9.39
CA ALA H 207 27.74 -44.43 -10.72
C ALA H 207 28.84 -43.86 -11.61
N ALA H 208 28.93 -42.53 -11.68
CA ALA H 208 29.99 -41.89 -12.44
C ALA H 208 31.38 -42.32 -11.96
N SER H 209 31.50 -42.65 -10.67
CA SER H 209 32.77 -43.18 -10.16
C SER H 209 33.15 -44.46 -10.91
N TRP H 210 32.17 -45.30 -11.23
CA TRP H 210 32.45 -46.56 -11.91
C TRP H 210 32.93 -46.33 -13.34
N SER H 211 32.56 -45.19 -13.94
CA SER H 211 32.94 -44.86 -15.30
C SER H 211 34.46 -44.69 -15.42
N VAL H 212 35.17 -44.78 -14.28
CA VAL H 212 36.63 -44.73 -14.32
C VAL H 212 37.18 -45.92 -15.08
N PHE H 213 36.45 -47.05 -15.08
CA PHE H 213 36.93 -48.25 -15.77
C PHE H 213 36.87 -48.10 -17.29
N TRP H 214 36.13 -47.13 -17.79
CA TRP H 214 36.03 -46.87 -19.21
C TRP H 214 37.06 -45.87 -19.70
N LEU H 215 37.95 -45.41 -18.82
CA LEU H 215 39.10 -44.62 -19.22
C LEU H 215 40.15 -45.53 -19.84
N GLU H 216 40.77 -45.05 -20.91
CA GLU H 216 41.63 -45.90 -21.72
C GLU H 216 42.92 -46.26 -20.99
N SER H 217 43.68 -45.26 -20.58
CA SER H 217 44.97 -45.49 -19.96
C SER H 217 44.82 -46.00 -18.52
N PHE H 218 45.94 -46.34 -17.91
CA PHE H 218 45.99 -46.70 -16.50
C PHE H 218 46.27 -45.49 -15.63
N SER H 219 47.20 -44.63 -16.05
CA SER H 219 47.42 -43.37 -15.35
C SER H 219 46.13 -42.56 -15.32
N GLU H 220 45.39 -42.54 -16.44
CA GLU H 220 44.07 -41.90 -16.44
C GLU H 220 43.16 -42.51 -15.39
N ARG H 221 43.11 -43.84 -15.34
CA ARG H 221 42.25 -44.52 -14.36
C ARG H 221 42.65 -44.15 -12.94
N LEU H 222 43.93 -44.31 -12.61
CA LEU H 222 44.39 -44.10 -11.24
C LEU H 222 44.32 -42.63 -10.84
N GLN H 223 44.77 -41.74 -11.73
CA GLN H 223 44.75 -40.31 -11.44
C GLN H 223 43.33 -39.80 -11.25
N THR H 224 42.41 -40.21 -12.13
CA THR H 224 41.02 -39.78 -12.02
C THR H 224 40.40 -40.23 -10.72
N SER H 225 40.81 -41.40 -10.21
CA SER H 225 40.29 -41.91 -8.95
C SER H 225 40.46 -40.90 -7.83
N PHE H 226 41.63 -40.25 -7.76
CA PHE H 226 41.87 -39.26 -6.71
C PHE H 226 40.97 -38.05 -6.84
N THR H 227 40.62 -37.64 -8.06
CA THR H 227 39.62 -36.60 -8.23
C THR H 227 38.26 -37.07 -7.74
N LEU H 228 37.91 -38.33 -8.04
CA LEU H 228 36.70 -38.91 -7.47
C LEU H 228 36.80 -38.97 -5.95
N MET H 229 37.97 -39.35 -5.43
CA MET H 229 38.20 -39.35 -3.99
C MET H 229 37.92 -37.98 -3.37
N LEU H 230 38.54 -36.94 -3.93
CA LEU H 230 38.32 -35.58 -3.43
C LEU H 230 36.85 -35.19 -3.52
N THR H 231 36.18 -35.58 -4.60
CA THR H 231 34.77 -35.24 -4.75
C THR H 231 33.92 -35.86 -3.65
N VAL H 232 34.24 -37.10 -3.26
CA VAL H 232 33.49 -37.76 -2.20
C VAL H 232 33.73 -37.09 -0.86
N VAL H 233 34.99 -36.78 -0.54
CA VAL H 233 35.30 -36.08 0.70
C VAL H 233 34.49 -34.78 0.77
N ALA H 234 34.41 -34.07 -0.36
CA ALA H 234 33.57 -32.88 -0.44
C ALA H 234 32.11 -33.21 -0.16
N TYR H 235 31.60 -34.27 -0.77
CA TYR H 235 30.17 -34.57 -0.61
C TYR H 235 29.83 -35.01 0.82
N ALA H 236 30.75 -35.70 1.49
CA ALA H 236 30.55 -36.01 2.91
C ALA H 236 30.43 -34.72 3.72
N PHE H 237 31.23 -33.72 3.38
CA PHE H 237 31.22 -32.44 4.08
C PHE H 237 29.87 -31.74 3.94
N TYR H 238 29.41 -31.57 2.71
CA TYR H 238 28.11 -30.95 2.43
C TYR H 238 26.96 -31.66 3.13
N THR H 239 26.98 -32.99 3.17
CA THR H 239 25.97 -33.74 3.91
C THR H 239 26.01 -33.42 5.41
N SER H 240 27.18 -33.53 6.02
CA SER H 240 27.28 -33.49 7.48
C SER H 240 26.88 -32.13 8.05
N ASN H 241 27.20 -31.05 7.33
CA ASN H 241 26.91 -29.71 7.84
C ASN H 241 25.41 -29.46 7.94
N ILE H 242 24.65 -29.88 6.93
CA ILE H 242 23.23 -29.55 6.87
C ILE H 242 22.38 -30.57 7.63
N LEU H 243 22.76 -31.83 7.60
CA LEU H 243 21.96 -32.88 8.22
C LEU H 243 22.05 -32.83 9.74
N PRO H 244 21.03 -33.33 10.44
CA PRO H 244 21.04 -33.25 11.91
C PRO H 244 22.14 -34.13 12.49
N ARG H 245 22.90 -33.57 13.40
CA ARG H 245 23.99 -34.32 14.00
C ARG H 245 23.42 -35.43 14.86
N LEU H 246 24.01 -36.62 14.74
CA LEU H 246 23.53 -37.79 15.43
C LEU H 246 24.75 -38.57 15.92
N PRO H 247 24.59 -39.40 16.94
CA PRO H 247 25.74 -40.15 17.45
C PRO H 247 25.82 -41.57 16.93
N TYR H 248 25.14 -41.84 15.82
CA TYR H 248 25.20 -43.15 15.19
C TYR H 248 25.07 -42.99 13.69
N THR H 249 25.35 -44.08 12.97
CA THR H 249 25.35 -44.07 11.53
C THR H 249 23.92 -44.18 11.03
N THR H 250 23.44 -43.12 10.38
CA THR H 250 22.11 -43.12 9.78
C THR H 250 22.15 -43.87 8.44
N VAL H 251 20.98 -44.00 7.80
CA VAL H 251 20.93 -44.63 6.50
C VAL H 251 21.75 -43.84 5.48
N ILE H 252 21.52 -42.52 5.42
CA ILE H 252 22.37 -41.67 4.58
C ILE H 252 23.82 -41.82 4.98
N ASP H 253 24.10 -41.74 6.29
CA ASP H 253 25.46 -41.87 6.79
C ASP H 253 26.08 -43.19 6.37
N GLN H 254 25.28 -44.26 6.30
CA GLN H 254 25.78 -45.53 5.77
C GLN H 254 26.08 -45.41 4.28
N MET H 255 25.18 -44.78 3.52
CA MET H 255 25.39 -44.57 2.09
C MET H 255 26.68 -43.82 1.77
N ILE H 256 27.08 -42.88 2.63
CA ILE H 256 28.30 -42.11 2.37
C ILE H 256 29.54 -42.99 2.39
N ILE H 257 29.58 -43.96 3.30
CA ILE H 257 30.73 -44.86 3.39
C ILE H 257 30.88 -45.69 2.13
N ALA H 258 29.77 -46.02 1.45
CA ALA H 258 29.83 -46.83 0.24
C ALA H 258 30.71 -46.20 -0.83
N GLY H 259 30.66 -44.88 -0.98
CA GLY H 259 31.52 -44.19 -1.92
C GLY H 259 33.01 -44.33 -1.66
N TYR H 260 33.45 -44.00 -0.44
CA TYR H 260 34.85 -44.15 -0.06
C TYR H 260 35.42 -45.51 -0.41
N GLY H 261 34.62 -46.56 -0.24
CA GLY H 261 35.09 -47.90 -0.55
C GLY H 261 35.16 -48.17 -2.04
N SER H 262 34.06 -47.88 -2.75
CA SER H 262 34.02 -48.12 -4.20
C SER H 262 35.20 -47.50 -4.92
N ILE H 263 35.59 -46.29 -4.51
CA ILE H 263 36.73 -45.63 -5.14
C ILE H 263 38.04 -46.29 -4.75
N PHE H 264 38.19 -46.62 -3.45
CA PHE H 264 39.40 -47.28 -3.02
C PHE H 264 39.51 -48.69 -3.59
N ALA H 265 38.39 -49.37 -3.76
CA ALA H 265 38.40 -50.68 -4.41
C ALA H 265 38.84 -50.56 -5.86
N ALA H 266 38.32 -49.56 -6.57
CA ALA H 266 38.78 -49.29 -7.93
C ALA H 266 40.30 -49.11 -7.96
N ILE H 267 40.82 -48.27 -7.05
CA ILE H 267 42.26 -48.09 -6.94
C ILE H 267 42.98 -49.43 -6.90
N LEU H 268 42.44 -50.37 -6.12
CA LEU H 268 43.08 -51.67 -5.96
C LEU H 268 43.00 -52.49 -7.24
N LEU H 269 41.80 -52.63 -7.83
CA LEU H 269 41.68 -53.32 -9.11
C LEU H 269 42.52 -52.64 -10.18
N ILE H 270 42.36 -51.31 -10.33
CA ILE H 270 43.16 -50.55 -11.29
C ILE H 270 44.63 -50.90 -11.15
N ILE H 271 45.09 -51.06 -9.90
CA ILE H 271 46.47 -51.44 -9.64
C ILE H 271 46.67 -52.95 -9.81
N PHE H 272 45.74 -53.75 -9.27
CA PHE H 272 45.89 -55.21 -9.37
C PHE H 272 45.74 -55.69 -10.80
N ALA H 273 44.90 -55.04 -11.61
CA ALA H 273 44.84 -55.36 -13.03
C ALA H 273 46.21 -55.23 -13.68
N HIS H 274 47.01 -54.29 -13.17
CA HIS H 274 48.28 -53.95 -13.82
C HIS H 274 49.33 -55.04 -13.63
N HIS H 275 49.36 -55.68 -12.46
CA HIS H 275 50.44 -56.60 -12.11
C HIS H 275 50.00 -58.03 -11.84
N ARG H 276 48.81 -58.44 -12.28
CA ARG H 276 48.45 -59.86 -12.32
C ARG H 276 48.41 -60.23 -13.79
N GLN H 277 49.59 -60.52 -14.34
CA GLN H 277 49.79 -60.52 -15.79
C GLN H 277 50.56 -61.78 -16.19
N ALA H 278 50.73 -61.93 -17.50
CA ALA H 278 51.58 -62.99 -18.01
C ALA H 278 53.03 -62.55 -18.08
N ASN H 279 53.30 -61.32 -18.52
CA ASN H 279 54.65 -60.79 -18.52
C ASN H 279 54.93 -59.98 -17.26
N GLY H 280 54.99 -58.65 -17.41
CA GLY H 280 55.20 -57.76 -16.30
C GLY H 280 54.14 -56.68 -16.24
N VAL H 281 53.71 -56.19 -17.40
CA VAL H 281 52.67 -55.16 -17.49
C VAL H 281 51.66 -55.66 -18.54
N GLU H 282 50.63 -56.36 -18.08
CA GLU H 282 49.50 -56.74 -18.92
C GLU H 282 48.24 -56.63 -18.07
N ASP H 283 47.32 -55.76 -18.49
CA ASP H 283 46.07 -55.59 -17.76
C ASP H 283 45.21 -56.83 -17.96
N ASP H 284 45.00 -57.59 -16.89
CA ASP H 284 44.28 -58.86 -16.90
C ASP H 284 42.99 -58.73 -17.72
N LEU H 285 42.91 -59.49 -18.80
CA LEU H 285 42.01 -59.15 -19.92
C LEU H 285 40.55 -59.04 -19.49
N LEU H 286 40.12 -59.85 -18.53
CA LEU H 286 38.72 -59.83 -18.13
C LEU H 286 38.45 -58.89 -16.98
N ILE H 287 39.45 -58.62 -16.14
CA ILE H 287 39.20 -57.94 -14.88
C ILE H 287 38.85 -56.47 -15.11
N GLN H 288 39.49 -55.81 -16.09
CA GLN H 288 39.09 -54.43 -16.34
C GLN H 288 37.73 -54.36 -17.02
N ARG H 289 37.22 -55.50 -17.50
CA ARG H 289 35.86 -55.61 -18.00
C ARG H 289 34.88 -56.07 -16.92
N CYS H 290 35.11 -55.64 -15.68
CA CYS H 290 34.06 -55.61 -14.67
C CYS H 290 33.25 -54.34 -14.76
N ARG H 291 33.17 -53.74 -15.95
CA ARG H 291 32.48 -52.47 -16.13
C ARG H 291 31.01 -52.58 -15.74
N LEU H 292 30.32 -53.62 -16.22
CA LEU H 292 29.01 -53.96 -15.68
C LEU H 292 29.07 -55.31 -14.99
N ALA H 293 30.06 -55.44 -14.12
CA ALA H 293 30.17 -56.48 -13.12
C ALA H 293 30.44 -55.87 -11.76
N PHE H 294 31.02 -54.66 -11.74
CA PHE H 294 31.06 -53.85 -10.53
C PHE H 294 29.66 -53.35 -10.16
N PRO H 295 28.84 -52.83 -11.09
CA PRO H 295 27.45 -52.52 -10.74
C PRO H 295 26.65 -53.73 -10.26
N LEU H 296 26.85 -54.90 -10.88
CA LEU H 296 26.14 -56.08 -10.41
C LEU H 296 26.64 -56.51 -9.04
N GLY H 297 27.94 -56.42 -8.81
CA GLY H 297 28.47 -56.73 -7.49
C GLY H 297 27.98 -55.76 -6.44
N PHE H 298 27.89 -54.47 -6.80
CA PHE H 298 27.41 -53.46 -5.86
C PHE H 298 25.93 -53.65 -5.54
N LEU H 299 25.09 -53.82 -6.57
CA LEU H 299 23.65 -53.94 -6.36
C LEU H 299 23.28 -55.24 -5.67
N ALA H 300 24.07 -56.30 -5.84
CA ALA H 300 23.78 -57.56 -5.16
C ALA H 300 23.93 -57.41 -3.65
N ILE H 301 24.90 -56.61 -3.23
CA ILE H 301 25.12 -56.34 -1.81
C ILE H 301 24.06 -55.40 -1.24
N GLY H 302 23.40 -54.62 -2.09
CA GLY H 302 22.39 -53.66 -1.71
C GLY H 302 20.99 -54.17 -1.39
N CYS H 303 20.75 -55.48 -1.44
CA CYS H 303 19.46 -56.03 -1.03
C CYS H 303 19.50 -56.67 0.36
N VAL H 304 20.69 -56.84 0.95
CA VAL H 304 20.78 -57.33 2.31
C VAL H 304 20.81 -56.24 3.37
N LEU H 305 21.07 -54.98 2.99
CA LEU H 305 20.91 -53.89 3.94
C LEU H 305 19.45 -53.71 4.34
N VAL H 306 18.52 -54.14 3.50
CA VAL H 306 17.09 -54.00 3.81
C VAL H 306 16.67 -55.04 4.84
N ILE H 307 17.07 -56.29 4.65
CA ILE H 307 16.68 -57.37 5.53
C ILE H 307 17.89 -58.00 6.21
N PRO I 1 -22.26 -7.24 27.80
CA PRO I 1 -21.57 -7.52 26.53
C PRO I 1 -20.63 -6.38 26.11
N VAL I 2 -19.51 -6.25 26.82
CA VAL I 2 -18.69 -5.05 26.73
C VAL I 2 -18.08 -4.92 25.35
N ASP I 3 -18.11 -3.70 24.81
CA ASP I 3 -17.46 -3.38 23.54
C ASP I 3 -16.02 -2.98 23.83
N VAL I 4 -15.10 -3.45 22.99
CA VAL I 4 -13.67 -3.19 23.16
C VAL I 4 -13.08 -2.72 21.84
N SER I 5 -12.60 -1.49 21.82
CA SER I 5 -11.82 -0.99 20.69
C SER I 5 -10.38 -1.47 20.82
N VAL I 6 -9.76 -1.77 19.68
CA VAL I 6 -8.39 -2.25 19.65
C VAL I 6 -7.65 -1.54 18.54
N SER I 7 -6.45 -1.07 18.84
CA SER I 7 -5.55 -0.52 17.84
C SER I 7 -4.19 -1.16 18.04
N ILE I 8 -3.62 -1.65 16.95
CA ILE I 8 -2.36 -2.39 16.99
C ILE I 8 -1.39 -1.62 16.13
N PHE I 9 -0.39 -1.01 16.77
CA PHE I 9 0.64 -0.29 16.04
C PHE I 9 1.74 -1.29 15.75
N ILE I 10 2.02 -1.50 14.46
CA ILE I 10 3.04 -2.45 14.04
C ILE I 10 4.29 -1.67 13.65
N ASN I 11 5.38 -1.94 14.35
CA ASN I 11 6.66 -1.26 14.14
C ASN I 11 7.60 -2.03 13.24
N LYS I 12 7.64 -3.34 13.34
CA LYS I 12 8.63 -4.10 12.57
C LYS I 12 8.24 -5.56 12.51
N ILE I 13 8.37 -6.13 11.31
CA ILE I 13 8.31 -7.57 11.09
C ILE I 13 9.72 -7.96 10.68
N TYR I 14 10.28 -8.99 11.33
CA TYR I 14 11.68 -9.32 11.06
C TYR I 14 12.00 -10.71 11.57
N GLY I 15 13.01 -11.31 10.97
CA GLY I 15 13.53 -12.58 11.41
C GLY I 15 12.54 -13.68 11.19
N VAL I 16 12.39 -14.06 9.92
CA VAL I 16 11.58 -15.21 9.55
C VAL I 16 12.36 -16.47 9.88
N ASN I 17 11.68 -17.45 10.45
CA ASN I 17 12.29 -18.75 10.70
C ASN I 17 11.67 -19.66 9.67
N THR I 18 12.37 -19.80 8.55
CA THR I 18 11.82 -20.49 7.38
C THR I 18 11.44 -21.93 7.73
N LEU I 19 12.24 -22.58 8.57
CA LEU I 19 11.97 -23.96 8.94
C LEU I 19 10.74 -24.05 9.85
N GLU I 20 10.78 -23.35 10.99
CA GLU I 20 9.71 -23.40 11.97
C GLU I 20 8.48 -22.61 11.55
N GLN I 21 8.53 -21.89 10.43
CA GLN I 21 7.46 -21.01 9.99
C GLN I 21 7.13 -20.01 11.09
N THR I 22 7.95 -18.98 11.22
CA THR I 22 7.91 -18.12 12.39
C THR I 22 8.57 -16.79 12.04
N TYR I 23 7.97 -15.70 12.49
CA TYR I 23 8.48 -14.36 12.27
C TYR I 23 8.18 -13.53 13.52
N LYS I 24 8.96 -12.47 13.72
CA LYS I 24 8.86 -11.64 14.90
C LYS I 24 8.16 -10.33 14.55
N VAL I 25 7.29 -9.87 15.45
CA VAL I 25 6.57 -8.62 15.27
C VAL I 25 6.69 -7.82 16.56
N ASP I 26 7.26 -6.62 16.46
CA ASP I 26 7.32 -5.69 17.57
C ASP I 26 6.37 -4.54 17.30
N GLY I 27 5.66 -4.13 18.34
CA GLY I 27 4.70 -3.06 18.20
C GLY I 27 3.88 -2.91 19.46
N TYR I 28 2.87 -2.07 19.36
CA TYR I 28 2.01 -1.74 20.49
C TYR I 28 0.62 -2.33 20.26
N ILE I 29 -0.17 -2.34 21.32
CA ILE I 29 -1.57 -2.77 21.24
C ILE I 29 -2.36 -1.93 22.22
N VAL I 30 -3.59 -1.60 21.82
CA VAL I 30 -4.45 -0.67 22.55
C VAL I 30 -5.79 -1.34 22.74
N ALA I 31 -6.35 -1.25 23.95
CA ALA I 31 -7.69 -1.72 24.21
C ALA I 31 -8.46 -0.59 24.87
N GLN I 32 -9.63 -0.27 24.32
CA GLN I 32 -10.44 0.81 24.85
C GLN I 32 -11.87 0.31 25.04
N TRP I 33 -12.42 0.55 26.22
CA TRP I 33 -13.71 0.01 26.59
C TRP I 33 -14.28 0.81 27.75
N THR I 34 -15.59 1.03 27.73
CA THR I 34 -16.25 1.92 28.67
C THR I 34 -16.87 1.12 29.81
N GLY I 35 -16.58 1.53 31.04
CA GLY I 35 -17.12 0.88 32.23
C GLY I 35 -17.79 1.89 33.14
N LYS I 36 -18.12 1.50 34.37
CA LYS I 36 -18.78 2.44 35.27
C LYS I 36 -17.84 3.59 35.59
N PRO I 37 -18.29 4.84 35.46
CA PRO I 37 -17.42 5.99 35.72
C PRO I 37 -16.99 6.06 37.18
N ARG I 38 -15.86 6.75 37.39
CA ARG I 38 -15.30 6.94 38.71
C ARG I 38 -14.66 8.32 38.77
N LYS I 39 -14.29 8.73 39.98
CA LYS I 39 -13.71 10.04 40.21
C LYS I 39 -12.18 9.95 40.14
N THR I 40 -11.59 10.83 39.33
CA THR I 40 -10.14 10.91 39.18
C THR I 40 -9.59 12.09 39.97
N PRO I 41 -8.30 12.06 40.31
CA PRO I 41 -7.67 13.24 40.92
C PRO I 41 -7.88 14.47 40.05
N GLY I 42 -8.32 15.56 40.67
CA GLY I 42 -8.83 16.66 39.88
C GLY I 42 -10.03 16.15 39.10
N ASP I 43 -10.03 16.42 37.80
CA ASP I 43 -10.87 15.66 36.89
C ASP I 43 -10.12 15.20 35.66
N LYS I 44 -8.82 15.51 35.55
CA LYS I 44 -8.01 14.93 34.50
C LYS I 44 -8.01 13.40 34.63
N PRO I 45 -7.92 12.67 33.53
CA PRO I 45 -7.77 11.22 33.62
C PRO I 45 -6.48 10.86 34.34
N LEU I 46 -6.51 9.74 35.06
CA LEU I 46 -5.35 9.29 35.79
C LEU I 46 -4.59 8.27 34.95
N ILE I 47 -3.27 8.39 34.92
CA ILE I 47 -2.41 7.53 34.12
C ILE I 47 -1.63 6.65 35.09
N VAL I 48 -1.60 5.35 34.81
CA VAL I 48 -1.00 4.35 35.69
C VAL I 48 0.04 3.59 34.87
N GLU I 49 1.30 3.65 35.30
CA GLU I 49 2.42 3.12 34.53
C GLU I 49 2.96 1.84 35.17
N ASN I 50 2.98 0.76 34.38
CA ASN I 50 3.67 -0.49 34.71
C ASN I 50 3.31 -1.10 36.06
N THR I 51 4.31 -1.20 36.94
CA THR I 51 4.16 -1.91 38.20
C THR I 51 2.90 -1.48 38.97
N GLN I 52 2.50 -0.21 38.84
CA GLN I 52 1.32 0.26 39.56
C GLN I 52 0.03 -0.39 39.06
N ILE I 53 0.00 -0.80 37.79
CA ILE I 53 -1.23 -1.34 37.21
C ILE I 53 -1.64 -2.62 37.93
N GLU I 54 -0.71 -3.57 38.07
CA GLU I 54 -1.02 -4.85 38.69
C GLU I 54 -1.56 -4.65 40.10
N ARG I 55 -1.18 -3.55 40.75
CA ARG I 55 -1.73 -3.21 42.05
C ARG I 55 -3.22 -2.91 41.95
N TRP I 56 -3.62 -2.17 40.91
CA TRP I 56 -5.01 -1.75 40.77
C TRP I 56 -5.96 -2.93 40.61
N ILE I 57 -5.48 -4.04 40.04
CA ILE I 57 -6.33 -5.20 39.82
C ILE I 57 -6.71 -5.85 41.15
N ASN I 58 -5.80 -5.88 42.11
CA ASN I 58 -6.09 -6.49 43.40
C ASN I 58 -7.21 -5.81 44.15
N ASN I 59 -7.63 -4.61 43.72
CA ASN I 59 -8.76 -3.92 44.32
C ASN I 59 -10.03 -4.04 43.49
N GLY I 60 -10.06 -4.95 42.53
CA GLY I 60 -11.27 -5.20 41.75
C GLY I 60 -11.32 -4.52 40.40
N LEU I 61 -10.22 -3.93 39.92
CA LEU I 61 -10.22 -3.35 38.59
C LEU I 61 -10.21 -4.46 37.56
N TRP I 62 -11.24 -4.48 36.73
CA TRP I 62 -11.36 -5.47 35.67
C TRP I 62 -10.51 -5.07 34.48
N VAL I 63 -9.54 -5.91 34.13
CA VAL I 63 -8.68 -5.72 32.96
C VAL I 63 -8.57 -7.05 32.22
N PRO I 64 -9.17 -7.20 31.04
CA PRO I 64 -9.21 -8.52 30.38
C PRO I 64 -7.84 -8.93 29.85
N ALA I 65 -7.51 -10.20 30.02
CA ALA I 65 -6.32 -10.79 29.42
C ALA I 65 -6.60 -11.14 27.97
N LEU I 66 -5.89 -10.48 27.05
CA LEU I 66 -6.00 -10.75 25.62
C LEU I 66 -4.80 -11.58 25.18
N GLU I 67 -5.07 -12.80 24.72
CA GLU I 67 -4.02 -13.71 24.29
C GLU I 67 -3.82 -13.63 22.79
N PHE I 68 -2.56 -13.58 22.36
CA PHE I 68 -2.23 -13.73 20.95
C PHE I 68 -2.25 -15.23 20.64
N ILE I 69 -3.25 -15.65 19.86
CA ILE I 69 -3.49 -17.07 19.64
C ILE I 69 -2.33 -17.71 18.90
N ASN I 70 -1.79 -17.03 17.88
CA ASN I 70 -0.80 -17.64 17.01
C ASN I 70 0.63 -17.19 17.33
N VAL I 71 0.87 -16.66 18.53
CA VAL I 71 2.24 -16.37 18.97
C VAL I 71 2.79 -17.62 19.63
N VAL I 72 4.07 -17.89 19.41
CA VAL I 72 4.74 -19.07 19.93
C VAL I 72 5.55 -18.65 21.15
N GLY I 73 5.03 -18.97 22.32
CA GLY I 73 5.58 -18.56 23.60
C GLY I 73 5.14 -17.18 24.02
N SER I 74 5.05 -16.97 25.32
CA SER I 74 4.60 -15.69 25.85
C SER I 74 5.53 -14.58 25.35
N PRO I 75 4.98 -13.48 24.82
CA PRO I 75 5.81 -12.43 24.26
C PRO I 75 6.37 -11.50 25.33
N ASP I 76 7.33 -10.68 24.91
CA ASP I 76 7.96 -9.70 25.79
C ASP I 76 7.07 -8.47 25.89
N THR I 77 6.46 -8.28 27.06
CA THR I 77 5.64 -7.09 27.30
C THR I 77 6.55 -6.03 27.91
N GLY I 78 6.76 -4.95 27.17
CA GLY I 78 7.57 -3.85 27.64
C GLY I 78 6.83 -3.00 28.65
N ASN I 79 6.73 -1.71 28.37
CA ASN I 79 5.98 -0.81 29.24
C ASN I 79 4.49 -0.92 28.95
N LYS I 80 3.69 -0.73 29.99
CA LYS I 80 2.24 -0.79 29.88
C LYS I 80 1.63 0.29 30.75
N ARG I 81 0.52 0.87 30.28
CA ARG I 81 -0.09 1.99 30.96
C ARG I 81 -1.61 1.84 30.92
N LEU I 82 -2.25 2.39 31.95
CA LEU I 82 -3.70 2.51 31.98
C LEU I 82 -4.09 3.97 31.89
N MET I 83 -5.16 4.25 31.16
CA MET I 83 -5.78 5.58 31.09
C MET I 83 -7.20 5.40 31.58
N LEU I 84 -7.44 5.78 32.83
CA LEU I 84 -8.76 5.65 33.43
C LEU I 84 -9.51 6.96 33.24
N PHE I 85 -10.62 6.89 32.56
CA PHE I 85 -11.27 8.18 32.37
C PHE I 85 -12.37 8.38 33.38
N PRO I 86 -12.59 9.62 33.81
CA PRO I 86 -13.68 9.89 34.76
C PRO I 86 -15.05 9.55 34.20
N ASP I 87 -15.22 9.60 32.88
CA ASP I 87 -16.48 9.21 32.27
C ASP I 87 -16.63 7.71 32.13
N GLY I 88 -15.67 6.93 32.65
CA GLY I 88 -15.79 5.49 32.67
C GLY I 88 -14.84 4.77 31.76
N ARG I 89 -14.71 5.22 30.52
CA ARG I 89 -13.94 4.48 29.53
C ARG I 89 -12.48 4.35 29.96
N VAL I 90 -11.86 3.24 29.56
CA VAL I 90 -10.52 2.88 29.99
C VAL I 90 -9.71 2.46 28.78
N ILE I 91 -8.47 2.93 28.71
CA ILE I 91 -7.57 2.60 27.62
C ILE I 91 -6.40 1.84 28.21
N TYR I 92 -6.25 0.59 27.78
CA TYR I 92 -5.12 -0.24 28.14
C TYR I 92 -4.14 -0.21 26.99
N ASN I 93 -2.89 0.14 27.28
CA ASN I 93 -1.86 0.25 26.28
C ASN I 93 -0.66 -0.55 26.74
N ALA I 94 -0.08 -1.30 25.81
CA ALA I 94 1.08 -2.10 26.13
C ALA I 94 1.90 -2.29 24.85
N ARG I 95 3.21 -2.29 25.02
CA ARG I 95 4.12 -2.62 23.94
C ARG I 95 4.47 -4.10 24.03
N PHE I 96 4.51 -4.77 22.88
CA PHE I 96 4.87 -6.17 22.85
C PHE I 96 5.90 -6.41 21.77
N LEU I 97 6.76 -7.39 22.02
CA LEU I 97 7.61 -7.99 21.01
C LEU I 97 7.52 -9.50 21.18
N GLY I 98 7.05 -10.18 20.14
CA GLY I 98 6.81 -11.60 20.23
C GLY I 98 7.05 -12.26 18.89
N SER I 99 7.31 -13.56 18.95
CA SER I 99 7.55 -14.38 17.78
C SER I 99 6.26 -15.10 17.39
N PHE I 100 5.72 -14.76 16.23
CA PHE I 100 4.45 -15.31 15.78
C PHE I 100 4.67 -16.40 14.73
N SER I 101 3.68 -17.27 14.62
CA SER I 101 3.71 -18.38 13.69
C SER I 101 2.53 -18.27 12.74
N ASN I 102 2.75 -18.73 11.51
CA ASN I 102 1.72 -18.77 10.49
C ASN I 102 2.12 -19.79 9.44
N ASP I 103 1.12 -20.22 8.67
CA ASP I 103 1.42 -21.07 7.54
C ASP I 103 2.15 -20.22 6.51
N MET I 104 3.30 -20.72 6.03
CA MET I 104 4.15 -19.97 5.12
C MET I 104 4.76 -20.96 4.14
N ASP I 105 4.53 -20.75 2.86
CA ASP I 105 5.12 -21.60 1.83
C ASP I 105 6.41 -20.96 1.34
N PHE I 106 7.52 -21.70 1.48
CA PHE I 106 8.84 -21.24 1.05
C PHE I 106 9.39 -22.08 -0.10
N ARG I 107 8.52 -22.84 -0.78
CA ARG I 107 8.94 -23.74 -1.84
C ARG I 107 9.48 -23.00 -3.05
N LEU I 108 9.06 -21.75 -3.24
CA LEU I 108 9.46 -20.92 -4.38
C LEU I 108 10.56 -19.95 -3.99
N PHE I 109 11.56 -20.43 -3.24
CA PHE I 109 12.36 -19.62 -2.32
C PHE I 109 12.68 -18.20 -2.81
N PRO I 110 13.38 -18.00 -3.93
CA PRO I 110 13.79 -16.64 -4.28
C PRO I 110 12.61 -15.74 -4.63
N PHE I 111 11.42 -16.30 -4.82
CA PHE I 111 10.25 -15.51 -5.17
C PHE I 111 9.01 -16.03 -4.42
N ASP I 112 9.07 -16.08 -3.09
CA ASP I 112 7.90 -16.55 -2.37
C ASP I 112 6.95 -15.38 -2.09
N ARG I 113 5.70 -15.72 -1.80
CA ARG I 113 4.77 -14.79 -1.18
C ARG I 113 4.37 -15.34 0.18
N GLN I 114 4.26 -14.44 1.15
CA GLN I 114 3.95 -14.82 2.52
C GLN I 114 2.88 -13.92 3.09
N GLN I 115 2.32 -14.37 4.21
CA GLN I 115 1.24 -13.68 4.90
C GLN I 115 1.56 -13.73 6.39
N PHE I 116 1.98 -12.59 6.94
CA PHE I 116 2.27 -12.47 8.35
C PHE I 116 0.96 -12.15 9.07
N VAL I 117 0.69 -12.88 10.15
CA VAL I 117 -0.64 -12.90 10.76
C VAL I 117 -0.54 -12.68 12.26
N LEU I 118 -1.44 -11.87 12.78
CA LEU I 118 -1.69 -11.73 14.20
C LEU I 118 -3.10 -12.24 14.47
N GLU I 119 -3.29 -12.92 15.59
CA GLU I 119 -4.60 -13.39 16.01
C GLU I 119 -4.75 -13.03 17.48
N LEU I 120 -5.60 -12.04 17.75
CA LEU I 120 -5.86 -11.58 19.11
C LEU I 120 -7.24 -12.08 19.51
N GLU I 121 -7.34 -12.51 20.76
CA GLU I 121 -8.57 -13.13 21.22
C GLU I 121 -8.54 -13.11 22.74
N PRO I 122 -9.64 -12.72 23.39
CA PRO I 122 -9.64 -12.68 24.85
C PRO I 122 -9.39 -14.05 25.42
N PHE I 123 -8.77 -14.08 26.60
CA PHE I 123 -8.35 -15.39 27.12
C PHE I 123 -9.50 -16.17 27.72
N SER I 124 -10.55 -15.49 28.19
CA SER I 124 -11.58 -16.20 28.93
C SER I 124 -12.92 -15.49 28.93
N TYR I 125 -13.30 -14.90 27.80
CA TYR I 125 -14.51 -14.08 27.78
C TYR I 125 -15.13 -14.10 26.39
N ASN I 126 -16.43 -14.42 26.34
CA ASN I 126 -17.16 -14.56 25.07
C ASN I 126 -18.15 -13.44 24.83
N ASN I 127 -18.71 -12.85 25.88
CA ASN I 127 -19.58 -11.69 25.77
C ASN I 127 -18.85 -10.42 26.19
N GLN I 128 -17.61 -10.34 25.76
CA GLN I 128 -16.85 -9.10 25.64
C GLN I 128 -16.28 -9.11 24.23
N GLN I 129 -16.81 -8.24 23.37
CA GLN I 129 -16.55 -8.37 21.94
C GLN I 129 -15.65 -7.24 21.49
N LEU I 130 -14.88 -7.53 20.46
CA LEU I 130 -13.92 -6.56 19.92
C LEU I 130 -14.68 -5.62 19.01
N ARG I 131 -14.74 -4.33 19.38
CA ARG I 131 -15.54 -3.34 18.69
C ARG I 131 -15.02 -3.14 17.28
N PHE I 132 -13.81 -2.59 17.17
CA PHE I 132 -13.17 -2.39 15.88
C PHE I 132 -11.66 -2.52 16.07
N SER I 133 -10.98 -2.90 14.98
CA SER I 133 -9.56 -3.18 15.01
C SER I 133 -8.84 -2.28 14.02
N ASP I 134 -7.64 -1.84 14.40
CA ASP I 134 -6.87 -0.93 13.58
C ASP I 134 -5.42 -1.38 13.54
N ILE I 135 -4.76 -1.06 12.42
CA ILE I 135 -3.36 -1.44 12.18
C ILE I 135 -2.67 -0.25 11.56
N GLN I 136 -1.44 0.05 12.00
CA GLN I 136 -0.70 1.21 11.52
C GLN I 136 0.66 0.75 11.04
N VAL I 137 0.99 1.04 9.77
CA VAL I 137 2.20 0.57 9.11
C VAL I 137 2.81 1.74 8.33
N TYR I 138 4.15 1.77 8.24
CA TYR I 138 4.86 2.95 7.71
C TYR I 138 6.12 2.56 6.92
N THR I 139 5.93 2.18 5.65
CA THR I 139 7.00 1.81 4.72
C THR I 139 6.57 2.16 3.29
N GLU I 140 7.49 1.94 2.33
CA GLU I 140 7.29 2.30 0.93
C GLU I 140 7.91 1.28 -0.01
N ASN I 141 7.11 0.72 -0.93
CA ASN I 141 7.60 -0.24 -1.95
C ASN I 141 7.04 0.14 -3.34
N ILE I 142 7.78 -0.07 -4.44
CA ILE I 142 9.14 -0.58 -4.48
C ILE I 142 10.17 0.49 -4.21
N ASP I 143 10.90 0.32 -3.11
CA ASP I 143 11.93 1.28 -2.72
C ASP I 143 13.07 0.55 -2.00
N ASN I 144 13.58 1.15 -0.92
CA ASN I 144 14.74 0.64 -0.17
C ASN I 144 14.60 -0.82 0.26
N GLU I 145 14.01 -1.65 -0.60
CA GLU I 145 13.85 -3.07 -0.34
C GLU I 145 14.66 -3.89 -1.32
N GLU I 146 15.54 -3.24 -2.10
CA GLU I 146 16.80 -3.81 -2.53
C GLU I 146 17.84 -3.73 -1.42
N ILE I 147 17.47 -3.12 -0.29
CA ILE I 147 18.21 -3.19 0.96
C ILE I 147 17.42 -3.93 2.03
N ASP I 148 16.12 -4.11 1.83
CA ASP I 148 15.25 -4.89 2.72
C ASP I 148 14.90 -6.19 2.01
N GLU I 149 15.17 -7.31 2.68
CA GLU I 149 15.05 -8.64 2.08
C GLU I 149 13.69 -8.88 1.43
N TRP I 150 12.64 -8.23 1.92
CA TRP I 150 11.28 -8.52 1.50
C TRP I 150 10.65 -7.34 0.77
N TRP I 151 9.91 -7.64 -0.30
CA TRP I 151 9.04 -6.68 -0.97
C TRP I 151 7.62 -6.88 -0.46
N ILE I 152 6.96 -5.81 -0.02
CA ILE I 152 5.59 -5.90 0.46
C ILE I 152 4.67 -5.28 -0.58
N ARG I 153 3.50 -5.88 -0.76
CA ARG I 153 2.51 -5.38 -1.70
C ARG I 153 1.24 -4.92 -0.99
N GLY I 154 0.61 -5.78 -0.19
CA GLY I 154 -0.63 -5.46 0.50
C GLY I 154 -0.43 -4.42 1.60
N LYS I 155 -1.51 -4.21 2.37
CA LYS I 155 -1.52 -3.15 3.38
C LYS I 155 -2.05 -3.63 4.74
N ALA I 156 -3.37 -3.57 4.96
CA ALA I 156 -3.95 -3.82 6.29
C ALA I 156 -4.55 -5.22 6.42
N SER I 157 -5.81 -5.40 6.00
CA SER I 157 -6.54 -6.68 5.92
C SER I 157 -6.95 -7.30 7.27
N THR I 158 -8.01 -6.79 7.88
CA THR I 158 -8.56 -7.17 9.18
C THR I 158 -9.77 -8.10 8.99
N HIS I 159 -10.11 -8.88 10.03
CA HIS I 159 -11.33 -9.70 9.99
C HIS I 159 -12.32 -9.40 11.11
N ILE I 160 -12.05 -9.81 12.37
CA ILE I 160 -12.95 -9.71 13.54
C ILE I 160 -14.11 -10.71 13.43
N SER I 161 -13.82 -12.01 13.41
CA SER I 161 -14.85 -13.04 13.27
C SER I 161 -15.25 -13.65 14.62
N ASP I 162 -15.96 -14.78 14.56
CA ASP I 162 -16.44 -15.54 15.72
C ASP I 162 -15.93 -16.97 15.63
N ILE I 163 -15.57 -17.55 16.78
CA ILE I 163 -14.98 -18.88 16.86
C ILE I 163 -15.94 -19.80 17.61
N ARG I 164 -16.04 -21.06 17.19
CA ARG I 164 -17.01 -21.99 17.78
C ARG I 164 -16.47 -22.72 19.02
N TYR I 165 -15.35 -23.44 18.89
CA TYR I 165 -14.80 -24.27 19.97
C TYR I 165 -15.85 -25.25 20.51
N ASP I 166 -16.16 -26.27 19.70
CA ASP I 166 -17.28 -27.15 20.02
C ASP I 166 -16.98 -28.23 21.06
N HIS I 167 -15.81 -28.25 21.70
CA HIS I 167 -15.49 -29.31 22.64
C HIS I 167 -15.74 -28.91 24.09
N LEU I 168 -16.08 -29.91 24.90
CA LEU I 168 -16.58 -29.75 26.26
C LEU I 168 -17.47 -28.52 26.38
N SER I 169 -18.49 -28.44 25.52
CA SER I 169 -19.45 -27.36 25.58
C SER I 169 -20.48 -27.55 26.69
N SER I 170 -20.63 -28.78 27.20
CA SER I 170 -21.52 -29.02 28.33
C SER I 170 -20.96 -28.50 29.64
N VAL I 171 -19.68 -28.15 29.69
CA VAL I 171 -19.14 -27.44 30.86
C VAL I 171 -19.95 -26.16 31.10
N GLN I 172 -20.25 -25.43 30.05
CA GLN I 172 -21.16 -24.29 30.11
C GLN I 172 -22.06 -24.40 28.89
N PRO I 173 -23.24 -24.98 29.02
CA PRO I 173 -24.09 -25.24 27.85
C PRO I 173 -24.63 -23.96 27.23
N ASN I 174 -24.60 -23.93 25.90
CA ASN I 174 -25.22 -22.95 24.99
C ASN I 174 -24.32 -21.77 24.62
N GLN I 175 -23.15 -21.62 25.25
CA GLN I 175 -22.35 -20.41 25.07
C GLN I 175 -20.88 -20.78 24.95
N ASN I 176 -20.31 -20.68 23.74
CA ASN I 176 -18.89 -20.91 23.57
C ASN I 176 -18.28 -20.22 22.35
N GLU I 177 -18.86 -19.10 21.91
CA GLU I 177 -18.38 -18.39 20.73
C GLU I 177 -17.55 -17.17 21.14
N PHE I 178 -16.29 -17.16 20.69
CA PHE I 178 -15.32 -16.12 21.03
C PHE I 178 -15.10 -15.13 19.89
N SER I 179 -14.78 -13.90 20.26
CA SER I 179 -14.49 -12.82 19.31
C SER I 179 -13.00 -12.77 19.04
N ARG I 180 -12.62 -12.90 17.77
CA ARG I 180 -11.21 -12.95 17.38
C ARG I 180 -10.90 -11.90 16.32
N ILE I 181 -10.05 -10.94 16.68
CA ILE I 181 -9.43 -10.10 15.67
C ILE I 181 -8.41 -10.94 14.92
N THR I 182 -8.43 -10.85 13.60
CA THR I 182 -7.41 -11.50 12.78
C THR I 182 -6.80 -10.45 11.86
N VAL I 183 -5.48 -10.29 11.97
CA VAL I 183 -4.70 -9.37 11.15
C VAL I 183 -3.73 -10.18 10.32
N ARG I 184 -3.62 -9.82 9.04
CA ARG I 184 -2.73 -10.49 8.10
C ARG I 184 -2.13 -9.46 7.18
N ILE I 185 -0.83 -9.59 6.89
CA ILE I 185 -0.12 -8.64 6.04
C ILE I 185 0.63 -9.44 4.98
N ASP I 186 0.37 -9.13 3.71
CA ASP I 186 0.96 -9.85 2.59
C ASP I 186 2.28 -9.21 2.17
N ALA I 187 3.20 -10.05 1.66
CA ALA I 187 4.53 -9.60 1.29
C ALA I 187 5.19 -10.58 0.33
N VAL I 188 6.20 -10.08 -0.40
CA VAL I 188 6.93 -10.83 -1.41
C VAL I 188 8.43 -10.73 -1.12
N ARG I 189 9.17 -11.78 -1.46
CA ARG I 189 10.62 -11.78 -1.26
C ARG I 189 11.29 -11.09 -2.44
N ASN I 190 12.06 -10.04 -2.17
CA ASN I 190 12.84 -9.35 -3.20
C ASN I 190 13.90 -10.29 -3.78
N PRO I 191 13.73 -10.78 -5.01
CA PRO I 191 14.63 -11.82 -5.53
C PRO I 191 16.01 -11.31 -5.94
N SER I 192 16.22 -10.00 -6.01
CA SER I 192 17.43 -9.40 -6.58
C SER I 192 18.70 -10.13 -6.14
N TYR I 193 18.84 -10.34 -4.84
CA TYR I 193 20.09 -10.88 -4.30
C TYR I 193 20.30 -12.33 -4.71
N TYR I 194 19.26 -13.16 -4.61
CA TYR I 194 19.43 -14.57 -4.91
C TYR I 194 19.62 -14.82 -6.41
N LEU I 195 19.11 -13.92 -7.25
CA LEU I 195 19.36 -14.01 -8.68
C LEU I 195 20.77 -13.55 -9.04
N TRP I 196 21.07 -12.29 -8.75
CA TRP I 196 22.35 -11.68 -9.16
C TRP I 196 23.55 -12.46 -8.63
N SER I 197 23.41 -13.15 -7.50
CA SER I 197 24.55 -13.79 -6.83
C SER I 197 24.45 -15.30 -6.66
N PHE I 198 23.31 -15.92 -7.00
CA PHE I 198 23.18 -17.37 -6.83
C PHE I 198 22.74 -18.03 -8.13
N ILE I 199 21.63 -17.57 -8.70
CA ILE I 199 21.12 -18.15 -9.93
C ILE I 199 22.13 -17.98 -11.06
N LEU I 200 22.65 -16.76 -11.19
CA LEU I 200 23.61 -16.46 -12.26
C LEU I 200 24.87 -17.32 -12.16
N PRO I 201 25.60 -17.33 -11.02
CA PRO I 201 26.80 -18.18 -10.96
C PRO I 201 26.53 -19.65 -11.22
N LEU I 202 25.41 -20.17 -10.73
CA LEU I 202 25.06 -21.56 -10.95
C LEU I 202 24.86 -21.84 -12.44
N GLY I 203 24.12 -20.95 -13.11
CA GLY I 203 23.90 -21.09 -14.54
C GLY I 203 25.20 -21.08 -15.32
N LEU I 204 26.11 -20.16 -14.97
CA LEU I 204 27.41 -20.11 -15.62
C LEU I 204 28.14 -21.45 -15.50
N ILE I 205 28.09 -22.06 -14.32
CA ILE I 205 28.74 -23.35 -14.11
C ILE I 205 28.06 -24.43 -14.95
N ILE I 206 26.72 -24.47 -14.92
CA ILE I 206 25.98 -25.43 -15.73
C ILE I 206 26.24 -25.19 -17.21
N ALA I 207 26.26 -23.93 -17.62
CA ALA I 207 26.58 -23.60 -19.01
C ALA I 207 27.99 -24.07 -19.37
N ALA I 208 28.98 -23.71 -18.54
CA ALA I 208 30.35 -24.16 -18.76
C ALA I 208 30.46 -25.68 -18.82
N SER I 209 29.55 -26.38 -18.12
CA SER I 209 29.53 -27.85 -18.18
C SER I 209 29.39 -28.36 -19.61
N TRP I 210 28.57 -27.68 -20.41
CA TRP I 210 28.33 -28.14 -21.78
C TRP I 210 29.55 -27.96 -22.66
N SER I 211 30.45 -27.04 -22.30
CA SER I 211 31.63 -26.81 -23.12
C SER I 211 32.54 -28.02 -23.19
N VAL I 212 32.21 -29.10 -22.46
CA VAL I 212 32.97 -30.33 -22.56
C VAL I 212 32.82 -30.95 -23.94
N PHE I 213 31.70 -30.70 -24.63
CA PHE I 213 31.49 -31.32 -25.93
C PHE I 213 32.38 -30.70 -27.00
N TRP I 214 32.97 -29.54 -26.74
CA TRP I 214 33.92 -28.95 -27.67
C TRP I 214 35.35 -29.36 -27.39
N LEU I 215 35.57 -30.21 -26.39
CA LEU I 215 36.89 -30.80 -26.17
C LEU I 215 37.11 -31.88 -27.22
N GLU I 216 38.32 -31.89 -27.79
CA GLU I 216 38.57 -32.72 -28.96
C GLU I 216 38.62 -34.20 -28.60
N SER I 217 39.49 -34.57 -27.66
CA SER I 217 39.66 -35.97 -27.30
C SER I 217 38.49 -36.48 -26.47
N PHE I 218 38.52 -37.77 -26.17
CA PHE I 218 37.56 -38.39 -25.25
C PHE I 218 38.08 -38.41 -23.81
N SER I 219 39.35 -38.74 -23.64
CA SER I 219 39.96 -38.68 -22.31
C SER I 219 39.83 -37.29 -21.70
N GLU I 220 39.99 -36.25 -22.53
CA GLU I 220 39.73 -34.89 -22.07
C GLU I 220 38.31 -34.76 -21.55
N ARG I 221 37.34 -35.27 -22.31
CA ARG I 221 35.93 -35.14 -21.95
C ARG I 221 35.61 -35.79 -20.61
N LEU I 222 35.96 -37.06 -20.45
CA LEU I 222 35.54 -37.78 -19.24
C LEU I 222 36.26 -37.26 -18.00
N GLN I 223 37.57 -37.05 -18.09
CA GLN I 223 38.30 -36.53 -16.93
C GLN I 223 37.78 -35.15 -16.53
N THR I 224 37.54 -34.30 -17.52
CA THR I 224 36.98 -32.98 -17.25
C THR I 224 35.60 -33.08 -16.59
N SER I 225 34.82 -34.11 -16.96
CA SER I 225 33.48 -34.28 -16.40
C SER I 225 33.52 -34.37 -14.88
N PHE I 226 34.46 -35.15 -14.33
CA PHE I 226 34.55 -35.29 -12.88
C PHE I 226 34.95 -33.99 -12.20
N THR I 227 35.78 -33.19 -12.86
CA THR I 227 36.08 -31.86 -12.34
C THR I 227 34.83 -30.99 -12.34
N LEU I 228 34.03 -31.07 -13.40
CA LEU I 228 32.73 -30.41 -13.41
C LEU I 228 31.83 -30.98 -12.34
N MET I 229 31.87 -32.31 -12.16
CA MET I 229 31.10 -32.96 -11.10
C MET I 229 31.43 -32.35 -9.74
N LEU I 230 32.74 -32.27 -9.42
CA LEU I 230 33.18 -31.65 -8.17
C LEU I 230 32.72 -30.20 -8.06
N THR I 231 32.77 -29.45 -9.15
CA THR I 231 32.38 -28.05 -9.10
C THR I 231 30.91 -27.90 -8.70
N VAL I 232 30.05 -28.79 -9.18
CA VAL I 232 28.64 -28.73 -8.83
C VAL I 232 28.43 -29.04 -7.35
N VAL I 233 29.06 -30.10 -6.86
CA VAL I 233 28.97 -30.43 -5.44
C VAL I 233 29.42 -29.27 -4.58
N ALA I 234 30.52 -28.62 -4.97
CA ALA I 234 30.97 -27.43 -4.26
C ALA I 234 29.87 -26.38 -4.22
N TYR I 235 29.23 -26.12 -5.36
CA TYR I 235 28.18 -25.11 -5.37
C TYR I 235 26.96 -25.54 -4.56
N ALA I 236 26.65 -26.83 -4.56
CA ALA I 236 25.58 -27.33 -3.70
C ALA I 236 25.86 -27.04 -2.23
N PHE I 237 27.11 -27.22 -1.80
CA PHE I 237 27.49 -26.93 -0.43
C PHE I 237 27.33 -25.45 -0.12
N TYR I 238 27.93 -24.59 -0.96
CA TYR I 238 27.78 -23.15 -0.84
C TYR I 238 26.30 -22.73 -0.92
N THR I 239 25.52 -23.39 -1.78
CA THR I 239 24.08 -23.13 -1.84
C THR I 239 23.39 -23.45 -0.52
N SER I 240 23.52 -24.69 -0.06
CA SER I 240 22.72 -25.16 1.07
C SER I 240 23.10 -24.47 2.38
N ASN I 241 24.39 -24.15 2.54
CA ASN I 241 24.84 -23.53 3.79
C ASN I 241 24.21 -22.15 3.97
N ILE I 242 24.18 -21.34 2.91
CA ILE I 242 23.73 -19.97 3.03
C ILE I 242 22.21 -19.86 2.94
N LEU I 243 21.57 -20.72 2.16
CA LEU I 243 20.13 -20.60 2.00
C LEU I 243 19.43 -21.06 3.28
N PRO I 244 18.25 -20.53 3.55
CA PRO I 244 17.54 -20.88 4.79
C PRO I 244 17.11 -22.34 4.75
N ARG I 245 17.36 -23.06 5.83
CA ARG I 245 17.03 -24.48 5.88
C ARG I 245 15.52 -24.66 5.81
N LEU I 246 15.10 -25.63 5.02
CA LEU I 246 13.70 -25.90 4.74
C LEU I 246 13.48 -27.39 4.68
N PRO I 247 12.24 -27.84 4.83
CA PRO I 247 11.96 -29.27 4.72
C PRO I 247 11.46 -29.63 3.33
N TYR I 248 11.74 -28.75 2.38
CA TYR I 248 11.39 -29.00 0.99
C TYR I 248 12.46 -28.38 0.09
N THR I 249 12.41 -28.76 -1.18
CA THR I 249 13.41 -28.32 -2.15
C THR I 249 13.06 -26.93 -2.66
N THR I 250 13.96 -25.98 -2.45
CA THR I 250 13.73 -24.63 -2.97
C THR I 250 13.91 -24.63 -4.48
N VAL I 251 13.68 -23.45 -5.09
CA VAL I 251 13.91 -23.32 -6.53
C VAL I 251 15.37 -23.54 -6.86
N ILE I 252 16.25 -22.86 -6.13
CA ILE I 252 17.70 -23.06 -6.30
C ILE I 252 18.05 -24.53 -6.09
N ASP I 253 17.51 -25.14 -5.02
CA ASP I 253 17.82 -26.54 -4.75
C ASP I 253 17.47 -27.41 -5.94
N GLN I 254 16.40 -27.08 -6.67
CA GLN I 254 16.08 -27.81 -7.88
C GLN I 254 17.09 -27.54 -8.99
N MET I 255 17.47 -26.27 -9.17
CA MET I 255 18.50 -25.94 -10.15
C MET I 255 19.79 -26.69 -9.89
N ILE I 256 20.11 -26.95 -8.62
CA ILE I 256 21.29 -27.73 -8.29
C ILE I 256 21.15 -29.15 -8.83
N ILE I 257 19.94 -29.71 -8.73
CA ILE I 257 19.69 -31.05 -9.28
C ILE I 257 19.83 -31.04 -10.81
N ALA I 258 19.41 -29.94 -11.45
CA ALA I 258 19.53 -29.85 -12.90
C ALA I 258 20.97 -29.95 -13.37
N GLY I 259 21.88 -29.27 -12.65
CA GLY I 259 23.30 -29.40 -12.96
C GLY I 259 23.81 -30.81 -12.77
N TYR I 260 23.57 -31.38 -11.59
CA TYR I 260 23.98 -32.76 -11.29
C TYR I 260 23.57 -33.71 -12.40
N GLY I 261 22.40 -33.50 -12.98
CA GLY I 261 21.95 -34.34 -14.07
C GLY I 261 22.68 -34.05 -15.36
N SER I 262 22.75 -32.76 -15.72
CA SER I 262 23.41 -32.35 -16.96
C SER I 262 24.81 -32.94 -17.09
N ILE I 263 25.55 -32.98 -15.99
CA ILE I 263 26.89 -33.57 -16.02
C ILE I 263 26.80 -35.08 -16.12
N PHE I 264 25.90 -35.69 -15.35
CA PHE I 264 25.74 -37.14 -15.43
C PHE I 264 25.20 -37.55 -16.79
N ALA I 265 24.31 -36.75 -17.37
CA ALA I 265 23.85 -37.03 -18.73
C ALA I 265 24.98 -36.89 -19.73
N ALA I 266 25.78 -35.82 -19.62
CA ALA I 266 26.95 -35.67 -20.46
C ALA I 266 27.89 -36.86 -20.32
N ILE I 267 28.21 -37.24 -19.08
CA ILE I 267 29.06 -38.42 -18.83
C ILE I 267 28.55 -39.63 -19.59
N LEU I 268 27.23 -39.83 -19.59
CA LEU I 268 26.66 -41.00 -20.26
C LEU I 268 26.89 -40.92 -21.76
N LEU I 269 26.57 -39.77 -22.37
CA LEU I 269 26.85 -39.57 -23.79
C LEU I 269 28.33 -39.74 -24.08
N ILE I 270 29.19 -39.04 -23.32
CA ILE I 270 30.64 -39.11 -23.52
C ILE I 270 31.12 -40.56 -23.60
N ILE I 271 30.58 -41.43 -22.74
CA ILE I 271 30.97 -42.83 -22.79
C ILE I 271 30.22 -43.57 -23.90
N PHE I 272 28.92 -43.31 -24.02
CA PHE I 272 28.14 -43.96 -25.06
C PHE I 272 28.62 -43.57 -26.46
N ALA I 273 29.10 -42.32 -26.61
CA ALA I 273 29.70 -41.89 -27.86
C ALA I 273 30.89 -42.78 -28.25
N HIS I 274 31.65 -43.27 -27.27
CA HIS I 274 32.89 -43.97 -27.59
C HIS I 274 32.65 -45.35 -28.17
N HIS I 275 31.60 -46.05 -27.74
CA HIS I 275 31.38 -47.44 -28.14
C HIS I 275 30.08 -47.64 -28.93
N ARG I 276 29.56 -46.58 -29.54
CA ARG I 276 28.50 -46.68 -30.55
C ARG I 276 29.17 -46.39 -31.88
N GLN I 277 29.84 -47.41 -32.42
CA GLN I 277 30.81 -47.24 -33.49
C GLN I 277 30.64 -48.31 -34.56
N ALA I 278 31.36 -48.10 -35.68
CA ALA I 278 31.45 -49.07 -36.76
C ALA I 278 32.62 -50.03 -36.62
N ASN I 279 33.69 -49.61 -35.93
CA ASN I 279 34.92 -50.40 -35.85
C ASN I 279 35.11 -50.80 -34.41
N GLY I 280 35.90 -50.07 -33.63
CA GLY I 280 36.00 -50.27 -32.20
C GLY I 280 36.09 -48.94 -31.47
N VAL I 281 36.92 -48.04 -31.97
CA VAL I 281 37.17 -46.77 -31.33
C VAL I 281 36.88 -45.65 -32.32
N GLU I 282 35.62 -45.23 -32.40
CA GLU I 282 35.22 -44.13 -33.27
C GLU I 282 34.08 -43.37 -32.60
N ASP I 283 34.32 -42.10 -32.27
CA ASP I 283 33.32 -41.24 -31.66
C ASP I 283 32.28 -40.80 -32.68
N ASP I 284 31.04 -41.27 -32.51
CA ASP I 284 29.92 -41.01 -33.42
C ASP I 284 29.82 -39.56 -33.85
N LEU I 285 30.00 -39.32 -35.16
CA LEU I 285 30.32 -37.98 -35.67
C LEU I 285 29.25 -36.94 -35.32
N LEU I 286 27.99 -37.35 -35.26
CA LEU I 286 26.93 -36.37 -35.02
C LEU I 286 26.66 -36.16 -33.55
N ILE I 287 26.87 -37.20 -32.74
CA ILE I 287 26.42 -37.13 -31.35
C ILE I 287 27.34 -36.21 -30.54
N GLN I 288 28.66 -36.22 -30.84
CA GLN I 288 29.49 -35.26 -30.13
C GLN I 288 29.23 -33.84 -30.63
N ARG I 289 28.48 -33.70 -31.73
CA ARG I 289 27.99 -32.41 -32.15
C ARG I 289 26.60 -32.12 -31.61
N CYS I 290 26.31 -32.62 -30.41
CA CYS I 290 25.27 -32.04 -29.58
C CYS I 290 25.81 -30.85 -28.81
N ARG I 291 26.87 -30.23 -29.33
CA ARG I 291 27.46 -29.06 -28.68
C ARG I 291 26.41 -27.96 -28.58
N LEU I 292 25.63 -27.78 -29.65
CA LEU I 292 24.45 -26.94 -29.58
C LEU I 292 23.20 -27.80 -29.78
N ALA I 293 23.12 -28.94 -29.09
CA ALA I 293 21.89 -29.71 -29.04
C ALA I 293 21.59 -30.11 -27.60
N PHE I 294 22.65 -30.23 -26.78
CA PHE I 294 22.51 -30.37 -25.34
C PHE I 294 22.05 -29.07 -24.68
N PRO I 295 22.59 -27.91 -25.04
CA PRO I 295 21.97 -26.66 -24.55
C PRO I 295 20.50 -26.58 -24.92
N LEU I 296 20.16 -27.04 -26.12
CA LEU I 296 18.75 -27.08 -26.52
C LEU I 296 18.00 -28.13 -25.73
N GLY I 297 18.62 -29.29 -25.49
CA GLY I 297 17.95 -30.33 -24.70
C GLY I 297 17.70 -29.90 -23.27
N PHE I 298 18.65 -29.19 -22.67
CA PHE I 298 18.47 -28.72 -21.30
C PHE I 298 17.37 -27.67 -21.20
N LEU I 299 17.36 -26.71 -22.13
CA LEU I 299 16.36 -25.65 -22.09
C LEU I 299 14.95 -26.17 -22.33
N ALA I 300 14.82 -27.29 -23.06
CA ALA I 300 13.50 -27.85 -23.29
C ALA I 300 12.88 -28.41 -22.01
N ILE I 301 13.70 -29.06 -21.17
CA ILE I 301 13.18 -29.58 -19.91
C ILE I 301 12.97 -28.45 -18.90
N GLY I 302 13.67 -27.34 -19.05
CA GLY I 302 13.51 -26.22 -18.14
C GLY I 302 12.32 -25.34 -18.39
N CYS I 303 11.52 -25.60 -19.41
CA CYS I 303 10.27 -24.88 -19.63
C CYS I 303 9.03 -25.68 -19.25
N VAL I 304 9.15 -26.99 -19.05
CA VAL I 304 8.07 -27.79 -18.47
C VAL I 304 8.21 -27.86 -16.95
N LEU I 305 9.37 -27.48 -16.41
CA LEU I 305 9.51 -27.28 -14.98
C LEU I 305 8.63 -26.13 -14.51
N VAL I 306 8.26 -25.23 -15.42
CA VAL I 306 7.42 -24.08 -15.07
C VAL I 306 5.97 -24.50 -14.89
N ILE I 307 5.44 -25.28 -15.82
CA ILE I 307 4.04 -25.67 -15.78
C ILE I 307 3.90 -27.19 -15.61
N PRO J 1 3.79 21.38 32.98
CA PRO J 1 4.62 21.06 31.82
C PRO J 1 6.09 20.89 32.21
N VAL J 2 6.37 19.78 32.90
CA VAL J 2 7.60 19.62 33.66
C VAL J 2 8.82 19.57 32.74
N ASP J 3 9.88 20.27 33.15
CA ASP J 3 11.16 20.22 32.45
C ASP J 3 12.00 19.08 33.00
N VAL J 4 12.66 18.35 32.11
CA VAL J 4 13.49 17.19 32.48
C VAL J 4 14.82 17.30 31.74
N SER J 5 15.91 17.49 32.50
CA SER J 5 17.23 17.38 31.91
C SER J 5 17.63 15.91 31.87
N VAL J 6 18.31 15.51 30.80
CA VAL J 6 18.71 14.12 30.62
C VAL J 6 20.15 14.11 30.10
N SER J 7 20.98 13.24 30.67
CA SER J 7 22.32 13.01 30.17
C SER J 7 22.54 11.50 30.07
N ILE J 8 23.10 11.06 28.95
CA ILE J 8 23.24 9.65 28.64
C ILE J 8 24.71 9.33 28.47
N PHE J 9 25.22 8.49 29.37
CA PHE J 9 26.59 8.00 29.26
C PHE J 9 26.58 6.73 28.42
N ILE J 10 27.34 6.73 27.33
CA ILE J 10 27.46 5.57 26.47
C ILE J 10 28.79 4.90 26.78
N ASN J 11 28.74 3.64 27.20
CA ASN J 11 29.91 2.90 27.63
C ASN J 11 30.50 2.05 26.51
N LYS J 12 29.64 1.45 25.68
CA LYS J 12 30.13 0.48 24.72
C LYS J 12 29.10 0.31 23.61
N ILE J 13 29.59 0.30 22.38
CA ILE J 13 28.81 -0.10 21.21
C ILE J 13 29.47 -1.38 20.72
N TYR J 14 28.70 -2.46 20.57
CA TYR J 14 29.32 -3.73 20.21
C TYR J 14 28.27 -4.68 19.67
N GLY J 15 28.71 -5.58 18.79
CA GLY J 15 27.86 -6.61 18.25
C GLY J 15 26.80 -6.10 17.30
N VAL J 16 27.21 -5.72 16.09
CA VAL J 16 26.28 -5.35 15.04
C VAL J 16 25.65 -6.61 14.48
N ASN J 17 24.33 -6.58 14.31
CA ASN J 17 23.56 -7.69 13.75
C ASN J 17 23.07 -7.25 12.37
N THR J 18 23.82 -7.65 11.35
CA THR J 18 23.60 -7.11 10.00
C THR J 18 22.20 -7.46 9.46
N LEU J 19 21.69 -8.66 9.76
CA LEU J 19 20.39 -9.06 9.21
C LEU J 19 19.25 -8.25 9.81
N GLU J 20 19.10 -8.32 11.14
CA GLU J 20 17.98 -7.66 11.80
C GLU J 20 18.15 -6.15 11.86
N GLN J 21 19.29 -5.64 11.43
CA GLN J 21 19.63 -4.23 11.53
C GLN J 21 19.51 -3.81 12.98
N THR J 22 20.54 -4.12 13.76
CA THR J 22 20.49 -4.11 15.21
C THR J 22 21.91 -4.00 15.77
N TYR J 23 22.07 -3.19 16.81
CA TYR J 23 23.34 -3.03 17.50
C TYR J 23 23.07 -2.84 18.98
N LYS J 24 24.07 -3.15 19.80
CA LYS J 24 23.93 -3.12 21.26
C LYS J 24 24.62 -1.88 21.83
N VAL J 25 23.98 -1.27 22.82
CA VAL J 25 24.52 -0.09 23.51
C VAL J 25 24.39 -0.31 25.02
N ASP J 26 25.52 -0.25 25.71
CA ASP J 26 25.58 -0.31 27.17
C ASP J 26 26.00 1.04 27.72
N GLY J 27 25.35 1.47 28.79
CA GLY J 27 25.69 2.74 29.40
C GLY J 27 24.69 3.12 30.47
N TYR J 28 24.82 4.36 30.94
CA TYR J 28 23.96 4.93 31.97
C TYR J 28 23.07 6.01 31.39
N ILE J 29 22.02 6.34 32.13
CA ILE J 29 21.08 7.39 31.74
C ILE J 29 20.56 8.08 33.00
N VAL J 30 20.41 9.40 32.92
CA VAL J 30 20.05 10.22 34.07
C VAL J 30 18.92 11.16 33.67
N ALA J 31 17.94 11.32 34.55
CA ALA J 31 16.86 12.28 34.36
C ALA J 31 16.75 13.14 35.61
N GLN J 32 16.69 14.47 35.42
CA GLN J 32 16.61 15.41 36.53
C GLN J 32 15.46 16.37 36.31
N TRP J 33 14.65 16.56 37.35
CA TRP J 33 13.44 17.36 37.29
C TRP J 33 13.06 17.73 38.70
N THR J 34 12.50 18.93 38.86
CA THR J 34 12.21 19.47 40.19
C THR J 34 10.75 19.24 40.55
N GLY J 35 10.52 18.74 41.76
CA GLY J 35 9.18 18.47 42.25
C GLY J 35 8.92 19.15 43.59
N LYS J 36 7.83 18.78 44.26
CA LYS J 36 7.50 19.41 45.53
C LYS J 36 8.56 19.09 46.59
N PRO J 37 9.04 20.09 47.32
CA PRO J 37 10.08 19.84 48.34
C PRO J 37 9.58 18.91 49.44
N ARG J 38 10.53 18.23 50.06
CA ARG J 38 10.23 17.32 51.17
C ARG J 38 11.36 17.36 52.17
N LYS J 39 11.02 17.28 53.44
CA LYS J 39 12.00 17.08 54.50
C LYS J 39 12.85 15.85 54.21
N THR J 40 14.15 15.99 54.24
CA THR J 40 15.00 14.80 54.13
C THR J 40 15.64 14.46 55.48
N PRO J 41 16.03 13.20 55.66
CA PRO J 41 16.81 12.84 56.86
C PRO J 41 18.06 13.70 56.97
N GLY J 42 18.29 14.25 58.17
CA GLY J 42 19.27 15.31 58.27
C GLY J 42 18.79 16.43 57.38
N ASP J 43 19.68 16.92 56.52
CA ASP J 43 19.26 17.67 55.35
C ASP J 43 19.96 17.18 54.09
N LYS J 44 20.78 16.14 54.21
CA LYS J 44 21.40 15.52 53.05
C LYS J 44 20.32 14.99 52.12
N PRO J 45 20.56 14.96 50.81
CA PRO J 45 19.62 14.31 49.89
C PRO J 45 19.51 12.83 50.22
N LEU J 46 18.33 12.26 49.95
CA LEU J 46 18.06 10.87 50.29
C LEU J 46 18.33 9.96 49.09
N ILE J 47 18.95 8.82 49.36
CA ILE J 47 19.38 7.88 48.33
C ILE J 47 18.54 6.60 48.46
N VAL J 48 17.98 6.14 47.34
CA VAL J 48 17.12 4.96 47.29
C VAL J 48 17.64 4.03 46.19
N GLU J 49 18.02 2.81 46.55
CA GLU J 49 18.66 1.87 45.62
C GLU J 49 17.72 0.72 45.26
N ASN J 50 17.54 0.51 43.95
CA ASN J 50 16.92 -0.68 43.37
C ASN J 50 15.54 -1.05 43.90
N THR J 51 15.44 -2.21 44.53
CA THR J 51 14.16 -2.78 44.96
C THR J 51 13.32 -1.78 45.74
N GLN J 52 13.95 -0.90 46.51
CA GLN J 52 13.20 0.03 47.35
C GLN J 52 12.45 1.08 46.54
N ILE J 53 12.91 1.39 45.34
CA ILE J 53 12.28 2.46 44.54
C ILE J 53 10.82 2.14 44.26
N GLU J 54 10.56 0.91 43.80
CA GLU J 54 9.20 0.51 43.44
C GLU J 54 8.24 0.67 44.62
N ARG J 55 8.73 0.56 45.85
CA ARG J 55 7.90 0.82 47.03
C ARG J 55 7.52 2.30 47.14
N TRP J 56 8.49 3.19 46.86
CA TRP J 56 8.27 4.63 47.01
C TRP J 56 7.15 5.14 46.12
N ILE J 57 6.93 4.51 44.98
CA ILE J 57 5.90 4.95 44.06
C ILE J 57 4.52 4.74 44.68
N ASN J 58 4.36 3.64 45.42
CA ASN J 58 3.10 3.29 46.05
C ASN J 58 2.66 4.31 47.09
N ASN J 59 3.53 5.23 47.49
CA ASN J 59 3.18 6.32 48.39
C ASN J 59 2.97 7.64 47.67
N GLY J 60 2.84 7.61 46.34
CA GLY J 60 2.57 8.81 45.59
C GLY J 60 3.77 9.45 44.94
N LEU J 61 4.92 8.79 44.93
CA LEU J 61 6.09 9.34 44.25
C LEU J 61 5.87 9.29 42.75
N TRP J 62 5.85 10.46 42.12
CA TRP J 62 5.71 10.53 40.67
C TRP J 62 7.06 10.24 40.05
N VAL J 63 7.14 9.17 39.26
CA VAL J 63 8.34 8.86 38.50
C VAL J 63 7.88 8.48 37.09
N PRO J 64 8.09 9.35 36.10
CA PRO J 64 7.57 9.05 34.76
C PRO J 64 8.35 7.91 34.13
N ALA J 65 7.64 7.02 33.44
CA ALA J 65 8.28 5.96 32.70
C ALA J 65 8.82 6.51 31.39
N LEU J 66 10.13 6.43 31.22
CA LEU J 66 10.83 6.88 30.02
C LEU J 66 11.11 5.65 29.15
N GLU J 67 10.47 5.57 27.98
CA GLU J 67 10.64 4.43 27.10
C GLU J 67 11.67 4.71 26.02
N PHE J 68 12.51 3.70 25.75
CA PHE J 68 13.38 3.70 24.57
C PHE J 68 12.53 3.31 23.37
N ILE J 69 12.27 4.28 22.48
CA ILE J 69 11.38 4.04 21.35
C ILE J 69 11.98 3.02 20.38
N ASN J 70 13.27 3.12 20.11
CA ASN J 70 13.91 2.31 19.07
C ASN J 70 14.69 1.14 19.63
N VAL J 71 14.40 0.70 20.86
CA VAL J 71 14.97 -0.52 21.41
C VAL J 71 14.07 -1.68 21.02
N VAL J 72 14.68 -2.83 20.75
CA VAL J 72 13.95 -4.03 20.34
C VAL J 72 13.83 -4.93 21.56
N GLY J 73 12.64 -4.92 22.18
CA GLY J 73 12.45 -5.68 23.40
C GLY J 73 12.91 -4.92 24.63
N SER J 74 12.29 -5.19 25.77
CA SER J 74 12.65 -4.49 27.00
C SER J 74 14.14 -4.70 27.31
N PRO J 75 14.87 -3.63 27.62
CA PRO J 75 16.31 -3.76 27.86
C PRO J 75 16.60 -4.27 29.27
N ASP J 76 17.87 -4.63 29.48
CA ASP J 76 18.34 -5.14 30.77
C ASP J 76 18.59 -3.98 31.72
N THR J 77 17.79 -3.88 32.77
CA THR J 77 17.96 -2.86 33.78
C THR J 77 18.87 -3.43 34.88
N GLY J 78 20.06 -2.86 35.01
CA GLY J 78 21.00 -3.25 36.05
C GLY J 78 20.62 -2.64 37.38
N ASN J 79 21.55 -1.91 38.00
CA ASN J 79 21.24 -1.20 39.22
C ASN J 79 20.55 0.12 38.89
N LYS J 80 19.65 0.55 39.77
CA LYS J 80 18.93 1.80 39.58
C LYS J 80 18.75 2.49 40.93
N ARG J 81 18.85 3.82 40.92
CA ARG J 81 18.79 4.60 42.14
C ARG J 81 18.05 5.90 41.92
N LEU J 82 17.43 6.40 42.99
CA LEU J 82 16.82 7.72 43.04
C LEU J 82 17.59 8.64 43.98
N MET J 83 17.65 9.92 43.61
CA MET J 83 18.22 10.97 44.47
C MET J 83 17.14 12.02 44.72
N LEU J 84 16.54 11.98 45.91
CA LEU J 84 15.50 12.93 46.30
C LEU J 84 16.11 14.09 47.06
N PHE J 85 15.88 15.30 46.58
CA PHE J 85 16.44 16.47 47.25
C PHE J 85 15.42 17.12 48.18
N PRO J 86 15.88 17.68 49.30
CA PRO J 86 14.95 18.38 50.20
C PRO J 86 14.27 19.56 49.55
N ASP J 87 14.92 20.18 48.58
CA ASP J 87 14.32 21.27 47.82
C ASP J 87 13.38 20.77 46.74
N GLY J 88 13.13 19.47 46.67
CA GLY J 88 12.14 18.93 45.76
C GLY J 88 12.66 18.12 44.58
N ARG J 89 13.69 18.64 43.91
CA ARG J 89 14.14 18.03 42.66
C ARG J 89 14.59 16.59 42.87
N VAL J 90 14.41 15.79 41.81
CA VAL J 90 14.59 14.35 41.87
C VAL J 90 15.46 13.91 40.71
N ILE J 91 16.42 13.03 40.99
CA ILE J 91 17.35 12.52 40.00
C ILE J 91 17.17 11.01 39.90
N TYR J 92 16.79 10.55 38.71
CA TYR J 92 16.67 9.12 38.42
C TYR J 92 17.90 8.64 37.66
N ASN J 93 18.52 7.57 38.15
CA ASN J 93 19.73 7.03 37.56
C ASN J 93 19.55 5.53 37.37
N ALA J 94 19.94 5.02 36.19
CA ALA J 94 19.82 3.61 35.91
C ALA J 94 20.84 3.20 34.86
N ARG J 95 21.37 1.99 34.99
CA ARG J 95 22.26 1.41 34.00
C ARG J 95 21.46 0.49 33.08
N PHE J 96 21.71 0.60 31.77
CA PHE J 96 20.98 -0.15 30.77
C PHE J 96 21.95 -0.81 29.80
N LEU J 97 21.57 -2.00 29.34
CA LEU J 97 22.16 -2.61 28.15
C LEU J 97 21.02 -3.16 27.30
N GLY J 98 20.90 -2.67 26.08
CA GLY J 98 19.77 -3.01 25.25
C GLY J 98 20.16 -3.07 23.78
N SER J 99 19.32 -3.76 23.01
CA SER J 99 19.53 -3.89 21.57
C SER J 99 18.66 -2.84 20.87
N PHE J 100 19.32 -1.88 20.22
CA PHE J 100 18.64 -0.77 19.56
C PHE J 100 18.63 -1.00 18.06
N SER J 101 17.67 -0.38 17.39
CA SER J 101 17.46 -0.59 15.97
C SER J 101 17.60 0.72 15.19
N ASN J 102 18.11 0.59 13.96
CA ASN J 102 18.20 1.71 13.03
C ASN J 102 18.37 1.16 11.62
N ASP J 103 18.04 1.99 10.64
CA ASP J 103 18.24 1.65 9.25
C ASP J 103 19.73 1.66 8.90
N MET J 104 20.19 0.64 8.17
CA MET J 104 21.60 0.49 7.85
C MET J 104 21.76 -0.06 6.44
N ASP J 105 22.48 0.69 5.59
CA ASP J 105 22.85 0.25 4.26
C ASP J 105 24.24 -0.37 4.33
N PHE J 106 24.36 -1.63 3.89
CA PHE J 106 25.63 -2.35 3.89
C PHE J 106 26.12 -2.66 2.48
N ARG J 107 25.59 -1.97 1.46
CA ARG J 107 25.93 -2.29 0.07
C ARG J 107 27.37 -1.97 -0.27
N LEU J 108 27.99 -1.03 0.43
CA LEU J 108 29.39 -0.67 0.17
C LEU J 108 30.29 -1.31 1.22
N PHE J 109 29.99 -2.58 1.51
CA PHE J 109 30.31 -3.30 2.74
C PHE J 109 31.71 -3.03 3.30
N PRO J 110 32.80 -3.27 2.56
CA PRO J 110 34.12 -3.17 3.18
C PRO J 110 34.47 -1.78 3.62
N PHE J 111 33.64 -0.78 3.27
CA PHE J 111 33.87 0.62 3.58
C PHE J 111 32.54 1.24 4.00
N ASP J 112 32.01 0.82 5.14
CA ASP J 112 30.72 1.33 5.57
C ASP J 112 30.86 2.68 6.26
N ARG J 113 29.77 3.43 6.22
CA ARG J 113 29.49 4.49 7.18
C ARG J 113 28.14 4.13 7.79
N GLN J 114 28.03 4.27 9.10
CA GLN J 114 26.81 3.88 9.77
C GLN J 114 26.44 4.94 10.79
N GLN J 115 25.20 4.87 11.27
CA GLN J 115 24.69 5.86 12.22
C GLN J 115 23.91 5.11 13.29
N PHE J 116 24.51 4.98 14.46
CA PHE J 116 23.89 4.33 15.61
C PHE J 116 23.10 5.37 16.39
N VAL J 117 21.84 5.04 16.71
CA VAL J 117 20.89 6.03 17.20
C VAL J 117 20.16 5.51 18.42
N LEU J 118 19.98 6.39 19.41
CA LEU J 118 19.11 6.18 20.56
C LEU J 118 17.98 7.20 20.50
N GLU J 119 16.77 6.77 20.88
CA GLU J 119 15.60 7.64 20.91
C GLU J 119 14.83 7.44 22.20
N LEU J 120 14.87 8.44 23.08
CA LEU J 120 14.20 8.40 24.36
C LEU J 120 12.98 9.33 24.33
N GLU J 121 11.89 8.87 24.94
CA GLU J 121 10.60 9.56 24.93
C GLU J 121 9.74 9.02 26.06
N PRO J 122 9.09 9.87 26.86
CA PRO J 122 8.25 9.38 27.95
C PRO J 122 7.10 8.53 27.40
N PHE J 123 6.67 7.56 28.21
CA PHE J 123 5.73 6.57 27.73
C PHE J 123 4.29 7.06 27.71
N SER J 124 3.94 8.06 28.52
CA SER J 124 2.53 8.44 28.64
C SER J 124 2.41 9.89 29.08
N TYR J 125 3.26 10.78 28.56
CA TYR J 125 3.24 12.14 29.06
C TYR J 125 3.64 13.12 27.97
N ASN J 126 2.78 14.11 27.76
CA ASN J 126 2.86 15.09 26.69
C ASN J 126 3.19 16.49 27.13
N ASN J 127 2.72 16.92 28.30
CA ASN J 127 3.10 18.25 28.80
C ASN J 127 4.52 18.24 29.37
N GLN J 128 4.98 17.08 29.85
CA GLN J 128 6.27 16.97 30.51
C GLN J 128 7.36 16.79 29.45
N GLN J 129 8.22 17.80 29.32
CA GLN J 129 9.14 17.94 28.21
C GLN J 129 10.59 17.77 28.69
N LEU J 130 11.43 17.27 27.80
CA LEU J 130 12.83 17.03 28.10
C LEU J 130 13.63 18.33 27.91
N ARG J 131 14.28 18.78 28.98
CA ARG J 131 14.95 20.09 29.03
C ARG J 131 16.13 20.21 28.08
N PHE J 132 17.23 19.53 28.39
CA PHE J 132 18.41 19.51 27.54
C PHE J 132 19.09 18.16 27.70
N SER J 133 19.84 17.75 26.66
CA SER J 133 20.41 16.42 26.59
C SER J 133 21.92 16.47 26.44
N ASP J 134 22.60 15.50 27.07
CA ASP J 134 24.05 15.42 27.05
C ASP J 134 24.47 13.97 26.81
N ILE J 135 25.62 13.79 26.15
CA ILE J 135 26.18 12.47 25.87
C ILE J 135 27.70 12.54 26.03
N GLN J 136 28.29 11.44 26.53
CA GLN J 136 29.70 11.37 26.82
C GLN J 136 30.26 10.05 26.30
N VAL J 137 31.33 10.14 25.49
CA VAL J 137 32.06 8.98 24.99
C VAL J 137 33.54 9.24 25.20
N TYR J 138 34.28 8.19 25.54
CA TYR J 138 35.70 8.31 25.90
C TYR J 138 36.52 7.35 25.03
N THR J 139 36.77 7.77 23.79
CA THR J 139 37.49 6.98 22.80
C THR J 139 38.43 7.91 22.02
N GLU J 140 39.26 7.32 21.16
CA GLU J 140 40.30 8.05 20.43
C GLU J 140 40.39 7.53 18.99
N ASN J 141 40.26 8.43 18.02
CA ASN J 141 40.34 8.05 16.60
C ASN J 141 41.25 8.99 15.77
N ILE J 142 42.07 8.46 14.84
CA ILE J 142 42.35 7.05 14.63
C ILE J 142 43.49 6.62 15.55
N ASP J 143 43.35 5.51 16.27
CA ASP J 143 44.44 5.04 17.11
C ASP J 143 44.45 3.53 17.26
N ASN J 144 43.86 3.03 18.35
CA ASN J 144 43.93 1.61 18.67
C ASN J 144 43.22 0.74 17.64
N GLU J 145 42.37 1.32 16.80
CA GLU J 145 41.48 0.55 15.94
C GLU J 145 42.16 -0.11 14.74
N GLU J 146 43.43 -0.47 14.89
CA GLU J 146 43.90 -1.69 14.26
C GLU J 146 43.62 -2.89 15.14
N ILE J 147 43.20 -2.65 16.38
CA ILE J 147 42.71 -3.64 17.31
C ILE J 147 41.19 -3.52 17.40
N ASP J 148 40.66 -2.33 17.19
CA ASP J 148 39.22 -2.11 17.21
C ASP J 148 38.67 -2.06 15.80
N GLU J 149 37.41 -2.46 15.66
CA GLU J 149 36.86 -2.85 14.36
C GLU J 149 36.41 -1.67 13.51
N TRP J 150 36.08 -0.54 14.11
CA TRP J 150 35.57 0.58 13.34
C TRP J 150 36.34 1.86 13.65
N TRP J 151 36.53 2.68 12.61
CA TRP J 151 36.94 4.06 12.80
C TRP J 151 35.67 4.86 13.10
N ILE J 152 35.69 5.65 14.16
CA ILE J 152 34.46 6.35 14.54
C ILE J 152 34.60 7.84 14.21
N ARG J 153 34.28 8.18 12.96
CA ARG J 153 34.41 9.53 12.43
C ARG J 153 33.39 10.47 13.01
N GLY J 154 33.14 10.35 14.31
CA GLY J 154 32.16 11.19 14.92
C GLY J 154 32.70 12.04 16.03
N LYS J 155 31.98 11.97 17.15
CA LYS J 155 31.68 13.02 18.13
C LYS J 155 30.17 13.02 18.33
N ALA J 156 29.71 13.34 19.54
CA ALA J 156 28.32 13.07 19.85
C ALA J 156 27.40 14.10 19.20
N SER J 157 26.14 13.68 19.02
CA SER J 157 25.10 14.53 18.46
C SER J 157 23.90 14.53 19.41
N THR J 158 23.12 15.60 19.35
CA THR J 158 21.97 15.78 20.23
C THR J 158 20.83 16.39 19.45
N HIS J 159 19.57 15.96 19.71
CA HIS J 159 18.50 16.56 18.92
C HIS J 159 17.40 17.27 19.75
N ILE J 160 16.56 16.51 20.49
CA ILE J 160 15.38 16.90 21.30
C ILE J 160 14.27 17.50 20.41
N SER J 161 13.15 16.78 20.21
CA SER J 161 12.05 17.22 19.32
C SER J 161 10.67 16.93 19.91
N ASP J 162 9.65 17.06 19.03
CA ASP J 162 8.23 16.84 19.29
C ASP J 162 7.69 15.86 18.26
N ILE J 163 6.83 14.93 18.71
CA ILE J 163 6.24 13.91 17.86
C ILE J 163 4.72 14.08 17.86
N ARG J 164 4.08 13.80 16.72
CA ARG J 164 2.64 14.03 16.60
C ARG J 164 1.81 12.86 17.12
N TYR J 165 2.02 11.65 16.57
CA TYR J 165 1.17 10.49 16.87
C TYR J 165 -0.30 10.82 16.60
N ASP J 166 -0.65 10.94 15.32
CA ASP J 166 -1.98 11.46 15.00
C ASP J 166 -3.08 10.43 15.19
N HIS J 167 -2.77 9.24 15.70
CA HIS J 167 -3.77 8.19 15.83
C HIS J 167 -4.31 8.11 17.26
N LEU J 168 -5.62 7.86 17.34
CA LEU J 168 -6.39 8.03 18.57
C LEU J 168 -5.98 9.32 19.28
N SER J 169 -5.93 10.41 18.50
CA SER J 169 -5.76 11.73 19.07
C SER J 169 -7.07 12.27 19.63
N SER J 170 -8.20 11.70 19.21
CA SER J 170 -9.47 12.05 19.83
C SER J 170 -9.60 11.44 21.22
N VAL J 171 -8.71 10.49 21.56
CA VAL J 171 -8.57 10.04 22.94
C VAL J 171 -8.31 11.21 23.87
N GLN J 172 -7.44 12.12 23.45
CA GLN J 172 -7.18 13.35 24.20
C GLN J 172 -7.13 14.51 23.22
N PRO J 173 -8.24 15.23 23.04
CA PRO J 173 -8.25 16.32 22.06
C PRO J 173 -7.37 17.47 22.52
N ASN J 174 -6.55 17.99 21.61
CA ASN J 174 -5.71 19.18 21.71
C ASN J 174 -4.33 18.87 22.28
N GLN J 175 -4.11 17.66 22.81
CA GLN J 175 -2.87 17.35 23.53
C GLN J 175 -2.41 15.94 23.15
N ASN J 176 -1.39 15.86 22.30
CA ASN J 176 -0.79 14.57 21.96
C ASN J 176 0.63 14.72 21.41
N GLU J 177 1.33 15.77 21.80
CA GLU J 177 2.70 16.01 21.34
C GLU J 177 3.67 15.59 22.45
N PHE J 178 4.54 14.63 22.15
CA PHE J 178 5.46 14.06 23.11
C PHE J 178 6.88 14.57 22.86
N SER J 179 7.66 14.69 23.93
CA SER J 179 9.03 15.19 23.88
C SER J 179 10.00 14.03 23.71
N ARG J 180 10.81 14.08 22.64
CA ARG J 180 11.71 12.98 22.31
C ARG J 180 13.14 13.47 22.13
N ILE J 181 14.03 13.03 23.01
CA ILE J 181 15.47 13.18 22.81
C ILE J 181 15.95 12.22 21.73
N THR J 182 16.80 12.69 20.84
CA THR J 182 17.46 11.85 19.84
C THR J 182 18.96 12.06 19.86
N VAL J 183 19.70 10.96 20.01
CA VAL J 183 21.16 10.95 19.97
C VAL J 183 21.62 10.09 18.81
N ARG J 184 22.65 10.55 18.09
CA ARG J 184 23.21 9.81 16.97
C ARG J 184 24.73 9.93 16.97
N ILE J 185 25.40 8.82 16.69
CA ILE J 185 26.86 8.75 16.65
C ILE J 185 27.28 8.07 15.36
N ASP J 186 28.12 8.76 14.58
CA ASP J 186 28.58 8.26 13.29
C ASP J 186 29.85 7.42 13.43
N ALA J 187 30.02 6.48 12.50
CA ALA J 187 31.16 5.57 12.55
C ALA J 187 31.42 5.01 11.15
N VAL J 188 32.67 4.59 10.93
CA VAL J 188 33.13 4.10 9.64
C VAL J 188 33.78 2.74 9.86
N ARG J 189 33.67 1.87 8.86
CA ARG J 189 34.24 0.53 8.94
C ARG J 189 35.72 0.56 8.64
N ASN J 190 36.56 0.15 9.61
CA ASN J 190 37.99 0.00 9.38
C ASN J 190 38.21 -1.09 8.34
N PRO J 191 38.54 -0.73 7.11
CA PRO J 191 38.62 -1.73 6.03
C PRO J 191 39.85 -2.61 6.09
N SER J 192 40.84 -2.26 6.93
CA SER J 192 42.14 -2.93 6.94
C SER J 192 42.03 -4.43 6.84
N TYR J 193 41.21 -5.04 7.68
CA TYR J 193 41.14 -6.50 7.74
C TYR J 193 40.51 -7.09 6.49
N TYR J 194 39.41 -6.49 6.03
CA TYR J 194 38.68 -7.06 4.89
C TYR J 194 39.45 -6.88 3.58
N LEU J 195 40.32 -5.87 3.51
CA LEU J 195 41.19 -5.70 2.35
C LEU J 195 42.32 -6.72 2.36
N TRP J 196 43.15 -6.69 3.40
CA TRP J 196 44.35 -7.50 3.48
C TRP J 196 44.08 -8.99 3.32
N SER J 197 42.89 -9.46 3.70
CA SER J 197 42.62 -10.90 3.77
C SER J 197 41.52 -11.41 2.86
N PHE J 198 40.81 -10.55 2.14
CA PHE J 198 39.74 -11.02 1.26
C PHE J 198 39.86 -10.44 -0.15
N ILE J 199 39.93 -9.11 -0.23
CA ILE J 199 39.97 -8.43 -1.52
C ILE J 199 41.21 -8.84 -2.31
N LEU J 200 42.37 -8.83 -1.65
CA LEU J 200 43.63 -9.12 -2.35
C LEU J 200 43.65 -10.51 -2.96
N PRO J 201 43.41 -11.61 -2.22
CA PRO J 201 43.43 -12.93 -2.86
C PRO J 201 42.44 -13.07 -4.01
N LEU J 202 41.26 -12.45 -3.89
CA LEU J 202 40.25 -12.55 -4.94
C LEU J 202 40.80 -12.02 -6.26
N GLY J 203 41.46 -10.86 -6.22
CA GLY J 203 42.10 -10.35 -7.42
C GLY J 203 43.15 -11.31 -7.95
N LEU J 204 44.00 -11.83 -7.06
CA LEU J 204 44.99 -12.81 -7.47
C LEU J 204 44.35 -14.04 -8.09
N ILE J 205 43.23 -14.50 -7.52
CA ILE J 205 42.50 -15.63 -8.11
C ILE J 205 41.97 -15.24 -9.49
N ILE J 206 41.33 -14.07 -9.57
CA ILE J 206 40.88 -13.58 -10.87
C ILE J 206 42.07 -13.32 -11.79
N ALA J 207 43.15 -12.75 -11.24
CA ALA J 207 44.36 -12.55 -12.04
C ALA J 207 44.94 -13.88 -12.51
N ALA J 208 45.17 -14.81 -11.57
CA ALA J 208 45.65 -16.14 -11.97
C ALA J 208 44.70 -16.80 -12.95
N SER J 209 43.40 -16.50 -12.85
CA SER J 209 42.45 -17.01 -13.83
C SER J 209 42.78 -16.54 -15.23
N TRP J 210 43.23 -15.29 -15.37
CA TRP J 210 43.53 -14.77 -16.71
C TRP J 210 44.76 -15.42 -17.31
N SER J 211 45.68 -15.91 -16.46
CA SER J 211 46.90 -16.56 -16.96
C SER J 211 46.61 -17.87 -17.67
N VAL J 212 45.34 -18.29 -17.72
CA VAL J 212 44.96 -19.49 -18.44
C VAL J 212 45.26 -19.36 -19.92
N PHE J 213 45.27 -18.13 -20.44
CA PHE J 213 45.52 -17.88 -21.86
C PHE J 213 46.96 -18.11 -22.27
N TRP J 214 47.88 -18.24 -21.30
CA TRP J 214 49.28 -18.51 -21.60
C TRP J 214 49.57 -20.00 -21.69
N LEU J 215 48.53 -20.83 -21.60
CA LEU J 215 48.68 -22.25 -21.87
C LEU J 215 48.78 -22.46 -23.38
N GLU J 216 49.69 -23.36 -23.78
CA GLU J 216 50.03 -23.49 -25.20
C GLU J 216 48.89 -24.13 -25.98
N SER J 217 48.46 -25.32 -25.56
CA SER J 217 47.44 -26.06 -26.27
C SER J 217 46.07 -25.42 -26.05
N PHE J 218 45.07 -25.99 -26.71
CA PHE J 218 43.68 -25.61 -26.51
C PHE J 218 43.03 -26.45 -25.41
N SER J 219 43.34 -27.74 -25.39
CA SER J 219 42.89 -28.60 -24.29
C SER J 219 43.39 -28.11 -22.94
N GLU J 220 44.65 -27.66 -22.87
CA GLU J 220 45.18 -27.08 -21.64
C GLU J 220 44.33 -25.91 -21.17
N ARG J 221 44.04 -24.99 -22.09
CA ARG J 221 43.31 -23.77 -21.77
C ARG J 221 41.93 -24.08 -21.17
N LEU J 222 41.13 -24.85 -21.89
CA LEU J 222 39.75 -25.08 -21.49
C LEU J 222 39.67 -25.90 -20.21
N GLN J 223 40.49 -26.95 -20.11
CA GLN J 223 40.48 -27.80 -18.92
C GLN J 223 40.87 -27.02 -17.67
N THR J 224 41.93 -26.21 -17.76
CA THR J 224 42.39 -25.44 -16.62
C THR J 224 41.33 -24.49 -16.10
N SER J 225 40.49 -23.96 -17.00
CA SER J 225 39.42 -23.05 -16.59
C SER J 225 38.53 -23.68 -15.53
N PHE J 226 38.20 -24.97 -15.68
CA PHE J 226 37.34 -25.63 -14.71
C PHE J 226 38.00 -25.69 -13.34
N THR J 227 39.33 -25.80 -13.30
CA THR J 227 40.02 -25.65 -12.02
C THR J 227 39.89 -24.23 -11.52
N LEU J 228 40.02 -23.24 -12.41
CA LEU J 228 39.77 -21.86 -12.04
C LEU J 228 38.30 -21.64 -11.68
N MET J 229 37.39 -22.23 -12.46
CA MET J 229 35.97 -22.17 -12.11
C MET J 229 35.77 -22.70 -10.70
N LEU J 230 36.29 -23.90 -10.43
CA LEU J 230 36.24 -24.47 -9.09
C LEU J 230 36.96 -23.57 -8.08
N THR J 231 38.06 -22.93 -8.50
CA THR J 231 38.81 -22.09 -7.58
C THR J 231 37.95 -20.94 -7.06
N VAL J 232 37.14 -20.33 -7.94
CA VAL J 232 36.25 -19.26 -7.52
C VAL J 232 35.10 -19.79 -6.67
N VAL J 233 34.48 -20.90 -7.10
CA VAL J 233 33.38 -21.48 -6.33
C VAL J 233 33.81 -21.76 -4.91
N ALA J 234 35.01 -22.34 -4.74
CA ALA J 234 35.56 -22.52 -3.39
C ALA J 234 35.72 -21.18 -2.69
N TYR J 235 36.32 -20.20 -3.38
CA TYR J 235 36.55 -18.90 -2.76
C TYR J 235 35.23 -18.17 -2.48
N ALA J 236 34.23 -18.36 -3.34
CA ALA J 236 32.91 -17.82 -3.04
C ALA J 236 32.36 -18.42 -1.74
N PHE J 237 32.57 -19.71 -1.55
CA PHE J 237 32.12 -20.38 -0.33
C PHE J 237 32.85 -19.86 0.90
N TYR J 238 34.18 -19.88 0.86
CA TYR J 238 34.99 -19.34 1.95
C TYR J 238 34.61 -17.90 2.27
N THR J 239 34.29 -17.11 1.25
CA THR J 239 33.80 -15.76 1.45
C THR J 239 32.48 -15.75 2.23
N SER J 240 31.49 -16.52 1.76
CA SER J 240 30.12 -16.37 2.27
C SER J 240 29.98 -16.82 3.72
N ASN J 241 30.66 -17.89 4.12
CA ASN J 241 30.50 -18.39 5.49
C ASN J 241 31.00 -17.39 6.53
N ILE J 242 32.15 -16.77 6.26
CA ILE J 242 32.79 -15.93 7.27
C ILE J 242 32.19 -14.53 7.29
N LEU J 243 31.82 -14.01 6.13
CA LEU J 243 31.30 -12.65 5.98
C LEU J 243 29.88 -12.53 6.50
N PRO J 244 29.47 -11.33 6.91
CA PRO J 244 28.11 -11.16 7.47
C PRO J 244 27.03 -11.33 6.41
N ARG J 245 26.02 -12.12 6.74
CA ARG J 245 24.93 -12.38 5.81
C ARG J 245 24.07 -11.14 5.59
N LEU J 246 23.71 -10.92 4.33
CA LEU J 246 22.95 -9.75 3.91
C LEU J 246 21.96 -10.17 2.83
N PRO J 247 20.93 -9.35 2.59
CA PRO J 247 19.98 -9.66 1.53
C PRO J 247 20.23 -8.90 0.23
N TYR J 248 21.46 -8.41 0.02
CA TYR J 248 21.77 -7.71 -1.23
C TYR J 248 23.22 -7.95 -1.62
N THR J 249 23.53 -7.56 -2.85
CA THR J 249 24.87 -7.78 -3.40
C THR J 249 25.81 -6.67 -2.91
N THR J 250 26.81 -7.05 -2.13
CA THR J 250 27.82 -6.13 -1.67
C THR J 250 28.83 -5.86 -2.78
N VAL J 251 29.82 -5.01 -2.49
CA VAL J 251 30.90 -4.76 -3.44
C VAL J 251 31.66 -6.05 -3.71
N ILE J 252 32.03 -6.77 -2.65
CA ILE J 252 32.66 -8.08 -2.79
C ILE J 252 31.77 -9.02 -3.59
N ASP J 253 30.48 -9.06 -3.24
CA ASP J 253 29.56 -9.99 -3.90
C ASP J 253 29.52 -9.77 -5.40
N GLN J 254 29.59 -8.51 -5.84
CA GLN J 254 29.69 -8.25 -7.27
C GLN J 254 31.03 -8.71 -7.82
N MET J 255 32.11 -8.43 -7.09
CA MET J 255 33.43 -8.92 -7.48
C MET J 255 33.43 -10.44 -7.63
N ILE J 256 32.65 -11.14 -6.80
CA ILE J 256 32.55 -12.59 -6.92
C ILE J 256 31.88 -12.98 -8.24
N ILE J 257 30.83 -12.27 -8.62
CA ILE J 257 30.23 -12.53 -9.93
C ILE J 257 31.21 -12.18 -11.03
N ALA J 258 32.02 -11.13 -10.80
CA ALA J 258 33.03 -10.74 -11.78
C ALA J 258 34.02 -11.87 -12.02
N GLY J 259 34.42 -12.58 -10.96
CA GLY J 259 35.25 -13.75 -11.15
C GLY J 259 34.53 -14.83 -11.95
N TYR J 260 33.32 -15.17 -11.51
CA TYR J 260 32.47 -16.09 -12.26
C TYR J 260 32.35 -15.68 -13.71
N GLY J 261 32.28 -14.38 -13.96
CA GLY J 261 32.16 -13.91 -15.34
C GLY J 261 33.47 -14.04 -16.10
N SER J 262 34.56 -13.49 -15.54
CA SER J 262 35.86 -13.55 -16.19
C SER J 262 36.26 -14.98 -16.51
N ILE J 263 35.99 -15.91 -15.59
CA ILE J 263 36.33 -17.31 -15.85
C ILE J 263 35.37 -17.91 -16.88
N PHE J 264 34.08 -17.61 -16.77
CA PHE J 264 33.15 -18.07 -17.79
C PHE J 264 33.41 -17.39 -19.13
N ALA J 265 33.84 -16.13 -19.10
CA ALA J 265 34.20 -15.45 -20.36
C ALA J 265 35.38 -16.11 -21.03
N ALA J 266 36.41 -16.47 -20.26
CA ALA J 266 37.55 -17.21 -20.81
C ALA J 266 37.09 -18.49 -21.50
N ILE J 267 36.24 -19.27 -20.84
CA ILE J 267 35.68 -20.49 -21.43
C ILE J 267 35.13 -20.20 -22.82
N LEU J 268 34.42 -19.08 -22.96
CA LEU J 268 33.79 -18.75 -24.23
C LEU J 268 34.83 -18.41 -25.30
N LEU J 269 35.77 -17.53 -24.97
CA LEU J 269 36.83 -17.16 -25.91
C LEU J 269 37.66 -18.37 -26.33
N ILE J 270 38.17 -19.12 -25.34
CA ILE J 270 39.02 -20.29 -25.60
C ILE J 270 38.40 -21.22 -26.61
N ILE J 271 37.08 -21.41 -26.55
CA ILE J 271 36.41 -22.31 -27.50
C ILE J 271 36.22 -21.64 -28.84
N PHE J 272 35.81 -20.37 -28.84
CA PHE J 272 35.56 -19.65 -30.09
C PHE J 272 36.85 -19.48 -30.88
N ALA J 273 37.99 -19.38 -30.19
CA ALA J 273 39.29 -19.36 -30.86
C ALA J 273 39.47 -20.58 -31.74
N HIS J 274 38.97 -21.73 -31.30
CA HIS J 274 39.27 -22.99 -31.97
C HIS J 274 38.46 -23.17 -33.26
N HIS J 275 37.22 -22.70 -33.31
CA HIS J 275 36.33 -23.00 -34.43
C HIS J 275 35.91 -21.75 -35.20
N ARG J 276 36.61 -20.64 -35.04
CA ARG J 276 36.48 -19.49 -35.93
C ARG J 276 37.76 -19.45 -36.76
N GLN J 277 37.78 -20.28 -37.81
CA GLN J 277 39.00 -20.61 -38.52
C GLN J 277 38.77 -20.57 -40.03
N ALA J 278 39.87 -20.70 -40.77
CA ALA J 278 39.83 -20.79 -42.23
C ALA J 278 39.74 -22.24 -42.71
N ASN J 279 40.37 -23.16 -42.00
CA ASN J 279 40.36 -24.57 -42.38
C ASN J 279 39.41 -25.36 -41.48
N GLY J 280 40.04 -26.05 -40.53
CA GLY J 280 39.42 -26.53 -39.31
C GLY J 280 40.52 -26.77 -38.32
N VAL J 281 40.17 -26.73 -37.03
CA VAL J 281 41.15 -26.86 -35.96
C VAL J 281 42.35 -25.96 -36.23
N GLU J 282 42.14 -24.65 -36.12
CA GLU J 282 43.23 -23.68 -36.08
C GLU J 282 42.90 -22.69 -34.98
N ASP J 283 43.79 -22.57 -33.99
CA ASP J 283 43.54 -21.59 -32.93
C ASP J 283 43.75 -20.20 -33.51
N ASP J 284 42.64 -19.45 -33.64
CA ASP J 284 42.64 -18.13 -34.26
C ASP J 284 43.78 -17.28 -33.73
N LEU J 285 44.72 -16.93 -34.61
CA LEU J 285 46.06 -16.54 -34.20
C LEU J 285 46.09 -15.33 -33.26
N LEU J 286 45.18 -14.39 -33.45
CA LEU J 286 45.22 -13.16 -32.64
C LEU J 286 44.41 -13.27 -31.37
N ILE J 287 43.36 -14.09 -31.37
CA ILE J 287 42.39 -14.06 -30.29
C ILE J 287 42.97 -14.69 -29.02
N GLN J 288 43.80 -15.73 -29.16
CA GLN J 288 44.41 -16.29 -27.96
C GLN J 288 45.47 -15.37 -27.37
N ARG J 289 45.83 -14.29 -28.06
CA ARG J 289 46.71 -13.26 -27.52
C ARG J 289 45.93 -12.12 -26.87
N CYS J 290 44.79 -12.44 -26.24
CA CYS J 290 44.19 -11.57 -25.24
C CYS J 290 44.78 -11.79 -23.86
N ARG J 291 46.02 -12.26 -23.81
CA ARG J 291 46.67 -12.58 -22.54
C ARG J 291 46.79 -11.36 -21.64
N LEU J 292 47.23 -10.23 -22.19
CA LEU J 292 47.14 -8.94 -21.48
C LEU J 292 46.21 -7.99 -22.20
N ALA J 293 45.01 -8.46 -22.54
CA ALA J 293 43.94 -7.62 -23.05
C ALA J 293 42.68 -7.90 -22.25
N PHE J 294 42.61 -9.11 -21.70
CA PHE J 294 41.61 -9.52 -20.72
C PHE J 294 41.84 -8.80 -19.38
N PRO J 295 43.08 -8.68 -18.89
CA PRO J 295 43.31 -7.83 -17.72
C PRO J 295 42.84 -6.39 -17.93
N LEU J 296 43.05 -5.84 -19.13
CA LEU J 296 42.61 -4.48 -19.41
C LEU J 296 41.08 -4.39 -19.48
N GLY J 297 40.44 -5.38 -20.11
CA GLY J 297 38.99 -5.34 -20.22
C GLY J 297 38.29 -5.45 -18.88
N PHE J 298 38.81 -6.26 -17.97
CA PHE J 298 38.21 -6.37 -16.65
C PHE J 298 38.35 -5.07 -15.88
N LEU J 299 39.52 -4.44 -15.95
CA LEU J 299 39.73 -3.18 -15.26
C LEU J 299 38.86 -2.07 -15.83
N ALA J 300 38.52 -2.15 -17.12
CA ALA J 300 37.64 -1.14 -17.71
C ALA J 300 36.23 -1.27 -17.18
N ILE J 301 35.72 -2.50 -17.09
CA ILE J 301 34.40 -2.70 -16.50
C ILE J 301 34.45 -2.58 -14.99
N GLY J 302 35.62 -2.80 -14.39
CA GLY J 302 35.77 -2.64 -12.96
C GLY J 302 35.93 -1.21 -12.50
N CYS J 303 35.92 -0.27 -13.45
CA CYS J 303 35.87 1.15 -13.15
C CYS J 303 34.48 1.73 -13.40
N VAL J 304 33.59 0.97 -14.05
CA VAL J 304 32.19 1.35 -14.13
C VAL J 304 31.38 0.75 -13.00
N LEU J 305 31.90 -0.29 -12.33
CA LEU J 305 31.32 -0.74 -11.08
C LEU J 305 31.54 0.31 -10.00
N VAL J 306 32.59 1.13 -10.15
CA VAL J 306 32.88 2.20 -9.22
C VAL J 306 31.94 3.38 -9.47
N ILE J 307 31.78 3.76 -10.74
CA ILE J 307 30.97 4.90 -11.11
C ILE J 307 29.80 4.44 -11.99
BR1 6XY K . -26.29 20.66 1.11
BR1 6XY L . -34.30 -0.67 5.66
BR1 6XY M . -18.38 -11.80 -13.46
BR1 6XY N . -10.53 9.79 -10.14
BR1 6XY O . -28.86 -5.45 -37.78
BR1 6XY P . -14.82 12.02 -32.01
BR1 6XY Q . -51.15 9.56 -33.79
BR1 6XY R . -33.14 24.35 -34.06
BR1 6XY S . -54.51 12.57 -6.75
BR1 6XY T . -40.15 29.73 -13.65
BR1 6XY U . 30.17 -16.77 50.09
BR1 6XY V . 39.25 -18.66 28.59
BR1 6XY W . 10.43 -35.23 44.52
BR1 6XY X . 26.23 -36.76 27.36
BR1 6XY Y . -7.66 -22.81 28.16
BR1 6XY Z . 9.09 -31.69 14.33
BR1 6XY AA . 0.99 2.74 23.41
BR1 6XY BA . 11.49 -10.37 7.32
BR1 6XY CA . 24.50 6.48 37.09
BR1 6XY DA . 30.21 -2.61 16.34
#